data_9RKQ
#
_entry.id   9RKQ
#
_cell.length_a   1.00
_cell.length_b   1.00
_cell.length_c   1.00
_cell.angle_alpha   90.00
_cell.angle_beta   90.00
_cell.angle_gamma   90.00
#
_symmetry.space_group_name_H-M   'P 1'
#
_entity_poly.entity_id   1
_entity_poly.type   'polypeptide(L)'
_entity_poly.pdbx_seq_one_letter_code
;MRIPFIQQKAAITPPAPSANPAKIFIRRLFNSGIAKSVVSYSNVMAAARAMEHPVVFRCLDKLGLTVQSVKWYVGADPDI
SGTGMSAKERKALQQVLNRPNSAMSGAQLRYAATLSWACFGRMAFKVSVMGDGSVNAIWPLGIPFLKQEFNKYGEVTTFQ
YGDEGNRESIKSFYSAAKNEKGRPIENYAFMIVKPSINGAMNLDVQNTPLQAVGMPVALYNGLMERALEQCDGTPNSKWF
VTAGRDIGEVQSKEIKDGIDDTKPGGDSAGEIIFVFGEDVKLQEIKNDLSDIHSKIPLDDQARTIAGNFGIPIALLGFAA
ADGSKFASNYDESRKAFFEDTIEPGYLTPMEDGFSMFLCAPGSRVIFDRDSIPALKKSRADIAAVYEKVTFIDENEKREV
TGWPKKEGQKPNDDA
;
_entity_poly.pdbx_strand_id   A,B,C,D,E,F,G,H,I,J,K,L
#
# COMPACT_ATOMS: atom_id res chain seq x y z
N PRO A 17 -14.90 62.81 -31.12
CA PRO A 17 -14.60 61.74 -32.08
C PRO A 17 -13.13 61.68 -32.45
N SER A 18 -12.50 62.86 -32.53
CA SER A 18 -11.08 62.91 -32.87
C SER A 18 -10.17 62.47 -31.72
N ALA A 19 -10.72 62.30 -30.51
CA ALA A 19 -9.90 61.93 -29.37
C ALA A 19 -9.46 60.48 -29.40
N ASN A 20 -10.08 59.65 -30.23
CA ASN A 20 -9.78 58.23 -30.24
C ASN A 20 -8.33 57.99 -30.68
N PRO A 21 -7.50 57.35 -29.87
CA PRO A 21 -6.13 57.04 -30.33
C PRO A 21 -6.09 56.06 -31.48
N ALA A 22 -7.19 55.36 -31.78
CA ALA A 22 -7.17 54.34 -32.83
C ALA A 22 -6.85 54.93 -34.20
N LYS A 23 -6.96 56.25 -34.36
CA LYS A 23 -6.67 56.86 -35.65
C LYS A 23 -5.21 56.65 -36.07
N ILE A 24 -4.34 56.28 -35.14
CA ILE A 24 -2.94 56.02 -35.49
C ILE A 24 -2.86 54.87 -36.48
N PHE A 25 -3.65 53.81 -36.27
CA PHE A 25 -3.55 52.60 -37.07
C PHE A 25 -4.35 52.69 -38.36
N ILE A 26 -5.64 53.04 -38.27
CA ILE A 26 -6.54 52.85 -39.41
C ILE A 26 -6.19 53.79 -40.56
N ARG A 27 -5.40 54.83 -40.32
CA ARG A 27 -4.88 55.61 -41.44
C ARG A 27 -3.77 54.86 -42.18
N ARG A 28 -3.13 53.90 -41.52
CA ARG A 28 -2.04 53.13 -42.11
C ARG A 28 -2.54 51.81 -42.69
N LEU A 29 -3.20 50.99 -41.87
CA LEU A 29 -3.59 49.64 -42.27
C LEU A 29 -4.85 49.61 -43.13
N PHE A 30 -5.85 50.45 -42.83
CA PHE A 30 -7.17 50.34 -43.44
C PHE A 30 -7.58 51.70 -44.02
N ASN A 31 -7.31 51.88 -45.31
CA ASN A 31 -7.66 53.12 -45.99
C ASN A 31 -9.16 53.35 -45.93
N SER A 32 -9.55 54.61 -45.73
CA SER A 32 -10.96 54.97 -45.63
C SER A 32 -11.70 54.60 -46.92
N GLY A 33 -12.89 54.04 -46.77
CA GLY A 33 -13.75 53.73 -47.89
C GLY A 33 -13.47 52.40 -48.57
N ILE A 34 -12.54 51.60 -48.05
CA ILE A 34 -12.21 50.30 -48.63
C ILE A 34 -12.54 49.24 -47.59
N ALA A 35 -13.40 48.30 -47.97
CA ALA A 35 -13.75 47.21 -47.08
C ALA A 35 -12.65 46.15 -47.10
N LYS A 36 -12.30 45.63 -45.92
CA LYS A 36 -11.25 44.64 -45.79
C LYS A 36 -11.76 43.46 -44.96
N SER A 37 -11.23 42.27 -45.28
CA SER A 37 -11.70 41.06 -44.65
C SER A 37 -11.40 41.07 -43.16
N VAL A 38 -12.32 40.50 -42.37
CA VAL A 38 -12.13 40.41 -40.93
C VAL A 38 -11.02 39.44 -40.56
N VAL A 39 -10.89 38.32 -41.28
CA VAL A 39 -9.90 37.30 -40.99
C VAL A 39 -9.14 36.96 -42.27
N SER A 40 -7.92 36.45 -42.09
CA SER A 40 -7.11 36.02 -43.20
C SER A 40 -7.57 34.66 -43.71
N TYR A 41 -7.20 34.36 -44.97
CA TYR A 41 -7.64 33.10 -45.57
C TYR A 41 -7.03 31.90 -44.86
N SER A 42 -5.78 32.01 -44.41
CA SER A 42 -5.15 30.90 -43.71
C SER A 42 -5.93 30.51 -42.46
N ASN A 43 -6.43 31.50 -41.72
CA ASN A 43 -7.25 31.20 -40.55
C ASN A 43 -8.51 30.46 -40.94
N VAL A 44 -9.15 30.87 -42.04
CA VAL A 44 -10.38 30.21 -42.49
C VAL A 44 -10.08 28.76 -42.85
N MET A 45 -8.98 28.52 -43.57
CA MET A 45 -8.62 27.15 -43.92
C MET A 45 -8.32 26.33 -42.67
N ALA A 46 -7.62 26.92 -41.71
CA ALA A 46 -7.33 26.19 -40.48
C ALA A 46 -8.62 25.82 -39.74
N ALA A 47 -9.58 26.74 -39.70
CA ALA A 47 -10.86 26.44 -39.06
C ALA A 47 -11.61 25.35 -39.80
N ALA A 48 -11.56 25.38 -41.13
CA ALA A 48 -12.32 24.42 -41.93
C ALA A 48 -11.85 22.99 -41.70
N ARG A 49 -10.53 22.78 -41.63
CA ARG A 49 -9.99 21.44 -41.44
C ARG A 49 -10.09 20.98 -40.00
N ALA A 50 -10.33 21.89 -39.07
CA ALA A 50 -10.45 21.51 -37.66
C ALA A 50 -11.64 20.60 -37.44
N MET A 51 -12.77 20.89 -38.09
CA MET A 51 -13.99 20.12 -37.87
C MET A 51 -13.84 18.67 -38.29
N GLU A 52 -12.87 18.35 -39.14
CA GLU A 52 -12.64 16.99 -39.62
C GLU A 52 -11.49 16.29 -38.91
N HIS A 53 -11.02 16.85 -37.80
CA HIS A 53 -9.88 16.29 -37.08
C HIS A 53 -10.38 15.46 -35.90
N PRO A 54 -9.79 14.30 -35.62
CA PRO A 54 -10.29 13.46 -34.52
C PRO A 54 -10.03 14.02 -33.13
N VAL A 55 -9.33 15.13 -33.02
CA VAL A 55 -9.00 15.73 -31.72
C VAL A 55 -9.62 17.11 -31.56
N VAL A 56 -9.40 17.99 -32.53
CA VAL A 56 -9.87 19.37 -32.40
C VAL A 56 -11.39 19.43 -32.45
N PHE A 57 -12.01 18.58 -33.28
CA PHE A 57 -13.46 18.56 -33.36
C PHE A 57 -14.08 18.23 -32.01
N ARG A 58 -13.49 17.26 -31.29
CA ARG A 58 -14.02 16.89 -30.00
C ARG A 58 -13.97 18.06 -29.02
N CYS A 59 -12.86 18.80 -29.01
CA CYS A 59 -12.75 19.95 -28.11
C CYS A 59 -13.77 21.02 -28.47
N LEU A 60 -13.92 21.32 -29.76
CA LEU A 60 -14.89 22.34 -30.17
C LEU A 60 -16.30 21.92 -29.81
N ASP A 61 -16.65 20.66 -30.03
CA ASP A 61 -17.98 20.18 -29.68
C ASP A 61 -18.21 20.25 -28.17
N LYS A 62 -17.19 19.87 -27.38
CA LYS A 62 -17.31 19.96 -25.94
C LYS A 62 -17.59 21.38 -25.49
N LEU A 63 -16.82 22.35 -26.01
CA LEU A 63 -17.03 23.73 -25.64
C LEU A 63 -18.42 24.20 -26.05
N GLY A 64 -18.83 23.87 -27.27
CA GLY A 64 -20.14 24.31 -27.74
C GLY A 64 -21.27 23.77 -26.89
N LEU A 65 -21.24 22.47 -26.60
CA LEU A 65 -22.30 21.88 -25.79
C LEU A 65 -22.32 22.48 -24.39
N THR A 66 -21.14 22.59 -23.76
CA THR A 66 -21.10 23.13 -22.40
C THR A 66 -21.62 24.56 -22.36
N VAL A 67 -21.28 25.37 -23.36
CA VAL A 67 -21.75 26.75 -23.37
C VAL A 67 -23.25 26.81 -23.64
N GLN A 68 -23.76 25.98 -24.55
CA GLN A 68 -25.19 26.04 -24.86
C GLN A 68 -26.04 25.50 -23.72
N SER A 69 -25.46 24.69 -22.83
CA SER A 69 -26.24 24.13 -21.73
C SER A 69 -26.77 25.20 -20.80
N VAL A 70 -26.22 26.42 -20.84
CA VAL A 70 -26.54 27.44 -19.86
C VAL A 70 -27.62 28.35 -20.44
N LYS A 71 -28.70 28.55 -19.68
CA LYS A 71 -29.75 29.49 -20.03
C LYS A 71 -29.38 30.90 -19.56
N TRP A 72 -30.00 31.90 -20.20
CA TRP A 72 -29.93 33.27 -19.70
C TRP A 72 -31.35 33.81 -19.52
N TYR A 73 -31.42 35.11 -19.25
CA TYR A 73 -32.68 35.83 -19.18
C TYR A 73 -32.38 37.31 -19.17
N VAL A 74 -33.43 38.12 -19.32
CA VAL A 74 -33.31 39.57 -19.28
C VAL A 74 -33.70 40.05 -17.90
N GLY A 75 -32.82 40.82 -17.26
CA GLY A 75 -33.05 41.30 -15.92
C GLY A 75 -32.58 42.74 -15.76
N ALA A 76 -32.79 43.27 -14.57
CA ALA A 76 -32.43 44.64 -14.28
C ALA A 76 -30.95 44.76 -13.92
N ASP A 77 -30.37 45.91 -14.23
CA ASP A 77 -28.97 46.14 -13.92
C ASP A 77 -28.81 46.37 -12.41
N PRO A 78 -27.83 45.74 -11.76
CA PRO A 78 -27.71 45.89 -10.30
C PRO A 78 -26.93 47.12 -9.87
N ASP A 79 -26.10 47.70 -10.73
CA ASP A 79 -25.25 48.83 -10.38
C ASP A 79 -25.80 50.17 -10.85
N ILE A 80 -26.23 50.26 -12.12
CA ILE A 80 -26.69 51.50 -12.72
C ILE A 80 -28.18 51.36 -13.02
N SER A 81 -28.98 52.34 -12.59
CA SER A 81 -30.42 52.24 -12.68
C SER A 81 -30.99 53.51 -13.28
N GLY A 82 -32.25 53.42 -13.70
CA GLY A 82 -32.98 54.55 -14.23
C GLY A 82 -33.15 54.49 -15.74
N THR A 83 -34.36 54.86 -16.18
CA THR A 83 -34.68 54.98 -17.59
C THR A 83 -34.53 53.63 -18.32
N GLY A 84 -34.60 52.53 -17.57
CA GLY A 84 -34.51 51.23 -18.18
C GLY A 84 -35.83 50.82 -18.82
N MET A 85 -35.79 49.69 -19.50
CA MET A 85 -36.98 49.16 -20.14
C MET A 85 -37.98 48.69 -19.09
N SER A 86 -39.27 48.89 -19.36
CA SER A 86 -40.30 48.44 -18.45
C SER A 86 -40.41 46.92 -18.48
N ALA A 87 -41.33 46.40 -17.67
CA ALA A 87 -41.56 44.96 -17.63
C ALA A 87 -42.03 44.45 -18.98
N LYS A 88 -42.94 45.18 -19.63
CA LYS A 88 -43.47 44.75 -20.93
C LYS A 88 -42.35 44.62 -21.96
N GLU A 89 -41.48 45.62 -22.03
CA GLU A 89 -40.40 45.58 -23.01
C GLU A 89 -39.43 44.44 -22.73
N ARG A 90 -39.10 44.21 -21.46
CA ARG A 90 -38.22 43.11 -21.11
C ARG A 90 -38.83 41.77 -21.48
N LYS A 91 -40.13 41.59 -21.20
CA LYS A 91 -40.80 40.36 -21.58
C LYS A 91 -40.88 40.19 -23.09
N ALA A 92 -41.02 41.30 -23.83
CA ALA A 92 -41.01 41.22 -25.29
C ALA A 92 -39.66 40.79 -25.82
N LEU A 93 -38.59 41.36 -25.26
CA LEU A 93 -37.24 40.97 -25.69
C LEU A 93 -36.94 39.52 -25.30
N GLN A 94 -37.55 39.04 -24.21
CA GLN A 94 -37.35 37.65 -23.81
C GLN A 94 -37.80 36.70 -24.92
N GLN A 95 -38.93 37.00 -25.56
CA GLN A 95 -39.42 36.14 -26.64
C GLN A 95 -38.41 36.06 -27.77
N VAL A 96 -37.85 37.19 -28.19
CA VAL A 96 -36.85 37.18 -29.25
C VAL A 96 -35.63 36.39 -28.81
N LEU A 97 -35.19 36.59 -27.57
CA LEU A 97 -34.03 35.87 -27.08
C LEU A 97 -34.25 34.35 -27.04
N ASN A 98 -35.48 33.91 -26.76
CA ASN A 98 -35.78 32.48 -26.74
C ASN A 98 -35.96 31.89 -28.12
N ARG A 99 -36.51 32.65 -29.07
CA ARG A 99 -36.72 32.19 -30.44
C ARG A 99 -36.15 33.25 -31.37
N PRO A 100 -34.84 33.25 -31.57
CA PRO A 100 -34.22 34.34 -32.34
C PRO A 100 -34.81 34.54 -33.72
N ASN A 101 -35.16 33.48 -34.43
CA ASN A 101 -35.71 33.58 -35.78
C ASN A 101 -36.50 32.32 -36.07
N SER A 102 -36.86 32.13 -37.34
CA SER A 102 -37.76 31.06 -37.72
C SER A 102 -37.06 29.71 -37.82
N ALA A 103 -35.73 29.68 -37.80
CA ALA A 103 -34.99 28.43 -38.02
C ALA A 103 -34.09 28.04 -36.86
N MET A 104 -33.71 28.96 -35.99
CA MET A 104 -32.77 28.69 -34.91
C MET A 104 -33.40 29.03 -33.56
N SER A 105 -33.20 28.15 -32.58
CA SER A 105 -33.57 28.44 -31.21
C SER A 105 -32.36 29.00 -30.46
N GLY A 106 -32.59 29.37 -29.20
CA GLY A 106 -31.53 29.97 -28.41
C GLY A 106 -30.31 29.08 -28.29
N ALA A 107 -30.52 27.78 -28.07
CA ALA A 107 -29.40 26.86 -27.89
C ALA A 107 -28.53 26.81 -29.14
N GLN A 108 -29.15 26.77 -30.32
CA GLN A 108 -28.37 26.75 -31.55
C GLN A 108 -27.61 28.05 -31.76
N LEU A 109 -28.21 29.19 -31.39
CA LEU A 109 -27.50 30.45 -31.47
C LEU A 109 -26.27 30.44 -30.56
N ARG A 110 -26.44 29.94 -29.33
CA ARG A 110 -25.28 29.81 -28.44
C ARG A 110 -24.22 28.89 -29.03
N TYR A 111 -24.63 27.78 -29.64
CA TYR A 111 -23.67 26.86 -30.23
C TYR A 111 -22.87 27.53 -31.35
N ALA A 112 -23.56 28.22 -32.26
CA ALA A 112 -22.86 28.88 -33.36
C ALA A 112 -21.94 29.97 -32.83
N ALA A 113 -22.40 30.77 -31.87
CA ALA A 113 -21.55 31.82 -31.31
C ALA A 113 -20.32 31.23 -30.65
N THR A 114 -20.49 30.12 -29.91
CA THR A 114 -19.35 29.49 -29.26
C THR A 114 -18.34 28.99 -30.29
N LEU A 115 -18.81 28.36 -31.36
CA LEU A 115 -17.88 27.90 -32.38
C LEU A 115 -17.13 29.07 -33.02
N SER A 116 -17.85 30.15 -33.35
CA SER A 116 -17.20 31.30 -33.94
C SER A 116 -16.14 31.88 -33.01
N TRP A 117 -16.48 32.02 -31.73
CA TRP A 117 -15.54 32.56 -30.76
C TRP A 117 -14.32 31.66 -30.62
N ALA A 118 -14.53 30.34 -30.55
CA ALA A 118 -13.40 29.43 -30.36
C ALA A 118 -12.48 29.41 -31.57
N CYS A 119 -13.04 29.49 -32.78
CA CYS A 119 -12.20 29.35 -33.97
C CYS A 119 -11.55 30.68 -34.36
N PHE A 120 -12.36 31.73 -34.54
CA PHE A 120 -11.86 32.98 -35.10
C PHE A 120 -11.63 34.07 -34.06
N GLY A 121 -12.13 33.91 -32.84
CA GLY A 121 -11.93 34.92 -31.82
C GLY A 121 -12.83 36.13 -31.95
N ARG A 122 -13.92 36.02 -32.71
CA ARG A 122 -14.87 37.11 -32.86
C ARG A 122 -16.18 36.55 -33.39
N MET A 123 -17.28 37.22 -33.04
CA MET A 123 -18.61 36.79 -33.45
C MET A 123 -19.44 38.02 -33.78
N ALA A 124 -20.32 37.88 -34.76
CA ALA A 124 -21.15 39.00 -35.22
C ALA A 124 -22.57 38.50 -35.47
N PHE A 125 -23.52 39.42 -35.35
CA PHE A 125 -24.93 39.12 -35.55
C PHE A 125 -25.60 40.29 -36.25
N LYS A 126 -26.72 40.00 -36.92
CA LYS A 126 -27.58 41.02 -37.50
C LYS A 126 -28.88 41.07 -36.71
N VAL A 127 -29.36 42.27 -36.43
CA VAL A 127 -30.53 42.48 -35.59
C VAL A 127 -31.57 43.25 -36.40
N SER A 128 -32.82 42.78 -36.36
CA SER A 128 -33.92 43.43 -37.06
C SER A 128 -34.80 44.14 -36.04
N VAL A 129 -35.12 45.40 -36.33
CA VAL A 129 -35.88 46.25 -35.41
C VAL A 129 -37.09 46.82 -36.14
N MET A 130 -38.21 46.93 -35.44
CA MET A 130 -39.40 47.55 -35.99
C MET A 130 -39.30 49.07 -35.86
N GLY A 131 -40.37 49.75 -36.31
CA GLY A 131 -40.38 51.20 -36.34
C GLY A 131 -40.18 51.85 -34.99
N ASP A 132 -40.73 51.29 -33.92
CA ASP A 132 -40.63 51.88 -32.60
C ASP A 132 -39.33 51.52 -31.89
N GLY A 133 -38.48 50.70 -32.49
CA GLY A 133 -37.18 50.38 -31.92
C GLY A 133 -37.09 49.01 -31.28
N SER A 134 -38.21 48.35 -30.99
CA SER A 134 -38.17 47.04 -30.38
C SER A 134 -37.67 46.00 -31.38
N VAL A 135 -36.93 45.01 -30.88
CA VAL A 135 -36.34 43.99 -31.73
C VAL A 135 -37.37 42.91 -32.01
N ASN A 136 -37.22 42.25 -33.17
CA ASN A 136 -38.11 41.16 -33.55
C ASN A 136 -37.41 39.90 -34.04
N ALA A 137 -36.14 39.98 -34.44
CA ALA A 137 -35.41 38.80 -34.88
C ALA A 137 -33.92 39.07 -34.82
N ILE A 138 -33.15 37.98 -34.81
CA ILE A 138 -31.70 38.04 -34.79
C ILE A 138 -31.16 36.93 -35.68
N TRP A 139 -30.08 37.21 -36.41
CA TRP A 139 -29.46 36.24 -37.29
C TRP A 139 -27.95 36.21 -37.04
N PRO A 140 -27.32 35.05 -37.17
CA PRO A 140 -25.86 34.99 -37.08
C PRO A 140 -25.21 35.19 -38.44
N LEU A 141 -24.01 35.73 -38.42
CA LEU A 141 -23.23 35.99 -39.62
C LEU A 141 -21.95 35.17 -39.60
N GLY A 142 -21.60 34.61 -40.74
CA GLY A 142 -20.36 33.85 -40.86
C GLY A 142 -19.16 34.76 -40.97
N ILE A 143 -18.22 34.61 -40.04
CA ILE A 143 -17.01 35.44 -39.99
C ILE A 143 -16.27 35.39 -41.32
N PRO A 144 -16.14 34.23 -41.97
CA PRO A 144 -15.36 34.18 -43.21
C PRO A 144 -15.88 35.11 -44.29
N PHE A 145 -17.19 35.35 -44.36
CA PHE A 145 -17.79 36.13 -45.44
C PHE A 145 -18.03 37.58 -45.06
N LEU A 146 -17.44 38.06 -43.96
CA LEU A 146 -17.74 39.39 -43.43
C LEU A 146 -16.60 40.35 -43.73
N LYS A 147 -16.97 41.57 -44.14
CA LYS A 147 -16.02 42.66 -44.35
C LYS A 147 -16.58 43.92 -43.71
N GLN A 148 -15.68 44.82 -43.31
CA GLN A 148 -16.06 46.02 -42.59
C GLN A 148 -15.29 47.21 -43.12
N GLU A 149 -15.87 48.40 -42.94
CA GLU A 149 -15.30 49.65 -43.40
C GLU A 149 -15.21 50.64 -42.24
N PHE A 150 -14.22 51.53 -42.32
CA PHE A 150 -13.94 52.49 -41.27
C PHE A 150 -13.94 53.90 -41.83
N ASN A 151 -14.27 54.87 -40.99
CA ASN A 151 -14.07 56.27 -41.32
C ASN A 151 -12.64 56.69 -40.97
N LYS A 152 -12.35 57.97 -41.13
CA LYS A 152 -11.00 58.44 -40.86
C LYS A 152 -10.67 58.50 -39.37
N TYR A 153 -11.68 58.48 -38.50
CA TYR A 153 -11.45 58.48 -37.06
C TYR A 153 -11.34 57.07 -36.48
N GLY A 154 -11.62 56.05 -37.27
CA GLY A 154 -11.36 54.68 -36.86
C GLY A 154 -12.54 53.90 -36.35
N GLU A 155 -13.75 54.44 -36.43
CA GLU A 155 -14.95 53.74 -35.99
C GLU A 155 -15.61 53.05 -37.18
N VAL A 156 -16.03 51.81 -36.97
CA VAL A 156 -16.68 51.04 -38.04
C VAL A 156 -17.96 51.74 -38.44
N THR A 157 -18.20 51.86 -39.75
CA THR A 157 -19.37 52.53 -40.27
C THR A 157 -20.30 51.63 -41.05
N THR A 158 -19.80 50.53 -41.62
CA THR A 158 -20.62 49.65 -42.43
C THR A 158 -20.02 48.25 -42.42
N PHE A 159 -20.89 47.25 -42.42
CA PHE A 159 -20.48 45.85 -42.52
C PHE A 159 -20.91 45.32 -43.89
N GLN A 160 -19.96 44.77 -44.63
CA GLN A 160 -20.20 44.20 -45.94
C GLN A 160 -20.21 42.69 -45.84
N TYR A 161 -21.30 42.08 -46.29
CA TYR A 161 -21.51 40.65 -46.14
C TYR A 161 -21.79 40.02 -47.51
N GLY A 162 -21.01 39.00 -47.86
CA GLY A 162 -21.27 38.23 -49.07
C GLY A 162 -20.23 38.41 -50.14
N ASP A 163 -20.46 37.69 -51.24
CA ASP A 163 -19.52 37.68 -52.36
C ASP A 163 -19.57 39.00 -53.12
N GLU A 164 -18.65 39.13 -54.08
CA GLU A 164 -18.51 40.39 -54.80
C GLU A 164 -19.78 40.74 -55.56
N GLY A 165 -20.39 39.75 -56.22
CA GLY A 165 -21.59 39.98 -57.00
C GLY A 165 -22.89 39.81 -56.24
N ASN A 166 -22.83 39.50 -54.95
CA ASN A 166 -24.03 39.31 -54.13
C ASN A 166 -23.87 39.99 -52.78
N ARG A 167 -23.33 41.20 -52.77
CA ARG A 167 -23.03 41.88 -51.52
C ARG A 167 -24.31 42.22 -50.77
N GLU A 168 -24.27 42.04 -49.45
CA GLU A 168 -25.32 42.48 -48.54
C GLU A 168 -24.73 43.56 -47.63
N SER A 169 -25.25 44.77 -47.75
CA SER A 169 -24.72 45.92 -47.01
C SER A 169 -25.56 46.16 -45.77
N ILE A 170 -24.89 46.32 -44.63
CA ILE A 170 -25.55 46.52 -43.34
C ILE A 170 -24.87 47.67 -42.63
N LYS A 171 -25.67 48.55 -42.02
CA LYS A 171 -25.12 49.66 -41.27
C LYS A 171 -24.82 49.25 -39.84
N SER A 172 -23.73 49.77 -39.30
CA SER A 172 -23.31 49.43 -37.96
C SER A 172 -24.19 50.13 -36.92
N PHE A 173 -24.12 49.63 -35.69
CA PHE A 173 -24.91 50.22 -34.61
C PHE A 173 -24.62 51.70 -34.44
N TYR A 174 -23.39 52.12 -34.72
CA TYR A 174 -23.02 53.52 -34.54
C TYR A 174 -23.67 54.41 -35.61
N SER A 175 -23.62 53.97 -36.86
CA SER A 175 -24.09 54.79 -37.97
C SER A 175 -25.61 54.74 -38.16
N ALA A 176 -26.29 53.78 -37.56
CA ALA A 176 -27.73 53.67 -37.73
C ALA A 176 -28.45 54.83 -37.05
N ALA A 177 -29.46 55.36 -37.72
CA ALA A 177 -30.28 56.42 -37.12
C ALA A 177 -31.01 55.88 -35.90
N LYS A 178 -31.19 56.76 -34.92
CA LYS A 178 -31.73 56.36 -33.63
C LYS A 178 -32.86 57.30 -33.23
N ASN A 179 -33.74 56.79 -32.36
CA ASN A 179 -34.86 57.58 -31.86
C ASN A 179 -34.38 58.50 -30.74
N GLU A 180 -35.34 59.08 -30.02
CA GLU A 180 -35.01 60.03 -28.96
C GLU A 180 -34.27 59.36 -27.81
N LYS A 181 -34.49 58.06 -27.57
CA LYS A 181 -33.87 57.35 -26.48
C LYS A 181 -32.55 56.70 -26.87
N GLY A 182 -32.08 56.90 -28.09
CA GLY A 182 -30.81 56.34 -28.52
C GLY A 182 -30.88 54.91 -29.00
N ARG A 183 -32.07 54.36 -29.21
CA ARG A 183 -32.16 53.01 -29.73
C ARG A 183 -32.31 53.04 -31.25
N PRO A 184 -31.70 52.10 -31.98
CA PRO A 184 -31.83 52.11 -33.44
C PRO A 184 -33.27 51.90 -33.88
N ILE A 185 -33.61 52.48 -35.03
CA ILE A 185 -34.92 52.33 -35.64
C ILE A 185 -34.82 51.71 -37.03
N GLU A 186 -33.74 50.97 -37.29
CA GLU A 186 -33.54 50.32 -38.58
C GLU A 186 -32.57 49.17 -38.40
N ASN A 187 -32.55 48.28 -39.39
CA ASN A 187 -31.70 47.10 -39.31
C ASN A 187 -30.24 47.50 -39.18
N TYR A 188 -29.49 46.73 -38.39
CA TYR A 188 -28.08 47.00 -38.15
C TYR A 188 -27.38 45.70 -37.76
N ALA A 189 -26.06 45.79 -37.58
CA ALA A 189 -25.24 44.65 -37.20
C ALA A 189 -24.16 45.10 -36.22
N PHE A 190 -23.58 44.14 -35.52
CA PHE A 190 -22.53 44.42 -34.55
C PHE A 190 -21.62 43.21 -34.44
N MET A 191 -20.39 43.46 -33.98
CA MET A 191 -19.38 42.43 -33.83
C MET A 191 -18.69 42.56 -32.48
N ILE A 192 -18.25 41.44 -31.93
CA ILE A 192 -17.50 41.39 -30.68
C ILE A 192 -16.11 40.86 -30.99
N VAL A 193 -15.11 41.41 -30.31
CA VAL A 193 -13.71 41.11 -30.59
C VAL A 193 -13.00 40.78 -29.29
N LYS A 194 -11.91 39.98 -29.39
CA LYS A 194 -11.10 39.62 -28.24
C LYS A 194 -9.83 40.46 -28.23
N PRO A 195 -9.43 41.04 -27.10
CA PRO A 195 -8.27 41.94 -27.10
C PRO A 195 -6.99 41.22 -27.48
N SER A 196 -6.04 42.01 -28.00
CA SER A 196 -4.69 41.56 -28.26
C SER A 196 -3.71 42.54 -27.62
N ILE A 197 -2.43 42.23 -27.73
CA ILE A 197 -1.41 43.04 -27.07
C ILE A 197 -1.24 44.41 -27.72
N ASN A 198 -1.45 44.50 -29.03
CA ASN A 198 -1.13 45.74 -29.75
C ASN A 198 -2.03 46.90 -29.37
N GLY A 199 -3.21 46.65 -28.80
CA GLY A 199 -4.13 47.73 -28.51
C GLY A 199 -5.40 47.68 -29.34
N ALA A 200 -5.50 48.58 -30.32
CA ALA A 200 -6.70 48.68 -31.14
C ALA A 200 -7.22 47.30 -31.52
N MET A 201 -8.54 47.15 -31.46
CA MET A 201 -9.16 45.82 -31.60
C MET A 201 -9.75 45.57 -32.98
N ASN A 202 -10.48 46.52 -33.54
CA ASN A 202 -11.18 46.30 -34.81
C ASN A 202 -10.22 46.05 -35.97
N LEU A 203 -8.91 46.08 -35.75
CA LEU A 203 -7.96 45.77 -36.81
C LEU A 203 -7.89 44.26 -37.05
N ASP A 204 -7.22 43.89 -38.14
CA ASP A 204 -7.12 42.49 -38.55
C ASP A 204 -6.03 41.77 -37.74
N VAL A 205 -6.17 41.82 -36.42
CA VAL A 205 -5.33 41.07 -35.49
C VAL A 205 -6.26 40.26 -34.60
N GLN A 206 -5.95 38.98 -34.44
CA GLN A 206 -6.87 38.03 -33.82
C GLN A 206 -6.23 37.43 -32.58
N ASN A 207 -7.05 36.71 -31.82
CA ASN A 207 -6.61 36.04 -30.60
C ASN A 207 -7.42 34.77 -30.45
N THR A 208 -6.88 33.66 -30.93
CA THR A 208 -7.57 32.37 -30.86
C THR A 208 -6.56 31.30 -30.51
N PRO A 209 -7.00 30.19 -29.90
CA PRO A 209 -6.06 29.09 -29.62
C PRO A 209 -5.40 28.53 -30.86
N LEU A 210 -6.08 28.56 -32.01
CA LEU A 210 -5.57 27.91 -33.21
C LEU A 210 -4.25 28.52 -33.70
N GLN A 211 -3.89 29.70 -33.23
CA GLN A 211 -2.59 30.25 -33.60
C GLN A 211 -1.44 29.34 -33.20
N ALA A 212 -1.56 28.67 -32.05
CA ALA A 212 -0.43 27.99 -31.43
C ALA A 212 -0.47 26.48 -31.49
N VAL A 213 -1.41 25.88 -32.22
CA VAL A 213 -1.52 24.42 -32.26
C VAL A 213 -1.12 23.90 -33.65
N GLY A 214 -0.25 24.63 -34.34
CA GLY A 214 0.17 24.21 -35.67
C GLY A 214 1.02 22.96 -35.67
N MET A 215 2.18 23.02 -35.00
CA MET A 215 3.14 21.93 -35.02
C MET A 215 2.55 20.64 -34.43
N PRO A 216 1.82 20.72 -33.30
CA PRO A 216 1.19 19.50 -32.79
C PRO A 216 0.29 18.82 -33.80
N VAL A 217 -0.60 19.58 -34.45
CA VAL A 217 -1.52 19.00 -35.42
C VAL A 217 -0.76 18.42 -36.59
N ALA A 218 0.26 19.14 -37.10
CA ALA A 218 1.02 18.63 -38.23
C ALA A 218 1.70 17.32 -37.89
N LEU A 219 2.34 17.25 -36.72
CA LEU A 219 3.04 16.03 -36.34
C LEU A 219 2.06 14.88 -36.13
N TYR A 220 0.91 15.16 -35.53
CA TYR A 220 -0.10 14.13 -35.33
C TYR A 220 -0.55 13.56 -36.67
N ASN A 221 -0.86 14.43 -37.62
CA ASN A 221 -1.30 13.97 -38.94
C ASN A 221 -0.20 13.18 -39.64
N GLY A 222 1.05 13.63 -39.55
CA GLY A 222 2.13 12.88 -40.18
C GLY A 222 2.27 11.48 -39.60
N LEU A 223 2.23 11.38 -38.27
CA LEU A 223 2.38 10.07 -37.64
C LEU A 223 1.23 9.14 -38.02
N MET A 224 0.00 9.66 -38.05
CA MET A 224 -1.12 8.80 -38.42
C MET A 224 -1.04 8.38 -39.89
N GLU A 225 -0.60 9.28 -40.77
CA GLU A 225 -0.43 8.90 -42.17
C GLU A 225 0.62 7.79 -42.31
N ARG A 226 1.73 7.91 -41.58
CA ARG A 226 2.72 6.84 -41.61
C ARG A 226 2.14 5.53 -41.09
N ALA A 227 1.34 5.59 -40.03
CA ALA A 227 0.72 4.37 -39.51
C ALA A 227 -0.14 3.70 -40.56
N LEU A 228 -1.01 4.47 -41.23
CA LEU A 228 -1.86 3.88 -42.26
C LEU A 228 -1.04 3.30 -43.40
N GLU A 229 -0.02 4.04 -43.86
CA GLU A 229 0.80 3.56 -44.96
C GLU A 229 1.49 2.25 -44.59
N GLN A 230 2.02 2.14 -43.37
CA GLN A 230 2.63 0.89 -42.96
C GLN A 230 1.61 -0.23 -42.86
N CYS A 231 0.40 0.08 -42.38
CA CYS A 231 -0.63 -0.95 -42.25
C CYS A 231 -0.98 -1.52 -43.62
N ASP A 232 -1.04 -0.67 -44.64
CA ASP A 232 -1.53 -1.10 -45.95
C ASP A 232 -0.43 -1.63 -46.88
N GLY A 233 0.81 -1.77 -46.40
CA GLY A 233 1.89 -2.16 -47.30
C GLY A 233 2.91 -3.14 -46.77
N THR A 234 2.74 -3.60 -45.54
CA THR A 234 3.71 -4.53 -44.94
C THR A 234 3.31 -5.96 -45.25
N PRO A 235 4.19 -6.78 -45.82
CA PRO A 235 3.81 -8.16 -46.15
C PRO A 235 3.28 -8.91 -44.94
N ASN A 236 2.20 -9.66 -45.14
CA ASN A 236 1.56 -10.44 -44.08
C ASN A 236 1.97 -11.90 -44.20
N SER A 237 3.21 -12.18 -43.78
CA SER A 237 3.75 -13.53 -43.77
C SER A 237 4.35 -13.80 -42.40
N LYS A 238 4.34 -15.07 -41.98
CA LYS A 238 4.76 -15.42 -40.63
C LYS A 238 6.14 -16.07 -40.57
N TRP A 239 6.54 -16.85 -41.57
CA TRP A 239 7.91 -17.33 -41.63
C TRP A 239 8.27 -17.72 -43.05
N PHE A 240 9.59 -17.73 -43.30
CA PHE A 240 10.15 -17.61 -44.64
C PHE A 240 11.16 -18.73 -44.84
N VAL A 241 11.06 -19.42 -45.99
CA VAL A 241 11.79 -20.67 -46.23
C VAL A 241 12.73 -20.47 -47.41
N THR A 242 13.86 -21.18 -47.39
CA THR A 242 14.83 -21.19 -48.49
C THR A 242 15.26 -22.63 -48.73
N ALA A 243 15.60 -22.95 -49.97
CA ALA A 243 15.98 -24.31 -50.37
C ALA A 243 17.15 -24.26 -51.34
N GLY A 244 17.83 -25.41 -51.47
CA GLY A 244 18.97 -25.51 -52.36
C GLY A 244 18.55 -25.78 -53.79
N ARG A 245 19.54 -25.75 -54.68
CA ARG A 245 19.30 -25.95 -56.11
C ARG A 245 19.22 -27.42 -56.50
N ASP A 246 19.69 -28.33 -55.65
CA ASP A 246 19.73 -29.74 -56.02
C ASP A 246 18.43 -30.45 -55.65
N ILE A 247 17.32 -29.91 -56.12
CA ILE A 247 15.99 -30.52 -55.91
C ILE A 247 15.29 -30.59 -57.26
N GLY A 248 14.69 -31.74 -57.54
CA GLY A 248 14.12 -31.99 -58.84
C GLY A 248 12.99 -31.05 -59.19
N GLU A 249 12.45 -31.25 -60.40
CA GLU A 249 11.36 -30.43 -60.90
C GLU A 249 10.04 -30.74 -60.20
N VAL A 250 9.97 -31.86 -59.47
CA VAL A 250 8.74 -32.31 -58.84
C VAL A 250 8.85 -32.36 -57.32
N GLN A 251 9.97 -32.86 -56.79
CA GLN A 251 10.14 -32.93 -55.34
C GLN A 251 9.98 -31.57 -54.69
N SER A 252 10.32 -30.50 -55.41
CA SER A 252 10.11 -29.16 -54.87
C SER A 252 8.64 -28.87 -54.64
N LYS A 253 7.77 -29.35 -55.54
CA LYS A 253 6.32 -29.20 -55.33
C LYS A 253 5.85 -30.07 -54.17
N GLU A 254 6.39 -31.28 -54.04
CA GLU A 254 6.01 -32.15 -52.95
C GLU A 254 6.34 -31.53 -51.61
N ILE A 255 7.50 -30.88 -51.49
CA ILE A 255 7.88 -30.26 -50.23
C ILE A 255 6.84 -29.23 -49.81
N LYS A 256 6.48 -28.32 -50.72
CA LYS A 256 5.54 -27.26 -50.36
C LYS A 256 4.16 -27.84 -50.09
N ASP A 257 3.73 -28.83 -50.87
CA ASP A 257 2.44 -29.45 -50.61
C ASP A 257 2.42 -30.12 -49.24
N GLY A 258 3.56 -30.69 -48.82
CA GLY A 258 3.64 -31.25 -47.48
C GLY A 258 3.57 -30.19 -46.41
N ILE A 259 4.23 -29.06 -46.61
CA ILE A 259 4.14 -27.97 -45.64
C ILE A 259 2.75 -27.37 -45.62
N ASP A 260 2.12 -27.26 -46.79
CA ASP A 260 0.79 -26.66 -46.86
C ASP A 260 -0.27 -27.52 -46.19
N ASP A 261 -0.06 -28.84 -46.18
CA ASP A 261 -1.06 -29.72 -45.59
C ASP A 261 -1.15 -29.58 -44.08
N THR A 262 -0.22 -28.86 -43.45
CA THR A 262 -0.27 -28.62 -42.01
C THR A 262 -1.05 -27.36 -41.66
N LYS A 263 -1.66 -26.70 -42.64
CA LYS A 263 -2.53 -25.58 -42.35
C LYS A 263 -3.76 -26.06 -41.59
N PRO A 264 -4.44 -25.17 -40.87
CA PRO A 264 -5.71 -25.56 -40.23
C PRO A 264 -6.68 -26.09 -41.28
N GLY A 265 -7.32 -27.20 -40.95
CA GLY A 265 -8.24 -27.85 -41.87
C GLY A 265 -7.58 -28.75 -42.89
N GLY A 266 -6.26 -28.85 -42.89
CA GLY A 266 -5.57 -29.71 -43.83
C GLY A 266 -5.60 -31.17 -43.41
N ASP A 267 -5.07 -32.02 -44.30
CA ASP A 267 -5.04 -33.45 -44.03
C ASP A 267 -4.03 -33.81 -42.96
N SER A 268 -3.05 -32.95 -42.70
CA SER A 268 -1.99 -33.22 -41.73
C SER A 268 -1.84 -32.08 -40.72
N ALA A 269 -2.95 -31.42 -40.40
CA ALA A 269 -2.90 -30.30 -39.47
C ALA A 269 -2.41 -30.76 -38.10
N GLY A 270 -1.45 -30.01 -37.55
CA GLY A 270 -0.95 -30.28 -36.22
C GLY A 270 0.20 -31.26 -36.14
N GLU A 271 0.57 -31.89 -37.24
CA GLU A 271 1.62 -32.88 -37.22
C GLU A 271 2.98 -32.22 -37.43
N ILE A 272 4.04 -33.03 -37.31
CA ILE A 272 5.40 -32.52 -37.53
C ILE A 272 5.71 -32.50 -39.02
N ILE A 273 6.79 -31.82 -39.37
CA ILE A 273 7.28 -31.73 -40.74
C ILE A 273 8.58 -32.50 -40.82
N PHE A 274 8.61 -33.53 -41.66
CA PHE A 274 9.77 -34.39 -41.82
C PHE A 274 10.25 -34.32 -43.26
N VAL A 275 11.41 -33.69 -43.46
CA VAL A 275 11.99 -33.51 -44.78
C VAL A 275 13.24 -34.38 -44.88
N PHE A 276 13.34 -35.14 -45.96
CA PHE A 276 14.38 -36.15 -46.12
C PHE A 276 15.33 -35.73 -47.23
N GLY A 277 16.57 -35.42 -46.87
CA GLY A 277 17.64 -35.29 -47.84
C GLY A 277 17.78 -33.93 -48.50
N GLU A 278 17.25 -32.87 -47.91
CA GLU A 278 17.45 -31.52 -48.41
C GLU A 278 17.78 -30.59 -47.25
N ASP A 279 18.60 -29.58 -47.52
CA ASP A 279 18.96 -28.57 -46.53
C ASP A 279 18.02 -27.37 -46.63
N VAL A 280 16.78 -27.59 -46.18
CA VAL A 280 15.76 -26.55 -46.22
C VAL A 280 15.90 -25.69 -44.97
N LYS A 281 16.49 -24.50 -45.13
CA LYS A 281 16.62 -23.58 -44.01
C LYS A 281 15.26 -22.97 -43.68
N LEU A 282 15.07 -22.64 -42.41
CA LEU A 282 13.81 -22.09 -41.93
C LEU A 282 14.10 -20.89 -41.04
N GLN A 283 13.57 -19.73 -41.43
CA GLN A 283 13.71 -18.50 -40.67
C GLN A 283 12.32 -17.97 -40.36
N GLU A 284 12.15 -17.48 -39.13
CA GLU A 284 10.85 -16.98 -38.68
C GLU A 284 10.84 -15.46 -38.70
N ILE A 285 9.72 -14.90 -39.14
CA ILE A 285 9.57 -13.46 -39.31
C ILE A 285 8.64 -12.96 -38.22
N LYS A 286 9.10 -11.95 -37.48
CA LYS A 286 8.33 -11.33 -36.40
C LYS A 286 7.93 -9.93 -36.85
N ASN A 287 6.67 -9.79 -37.27
CA ASN A 287 6.14 -8.48 -37.65
C ASN A 287 5.58 -7.79 -36.42
N ASP A 288 6.36 -6.89 -35.84
CA ASP A 288 5.98 -6.20 -34.60
C ASP A 288 5.32 -4.87 -34.97
N LEU A 289 3.99 -4.86 -34.96
CA LEU A 289 3.23 -3.64 -35.22
C LEU A 289 2.69 -3.00 -33.96
N SER A 290 3.18 -3.40 -32.79
CA SER A 290 2.69 -2.86 -31.53
C SER A 290 2.97 -1.37 -31.37
N ASP A 291 3.93 -0.83 -32.12
CA ASP A 291 4.25 0.59 -32.09
C ASP A 291 4.11 1.19 -33.48
N ILE A 292 3.07 0.77 -34.21
CA ILE A 292 2.85 1.27 -35.56
C ILE A 292 2.52 2.75 -35.55
N HIS A 293 1.80 3.22 -34.54
CA HIS A 293 1.25 4.56 -34.50
C HIS A 293 2.06 5.53 -33.63
N SER A 294 3.21 5.12 -33.11
CA SER A 294 4.07 6.00 -32.31
C SER A 294 3.29 6.55 -31.10
N LYS A 295 2.95 5.62 -30.20
CA LYS A 295 2.03 5.92 -29.11
C LYS A 295 2.44 7.16 -28.33
N ILE A 296 3.71 7.23 -27.91
CA ILE A 296 4.11 8.26 -26.95
C ILE A 296 4.00 9.66 -27.55
N PRO A 297 4.68 9.99 -28.66
CA PRO A 297 4.51 11.33 -29.24
C PRO A 297 3.08 11.62 -29.67
N LEU A 298 2.36 10.60 -30.16
CA LEU A 298 0.99 10.82 -30.58
C LEU A 298 0.11 11.22 -29.40
N ASP A 299 0.37 10.65 -28.22
CA ASP A 299 -0.35 11.07 -27.02
C ASP A 299 0.11 12.45 -26.56
N ASP A 300 1.41 12.75 -26.69
CA ASP A 300 1.90 14.06 -26.28
C ASP A 300 1.25 15.19 -27.09
N GLN A 301 1.12 15.00 -28.40
CA GLN A 301 0.48 16.02 -29.23
C GLN A 301 -0.98 16.22 -28.82
N ALA A 302 -1.69 15.12 -28.55
CA ALA A 302 -3.08 15.24 -28.12
C ALA A 302 -3.18 15.99 -26.79
N ARG A 303 -2.29 15.69 -25.84
CA ARG A 303 -2.31 16.40 -24.58
C ARG A 303 -2.06 17.90 -24.80
N THR A 304 -1.09 18.23 -25.64
CA THR A 304 -0.82 19.65 -25.90
C THR A 304 -2.01 20.35 -26.55
N ILE A 305 -2.63 19.71 -27.54
CA ILE A 305 -3.77 20.33 -28.21
C ILE A 305 -4.91 20.53 -27.23
N ALA A 306 -5.19 19.53 -26.40
CA ALA A 306 -6.24 19.67 -25.40
C ALA A 306 -5.91 20.78 -24.41
N GLY A 307 -4.64 20.89 -24.00
CA GLY A 307 -4.26 21.90 -23.03
C GLY A 307 -4.44 23.30 -23.56
N ASN A 308 -3.99 23.55 -24.80
CA ASN A 308 -4.09 24.90 -25.33
C ASN A 308 -5.53 25.41 -25.38
N PHE A 309 -6.51 24.51 -25.51
CA PHE A 309 -7.91 24.92 -25.49
C PHE A 309 -8.45 25.08 -24.09
N GLY A 310 -7.68 24.76 -23.06
CA GLY A 310 -8.16 24.89 -21.69
C GLY A 310 -9.22 23.89 -21.31
N ILE A 311 -9.07 22.63 -21.73
CA ILE A 311 -9.99 21.56 -21.40
C ILE A 311 -9.20 20.47 -20.68
N PRO A 312 -9.52 20.14 -19.43
CA PRO A 312 -8.82 19.01 -18.78
C PRO A 312 -8.98 17.75 -19.60
N ILE A 313 -7.88 17.03 -19.79
CA ILE A 313 -7.89 15.88 -20.70
C ILE A 313 -8.79 14.78 -20.17
N ALA A 314 -9.02 14.73 -18.86
CA ALA A 314 -9.90 13.70 -18.32
C ALA A 314 -11.31 13.81 -18.90
N LEU A 315 -11.82 15.02 -19.05
CA LEU A 315 -13.16 15.21 -19.59
C LEU A 315 -13.24 14.83 -21.06
N LEU A 316 -12.20 15.09 -21.84
CA LEU A 316 -12.25 14.81 -23.28
C LEU A 316 -12.43 13.32 -23.53
N GLY A 317 -11.96 12.47 -22.62
CA GLY A 317 -12.04 11.04 -22.77
C GLY A 317 -10.73 10.37 -23.10
N PHE A 318 -9.72 11.13 -23.54
CA PHE A 318 -8.41 10.56 -23.79
C PHE A 318 -7.72 10.23 -22.47
N ALA A 319 -6.91 9.18 -22.48
CA ALA A 319 -6.33 8.66 -21.26
C ALA A 319 -5.11 9.48 -20.84
N ALA A 320 -4.80 9.39 -19.54
CA ALA A 320 -3.60 9.98 -18.97
C ALA A 320 -3.11 9.07 -17.86
N ALA A 321 -1.80 9.14 -17.60
CA ALA A 321 -1.16 8.21 -16.68
C ALA A 321 -1.14 8.69 -15.24
N ASP A 322 -1.62 9.90 -14.96
CA ASP A 322 -1.57 10.45 -13.61
C ASP A 322 -2.84 11.17 -13.19
N GLY A 323 -4.02 10.60 -13.45
CA GLY A 323 -5.26 11.28 -13.12
C GLY A 323 -5.44 11.49 -11.63
N SER A 324 -5.19 10.46 -10.83
CA SER A 324 -5.44 10.53 -9.39
C SER A 324 -4.44 11.42 -8.66
N LYS A 325 -3.23 11.60 -9.20
CA LYS A 325 -2.22 12.40 -8.51
C LYS A 325 -2.59 13.88 -8.43
N PHE A 326 -3.48 14.36 -9.29
CA PHE A 326 -3.89 15.76 -9.27
C PHE A 326 -5.36 15.88 -8.89
N ALA A 327 -6.23 15.22 -9.63
CA ALA A 327 -7.68 15.31 -9.42
C ALA A 327 -8.15 14.12 -8.60
N SER A 328 -8.67 14.39 -7.41
CA SER A 328 -9.15 13.32 -6.55
C SER A 328 -10.32 12.56 -7.17
N ASN A 329 -11.24 13.27 -7.83
CA ASN A 329 -12.44 12.65 -8.36
C ASN A 329 -12.69 13.17 -9.77
N TYR A 330 -13.83 12.81 -10.35
CA TYR A 330 -14.22 13.31 -11.67
C TYR A 330 -15.06 14.57 -11.55
N ASP A 331 -15.88 14.66 -10.49
CA ASP A 331 -16.74 15.81 -10.30
C ASP A 331 -15.92 17.08 -10.07
N GLU A 332 -14.80 16.97 -9.37
CA GLU A 332 -13.95 18.14 -9.17
C GLU A 332 -13.45 18.68 -10.50
N SER A 333 -13.02 17.79 -11.40
CA SER A 333 -12.60 18.24 -12.73
C SER A 333 -13.75 18.86 -13.49
N ARG A 334 -14.94 18.25 -13.42
CA ARG A 334 -16.10 18.80 -14.11
C ARG A 334 -16.42 20.22 -13.63
N LYS A 335 -16.34 20.43 -12.32
CA LYS A 335 -16.63 21.74 -11.74
C LYS A 335 -15.55 22.75 -12.12
N ALA A 336 -14.28 22.34 -12.02
CA ALA A 336 -13.18 23.26 -12.29
C ALA A 336 -13.16 23.68 -13.74
N PHE A 337 -13.40 22.76 -14.67
CA PHE A 337 -13.44 23.13 -16.09
C PHE A 337 -14.42 24.28 -16.30
N PHE A 338 -15.66 24.11 -15.84
CA PHE A 338 -16.64 25.18 -15.94
C PHE A 338 -16.10 26.47 -15.32
N GLU A 339 -15.85 26.44 -14.01
CA GLU A 339 -15.58 27.67 -13.28
C GLU A 339 -14.35 28.41 -13.82
N ASP A 340 -13.39 27.69 -14.40
CA ASP A 340 -12.14 28.32 -14.81
C ASP A 340 -12.07 28.66 -16.29
N THR A 341 -12.87 28.00 -17.15
CA THR A 341 -12.81 28.26 -18.57
C THR A 341 -14.11 28.85 -19.11
N ILE A 342 -15.26 28.25 -18.78
CA ILE A 342 -16.50 28.64 -19.44
C ILE A 342 -16.94 30.02 -18.99
N GLU A 343 -16.87 30.28 -17.68
CA GLU A 343 -17.35 31.55 -17.15
C GLU A 343 -16.55 32.74 -17.65
N PRO A 344 -15.22 32.77 -17.50
CA PRO A 344 -14.47 33.97 -17.92
C PRO A 344 -14.17 33.98 -19.42
N GLY A 345 -14.22 32.81 -20.05
CA GLY A 345 -13.81 32.72 -21.44
C GLY A 345 -14.93 32.96 -22.44
N TYR A 346 -16.10 32.39 -22.22
CA TYR A 346 -17.15 32.39 -23.23
C TYR A 346 -18.41 33.09 -22.78
N LEU A 347 -18.90 32.79 -21.57
CA LEU A 347 -20.15 33.39 -21.10
C LEU A 347 -20.02 34.91 -20.98
N THR A 348 -18.93 35.38 -20.37
CA THR A 348 -18.80 36.82 -20.12
C THR A 348 -18.75 37.65 -21.39
N PRO A 349 -17.95 37.29 -22.41
CA PRO A 349 -17.98 38.11 -23.64
C PRO A 349 -19.35 38.20 -24.28
N MET A 350 -20.04 37.08 -24.46
CA MET A 350 -21.37 37.11 -25.05
C MET A 350 -22.33 37.94 -24.21
N GLU A 351 -22.31 37.73 -22.90
CA GLU A 351 -23.16 38.49 -22.00
C GLU A 351 -22.94 39.99 -22.18
N ASP A 352 -21.67 40.41 -22.10
CA ASP A 352 -21.37 41.84 -22.19
C ASP A 352 -21.76 42.40 -23.54
N GLY A 353 -21.46 41.69 -24.63
CA GLY A 353 -21.77 42.20 -25.95
C GLY A 353 -23.26 42.36 -26.16
N PHE A 354 -24.04 41.34 -25.80
CA PHE A 354 -25.49 41.44 -25.95
C PHE A 354 -26.06 42.54 -25.08
N SER A 355 -25.59 42.65 -23.83
CA SER A 355 -26.09 43.72 -22.96
C SER A 355 -25.72 45.09 -23.51
N MET A 356 -24.59 45.20 -24.20
CA MET A 356 -24.15 46.47 -24.75
C MET A 356 -24.95 46.85 -26.00
N PHE A 357 -25.27 45.90 -26.86
CA PHE A 357 -25.85 46.21 -28.16
C PHE A 357 -27.33 45.90 -28.31
N LEU A 358 -27.99 45.32 -27.31
CA LEU A 358 -29.41 45.03 -27.43
C LEU A 358 -30.25 45.74 -26.37
N CYS A 359 -29.75 45.83 -25.14
CA CYS A 359 -30.52 46.38 -24.04
C CYS A 359 -30.15 47.83 -23.77
N ALA A 360 -31.15 48.62 -23.39
CA ALA A 360 -30.90 49.99 -23.02
C ALA A 360 -30.23 50.06 -21.65
N PRO A 361 -29.60 51.19 -21.32
CA PRO A 361 -28.96 51.30 -20.00
C PRO A 361 -29.94 51.07 -18.87
N GLY A 362 -29.45 50.50 -17.78
CA GLY A 362 -30.28 50.10 -16.67
C GLY A 362 -30.78 48.66 -16.73
N SER A 363 -30.49 47.95 -17.82
CA SER A 363 -30.87 46.54 -17.96
C SER A 363 -29.66 45.77 -18.45
N ARG A 364 -29.77 44.43 -18.38
CA ARG A 364 -28.64 43.57 -18.71
C ARG A 364 -29.16 42.20 -19.10
N VAL A 365 -28.38 41.48 -19.89
CA VAL A 365 -28.61 40.07 -20.15
C VAL A 365 -27.74 39.26 -19.21
N ILE A 366 -28.35 38.31 -18.51
CA ILE A 366 -27.69 37.60 -17.41
C ILE A 366 -27.80 36.10 -17.65
N PHE A 367 -26.67 35.41 -17.58
CA PHE A 367 -26.67 33.96 -17.61
C PHE A 367 -27.01 33.42 -16.23
N ASP A 368 -27.69 32.27 -16.20
CA ASP A 368 -28.06 31.62 -14.94
C ASP A 368 -26.99 30.58 -14.63
N ARG A 369 -25.95 31.04 -13.91
CA ARG A 369 -24.79 30.20 -13.66
C ARG A 369 -25.07 29.15 -12.59
N ASP A 370 -25.66 29.56 -11.48
CA ASP A 370 -25.77 28.69 -10.31
C ASP A 370 -26.65 27.48 -10.55
N SER A 371 -27.55 27.53 -11.53
CA SER A 371 -28.50 26.45 -11.75
C SER A 371 -27.93 25.31 -12.58
N ILE A 372 -26.68 25.41 -13.01
CA ILE A 372 -26.10 24.35 -13.85
C ILE A 372 -25.99 23.07 -13.03
N PRO A 373 -26.20 21.88 -13.62
CA PRO A 373 -26.16 20.65 -12.82
C PRO A 373 -24.85 20.41 -12.09
N ALA A 374 -23.73 20.80 -12.68
CA ALA A 374 -22.43 20.42 -12.12
C ALA A 374 -22.22 20.97 -10.73
N LEU A 375 -22.86 22.09 -10.38
CA LEU A 375 -22.61 22.77 -9.12
C LEU A 375 -23.69 22.56 -8.07
N LYS A 376 -24.63 21.66 -8.30
CA LYS A 376 -25.74 21.50 -7.36
C LYS A 376 -25.27 21.03 -6.00
N LYS A 377 -24.45 19.97 -5.97
CA LYS A 377 -24.05 19.40 -4.69
C LYS A 377 -23.28 20.41 -3.84
N SER A 378 -22.27 21.05 -4.43
CA SER A 378 -21.53 22.07 -3.69
C SER A 378 -22.41 23.26 -3.36
N ARG A 379 -23.28 23.65 -4.29
CA ARG A 379 -24.18 24.79 -4.05
C ARG A 379 -25.05 24.55 -2.83
N ALA A 380 -25.43 23.29 -2.57
CA ALA A 380 -26.22 22.99 -1.39
C ALA A 380 -25.35 22.81 -0.15
N ASP A 381 -24.18 22.18 -0.31
CA ASP A 381 -23.30 21.95 0.84
C ASP A 381 -22.84 23.26 1.44
N ILE A 382 -22.43 24.22 0.61
CA ILE A 382 -21.99 25.52 1.11
C ILE A 382 -23.15 26.24 1.76
N ALA A 383 -24.35 26.17 1.16
CA ALA A 383 -25.51 26.85 1.72
C ALA A 383 -25.84 26.31 3.11
N ALA A 384 -25.69 24.99 3.29
CA ALA A 384 -25.98 24.39 4.59
C ALA A 384 -25.02 24.86 5.68
N VAL A 385 -23.90 25.49 5.32
CA VAL A 385 -22.93 25.95 6.30
C VAL A 385 -23.28 27.35 6.81
N TYR A 386 -23.68 28.26 5.92
CA TYR A 386 -24.07 29.59 6.34
C TYR A 386 -25.28 29.57 7.27
N GLU A 387 -26.04 28.48 7.28
CA GLU A 387 -27.18 28.38 8.17
C GLU A 387 -26.75 28.52 9.63
N LYS A 388 -25.54 28.08 9.96
CA LYS A 388 -25.06 28.15 11.33
C LYS A 388 -24.59 29.55 11.71
N VAL A 389 -24.02 30.30 10.76
CA VAL A 389 -23.52 31.64 11.06
C VAL A 389 -24.68 32.54 11.44
N THR A 390 -24.42 33.46 12.38
CA THR A 390 -25.46 34.36 12.87
C THR A 390 -25.09 35.83 12.83
N PHE A 391 -23.83 36.18 12.58
CA PHE A 391 -23.44 37.58 12.47
C PHE A 391 -23.63 38.13 11.07
N ILE A 392 -24.49 37.49 10.27
CA ILE A 392 -24.80 37.91 8.92
C ILE A 392 -26.31 37.92 8.76
N ASP A 393 -26.83 38.91 8.05
CA ASP A 393 -28.26 39.00 7.83
C ASP A 393 -28.73 37.92 6.87
N GLU A 394 -30.05 37.67 6.89
CA GLU A 394 -30.62 36.71 5.95
C GLU A 394 -30.43 37.18 4.51
N ASN A 395 -30.59 38.47 4.27
CA ASN A 395 -30.39 39.00 2.92
C ASN A 395 -28.98 38.74 2.43
N GLU A 396 -27.98 38.98 3.28
CA GLU A 396 -26.60 38.73 2.88
C GLU A 396 -26.36 37.25 2.61
N LYS A 397 -26.92 36.38 3.44
CA LYS A 397 -26.79 34.94 3.18
C LYS A 397 -27.38 34.58 1.82
N ARG A 398 -28.55 35.13 1.51
CA ARG A 398 -29.17 34.86 0.21
C ARG A 398 -28.29 35.38 -0.92
N GLU A 399 -27.75 36.58 -0.77
CA GLU A 399 -26.93 37.17 -1.83
C GLU A 399 -25.68 36.34 -2.09
N VAL A 400 -25.01 35.91 -1.02
CA VAL A 400 -23.75 35.20 -1.20
C VAL A 400 -23.95 33.81 -1.81
N THR A 401 -25.15 33.25 -1.72
CA THR A 401 -25.43 31.93 -2.27
C THR A 401 -26.21 32.00 -3.59
N GLY A 402 -26.41 33.18 -4.14
CA GLY A 402 -27.00 33.32 -5.46
C GLY A 402 -28.48 33.59 -5.49
N TRP A 403 -29.19 33.48 -4.37
CA TRP A 403 -30.62 33.73 -4.46
C TRP A 403 -30.90 35.22 -4.47
N PRO A 404 -32.03 35.65 -5.04
CA PRO A 404 -32.36 37.08 -5.06
C PRO A 404 -32.83 37.56 -3.69
N LYS A 405 -32.93 38.88 -3.57
CA LYS A 405 -33.35 39.50 -2.33
C LYS A 405 -34.87 39.46 -2.20
N LYS A 406 -35.34 39.29 -0.98
CA LYS A 406 -36.77 39.30 -0.69
C LYS A 406 -37.33 40.71 -0.82
N PRO B 17 -39.02 39.20 -44.85
CA PRO B 17 -38.66 38.03 -45.66
C PRO B 17 -37.36 38.23 -46.43
N SER B 18 -37.13 39.45 -46.92
CA SER B 18 -35.90 39.74 -47.65
C SER B 18 -34.74 40.10 -46.71
N ALA B 19 -35.01 40.22 -45.42
CA ALA B 19 -33.99 40.68 -44.47
C ALA B 19 -32.96 39.62 -44.13
N ASN B 20 -33.35 38.35 -44.08
CA ASN B 20 -32.46 37.33 -43.53
C ASN B 20 -31.18 37.22 -44.38
N PRO B 21 -30.01 37.10 -43.74
CA PRO B 21 -28.76 36.99 -44.52
C PRO B 21 -28.62 35.70 -45.30
N ALA B 22 -29.55 34.75 -45.17
CA ALA B 22 -29.40 33.48 -45.88
C ALA B 22 -29.36 33.66 -47.40
N LYS B 23 -29.79 34.81 -47.91
CA LYS B 23 -29.94 34.98 -49.36
C LYS B 23 -28.62 35.07 -50.11
N ILE B 24 -27.50 35.26 -49.40
CA ILE B 24 -26.22 35.37 -50.11
C ILE B 24 -25.81 34.04 -50.72
N PHE B 25 -26.42 32.94 -50.30
CA PHE B 25 -25.99 31.61 -50.75
C PHE B 25 -26.69 31.15 -52.03
N ILE B 26 -27.43 32.04 -52.70
CA ILE B 26 -28.12 31.65 -53.94
C ILE B 26 -27.13 31.10 -54.95
N ARG B 27 -26.03 31.81 -55.18
CA ARG B 27 -25.09 31.45 -56.23
C ARG B 27 -24.27 30.21 -55.90
N ARG B 28 -24.18 29.82 -54.62
CA ARG B 28 -23.25 28.76 -54.23
C ARG B 28 -23.96 27.51 -53.72
N LEU B 29 -24.79 27.64 -52.69
CA LEU B 29 -25.21 26.48 -51.92
C LEU B 29 -26.63 26.01 -52.22
N PHE B 30 -27.32 26.63 -53.19
CA PHE B 30 -28.65 26.17 -53.58
C PHE B 30 -29.07 26.90 -54.84
N ASN B 31 -30.23 26.51 -55.37
CA ASN B 31 -30.77 27.12 -56.58
C ASN B 31 -32.29 27.10 -56.50
N SER B 32 -32.90 28.13 -57.10
CA SER B 32 -34.35 28.26 -57.03
C SER B 32 -35.02 27.21 -57.92
N GLY B 33 -35.99 26.49 -57.36
CA GLY B 33 -36.80 25.56 -58.11
C GLY B 33 -36.19 24.19 -58.34
N ILE B 34 -35.04 23.89 -57.75
CA ILE B 34 -34.36 22.62 -57.94
C ILE B 34 -34.26 21.92 -56.58
N ALA B 35 -34.77 20.70 -56.52
CA ALA B 35 -34.64 19.89 -55.31
C ALA B 35 -33.18 19.50 -55.12
N LYS B 36 -32.74 19.48 -53.86
CA LYS B 36 -31.35 19.23 -53.52
C LYS B 36 -31.26 18.25 -52.37
N SER B 37 -30.27 17.37 -52.42
CA SER B 37 -30.13 16.32 -51.42
C SER B 37 -29.73 16.89 -50.08
N VAL B 38 -30.31 16.33 -49.00
CA VAL B 38 -29.97 16.77 -47.65
C VAL B 38 -28.56 16.35 -47.26
N VAL B 39 -28.14 15.13 -47.62
CA VAL B 39 -26.85 14.60 -47.24
C VAL B 39 -26.16 14.04 -48.47
N SER B 40 -24.83 13.94 -48.39
CA SER B 40 -24.03 13.41 -49.49
C SER B 40 -24.04 11.88 -49.45
N TYR B 41 -23.76 11.28 -50.62
CA TYR B 41 -23.79 9.82 -50.73
C TYR B 41 -22.73 9.18 -49.84
N SER B 42 -21.54 9.79 -49.76
CA SER B 42 -20.49 9.23 -48.90
C SER B 42 -20.94 9.16 -47.45
N ASN B 43 -21.66 10.18 -46.97
CA ASN B 43 -22.17 10.14 -45.61
C ASN B 43 -23.16 9.01 -45.42
N VAL B 44 -24.04 8.77 -46.40
CA VAL B 44 -24.98 7.67 -46.30
C VAL B 44 -24.24 6.34 -46.26
N MET B 45 -23.22 6.18 -47.09
CA MET B 45 -22.42 4.95 -47.08
C MET B 45 -21.75 4.76 -45.72
N ALA B 46 -21.20 5.83 -45.16
CA ALA B 46 -20.56 5.73 -43.85
C ALA B 46 -21.58 5.32 -42.79
N ALA B 47 -22.78 5.88 -42.84
CA ALA B 47 -23.81 5.50 -41.89
C ALA B 47 -24.22 4.05 -42.05
N ALA B 48 -24.33 3.56 -43.29
CA ALA B 48 -24.78 2.20 -43.52
C ALA B 48 -23.77 1.19 -42.97
N ARG B 49 -22.48 1.41 -43.19
CA ARG B 49 -21.47 0.47 -42.73
C ARG B 49 -21.25 0.58 -41.23
N ALA B 50 -21.65 1.70 -40.62
CA ALA B 50 -21.42 1.88 -39.19
C ALA B 50 -22.18 0.84 -38.36
N MET B 51 -23.42 0.55 -38.74
CA MET B 51 -24.25 -0.36 -37.97
C MET B 51 -23.71 -1.78 -37.94
N GLU B 52 -22.78 -2.14 -38.83
CA GLU B 52 -22.18 -3.46 -38.86
C GLU B 52 -20.80 -3.49 -38.22
N HIS B 53 -20.38 -2.40 -37.59
CA HIS B 53 -19.04 -2.35 -37.00
C HIS B 53 -19.09 -2.72 -35.53
N PRO B 54 -18.19 -3.56 -35.04
CA PRO B 54 -18.28 -4.01 -33.63
C PRO B 54 -18.16 -2.89 -32.61
N VAL B 55 -17.63 -1.72 -32.99
CA VAL B 55 -17.42 -0.63 -32.05
C VAL B 55 -18.46 0.48 -32.23
N VAL B 56 -18.67 0.94 -33.46
CA VAL B 56 -19.56 2.06 -33.69
C VAL B 56 -21.02 1.67 -33.42
N PHE B 57 -21.39 0.44 -33.76
CA PHE B 57 -22.76 -0.01 -33.50
C PHE B 57 -23.07 0.03 -32.02
N ARG B 58 -22.11 -0.38 -31.18
CA ARG B 58 -22.34 -0.36 -29.75
C ARG B 58 -22.57 1.06 -29.24
N CYS B 59 -21.80 2.02 -29.74
CA CYS B 59 -21.98 3.40 -29.32
C CYS B 59 -23.35 3.93 -29.74
N LEU B 60 -23.74 3.68 -30.99
CA LEU B 60 -25.04 4.13 -31.46
C LEU B 60 -26.17 3.50 -30.65
N ASP B 61 -26.08 2.20 -30.38
CA ASP B 61 -27.10 1.51 -29.59
C ASP B 61 -27.16 2.06 -28.17
N LYS B 62 -26.00 2.33 -27.57
CA LYS B 62 -25.98 2.89 -26.23
C LYS B 62 -26.67 4.25 -26.20
N LEU B 63 -26.35 5.12 -27.16
CA LEU B 63 -26.98 6.43 -27.20
C LEU B 63 -28.50 6.30 -27.37
N GLY B 64 -28.93 5.44 -28.31
CA GLY B 64 -30.35 5.29 -28.54
C GLY B 64 -31.09 4.76 -27.33
N LEU B 65 -30.55 3.71 -26.70
CA LEU B 65 -31.18 3.13 -25.52
C LEU B 65 -31.23 4.12 -24.37
N THR B 66 -30.15 4.87 -24.15
CA THR B 66 -30.14 5.84 -23.07
C THR B 66 -31.17 6.94 -23.32
N VAL B 67 -31.29 7.39 -24.57
CA VAL B 67 -32.24 8.47 -24.86
C VAL B 67 -33.67 7.99 -24.72
N GLN B 68 -33.97 6.79 -25.24
CA GLN B 68 -35.37 6.35 -25.28
C GLN B 68 -35.95 6.13 -23.90
N SER B 69 -35.11 5.93 -22.89
CA SER B 69 -35.62 5.68 -21.54
C SER B 69 -36.22 6.92 -20.91
N VAL B 70 -35.98 8.09 -21.48
CA VAL B 70 -36.49 9.34 -20.92
C VAL B 70 -37.87 9.62 -21.51
N LYS B 71 -38.85 9.84 -20.64
CA LYS B 71 -40.20 10.20 -21.07
C LYS B 71 -40.30 11.71 -21.26
N TRP B 72 -41.34 12.12 -21.98
CA TRP B 72 -41.73 13.53 -21.99
C TRP B 72 -43.22 13.65 -21.68
N TYR B 73 -43.68 14.90 -21.68
CA TYR B 73 -45.08 15.23 -21.48
C TYR B 73 -45.31 16.65 -21.97
N VAL B 74 -46.58 17.02 -22.12
CA VAL B 74 -46.95 18.35 -22.59
C VAL B 74 -47.29 19.20 -21.37
N GLY B 75 -46.67 20.38 -21.28
CA GLY B 75 -46.88 21.27 -20.16
C GLY B 75 -46.93 22.71 -20.62
N ALA B 76 -47.19 23.59 -19.65
CA ALA B 76 -47.29 25.01 -19.94
C ALA B 76 -45.91 25.65 -20.01
N ASP B 77 -45.78 26.67 -20.84
CA ASP B 77 -44.51 27.38 -20.96
C ASP B 77 -44.29 28.22 -19.71
N PRO B 78 -43.12 28.12 -19.05
CA PRO B 78 -42.91 28.87 -17.81
C PRO B 78 -42.53 30.33 -18.03
N ASP B 79 -42.10 30.70 -19.23
CA ASP B 79 -41.65 32.07 -19.51
C ASP B 79 -42.67 32.89 -20.27
N ILE B 80 -43.39 32.30 -21.22
CA ILE B 80 -44.33 33.01 -22.07
C ILE B 80 -45.72 32.43 -21.83
N SER B 81 -46.72 33.30 -21.72
CA SER B 81 -48.06 32.87 -21.35
C SER B 81 -49.10 33.65 -22.13
N GLY B 82 -50.31 33.11 -22.17
CA GLY B 82 -51.45 33.79 -22.75
C GLY B 82 -52.05 33.10 -23.95
N THR B 83 -51.20 32.59 -24.85
CA THR B 83 -51.67 31.97 -26.09
C THR B 83 -51.62 30.45 -26.05
N GLY B 84 -51.40 29.85 -24.88
CA GLY B 84 -51.23 28.42 -24.81
C GLY B 84 -52.51 27.64 -25.05
N MET B 85 -52.33 26.32 -25.20
CA MET B 85 -53.46 25.44 -25.43
C MET B 85 -54.29 25.27 -24.16
N SER B 86 -55.55 24.89 -24.34
CA SER B 86 -56.38 24.51 -23.21
C SER B 86 -56.00 23.11 -22.73
N ALA B 87 -56.49 22.76 -21.54
CA ALA B 87 -56.14 21.45 -20.96
C ALA B 87 -56.60 20.32 -21.86
N LYS B 88 -57.79 20.43 -22.45
CA LYS B 88 -58.29 19.39 -23.35
C LYS B 88 -57.34 19.20 -24.52
N GLU B 89 -56.86 20.29 -25.11
CA GLU B 89 -55.97 20.18 -26.26
C GLU B 89 -54.63 19.57 -25.86
N ARG B 90 -54.12 19.93 -24.68
CA ARG B 90 -52.88 19.33 -24.20
C ARG B 90 -53.03 17.83 -24.02
N LYS B 91 -54.14 17.40 -23.42
CA LYS B 91 -54.38 15.97 -23.26
C LYS B 91 -54.57 15.28 -24.61
N ALA B 92 -55.20 15.95 -25.58
CA ALA B 92 -55.33 15.37 -26.91
C ALA B 92 -53.98 15.17 -27.57
N LEU B 93 -53.09 16.16 -27.45
CA LEU B 93 -51.75 16.01 -28.02
C LEU B 93 -50.95 14.94 -27.28
N GLN B 94 -51.21 14.76 -25.99
CA GLN B 94 -50.51 13.73 -25.23
C GLN B 94 -50.74 12.36 -25.85
N GLN B 95 -51.98 12.08 -26.28
CA GLN B 95 -52.29 10.79 -26.88
C GLN B 95 -51.42 10.53 -28.10
N VAL B 96 -51.37 11.48 -29.03
CA VAL B 96 -50.52 11.31 -30.20
C VAL B 96 -49.06 11.18 -29.80
N LEU B 97 -48.64 11.91 -28.78
CA LEU B 97 -47.26 11.84 -28.33
C LEU B 97 -46.90 10.46 -27.80
N ASN B 98 -47.81 9.79 -27.11
CA ASN B 98 -47.53 8.45 -26.59
C ASN B 98 -47.54 7.39 -27.68
N ARG B 99 -48.49 7.47 -28.62
CA ARG B 99 -48.60 6.50 -29.72
C ARG B 99 -48.64 7.29 -31.03
N PRO B 100 -47.47 7.63 -31.59
CA PRO B 100 -47.46 8.52 -32.77
C PRO B 100 -48.29 8.00 -33.94
N ASN B 101 -48.28 6.71 -34.21
CA ASN B 101 -49.01 6.17 -35.36
C ASN B 101 -49.37 4.72 -35.06
N SER B 102 -49.82 4.01 -36.10
CA SER B 102 -50.37 2.67 -35.91
C SER B 102 -49.30 1.61 -35.66
N ALA B 103 -48.04 1.90 -35.99
CA ALA B 103 -47.00 0.87 -35.90
C ALA B 103 -45.77 1.34 -35.11
N MET B 104 -45.93 2.28 -34.19
CA MET B 104 -44.81 2.77 -33.39
C MET B 104 -45.32 3.33 -32.08
N SER B 105 -44.41 3.45 -31.12
CA SER B 105 -44.65 4.09 -29.85
C SER B 105 -43.60 5.17 -29.61
N GLY B 106 -43.75 5.87 -28.48
CA GLY B 106 -42.82 6.95 -28.18
C GLY B 106 -41.38 6.48 -28.12
N ALA B 107 -41.15 5.31 -27.52
CA ALA B 107 -39.78 4.81 -27.38
C ALA B 107 -39.13 4.59 -28.74
N GLN B 108 -39.86 3.99 -29.68
CA GLN B 108 -39.29 3.73 -31.00
C GLN B 108 -39.07 5.01 -31.78
N LEU B 109 -39.97 5.98 -31.64
CA LEU B 109 -39.76 7.28 -32.28
C LEU B 109 -38.49 7.94 -31.74
N ARG B 110 -38.29 7.90 -30.42
CA ARG B 110 -37.07 8.44 -29.84
C ARG B 110 -35.84 7.68 -30.34
N TYR B 111 -35.92 6.36 -30.44
CA TYR B 111 -34.79 5.58 -30.93
C TYR B 111 -34.41 5.99 -32.34
N ALA B 112 -35.39 6.06 -33.24
CA ALA B 112 -35.11 6.42 -34.63
C ALA B 112 -34.56 7.85 -34.72
N ALA B 113 -35.17 8.78 -33.98
CA ALA B 113 -34.69 10.15 -34.01
C ALA B 113 -33.25 10.25 -33.50
N THR B 114 -32.94 9.52 -32.43
CA THR B 114 -31.58 9.55 -31.89
C THR B 114 -30.58 8.99 -32.90
N LEU B 115 -30.93 7.88 -33.55
CA LEU B 115 -30.01 7.32 -34.54
C LEU B 115 -29.79 8.29 -35.69
N SER B 116 -30.86 8.92 -36.19
CA SER B 116 -30.71 9.87 -37.28
C SER B 116 -29.85 11.05 -36.85
N TRP B 117 -30.09 11.58 -35.66
CA TRP B 117 -29.32 12.72 -35.18
C TRP B 117 -27.84 12.37 -35.03
N ALA B 118 -27.55 11.17 -34.51
CA ALA B 118 -26.16 10.78 -34.32
C ALA B 118 -25.45 10.57 -35.65
N CYS B 119 -26.10 9.87 -36.59
CA CYS B 119 -25.41 9.51 -37.83
C CYS B 119 -25.28 10.71 -38.78
N PHE B 120 -26.34 11.51 -38.92
CA PHE B 120 -26.38 12.56 -39.93
C PHE B 120 -26.42 13.97 -39.38
N GLY B 121 -26.74 14.16 -38.11
CA GLY B 121 -26.79 15.50 -37.55
C GLY B 121 -28.08 16.24 -37.84
N ARG B 122 -29.12 15.54 -38.28
CA ARG B 122 -30.41 16.17 -38.55
C ARG B 122 -31.47 15.09 -38.52
N MET B 123 -32.72 15.52 -38.31
CA MET B 123 -33.85 14.61 -38.24
C MET B 123 -35.09 15.32 -38.75
N ALA B 124 -35.98 14.57 -39.39
CA ALA B 124 -37.17 15.12 -40.00
C ALA B 124 -38.37 14.23 -39.68
N PHE B 125 -39.56 14.82 -39.74
CA PHE B 125 -40.79 14.11 -39.42
C PHE B 125 -41.92 14.64 -40.30
N LYS B 126 -42.94 13.82 -40.48
CA LYS B 126 -44.18 14.22 -41.14
C LYS B 126 -45.30 14.26 -40.12
N VAL B 127 -46.18 15.25 -40.25
CA VAL B 127 -47.25 15.49 -39.29
C VAL B 127 -48.58 15.49 -40.05
N SER B 128 -49.55 14.77 -39.53
CA SER B 128 -50.90 14.70 -40.10
C SER B 128 -51.84 15.54 -39.25
N VAL B 129 -52.61 16.40 -39.90
CA VAL B 129 -53.45 17.37 -39.22
C VAL B 129 -54.88 17.25 -39.74
N MET B 130 -55.83 17.36 -38.82
CA MET B 130 -57.24 17.33 -39.17
C MET B 130 -57.71 18.71 -39.63
N GLY B 131 -59.02 18.82 -39.87
CA GLY B 131 -59.57 20.07 -40.36
C GLY B 131 -59.40 21.25 -39.42
N ASP B 132 -59.53 21.02 -38.11
CA ASP B 132 -59.47 22.10 -37.14
C ASP B 132 -58.06 22.37 -36.63
N GLY B 133 -57.04 21.66 -37.13
CA GLY B 133 -55.67 21.92 -36.77
C GLY B 133 -55.07 20.95 -35.78
N SER B 134 -55.87 20.15 -35.08
CA SER B 134 -55.32 19.21 -34.13
C SER B 134 -54.57 18.09 -34.83
N VAL B 135 -53.50 17.61 -34.20
CA VAL B 135 -52.67 16.56 -34.77
C VAL B 135 -53.30 15.20 -34.47
N ASN B 136 -53.06 14.23 -35.35
CA ASN B 136 -53.55 12.88 -35.16
C ASN B 136 -52.53 11.79 -35.42
N ALA B 137 -51.41 12.10 -36.07
CA ALA B 137 -50.38 11.09 -36.31
C ALA B 137 -49.06 11.78 -36.62
N ILE B 138 -47.98 11.03 -36.45
CA ILE B 138 -46.63 11.48 -36.77
C ILE B 138 -45.89 10.33 -37.43
N TRP B 139 -45.11 10.64 -38.46
CA TRP B 139 -44.32 9.65 -39.18
C TRP B 139 -42.87 10.10 -39.27
N PRO B 140 -41.92 9.19 -39.08
CA PRO B 140 -40.51 9.55 -39.27
C PRO B 140 -40.09 9.41 -40.73
N LEU B 141 -39.18 10.27 -41.14
CA LEU B 141 -38.66 10.28 -42.51
C LEU B 141 -37.20 9.85 -42.52
N GLY B 142 -36.81 9.14 -43.58
CA GLY B 142 -35.43 8.74 -43.73
C GLY B 142 -34.59 9.82 -44.37
N ILE B 143 -33.57 10.28 -43.65
CA ILE B 143 -32.72 11.38 -44.12
C ILE B 143 -32.12 11.04 -45.48
N PRO B 144 -31.66 9.80 -45.70
CA PRO B 144 -31.05 9.50 -47.01
C PRO B 144 -31.96 9.77 -48.19
N PHE B 145 -33.27 9.60 -48.04
CA PHE B 145 -34.22 9.71 -49.15
C PHE B 145 -34.92 11.05 -49.22
N LEU B 146 -34.43 12.07 -48.50
CA LEU B 146 -35.13 13.34 -48.37
C LEU B 146 -34.44 14.40 -49.21
N LYS B 147 -35.24 15.19 -49.92
CA LYS B 147 -34.77 16.33 -50.70
C LYS B 147 -35.66 17.53 -50.41
N GLN B 148 -35.10 18.73 -50.54
CA GLN B 148 -35.79 19.95 -50.17
C GLN B 148 -35.53 21.03 -51.22
N GLU B 149 -36.46 21.97 -51.30
CA GLU B 149 -36.40 23.08 -52.24
C GLU B 149 -36.47 24.41 -51.50
N PHE B 150 -35.91 25.45 -52.13
CA PHE B 150 -35.83 26.77 -51.54
C PHE B 150 -36.43 27.80 -52.49
N ASN B 151 -36.97 28.88 -51.92
CA ASN B 151 -37.29 30.06 -52.69
C ASN B 151 -36.04 30.95 -52.79
N LYS B 152 -36.23 32.13 -53.39
CA LYS B 152 -35.08 32.99 -53.62
C LYS B 152 -34.60 33.68 -52.34
N TYR B 153 -35.39 33.63 -51.26
CA TYR B 153 -35.00 34.21 -49.99
C TYR B 153 -34.32 33.21 -49.05
N GLY B 154 -34.17 31.96 -49.46
CA GLY B 154 -33.46 30.98 -48.68
C GLY B 154 -34.31 30.12 -47.77
N GLU B 155 -35.60 30.37 -47.67
CA GLU B 155 -36.48 29.55 -46.85
C GLU B 155 -36.93 28.32 -47.61
N VAL B 156 -37.16 27.25 -46.87
CA VAL B 156 -37.57 25.98 -47.47
C VAL B 156 -39.08 26.05 -47.75
N THR B 157 -39.48 25.57 -48.92
CA THR B 157 -40.87 25.62 -49.34
C THR B 157 -41.51 24.24 -49.52
N THR B 158 -40.73 23.22 -49.86
CA THR B 158 -41.29 21.90 -50.11
C THR B 158 -40.25 20.84 -49.81
N PHE B 159 -40.72 19.71 -49.27
CA PHE B 159 -39.91 18.53 -49.03
C PHE B 159 -40.32 17.45 -50.01
N GLN B 160 -39.34 16.86 -50.70
CA GLN B 160 -39.58 15.79 -51.65
C GLN B 160 -39.01 14.50 -51.09
N TYR B 161 -39.84 13.48 -50.98
CA TYR B 161 -39.49 12.21 -50.35
C TYR B 161 -39.66 11.08 -51.35
N GLY B 162 -38.60 10.31 -51.56
CA GLY B 162 -38.64 9.17 -52.46
C GLY B 162 -37.72 9.34 -53.66
N ASP B 163 -37.68 8.29 -54.47
CA ASP B 163 -36.83 8.27 -55.65
C ASP B 163 -37.52 8.96 -56.82
N GLU B 164 -36.82 8.95 -57.96
CA GLU B 164 -37.27 9.72 -59.12
C GLU B 164 -38.61 9.25 -59.66
N GLY B 165 -38.96 7.97 -59.47
CA GLY B 165 -40.19 7.44 -60.03
C GLY B 165 -41.34 7.40 -59.06
N ASN B 166 -41.03 7.27 -57.77
CA ASN B 166 -42.05 7.14 -56.73
C ASN B 166 -42.00 8.27 -55.71
N ARG B 167 -41.50 9.45 -56.10
CA ARG B 167 -41.36 10.52 -55.13
C ARG B 167 -42.73 10.98 -54.62
N GLU B 168 -42.73 11.52 -53.40
CA GLU B 168 -43.88 12.15 -52.79
C GLU B 168 -43.52 13.56 -52.38
N SER B 169 -44.46 14.49 -52.58
CA SER B 169 -44.25 15.90 -52.28
C SER B 169 -44.98 16.26 -51.00
N ILE B 170 -44.28 16.93 -50.09
CA ILE B 170 -44.84 17.36 -48.81
C ILE B 170 -44.57 18.84 -48.65
N LYS B 171 -45.61 19.59 -48.26
CA LYS B 171 -45.45 21.01 -48.00
C LYS B 171 -44.74 21.23 -46.67
N SER B 172 -43.89 22.26 -46.64
CA SER B 172 -43.20 22.61 -45.41
C SER B 172 -44.13 23.35 -44.46
N PHE B 173 -43.71 23.46 -43.20
CA PHE B 173 -44.52 24.13 -42.19
C PHE B 173 -44.80 25.57 -42.58
N TYR B 174 -43.81 26.26 -43.14
CA TYR B 174 -43.97 27.68 -43.46
C TYR B 174 -44.96 27.87 -44.60
N SER B 175 -44.91 27.02 -45.61
CA SER B 175 -45.73 27.18 -46.80
C SER B 175 -47.14 26.60 -46.65
N ALA B 176 -47.40 25.85 -45.57
CA ALA B 176 -48.70 25.25 -45.40
C ALA B 176 -49.74 26.30 -45.02
N ALA B 177 -50.95 26.14 -45.56
CA ALA B 177 -52.04 27.03 -45.20
C ALA B 177 -52.37 26.92 -43.72
N LYS B 178 -52.66 28.06 -43.10
CA LYS B 178 -52.88 28.12 -41.66
C LYS B 178 -54.22 28.78 -41.36
N ASN B 179 -54.79 28.42 -40.21
CA ASN B 179 -56.04 29.01 -39.77
C ASN B 179 -55.78 30.38 -39.14
N GLU B 180 -56.80 30.92 -38.48
CA GLU B 180 -56.67 32.25 -37.89
C GLU B 180 -55.63 32.29 -36.79
N LYS B 181 -55.48 31.20 -36.02
CA LYS B 181 -54.55 31.18 -34.91
C LYS B 181 -53.12 30.86 -35.34
N GLY B 182 -52.88 30.58 -36.61
CA GLY B 182 -51.55 30.32 -37.08
C GLY B 182 -51.12 28.87 -37.05
N ARG B 183 -52.04 27.94 -36.84
CA ARG B 183 -51.68 26.53 -36.86
C ARG B 183 -52.01 25.93 -38.23
N PRO B 184 -51.21 24.99 -38.73
CA PRO B 184 -51.52 24.42 -40.05
C PRO B 184 -52.82 23.63 -40.03
N ILE B 185 -53.49 23.60 -41.19
CA ILE B 185 -54.71 22.83 -41.38
C ILE B 185 -54.55 21.77 -42.45
N GLU B 186 -53.32 21.40 -42.79
CA GLU B 186 -53.05 20.37 -43.78
C GLU B 186 -51.71 19.72 -43.47
N ASN B 187 -51.49 18.55 -44.07
CA ASN B 187 -50.29 17.78 -43.78
C ASN B 187 -49.04 18.57 -44.13
N TYR B 188 -48.00 18.40 -43.32
CA TYR B 188 -46.75 19.12 -43.52
C TYR B 188 -45.61 18.31 -42.90
N ALA B 189 -44.39 18.79 -43.12
CA ALA B 189 -43.19 18.17 -42.59
C ALA B 189 -42.23 19.24 -42.10
N PHE B 190 -41.29 18.83 -41.26
CA PHE B 190 -40.29 19.74 -40.71
C PHE B 190 -39.01 18.98 -40.43
N MET B 191 -37.90 19.72 -40.33
CA MET B 191 -36.59 19.15 -40.13
C MET B 191 -35.81 19.98 -39.12
N ILE B 192 -34.92 19.32 -38.39
CA ILE B 192 -34.05 19.97 -37.40
C ILE B 192 -32.61 19.83 -37.88
N VAL B 193 -31.80 20.86 -37.63
CA VAL B 193 -30.44 20.93 -38.16
C VAL B 193 -29.50 21.36 -37.04
N LYS B 194 -28.30 20.76 -37.02
CA LYS B 194 -27.26 21.11 -36.07
C LYS B 194 -26.37 22.21 -36.66
N PRO B 195 -26.15 23.32 -35.96
CA PRO B 195 -25.39 24.42 -36.57
C PRO B 195 -23.97 24.00 -36.95
N SER B 196 -23.33 24.87 -37.72
CA SER B 196 -21.96 24.66 -38.15
C SER B 196 -21.20 25.99 -38.08
N ILE B 197 -19.92 25.94 -38.46
CA ILE B 197 -19.07 27.12 -38.32
C ILE B 197 -19.46 28.21 -39.30
N ASN B 198 -19.77 27.85 -40.54
CA ASN B 198 -20.02 28.85 -41.58
C ASN B 198 -21.20 29.75 -41.27
N GLY B 199 -22.12 29.34 -40.41
CA GLY B 199 -23.28 30.13 -40.10
C GLY B 199 -24.44 29.98 -41.06
N ALA B 200 -24.29 29.16 -42.11
CA ALA B 200 -25.40 28.90 -43.01
C ALA B 200 -26.56 28.31 -42.23
N MET B 201 -27.77 28.80 -42.50
CA MET B 201 -28.91 28.43 -41.66
C MET B 201 -29.32 26.98 -41.88
N ASN B 202 -29.75 26.65 -43.10
CA ASN B 202 -30.31 25.33 -43.37
C ASN B 202 -29.73 24.74 -44.66
N LEU B 203 -28.42 24.79 -44.81
CA LEU B 203 -27.76 24.33 -46.03
C LEU B 203 -26.82 23.18 -45.71
N ASP B 204 -26.47 22.43 -46.75
CA ASP B 204 -25.87 21.10 -46.59
C ASP B 204 -24.42 21.16 -46.12
N VAL B 205 -24.22 21.37 -44.83
CA VAL B 205 -22.94 21.14 -44.17
C VAL B 205 -23.23 20.45 -42.84
N GLN B 206 -23.07 19.12 -42.81
CA GLN B 206 -23.46 18.35 -41.65
C GLN B 206 -22.47 18.57 -40.51
N ASN B 207 -22.90 18.21 -39.30
CA ASN B 207 -22.06 18.29 -38.11
C ASN B 207 -22.33 17.03 -37.29
N THR B 208 -21.56 15.97 -37.55
CA THR B 208 -21.77 14.69 -36.91
C THR B 208 -20.41 14.12 -36.51
N PRO B 209 -20.36 13.27 -35.48
CA PRO B 209 -19.08 12.66 -35.09
C PRO B 209 -18.43 11.84 -36.19
N LEU B 210 -19.23 11.29 -37.12
CA LEU B 210 -18.68 10.42 -38.15
C LEU B 210 -17.73 11.15 -39.10
N GLN B 211 -17.70 12.49 -39.07
CA GLN B 211 -16.75 13.22 -39.88
C GLN B 211 -15.31 12.88 -39.51
N ALA B 212 -15.03 12.75 -38.22
CA ALA B 212 -13.65 12.75 -37.74
C ALA B 212 -13.12 11.37 -37.38
N VAL B 213 -13.93 10.31 -37.46
CA VAL B 213 -13.50 9.00 -37.03
C VAL B 213 -13.15 8.12 -38.23
N GLY B 214 -12.83 8.74 -39.37
CA GLY B 214 -12.48 7.95 -40.55
C GLY B 214 -11.21 7.16 -40.38
N MET B 215 -10.12 7.82 -39.98
CA MET B 215 -8.84 7.13 -39.88
C MET B 215 -8.85 6.04 -38.81
N PRO B 216 -9.38 6.27 -37.61
CA PRO B 216 -9.45 5.18 -36.63
C PRO B 216 -10.14 3.93 -37.15
N VAL B 217 -11.31 4.09 -37.77
CA VAL B 217 -12.03 2.94 -38.30
C VAL B 217 -11.25 2.27 -39.41
N ALA B 218 -10.66 3.08 -40.31
CA ALA B 218 -9.91 2.51 -41.42
C ALA B 218 -8.72 1.69 -40.92
N LEU B 219 -8.06 2.14 -39.85
CA LEU B 219 -6.93 1.37 -39.33
C LEU B 219 -7.41 0.13 -38.56
N TYR B 220 -8.51 0.27 -37.81
CA TYR B 220 -9.05 -0.86 -37.05
C TYR B 220 -9.42 -2.01 -37.97
N ASN B 221 -10.12 -1.70 -39.07
CA ASN B 221 -10.54 -2.76 -39.99
C ASN B 221 -9.34 -3.48 -40.58
N GLY B 222 -8.31 -2.75 -41.01
CA GLY B 222 -7.13 -3.40 -41.56
C GLY B 222 -6.41 -4.26 -40.55
N LEU B 223 -6.26 -3.74 -39.32
CA LEU B 223 -5.55 -4.51 -38.30
C LEU B 223 -6.28 -5.79 -37.96
N MET B 224 -7.63 -5.79 -37.98
CA MET B 224 -8.35 -7.02 -37.70
C MET B 224 -8.34 -7.96 -38.89
N GLU B 225 -8.37 -7.42 -40.11
CA GLU B 225 -8.31 -8.25 -41.30
C GLU B 225 -6.99 -9.00 -41.36
N ARG B 226 -5.89 -8.34 -41.00
CA ARG B 226 -4.60 -9.04 -40.97
C ARG B 226 -4.62 -10.19 -39.97
N ALA B 227 -5.24 -9.98 -38.81
CA ALA B 227 -5.34 -11.06 -37.82
C ALA B 227 -6.11 -12.24 -38.39
N LEU B 228 -7.24 -11.97 -39.05
CA LEU B 228 -8.00 -13.06 -39.64
C LEU B 228 -7.18 -13.81 -40.68
N GLU B 229 -6.50 -13.07 -41.56
CA GLU B 229 -5.70 -13.72 -42.60
C GLU B 229 -4.60 -14.58 -42.00
N GLN B 230 -3.90 -14.07 -40.98
CA GLN B 230 -2.85 -14.86 -40.34
C GLN B 230 -3.42 -16.10 -39.65
N CYS B 231 -4.58 -15.98 -39.00
CA CYS B 231 -5.19 -17.15 -38.39
C CYS B 231 -5.50 -18.20 -39.45
N ASP B 232 -5.96 -17.76 -40.62
CA ASP B 232 -6.33 -18.72 -41.67
C ASP B 232 -5.11 -19.31 -42.39
N GLY B 233 -3.98 -18.60 -42.43
CA GLY B 233 -2.91 -18.99 -43.31
C GLY B 233 -1.67 -19.61 -42.68
N THR B 234 -1.44 -19.39 -41.39
CA THR B 234 -0.19 -19.81 -40.76
C THR B 234 -0.20 -21.31 -40.53
N PRO B 235 0.82 -22.06 -40.99
CA PRO B 235 0.84 -23.52 -40.74
C PRO B 235 0.80 -23.86 -39.26
N ASN B 236 0.12 -24.96 -38.92
CA ASN B 236 -0.03 -25.40 -37.54
C ASN B 236 0.88 -26.59 -37.28
N SER B 237 2.13 -26.29 -36.92
CA SER B 237 3.12 -27.32 -36.63
C SER B 237 4.06 -26.80 -35.54
N LYS B 238 4.76 -27.73 -34.90
CA LYS B 238 5.67 -27.40 -33.81
C LYS B 238 7.05 -28.00 -33.92
N TRP B 239 7.23 -29.08 -34.67
CA TRP B 239 8.54 -29.70 -34.87
C TRP B 239 8.92 -29.62 -36.34
N PHE B 240 10.20 -29.37 -36.60
CA PHE B 240 10.77 -29.39 -37.94
C PHE B 240 11.99 -30.31 -37.92
N VAL B 241 11.89 -31.44 -38.61
CA VAL B 241 12.89 -32.50 -38.54
C VAL B 241 13.51 -32.66 -39.92
N THR B 242 14.84 -32.75 -39.97
CA THR B 242 15.59 -32.93 -41.21
C THR B 242 16.54 -34.10 -41.05
N ALA B 243 16.82 -34.77 -42.17
CA ALA B 243 17.65 -35.98 -42.15
C ALA B 243 18.55 -35.98 -43.38
N GLY B 244 19.58 -36.82 -43.32
CA GLY B 244 20.52 -36.93 -44.41
C GLY B 244 20.03 -37.82 -45.53
N ARG B 245 20.89 -37.98 -46.56
CA ARG B 245 20.55 -38.75 -47.74
C ARG B 245 20.94 -40.22 -47.64
N ASP B 246 21.65 -40.62 -46.59
CA ASP B 246 22.18 -41.98 -46.51
C ASP B 246 21.18 -42.99 -45.95
N ILE B 247 19.99 -42.54 -45.56
CA ILE B 247 18.99 -43.47 -45.04
C ILE B 247 18.36 -44.23 -46.21
N GLY B 248 17.87 -45.44 -45.92
CA GLY B 248 17.40 -46.32 -46.97
C GLY B 248 16.02 -45.96 -47.49
N GLU B 249 15.54 -46.79 -48.41
CA GLU B 249 14.24 -46.58 -49.02
C GLU B 249 13.09 -46.94 -48.08
N VAL B 250 13.28 -47.99 -47.27
CA VAL B 250 12.27 -48.44 -46.33
C VAL B 250 12.75 -48.15 -44.92
N GLN B 251 14.07 -48.02 -44.75
CA GLN B 251 14.64 -47.71 -43.45
C GLN B 251 14.23 -46.33 -42.97
N SER B 252 13.80 -45.45 -43.89
CA SER B 252 13.40 -44.10 -43.50
C SER B 252 12.03 -44.09 -42.85
N LYS B 253 11.10 -44.91 -43.37
CA LYS B 253 9.74 -44.92 -42.83
C LYS B 253 9.73 -45.33 -41.36
N GLU B 254 10.71 -46.15 -40.95
CA GLU B 254 10.77 -46.57 -39.56
C GLU B 254 10.97 -45.39 -38.62
N ILE B 255 11.75 -44.40 -39.04
CA ILE B 255 11.99 -43.23 -38.18
C ILE B 255 10.69 -42.48 -37.92
N LYS B 256 9.91 -42.23 -38.98
CA LYS B 256 8.67 -41.48 -38.78
C LYS B 256 7.64 -42.32 -38.04
N ASP B 257 7.65 -43.64 -38.24
CA ASP B 257 6.78 -44.50 -37.45
C ASP B 257 7.13 -44.44 -35.97
N GLY B 258 8.43 -44.43 -35.66
CA GLY B 258 8.85 -44.31 -34.27
C GLY B 258 8.46 -42.99 -33.66
N ILE B 259 8.66 -41.90 -34.41
CA ILE B 259 8.25 -40.59 -33.91
C ILE B 259 6.74 -40.51 -33.79
N ASP B 260 6.02 -41.15 -34.72
CA ASP B 260 4.56 -41.07 -34.71
C ASP B 260 3.96 -41.86 -33.55
N ASP B 261 4.64 -42.91 -33.09
CA ASP B 261 4.12 -43.73 -32.01
C ASP B 261 4.15 -43.02 -30.67
N THR B 262 4.82 -41.87 -30.57
CA THR B 262 4.85 -41.09 -29.33
C THR B 262 3.71 -40.07 -29.26
N LYS B 263 2.81 -40.06 -30.24
CA LYS B 263 1.64 -39.21 -30.16
C LYS B 263 0.75 -39.68 -29.02
N PRO B 264 -0.10 -38.79 -28.49
CA PRO B 264 -1.06 -39.24 -27.48
C PRO B 264 -1.94 -40.36 -28.03
N GLY B 265 -2.16 -41.37 -27.21
CA GLY B 265 -2.93 -42.53 -27.61
C GLY B 265 -2.17 -43.55 -28.44
N GLY B 266 -0.88 -43.32 -28.70
CA GLY B 266 -0.10 -44.26 -29.48
C GLY B 266 0.37 -45.44 -28.65
N ASP B 267 1.11 -46.32 -29.31
CA ASP B 267 1.64 -47.51 -28.64
C ASP B 267 2.85 -47.21 -27.78
N SER B 268 3.49 -46.05 -27.94
CA SER B 268 4.67 -45.71 -27.17
C SER B 268 4.62 -44.27 -26.68
N ALA B 269 3.44 -43.79 -26.30
CA ALA B 269 3.30 -42.41 -25.84
C ALA B 269 4.07 -42.19 -24.55
N GLY B 270 4.78 -41.07 -24.49
CA GLY B 270 5.49 -40.66 -23.30
C GLY B 270 6.91 -41.19 -23.17
N GLU B 271 7.33 -42.10 -24.05
CA GLU B 271 8.67 -42.65 -23.96
C GLU B 271 9.66 -41.78 -24.74
N ILE B 272 10.94 -42.15 -24.61
CA ILE B 272 11.99 -41.40 -25.30
C ILE B 272 12.09 -41.86 -26.75
N ILE B 273 12.79 -41.06 -27.56
CA ILE B 273 13.04 -41.38 -28.95
C ILE B 273 14.51 -41.75 -29.08
N PHE B 274 14.80 -42.95 -29.55
CA PHE B 274 16.15 -43.46 -29.70
C PHE B 274 16.39 -43.78 -31.16
N VAL B 275 17.19 -42.96 -31.83
CA VAL B 275 17.50 -43.12 -33.25
C VAL B 275 18.96 -43.54 -33.37
N PHE B 276 19.18 -44.67 -34.03
CA PHE B 276 20.50 -45.28 -34.13
C PHE B 276 21.01 -45.17 -35.57
N GLY B 277 22.15 -44.50 -35.73
CA GLY B 277 22.88 -44.53 -36.98
C GLY B 277 22.49 -43.47 -38.00
N GLU B 278 21.82 -42.40 -37.59
CA GLU B 278 21.44 -41.33 -38.50
C GLU B 278 21.83 -39.98 -37.92
N ASP B 279 21.68 -38.94 -38.75
CA ASP B 279 22.01 -37.58 -38.38
C ASP B 279 20.77 -36.69 -38.28
N VAL B 280 19.68 -37.24 -37.74
CA VAL B 280 18.44 -36.47 -37.64
C VAL B 280 18.67 -35.22 -36.80
N LYS B 281 18.06 -34.12 -37.23
CA LYS B 281 18.12 -32.85 -36.52
C LYS B 281 16.72 -32.43 -36.11
N LEU B 282 16.64 -31.67 -35.02
CA LEU B 282 15.37 -31.23 -34.47
C LEU B 282 15.39 -29.72 -34.26
N GLN B 283 14.32 -29.06 -34.70
CA GLN B 283 14.15 -27.62 -34.50
C GLN B 283 12.75 -27.36 -33.97
N GLU B 284 12.66 -26.62 -32.87
CA GLU B 284 11.36 -26.25 -32.33
C GLU B 284 10.87 -24.96 -33.00
N ILE B 285 9.59 -24.94 -33.34
CA ILE B 285 8.96 -23.79 -33.96
C ILE B 285 8.12 -23.08 -32.91
N LYS B 286 8.52 -21.86 -32.55
CA LYS B 286 7.78 -21.12 -31.53
C LYS B 286 6.36 -20.81 -31.99
N ASN B 287 6.22 -20.22 -33.16
CA ASN B 287 4.91 -19.92 -33.74
C ASN B 287 4.05 -19.14 -32.75
N ASP B 288 4.50 -17.94 -32.40
CA ASP B 288 3.84 -17.14 -31.37
C ASP B 288 2.70 -16.34 -32.00
N LEU B 289 1.49 -16.53 -31.47
CA LEU B 289 0.32 -15.77 -31.90
C LEU B 289 -0.24 -14.90 -30.79
N SER B 290 0.56 -14.60 -29.76
CA SER B 290 0.08 -13.79 -28.64
C SER B 290 -0.16 -12.34 -29.00
N ASP B 291 0.34 -11.88 -30.15
CA ASP B 291 0.10 -10.52 -30.62
C ASP B 291 -0.41 -10.56 -32.06
N ILE B 292 -1.32 -11.50 -32.34
CA ILE B 292 -1.85 -11.65 -33.69
C ILE B 292 -2.66 -10.44 -34.10
N HIS B 293 -3.39 -9.84 -33.16
CA HIS B 293 -4.35 -8.80 -33.46
C HIS B 293 -3.88 -7.39 -33.13
N SER B 294 -2.61 -7.19 -32.79
CA SER B 294 -2.07 -5.86 -32.54
C SER B 294 -2.84 -5.15 -31.43
N LYS B 295 -2.71 -5.69 -30.23
CA LYS B 295 -3.55 -5.25 -29.10
C LYS B 295 -3.51 -3.74 -28.90
N ILE B 296 -2.30 -3.17 -28.83
CA ILE B 296 -2.17 -1.78 -28.38
C ILE B 296 -2.78 -0.80 -29.38
N PRO B 297 -2.38 -0.78 -30.65
CA PRO B 297 -3.01 0.15 -31.59
C PRO B 297 -4.51 -0.07 -31.72
N LEU B 298 -4.97 -1.31 -31.68
CA LEU B 298 -6.40 -1.58 -31.78
C LEU B 298 -7.15 -0.97 -30.59
N ASP B 299 -6.61 -1.14 -29.39
CA ASP B 299 -7.22 -0.53 -28.21
C ASP B 299 -7.22 0.99 -28.31
N ASP B 300 -6.13 1.57 -28.81
CA ASP B 300 -6.07 3.02 -28.96
C ASP B 300 -7.13 3.52 -29.94
N GLN B 301 -7.29 2.83 -31.08
CA GLN B 301 -8.33 3.23 -32.04
C GLN B 301 -9.71 3.11 -31.43
N ALA B 302 -9.96 2.02 -30.69
CA ALA B 302 -11.26 1.88 -30.03
C ALA B 302 -11.51 3.01 -29.05
N ARG B 303 -10.49 3.38 -28.27
CA ARG B 303 -10.64 4.48 -27.33
C ARG B 303 -10.95 5.79 -28.05
N THR B 304 -10.25 6.06 -29.15
CA THR B 304 -10.50 7.29 -29.90
C THR B 304 -11.93 7.32 -30.44
N ILE B 305 -12.38 6.21 -31.03
CA ILE B 305 -13.73 6.16 -31.59
C ILE B 305 -14.76 6.37 -30.50
N ALA B 306 -14.56 5.72 -29.34
CA ALA B 306 -15.49 5.91 -28.23
C ALA B 306 -15.48 7.35 -27.73
N GLY B 307 -14.31 7.97 -27.66
CA GLY B 307 -14.22 9.32 -27.15
C GLY B 307 -14.90 10.33 -28.05
N ASN B 308 -14.72 10.19 -29.37
CA ASN B 308 -15.31 11.17 -30.28
C ASN B 308 -16.83 11.24 -30.16
N PHE B 309 -17.48 10.17 -29.72
CA PHE B 309 -18.92 10.19 -29.53
C PHE B 309 -19.33 10.74 -28.17
N GLY B 310 -18.40 10.92 -27.24
CA GLY B 310 -18.74 11.44 -25.94
C GLY B 310 -19.25 10.40 -24.95
N ILE B 311 -18.78 9.17 -25.08
CA ILE B 311 -19.18 8.06 -24.20
C ILE B 311 -17.95 7.65 -23.39
N PRO B 312 -17.98 7.74 -22.06
CA PRO B 312 -16.87 7.21 -21.27
C PRO B 312 -16.64 5.74 -21.59
N ILE B 313 -15.37 5.38 -21.80
CA ILE B 313 -15.03 4.03 -22.23
C ILE B 313 -15.45 2.99 -21.19
N ALA B 314 -15.56 3.39 -19.92
CA ALA B 314 -15.95 2.44 -18.89
C ALA B 314 -17.35 1.88 -19.15
N LEU B 315 -18.28 2.73 -19.54
CA LEU B 315 -19.66 2.29 -19.78
C LEU B 315 -19.79 1.42 -21.01
N LEU B 316 -18.94 1.60 -22.01
CA LEU B 316 -19.08 0.88 -23.27
C LEU B 316 -18.85 -0.61 -23.13
N GLY B 317 -18.24 -1.05 -22.03
CA GLY B 317 -17.91 -2.46 -21.83
C GLY B 317 -16.49 -2.82 -22.18
N PHE B 318 -15.74 -1.93 -22.83
CA PHE B 318 -14.33 -2.17 -23.14
C PHE B 318 -13.51 -1.82 -21.91
N ALA B 319 -12.18 -1.77 -22.05
CA ALA B 319 -11.30 -1.63 -20.91
C ALA B 319 -10.21 -0.62 -21.21
N ALA B 320 -9.61 -0.11 -20.13
CA ALA B 320 -8.51 0.84 -20.20
C ALA B 320 -7.52 0.51 -19.09
N ALA B 321 -6.27 0.92 -19.28
CA ALA B 321 -5.21 0.54 -18.36
C ALA B 321 -5.25 1.31 -17.05
N ASP B 322 -5.73 2.55 -17.04
CA ASP B 322 -5.67 3.42 -15.87
C ASP B 322 -7.05 3.88 -15.41
N GLY B 323 -8.01 2.97 -15.32
CA GLY B 323 -9.36 3.36 -14.93
C GLY B 323 -9.44 3.90 -13.51
N SER B 324 -8.65 3.33 -12.59
CA SER B 324 -8.74 3.72 -11.19
C SER B 324 -8.20 5.13 -10.92
N LYS B 325 -7.49 5.73 -11.86
CA LYS B 325 -6.83 7.01 -11.62
C LYS B 325 -7.74 8.21 -11.85
N PHE B 326 -8.91 8.03 -12.46
CA PHE B 326 -9.82 9.15 -12.69
C PHE B 326 -11.15 8.96 -11.95
N ALA B 327 -11.81 7.82 -12.19
CA ALA B 327 -13.15 7.61 -11.66
C ALA B 327 -13.11 6.79 -10.37
N SER B 328 -13.79 7.31 -9.34
CA SER B 328 -13.86 6.59 -8.08
C SER B 328 -14.71 5.33 -8.17
N ASN B 329 -15.76 5.35 -8.97
CA ASN B 329 -16.65 4.20 -9.07
C ASN B 329 -17.41 4.28 -10.39
N TYR B 330 -18.44 3.43 -10.52
CA TYR B 330 -19.25 3.33 -11.73
C TYR B 330 -20.38 4.34 -11.76
N ASP B 331 -20.98 4.62 -10.60
CA ASP B 331 -22.14 5.49 -10.54
C ASP B 331 -21.81 6.90 -10.98
N GLU B 332 -20.64 7.41 -10.61
CA GLU B 332 -20.25 8.76 -11.05
C GLU B 332 -20.14 8.81 -12.56
N SER B 333 -19.56 7.79 -13.18
CA SER B 333 -19.48 7.75 -14.64
C SER B 333 -20.87 7.71 -15.26
N ARG B 334 -21.77 6.89 -14.72
CA ARG B 334 -23.12 6.82 -15.26
C ARG B 334 -23.82 8.17 -15.17
N LYS B 335 -23.69 8.85 -14.02
CA LYS B 335 -24.32 10.15 -13.85
C LYS B 335 -23.72 11.19 -14.80
N ALA B 336 -22.39 11.19 -14.93
CA ALA B 336 -21.72 12.19 -15.74
C ALA B 336 -22.04 12.01 -17.21
N PHE B 337 -22.04 10.77 -17.70
CA PHE B 337 -22.39 10.53 -19.10
C PHE B 337 -23.74 11.18 -19.42
N PHE B 338 -24.76 10.86 -18.63
CA PHE B 338 -26.06 11.47 -18.82
C PHE B 338 -25.96 12.99 -18.81
N GLU B 339 -25.59 13.55 -17.66
CA GLU B 339 -25.68 15.00 -17.48
C GLU B 339 -24.87 15.78 -18.50
N ASP B 340 -23.78 15.21 -19.01
CA ASP B 340 -22.85 15.96 -19.85
C ASP B 340 -23.01 15.70 -21.33
N THR B 341 -23.62 14.58 -21.74
CA THR B 341 -23.81 14.28 -23.15
C THR B 341 -25.29 14.22 -23.52
N ILE B 342 -26.08 13.47 -22.77
CA ILE B 342 -27.46 13.21 -23.21
C ILE B 342 -28.30 14.47 -23.09
N GLU B 343 -28.20 15.17 -21.95
CA GLU B 343 -29.03 16.35 -21.73
C GLU B 343 -28.74 17.46 -22.72
N PRO B 344 -27.48 17.89 -22.91
CA PRO B 344 -27.23 19.03 -23.81
C PRO B 344 -27.09 18.65 -25.27
N GLY B 345 -27.08 17.36 -25.60
CA GLY B 345 -26.78 16.94 -26.96
C GLY B 345 -27.94 16.31 -27.70
N TYR B 346 -28.82 15.62 -26.99
CA TYR B 346 -29.87 14.84 -27.64
C TYR B 346 -31.27 15.18 -27.16
N LEU B 347 -31.45 15.45 -25.86
CA LEU B 347 -32.77 15.81 -25.36
C LEU B 347 -33.17 17.21 -25.81
N THR B 348 -32.25 18.16 -25.68
CA THR B 348 -32.57 19.56 -25.97
C THR B 348 -32.96 19.78 -27.42
N PRO B 349 -32.24 19.26 -28.41
CA PRO B 349 -32.67 19.50 -29.81
C PRO B 349 -34.06 18.96 -30.10
N MET B 350 -34.34 17.70 -29.75
CA MET B 350 -35.66 17.15 -30.01
C MET B 350 -36.74 17.95 -29.29
N GLU B 351 -36.49 18.26 -28.02
CA GLU B 351 -37.46 19.03 -27.24
C GLU B 351 -37.76 20.37 -27.91
N ASP B 352 -36.72 21.12 -28.25
CA ASP B 352 -36.93 22.44 -28.84
C ASP B 352 -37.62 22.34 -30.18
N GLY B 353 -37.23 21.38 -31.02
CA GLY B 353 -37.85 21.23 -32.32
C GLY B 353 -39.32 20.90 -32.24
N PHE B 354 -39.67 19.93 -31.39
CA PHE B 354 -41.08 19.58 -31.22
C PHE B 354 -41.86 20.75 -30.65
N SER B 355 -41.30 21.47 -29.66
CA SER B 355 -41.99 22.62 -29.11
C SER B 355 -42.23 23.69 -30.18
N MET B 356 -41.24 23.92 -31.04
CA MET B 356 -41.38 24.95 -32.06
C MET B 356 -42.39 24.57 -33.13
N PHE B 357 -42.41 23.29 -33.55
CA PHE B 357 -43.16 22.90 -34.73
C PHE B 357 -44.46 22.15 -34.45
N LEU B 358 -44.79 21.85 -33.20
CA LEU B 358 -46.06 21.20 -32.88
C LEU B 358 -46.94 22.01 -31.94
N CYS B 359 -46.38 22.52 -30.85
CA CYS B 359 -47.17 23.21 -29.85
C CYS B 359 -47.27 24.70 -30.16
N ALA B 360 -48.44 25.27 -29.86
CA ALA B 360 -48.64 26.69 -30.04
C ALA B 360 -47.89 27.46 -28.95
N PRO B 361 -47.63 28.75 -29.17
CA PRO B 361 -46.92 29.53 -28.14
C PRO B 361 -47.65 29.49 -26.82
N GLY B 362 -46.88 29.47 -25.73
CA GLY B 362 -47.43 29.32 -24.40
C GLY B 362 -47.42 27.89 -23.88
N SER B 363 -47.19 26.91 -24.74
CA SER B 363 -47.07 25.51 -24.35
C SER B 363 -45.74 24.97 -24.83
N ARG B 364 -45.38 23.79 -24.34
CA ARG B 364 -44.09 23.20 -24.67
C ARG B 364 -44.15 21.69 -24.49
N VAL B 365 -43.16 21.02 -25.06
CA VAL B 365 -42.93 19.60 -24.83
C VAL B 365 -41.71 19.50 -23.92
N ILE B 366 -41.87 18.84 -22.78
CA ILE B 366 -40.85 18.83 -21.73
C ILE B 366 -40.43 17.40 -21.45
N PHE B 367 -39.13 17.17 -21.39
CA PHE B 367 -38.57 15.89 -20.94
C PHE B 367 -38.53 15.86 -19.42
N ASP B 368 -38.63 14.66 -18.87
CA ASP B 368 -38.59 14.47 -17.41
C ASP B 368 -37.20 13.96 -17.05
N ARG B 369 -36.37 14.84 -16.50
CA ARG B 369 -34.97 14.48 -16.23
C ARG B 369 -34.80 13.85 -14.86
N ASP B 370 -35.44 14.42 -13.84
CA ASP B 370 -35.15 14.01 -12.46
C ASP B 370 -35.60 12.59 -12.14
N SER B 371 -36.47 12.01 -12.97
CA SER B 371 -36.99 10.67 -12.69
C SER B 371 -36.11 9.55 -13.22
N ILE B 372 -34.98 9.87 -13.83
CA ILE B 372 -34.12 8.81 -14.38
C ILE B 372 -33.54 7.99 -13.23
N PRO B 373 -33.39 6.68 -13.36
CA PRO B 373 -32.87 5.89 -12.23
C PRO B 373 -31.49 6.32 -11.76
N ALA B 374 -30.63 6.77 -12.68
CA ALA B 374 -29.24 7.08 -12.33
C ALA B 374 -29.12 8.24 -11.35
N LEU B 375 -30.15 9.08 -11.23
CA LEU B 375 -30.07 10.29 -10.42
C LEU B 375 -30.88 10.23 -9.13
N LYS B 376 -31.45 9.08 -8.79
CA LYS B 376 -32.31 9.00 -7.61
C LYS B 376 -31.51 9.22 -6.33
N LYS B 377 -30.38 8.53 -6.19
CA LYS B 377 -29.62 8.59 -4.94
C LYS B 377 -29.12 10.00 -4.67
N SER B 378 -28.48 10.61 -5.68
CA SER B 378 -27.97 11.97 -5.51
C SER B 378 -29.11 12.97 -5.29
N ARG B 379 -30.24 12.77 -5.98
CA ARG B 379 -31.37 13.66 -5.78
C ARG B 379 -31.85 13.61 -4.33
N ALA B 380 -32.00 12.40 -3.78
CA ALA B 380 -32.43 12.28 -2.40
C ALA B 380 -31.41 12.88 -1.44
N ASP B 381 -30.12 12.63 -1.69
CA ASP B 381 -29.08 13.16 -0.81
C ASP B 381 -29.10 14.68 -0.80
N ILE B 382 -29.25 15.29 -1.98
CA ILE B 382 -29.28 16.75 -2.05
C ILE B 382 -30.55 17.30 -1.41
N ALA B 383 -31.68 16.61 -1.61
CA ALA B 383 -32.93 17.06 -1.01
C ALA B 383 -32.83 17.05 0.51
N ALA B 384 -32.20 16.03 1.08
CA ALA B 384 -32.07 15.94 2.52
C ALA B 384 -31.21 17.05 3.11
N VAL B 385 -30.45 17.78 2.28
CA VAL B 385 -29.57 18.83 2.76
C VAL B 385 -30.31 20.16 2.87
N TYR B 386 -31.12 20.50 1.87
CA TYR B 386 -31.88 21.75 1.93
C TYR B 386 -32.90 21.74 3.06
N GLU B 387 -33.20 20.57 3.63
CA GLU B 387 -34.13 20.51 4.74
C GLU B 387 -33.66 21.32 5.94
N LYS B 388 -32.36 21.61 6.03
CA LYS B 388 -31.82 22.33 7.17
C LYS B 388 -31.75 23.83 6.93
N VAL B 389 -31.59 24.27 5.68
CA VAL B 389 -31.53 25.70 5.38
C VAL B 389 -32.87 26.34 5.70
N THR B 390 -32.83 27.52 6.33
CA THR B 390 -34.03 28.22 6.74
C THR B 390 -34.19 29.60 6.12
N PHE B 391 -33.16 30.14 5.45
CA PHE B 391 -33.31 31.43 4.80
C PHE B 391 -33.86 31.31 3.39
N ILE B 392 -34.50 30.18 3.08
CA ILE B 392 -35.11 29.94 1.78
C ILE B 392 -36.54 29.46 2.01
N ASP B 393 -37.45 29.90 1.14
CA ASP B 393 -38.85 29.51 1.28
C ASP B 393 -39.04 28.07 0.84
N GLU B 394 -40.19 27.50 1.25
CA GLU B 394 -40.51 26.14 0.86
C GLU B 394 -40.67 26.02 -0.65
N ASN B 395 -41.31 27.00 -1.29
CA ASN B 395 -41.48 26.96 -2.73
C ASN B 395 -40.13 26.95 -3.44
N GLU B 396 -39.19 27.78 -2.98
CA GLU B 396 -37.87 27.80 -3.61
C GLU B 396 -37.15 26.47 -3.41
N LYS B 397 -37.29 25.86 -2.24
CA LYS B 397 -36.71 24.54 -2.01
C LYS B 397 -37.29 23.53 -2.99
N ARG B 398 -38.60 23.58 -3.21
CA ARG B 398 -39.22 22.67 -4.17
C ARG B 398 -38.70 22.93 -5.57
N GLU B 399 -38.58 24.20 -5.96
CA GLU B 399 -38.13 24.53 -7.31
C GLU B 399 -36.70 24.07 -7.57
N VAL B 400 -35.81 24.26 -6.59
CA VAL B 400 -34.40 23.93 -6.81
C VAL B 400 -34.17 22.43 -6.87
N THR B 401 -35.08 21.62 -6.33
CA THR B 401 -34.96 20.17 -6.36
C THR B 401 -35.80 19.53 -7.46
N GLY B 402 -36.43 20.33 -8.30
CA GLY B 402 -37.17 19.81 -9.44
C GLY B 402 -38.64 19.55 -9.21
N TRP B 403 -39.17 19.89 -8.03
CA TRP B 403 -40.58 19.65 -7.79
C TRP B 403 -41.44 20.84 -8.21
N PRO B 404 -42.68 20.62 -8.62
CA PRO B 404 -43.53 21.72 -9.05
C PRO B 404 -44.00 22.57 -7.87
N LYS B 405 -44.40 23.80 -8.20
CA LYS B 405 -44.92 24.70 -7.19
C LYS B 405 -46.29 24.25 -6.69
N LYS B 406 -46.55 24.51 -5.42
CA LYS B 406 -47.84 24.17 -4.82
C LYS B 406 -48.93 25.12 -5.33
N PRO C 17 10.67 70.45 -8.67
CA PRO C 17 11.69 70.75 -7.66
C PRO C 17 12.99 69.98 -7.86
N SER C 18 14.06 70.43 -7.22
CA SER C 18 15.36 69.79 -7.38
C SER C 18 15.57 68.62 -6.45
N ALA C 19 14.65 68.40 -5.50
CA ALA C 19 14.85 67.37 -4.50
C ALA C 19 14.89 65.95 -5.09
N ASN C 20 14.33 65.76 -6.27
CA ASN C 20 14.22 64.41 -6.83
C ASN C 20 15.59 63.84 -7.12
N PRO C 21 15.97 62.70 -6.53
CA PRO C 21 17.26 62.09 -6.89
C PRO C 21 17.34 61.60 -8.32
N ALA C 22 16.20 61.44 -9.00
CA ALA C 22 16.20 60.86 -10.34
C ALA C 22 16.97 61.69 -11.36
N LYS C 23 17.25 62.96 -11.05
CA LYS C 23 17.98 63.79 -12.01
C LYS C 23 19.37 63.25 -12.30
N ILE C 24 19.90 62.39 -11.43
CA ILE C 24 21.23 61.82 -11.66
C ILE C 24 21.26 61.04 -12.97
N PHE C 25 20.13 60.50 -13.39
CA PHE C 25 20.09 59.63 -14.56
C PHE C 25 19.78 60.37 -15.85
N ILE C 26 18.84 61.32 -15.82
CA ILE C 26 18.30 61.87 -17.05
C ILE C 26 19.24 62.94 -17.61
N ARG C 27 20.41 63.08 -16.98
CA ARG C 27 21.53 63.73 -17.64
C ARG C 27 22.32 62.77 -18.53
N ARG C 28 22.23 61.46 -18.28
CA ARG C 28 23.09 60.47 -18.92
C ARG C 28 22.31 59.54 -19.83
N LEU C 29 21.30 58.87 -19.28
CA LEU C 29 20.55 57.87 -20.04
C LEU C 29 19.73 58.52 -21.13
N PHE C 30 18.96 59.56 -20.81
CA PHE C 30 18.06 60.15 -21.79
C PHE C 30 18.20 61.66 -21.75
N ASN C 31 18.22 62.28 -22.93
CA ASN C 31 18.40 63.72 -23.02
C ASN C 31 17.08 64.44 -22.80
N SER C 32 17.19 65.74 -22.53
CA SER C 32 16.00 66.56 -22.30
C SER C 32 15.38 66.98 -23.63
N GLY C 33 14.07 66.83 -23.74
CA GLY C 33 13.35 67.31 -24.91
C GLY C 33 13.36 66.37 -26.09
N ILE C 34 13.76 65.12 -25.92
CA ILE C 34 13.80 64.14 -27.00
C ILE C 34 12.88 62.99 -26.64
N ALA C 35 11.92 62.70 -27.52
CA ALA C 35 11.03 61.56 -27.32
C ALA C 35 11.82 60.27 -27.49
N LYS C 36 11.46 59.25 -26.71
CA LYS C 36 12.24 58.03 -26.67
C LYS C 36 11.35 56.83 -26.36
N SER C 37 11.76 55.67 -26.90
CA SER C 37 10.94 54.47 -26.81
C SER C 37 10.84 53.96 -25.38
N VAL C 38 9.64 53.48 -25.02
CA VAL C 38 9.43 52.92 -23.69
C VAL C 38 10.12 51.57 -23.56
N VAL C 39 10.07 50.73 -24.60
CA VAL C 39 10.64 49.39 -24.57
C VAL C 39 11.51 49.20 -25.82
N SER C 40 12.53 48.36 -25.68
CA SER C 40 13.43 48.09 -26.79
C SER C 40 12.77 47.21 -27.84
N TYR C 41 13.36 47.21 -29.03
CA TYR C 41 12.79 46.45 -30.15
C TYR C 41 12.82 44.96 -29.87
N SER C 42 13.91 44.46 -29.28
CA SER C 42 14.01 43.03 -29.01
C SER C 42 12.89 42.56 -28.09
N ASN C 43 12.54 43.37 -27.09
CA ASN C 43 11.42 43.01 -26.22
C ASN C 43 10.11 42.92 -27.01
N VAL C 44 9.90 43.86 -27.94
CA VAL C 44 8.68 43.83 -28.74
C VAL C 44 8.63 42.57 -29.60
N MET C 45 9.76 42.22 -30.22
CA MET C 45 9.81 41.00 -31.01
C MET C 45 9.54 39.77 -30.15
N ALA C 46 10.14 39.73 -28.95
CA ALA C 46 9.90 38.60 -28.05
C ALA C 46 8.43 38.49 -27.69
N ALA C 47 7.78 39.63 -27.42
CA ALA C 47 6.36 39.60 -27.11
C ALA C 47 5.54 39.12 -28.30
N ALA C 48 5.92 39.54 -29.52
CA ALA C 48 5.13 39.19 -30.69
C ALA C 48 5.15 37.69 -30.95
N ARG C 49 6.31 37.05 -30.80
CA ARG C 49 6.40 35.61 -31.05
C ARG C 49 5.85 34.79 -29.90
N ALA C 50 5.73 35.40 -28.71
CA ALA C 50 5.22 34.66 -27.56
C ALA C 50 3.78 34.20 -27.78
N MET C 51 2.95 35.05 -28.39
CA MET C 51 1.55 34.74 -28.56
C MET C 51 1.29 33.60 -29.54
N GLU C 52 2.31 33.18 -30.29
CA GLU C 52 2.18 32.07 -31.22
C GLU C 52 2.94 30.83 -30.75
N HIS C 53 3.31 30.76 -29.47
CA HIS C 53 4.06 29.64 -28.94
C HIS C 53 3.13 28.71 -28.19
N PRO C 54 3.22 27.39 -28.39
CA PRO C 54 2.24 26.48 -27.77
C PRO C 54 2.31 26.44 -26.25
N VAL C 55 3.27 27.11 -25.62
CA VAL C 55 3.42 27.11 -24.17
C VAL C 55 3.20 28.49 -23.58
N VAL C 56 3.88 29.50 -24.12
CA VAL C 56 3.79 30.85 -23.55
C VAL C 56 2.40 31.44 -23.76
N PHE C 57 1.78 31.16 -24.90
CA PHE C 57 0.44 31.68 -25.15
C PHE C 57 -0.56 31.17 -24.11
N ARG C 58 -0.44 29.90 -23.74
CA ARG C 58 -1.34 29.35 -22.73
C ARG C 58 -1.18 30.06 -21.40
N CYS C 59 0.06 30.32 -20.98
CA CYS C 59 0.28 31.03 -19.72
C CYS C 59 -0.30 32.44 -19.78
N LEU C 60 -0.04 33.16 -20.88
CA LEU C 60 -0.55 34.52 -20.99
C LEU C 60 -2.07 34.54 -20.97
N ASP C 61 -2.71 33.62 -21.69
CA ASP C 61 -4.16 33.55 -21.70
C ASP C 61 -4.71 33.19 -20.32
N LYS C 62 -4.06 32.26 -19.63
CA LYS C 62 -4.49 31.90 -18.28
C LYS C 62 -4.47 33.11 -17.36
N LEU C 63 -3.35 33.84 -17.35
CA LEU C 63 -3.26 35.02 -16.49
C LEU C 63 -4.31 36.06 -16.88
N GLY C 64 -4.47 36.30 -18.18
CA GLY C 64 -5.44 37.30 -18.62
C GLY C 64 -6.85 36.95 -18.18
N LEU C 65 -7.27 35.71 -18.41
CA LEU C 65 -8.61 35.30 -18.02
C LEU C 65 -8.80 35.37 -16.51
N THR C 66 -7.81 34.90 -15.74
CA THR C 66 -7.95 34.89 -14.30
C THR C 66 -8.09 36.32 -13.75
N VAL C 67 -7.27 37.25 -14.27
CA VAL C 67 -7.41 38.63 -13.82
C VAL C 67 -8.70 39.24 -14.34
N GLN C 68 -9.20 38.77 -15.48
CA GLN C 68 -10.44 39.30 -16.04
C GLN C 68 -11.64 38.92 -15.19
N SER C 69 -11.62 37.72 -14.60
CA SER C 69 -12.78 37.24 -13.87
C SER C 69 -13.12 38.10 -12.65
N VAL C 70 -12.20 38.94 -12.20
CA VAL C 70 -12.41 39.72 -10.98
C VAL C 70 -12.97 41.08 -11.34
N LYS C 71 -13.83 41.61 -10.47
CA LYS C 71 -14.47 42.91 -10.66
C LYS C 71 -13.81 43.96 -9.77
N TRP C 72 -14.25 45.21 -9.92
CA TRP C 72 -13.95 46.25 -8.95
C TRP C 72 -15.13 47.20 -8.86
N TYR C 73 -15.01 48.15 -7.94
CA TYR C 73 -16.00 49.20 -7.74
C TYR C 73 -15.28 50.40 -7.13
N VAL C 74 -15.96 51.55 -7.14
CA VAL C 74 -15.42 52.77 -6.58
C VAL C 74 -15.91 52.87 -5.14
N GLY C 75 -14.99 52.75 -4.19
CA GLY C 75 -15.32 52.78 -2.78
C GLY C 75 -14.67 53.95 -2.07
N ALA C 76 -14.86 53.98 -0.75
CA ALA C 76 -14.28 55.02 0.08
C ALA C 76 -12.93 54.59 0.62
N ASP C 77 -12.05 55.57 0.84
CA ASP C 77 -10.72 55.28 1.37
C ASP C 77 -10.81 55.05 2.89
N PRO C 78 -10.35 53.89 3.39
CA PRO C 78 -10.46 53.64 4.82
C PRO C 78 -9.43 54.37 5.67
N ASP C 79 -8.34 54.85 5.08
CA ASP C 79 -7.25 55.44 5.84
C ASP C 79 -7.29 56.97 5.89
N ILE C 80 -7.70 57.63 4.81
CA ILE C 80 -7.76 59.08 4.75
C ILE C 80 -9.18 59.48 4.36
N SER C 81 -9.68 60.55 5.00
CA SER C 81 -11.06 60.95 4.82
C SER C 81 -11.13 62.48 4.83
N GLY C 82 -12.28 63.00 4.36
CA GLY C 82 -12.56 64.40 4.34
C GLY C 82 -12.68 65.00 2.95
N THR C 83 -11.79 64.60 2.03
CA THR C 83 -11.82 65.12 0.67
C THR C 83 -12.49 64.17 -0.32
N GLY C 84 -13.16 63.13 0.16
CA GLY C 84 -13.73 62.14 -0.72
C GLY C 84 -14.79 62.71 -1.64
N MET C 85 -14.92 62.08 -2.80
CA MET C 85 -15.91 62.49 -3.78
C MET C 85 -17.31 62.19 -3.27
N SER C 86 -18.28 63.01 -3.69
CA SER C 86 -19.66 62.78 -3.30
C SER C 86 -20.17 61.49 -3.94
N ALA C 87 -21.30 61.00 -3.43
CA ALA C 87 -21.87 59.76 -3.93
C ALA C 87 -22.19 59.86 -5.42
N LYS C 88 -22.70 61.01 -5.85
CA LYS C 88 -23.02 61.18 -7.27
C LYS C 88 -21.79 61.03 -8.14
N GLU C 89 -20.68 61.64 -7.73
CA GLU C 89 -19.45 61.52 -8.51
C GLU C 89 -18.92 60.10 -8.52
N ARG C 90 -19.01 59.40 -7.38
CA ARG C 90 -18.59 58.00 -7.34
C ARG C 90 -19.41 57.16 -8.30
N LYS C 91 -20.73 57.35 -8.30
CA LYS C 91 -21.58 56.61 -9.23
C LYS C 91 -21.31 57.00 -10.69
N ALA C 92 -20.98 58.26 -10.96
CA ALA C 92 -20.65 58.67 -12.32
C ALA C 92 -19.37 58.00 -12.80
N LEU C 93 -18.35 57.94 -11.95
CA LEU C 93 -17.12 57.25 -12.32
C LEU C 93 -17.36 55.75 -12.45
N GLN C 94 -18.32 55.23 -11.68
CA GLN C 94 -18.67 53.82 -11.79
C GLN C 94 -19.08 53.45 -13.21
N GLN C 95 -19.89 54.31 -13.85
CA GLN C 95 -20.34 54.03 -15.20
C GLN C 95 -19.17 53.94 -16.17
N VAL C 96 -18.22 54.88 -16.08
CA VAL C 96 -17.05 54.83 -16.95
C VAL C 96 -16.24 53.57 -16.69
N LEU C 97 -16.16 53.16 -15.42
CA LEU C 97 -15.37 51.99 -15.08
C LEU C 97 -15.96 50.69 -15.62
N ASN C 98 -17.22 50.69 -16.07
CA ASN C 98 -17.85 49.51 -16.63
C ASN C 98 -17.96 49.55 -18.15
N ARG C 99 -18.11 50.75 -18.74
CA ARG C 99 -18.14 50.92 -20.19
C ARG C 99 -17.13 52.01 -20.54
N PRO C 100 -15.83 51.65 -20.60
CA PRO C 100 -14.82 52.68 -20.86
C PRO C 100 -15.05 53.47 -22.13
N ASN C 101 -15.53 52.83 -23.19
CA ASN C 101 -15.83 53.53 -24.43
C ASN C 101 -16.75 52.64 -25.27
N SER C 102 -16.94 53.03 -26.53
CA SER C 102 -17.92 52.38 -27.40
C SER C 102 -17.46 51.01 -27.90
N ALA C 103 -16.21 50.63 -27.65
CA ALA C 103 -15.66 49.41 -28.23
C ALA C 103 -15.33 48.33 -27.20
N MET C 104 -15.36 48.63 -25.91
CA MET C 104 -14.92 47.69 -24.88
C MET C 104 -15.83 47.74 -23.66
N SER C 105 -15.88 46.63 -22.94
CA SER C 105 -16.36 46.60 -21.58
C SER C 105 -15.18 46.52 -20.62
N GLY C 106 -15.48 46.44 -19.32
CA GLY C 106 -14.42 46.36 -18.33
C GLY C 106 -13.54 45.14 -18.47
N ALA C 107 -14.14 43.99 -18.80
CA ALA C 107 -13.39 42.75 -18.89
C ALA C 107 -12.29 42.84 -19.95
N GLN C 108 -12.61 43.40 -21.11
CA GLN C 108 -11.61 43.52 -22.17
C GLN C 108 -10.49 44.48 -21.77
N LEU C 109 -10.82 45.57 -21.08
CA LEU C 109 -9.78 46.46 -20.59
C LEU C 109 -8.86 45.74 -19.63
N ARG C 110 -9.43 44.95 -18.71
CA ARG C 110 -8.60 44.16 -17.80
C ARG C 110 -7.71 43.19 -18.55
N TYR C 111 -8.25 42.52 -19.57
CA TYR C 111 -7.48 41.54 -20.32
C TYR C 111 -6.30 42.20 -21.03
N ALA C 112 -6.57 43.32 -21.70
CA ALA C 112 -5.48 44.02 -22.40
C ALA C 112 -4.43 44.51 -21.42
N ALA C 113 -4.86 45.08 -20.28
CA ALA C 113 -3.90 45.56 -19.30
C ALA C 113 -3.06 44.43 -18.74
N THR C 114 -3.67 43.28 -18.47
CA THR C 114 -2.92 42.14 -17.96
C THR C 114 -1.90 41.66 -18.98
N LEU C 115 -2.29 41.57 -20.26
CA LEU C 115 -1.33 41.14 -21.27
C LEU C 115 -0.17 42.13 -21.37
N SER C 116 -0.46 43.43 -21.35
CA SER C 116 0.61 44.43 -21.41
C SER C 116 1.54 44.29 -20.21
N TRP C 117 0.98 44.14 -19.02
CA TRP C 117 1.79 44.01 -17.81
C TRP C 117 2.67 42.76 -17.88
N ALA C 118 2.13 41.65 -18.37
CA ALA C 118 2.90 40.42 -18.43
C ALA C 118 4.02 40.52 -19.45
N CYS C 119 3.72 41.03 -20.64
CA CYS C 119 4.71 41.03 -21.71
C CYS C 119 5.78 42.08 -21.51
N PHE C 120 5.41 43.31 -21.12
CA PHE C 120 6.34 44.41 -21.05
C PHE C 120 6.64 44.91 -19.64
N GLY C 121 5.80 44.56 -18.66
CA GLY C 121 6.03 45.04 -17.32
C GLY C 121 5.59 46.47 -17.09
N ARG C 122 4.76 47.02 -17.97
CA ARG C 122 4.28 48.38 -17.82
C ARG C 122 3.05 48.55 -18.70
N MET C 123 2.11 49.37 -18.23
CA MET C 123 0.85 49.60 -18.93
C MET C 123 0.49 51.06 -18.85
N ALA C 124 -0.19 51.55 -19.88
CA ALA C 124 -0.55 52.95 -19.99
C ALA C 124 -1.96 53.08 -20.54
N PHE C 125 -2.59 54.21 -20.26
CA PHE C 125 -3.95 54.49 -20.73
C PHE C 125 -4.09 55.98 -21.03
N LYS C 126 -5.09 56.31 -21.84
CA LYS C 126 -5.48 57.68 -22.10
C LYS C 126 -6.85 57.93 -21.49
N VAL C 127 -7.02 59.11 -20.89
CA VAL C 127 -8.24 59.48 -20.19
C VAL C 127 -8.80 60.74 -20.82
N SER C 128 -10.10 60.72 -21.12
CA SER C 128 -10.81 61.88 -21.65
C SER C 128 -11.66 62.48 -20.55
N VAL C 129 -11.54 63.79 -20.35
CA VAL C 129 -12.20 64.48 -19.25
C VAL C 129 -12.96 65.68 -19.80
N MET C 130 -14.11 65.96 -19.19
CA MET C 130 -14.93 67.09 -19.60
C MET C 130 -14.45 68.38 -18.94
N GLY C 131 -15.22 69.45 -19.14
CA GLY C 131 -14.83 70.76 -18.64
C GLY C 131 -14.72 70.85 -17.14
N ASP C 132 -15.61 70.16 -16.41
CA ASP C 132 -15.64 70.25 -14.95
C ASP C 132 -14.76 69.21 -14.27
N GLY C 133 -14.03 68.40 -15.03
CA GLY C 133 -13.08 67.47 -14.46
C GLY C 133 -13.55 66.03 -14.37
N SER C 134 -14.84 65.76 -14.58
CA SER C 134 -15.33 64.38 -14.51
C SER C 134 -14.90 63.61 -15.76
N VAL C 135 -14.58 62.33 -15.56
CA VAL C 135 -14.11 61.48 -16.64
C VAL C 135 -15.30 60.97 -17.44
N ASN C 136 -15.07 60.70 -18.73
CA ASN C 136 -16.09 60.16 -19.60
C ASN C 136 -15.63 59.01 -20.49
N ALA C 137 -14.33 58.77 -20.62
CA ALA C 137 -13.85 57.67 -21.44
C ALA C 137 -12.43 57.31 -21.03
N ILE C 138 -12.02 56.10 -21.39
CA ILE C 138 -10.68 55.59 -21.14
C ILE C 138 -10.23 54.79 -22.36
N TRP C 139 -8.96 54.95 -22.74
CA TRP C 139 -8.40 54.25 -23.89
C TRP C 139 -7.05 53.66 -23.52
N PRO C 140 -6.76 52.42 -23.90
CA PRO C 140 -5.43 51.87 -23.66
C PRO C 140 -4.47 52.18 -24.81
N LEU C 141 -3.20 52.34 -24.47
CA LEU C 141 -2.17 52.65 -25.44
C LEU C 141 -1.26 51.45 -25.65
N GLY C 142 -0.93 51.18 -26.90
CA GLY C 142 0.00 50.11 -27.22
C GLY C 142 1.40 50.46 -26.79
N ILE C 143 1.94 49.69 -25.86
CA ILE C 143 3.27 49.96 -25.28
C ILE C 143 4.31 50.05 -26.40
N PRO C 144 4.28 49.17 -27.41
CA PRO C 144 5.30 49.25 -28.46
C PRO C 144 5.33 50.58 -29.19
N PHE C 145 4.19 51.26 -29.32
CA PHE C 145 4.09 52.49 -30.10
C PHE C 145 4.14 53.75 -29.25
N LEU C 146 4.57 53.66 -27.99
CA LEU C 146 4.53 54.77 -27.06
C LEU C 146 5.94 55.33 -26.85
N LYS C 147 6.04 56.66 -26.79
CA LYS C 147 7.28 57.35 -26.49
C LYS C 147 6.99 58.46 -25.50
N GLN C 148 8.00 58.80 -24.69
CA GLN C 148 7.83 59.76 -23.61
C GLN C 148 9.00 60.73 -23.57
N GLU C 149 8.76 61.90 -22.99
CA GLU C 149 9.75 62.96 -22.87
C GLU C 149 9.84 63.42 -21.42
N PHE C 150 11.00 63.95 -21.06
CA PHE C 150 11.27 64.40 -19.70
C PHE C 150 11.78 65.83 -19.70
N ASN C 151 11.59 66.52 -18.58
CA ASN C 151 12.27 67.78 -18.33
C ASN C 151 13.63 67.52 -17.68
N LYS C 152 14.28 68.59 -17.23
CA LYS C 152 15.61 68.44 -16.65
C LYS C 152 15.58 67.89 -15.23
N TYR C 153 14.45 67.97 -14.53
CA TYR C 153 14.31 67.37 -13.21
C TYR C 153 13.87 65.91 -13.26
N GLY C 154 13.34 65.46 -14.39
CA GLY C 154 13.05 64.06 -14.59
C GLY C 154 11.58 63.67 -14.58
N GLU C 155 10.68 64.62 -14.39
CA GLU C 155 9.25 64.31 -14.45
C GLU C 155 8.80 64.25 -15.89
N VAL C 156 7.95 63.28 -16.20
CA VAL C 156 7.46 63.10 -17.56
C VAL C 156 6.54 64.25 -17.90
N THR C 157 6.75 64.87 -19.06
CA THR C 157 6.00 66.06 -19.45
C THR C 157 5.04 65.78 -20.59
N THR C 158 5.40 64.89 -21.51
CA THR C 158 4.59 64.64 -22.70
C THR C 158 4.74 63.18 -23.13
N PHE C 159 3.65 62.60 -23.62
CA PHE C 159 3.65 61.27 -24.20
C PHE C 159 3.45 61.38 -25.71
N GLN C 160 4.36 60.76 -26.46
CA GLN C 160 4.28 60.75 -27.93
C GLN C 160 3.80 59.39 -28.38
N TYR C 161 2.70 59.37 -29.13
CA TYR C 161 2.06 58.15 -29.57
C TYR C 161 1.92 58.15 -31.09
N GLY C 162 2.45 57.10 -31.72
CA GLY C 162 2.29 56.93 -33.16
C GLY C 162 3.60 57.00 -33.91
N ASP C 163 3.47 57.08 -35.23
CA ASP C 163 4.59 57.06 -36.16
C ASP C 163 4.97 58.49 -36.55
N GLU C 164 5.85 58.63 -37.54
CA GLU C 164 6.36 59.95 -37.91
C GLU C 164 5.25 60.84 -38.45
N GLY C 165 4.40 60.32 -39.34
CA GLY C 165 3.40 61.15 -40.00
C GLY C 165 2.08 61.20 -39.27
N ASN C 166 1.50 60.03 -38.99
CA ASN C 166 0.25 59.95 -38.24
C ASN C 166 0.60 59.87 -36.76
N ARG C 167 0.88 61.03 -36.18
CA ARG C 167 1.41 61.13 -34.83
C ARG C 167 0.40 61.82 -33.93
N GLU C 168 0.38 61.39 -32.68
CA GLU C 168 -0.47 61.97 -31.65
C GLU C 168 0.37 62.37 -30.46
N SER C 169 0.07 63.54 -29.88
CA SER C 169 0.77 64.04 -28.72
C SER C 169 -0.21 64.21 -27.57
N ILE C 170 0.20 63.80 -26.38
CA ILE C 170 -0.65 63.83 -25.20
C ILE C 170 0.13 64.43 -24.04
N LYS C 171 -0.55 65.23 -23.23
CA LYS C 171 0.08 65.80 -22.04
C LYS C 171 -0.09 64.86 -20.85
N SER C 172 0.98 64.71 -20.07
CA SER C 172 0.95 63.83 -18.93
C SER C 172 0.08 64.41 -17.82
N PHE C 173 -0.29 63.55 -16.88
CA PHE C 173 -1.13 63.99 -15.75
C PHE C 173 -0.49 65.14 -14.99
N TYR C 174 0.84 65.17 -14.93
CA TYR C 174 1.52 66.19 -14.13
C TYR C 174 1.40 67.57 -14.77
N SER C 175 1.64 67.66 -16.08
CA SER C 175 1.70 68.94 -16.77
C SER C 175 0.34 69.44 -17.25
N ALA C 176 -0.71 68.65 -17.11
CA ALA C 176 -2.02 69.08 -17.55
C ALA C 176 -2.58 70.17 -16.62
N ALA C 177 -3.28 71.13 -17.21
CA ALA C 177 -3.92 72.18 -16.42
C ALA C 177 -4.96 71.57 -15.49
N LYS C 178 -5.05 72.12 -14.29
CA LYS C 178 -5.89 71.58 -13.23
C LYS C 178 -6.79 72.66 -12.66
N ASN C 179 -7.92 72.23 -12.11
CA ASN C 179 -8.84 73.13 -11.44
C ASN C 179 -8.39 73.37 -10.00
N GLU C 180 -9.26 73.99 -9.21
CA GLU C 180 -8.91 74.31 -7.83
C GLU C 180 -8.74 73.06 -6.97
N LYS C 181 -9.43 71.96 -7.31
CA LYS C 181 -9.34 70.73 -6.53
C LYS C 181 -8.18 69.85 -6.98
N GLY C 182 -7.42 70.27 -7.99
CA GLY C 182 -6.30 69.48 -8.46
C GLY C 182 -6.62 68.47 -9.53
N ARG C 183 -7.88 68.33 -9.91
CA ARG C 183 -8.20 67.36 -10.96
C ARG C 183 -7.93 67.96 -12.34
N PRO C 184 -7.47 67.17 -13.31
CA PRO C 184 -7.24 67.72 -14.65
C PRO C 184 -8.54 68.15 -15.31
N ILE C 185 -8.42 69.13 -16.21
CA ILE C 185 -9.54 69.62 -16.99
C ILE C 185 -9.28 69.49 -18.49
N GLU C 186 -8.43 68.54 -18.89
CA GLU C 186 -8.13 68.31 -20.29
C GLU C 186 -7.61 66.89 -20.45
N ASN C 187 -7.62 66.41 -21.69
CA ASN C 187 -7.21 65.04 -21.96
C ASN C 187 -5.75 64.83 -21.54
N TYR C 188 -5.47 63.64 -21.03
CA TYR C 188 -4.13 63.32 -20.55
C TYR C 188 -3.94 61.81 -20.57
N ALA C 189 -2.71 61.38 -20.27
CA ALA C 189 -2.36 59.98 -20.25
C ALA C 189 -1.47 59.70 -19.05
N PHE C 190 -1.38 58.41 -18.68
CA PHE C 190 -0.56 57.99 -17.56
C PHE C 190 -0.08 56.57 -17.80
N MET C 191 1.00 56.20 -17.11
CA MET C 191 1.62 54.90 -17.28
C MET C 191 2.10 54.37 -15.94
N ILE C 192 2.11 53.05 -15.80
CA ILE C 192 2.53 52.37 -14.58
C ILE C 192 3.76 51.53 -14.89
N VAL C 193 4.74 51.56 -13.99
CA VAL C 193 6.02 50.90 -14.21
C VAL C 193 6.30 49.96 -13.03
N LYS C 194 6.83 48.78 -13.34
CA LYS C 194 7.25 47.85 -12.30
C LYS C 194 8.68 48.16 -11.88
N PRO C 195 8.97 48.32 -10.59
CA PRO C 195 10.32 48.74 -10.17
C PRO C 195 11.38 47.74 -10.61
N SER C 196 12.64 48.17 -10.47
CA SER C 196 13.79 47.34 -10.78
C SER C 196 14.85 47.54 -9.71
N ILE C 197 16.00 46.89 -9.91
CA ILE C 197 17.05 46.91 -8.89
C ILE C 197 17.71 48.27 -8.81
N ASN C 198 18.00 48.90 -9.95
CA ASN C 198 18.78 50.12 -9.98
C ASN C 198 18.11 51.29 -9.25
N GLY C 199 16.79 51.25 -9.07
CA GLY C 199 16.09 52.33 -8.43
C GLY C 199 15.62 53.42 -9.35
N ALA C 200 16.00 53.39 -10.63
CA ALA C 200 15.47 54.35 -11.58
C ALA C 200 13.96 54.18 -11.70
N MET C 201 13.23 55.27 -11.65
CA MET C 201 11.77 55.18 -11.52
C MET C 201 11.10 54.94 -12.88
N ASN C 202 11.26 55.89 -13.81
CA ASN C 202 10.55 55.84 -15.08
C ASN C 202 11.45 55.52 -16.26
N LEU C 203 12.66 55.05 -16.03
CA LEU C 203 13.62 54.82 -17.10
C LEU C 203 13.54 53.38 -17.59
N ASP C 204 14.11 53.15 -18.78
CA ASP C 204 13.89 51.91 -19.53
C ASP C 204 14.75 50.75 -18.99
N VAL C 205 14.25 50.15 -17.92
CA VAL C 205 14.74 48.86 -17.45
C VAL C 205 13.51 48.02 -17.12
N GLN C 206 13.09 47.20 -18.08
CA GLN C 206 11.88 46.42 -17.90
C GLN C 206 12.09 45.31 -16.89
N ASN C 207 10.99 44.88 -16.27
CA ASN C 207 11.00 43.78 -15.31
C ASN C 207 9.84 42.86 -15.68
N THR C 208 10.11 41.91 -16.57
CA THR C 208 9.09 41.00 -17.08
C THR C 208 9.63 39.59 -17.07
N PRO C 209 8.77 38.58 -16.95
CA PRO C 209 9.26 37.19 -16.99
C PRO C 209 9.97 36.81 -18.27
N LEU C 210 9.65 37.46 -19.39
CA LEU C 210 10.26 37.11 -20.67
C LEU C 210 11.75 37.37 -20.70
N GLN C 211 12.29 38.12 -19.73
CA GLN C 211 13.74 38.31 -19.66
C GLN C 211 14.48 36.99 -19.58
N ALA C 212 13.95 36.02 -18.82
CA ALA C 212 14.71 34.85 -18.41
C ALA C 212 14.30 33.55 -19.10
N VAL C 213 13.32 33.57 -19.99
CA VAL C 213 12.82 32.34 -20.60
C VAL C 213 13.40 32.18 -22.01
N GLY C 214 14.53 32.83 -22.28
CA GLY C 214 15.11 32.74 -23.62
C GLY C 214 15.61 31.34 -23.95
N MET C 215 16.53 30.83 -23.12
CA MET C 215 17.14 29.53 -23.43
C MET C 215 16.11 28.41 -23.45
N PRO C 216 15.19 28.30 -22.48
CA PRO C 216 14.17 27.24 -22.57
C PRO C 216 13.38 27.29 -23.86
N VAL C 217 12.94 28.48 -24.27
CA VAL C 217 12.15 28.60 -25.49
C VAL C 217 12.97 28.20 -26.70
N ALA C 218 14.23 28.65 -26.76
CA ALA C 218 15.09 28.30 -27.89
C ALA C 218 15.26 26.79 -27.99
N LEU C 219 15.56 26.13 -26.87
CA LEU C 219 15.78 24.69 -26.90
C LEU C 219 14.50 23.95 -27.26
N TYR C 220 13.36 24.39 -26.74
CA TYR C 220 12.08 23.76 -27.06
C TYR C 220 11.80 23.85 -28.56
N ASN C 221 11.99 25.04 -29.13
CA ASN C 221 11.76 25.22 -30.56
C ASN C 221 12.71 24.36 -31.39
N GLY C 222 13.99 24.31 -31.00
CA GLY C 222 14.93 23.48 -31.73
C GLY C 222 14.54 22.01 -31.72
N LEU C 223 14.17 21.49 -30.55
CA LEU C 223 13.79 20.08 -30.46
C LEU C 223 12.55 19.79 -31.29
N MET C 224 11.55 20.68 -31.23
CA MET C 224 10.34 20.45 -32.02
C MET C 224 10.62 20.49 -33.52
N GLU C 225 11.48 21.42 -33.94
CA GLU C 225 11.83 21.50 -35.36
C GLU C 225 12.55 20.22 -35.81
N ARG C 226 13.47 19.73 -34.99
CA ARG C 226 14.13 18.46 -35.31
C ARG C 226 13.11 17.33 -35.41
N ALA C 227 12.15 17.30 -34.49
CA ALA C 227 11.13 16.26 -34.53
C ALA C 227 10.32 16.30 -35.81
N LEU C 228 9.92 17.50 -36.25
CA LEU C 228 9.16 17.61 -37.49
C LEU C 228 10.00 17.19 -38.70
N GLU C 229 11.25 17.65 -38.75
CA GLU C 229 12.11 17.33 -39.88
C GLU C 229 12.33 15.82 -39.99
N GLN C 230 12.59 15.17 -38.86
CA GLN C 230 12.80 13.73 -38.89
C GLN C 230 11.55 12.97 -39.30
N CYS C 231 10.38 13.42 -38.87
CA CYS C 231 9.13 12.80 -39.31
C CYS C 231 8.97 12.92 -40.81
N ASP C 232 9.30 14.09 -41.37
CA ASP C 232 9.10 14.31 -42.80
C ASP C 232 10.19 13.69 -43.66
N GLY C 233 11.34 13.33 -43.08
CA GLY C 233 12.47 12.89 -43.88
C GLY C 233 12.85 11.43 -43.79
N THR C 234 12.22 10.66 -42.90
CA THR C 234 12.67 9.29 -42.66
C THR C 234 11.95 8.31 -43.59
N PRO C 235 12.65 7.39 -44.24
CA PRO C 235 11.97 6.40 -45.08
C PRO C 235 11.00 5.56 -44.26
N ASN C 236 9.93 5.11 -44.92
CA ASN C 236 8.86 4.35 -44.28
C ASN C 236 8.82 2.95 -44.89
N SER C 237 9.59 2.03 -44.30
CA SER C 237 9.60 0.64 -44.72
C SER C 237 10.09 -0.20 -43.55
N LYS C 238 9.84 -1.51 -43.64
CA LYS C 238 10.16 -2.43 -42.55
C LYS C 238 11.06 -3.59 -42.94
N TRP C 239 11.09 -3.99 -44.20
CA TRP C 239 11.97 -5.05 -44.68
C TRP C 239 13.03 -4.48 -45.61
N PHE C 240 14.21 -5.08 -45.59
CA PHE C 240 15.29 -4.75 -46.52
C PHE C 240 15.83 -6.07 -47.06
N VAL C 241 15.58 -6.32 -48.34
CA VAL C 241 15.86 -7.61 -48.96
C VAL C 241 16.93 -7.43 -50.02
N THR C 242 17.90 -8.35 -50.04
CA THR C 242 19.00 -8.34 -50.99
C THR C 242 19.12 -9.71 -51.63
N ALA C 243 19.60 -9.73 -52.88
CA ALA C 243 19.70 -10.96 -53.65
C ALA C 243 21.02 -10.98 -54.41
N GLY C 244 21.40 -12.18 -54.87
CA GLY C 244 22.64 -12.34 -55.59
C GLY C 244 22.53 -11.92 -57.05
N ARG C 245 23.64 -12.11 -57.77
CA ARG C 245 23.71 -11.71 -59.17
C ARG C 245 23.34 -12.83 -60.13
N ASP C 246 23.08 -14.03 -59.61
CA ASP C 246 22.87 -15.19 -60.48
C ASP C 246 21.40 -15.48 -60.70
N ILE C 247 20.58 -14.43 -60.76
CA ILE C 247 19.15 -14.54 -61.00
C ILE C 247 18.84 -13.90 -62.35
N GLY C 248 18.00 -14.56 -63.13
CA GLY C 248 17.75 -14.13 -64.50
C GLY C 248 16.98 -12.83 -64.58
N GLU C 249 16.70 -12.44 -65.83
CA GLU C 249 16.01 -11.19 -66.11
C GLU C 249 14.55 -11.22 -65.68
N VAL C 250 13.94 -12.41 -65.64
CA VAL C 250 12.53 -12.57 -65.31
C VAL C 250 12.33 -13.24 -63.96
N GLN C 251 13.23 -14.17 -63.60
CA GLN C 251 13.14 -14.81 -62.29
C GLN C 251 13.23 -13.78 -61.18
N SER C 252 13.97 -12.69 -61.39
CA SER C 252 14.05 -11.63 -60.39
C SER C 252 12.69 -10.97 -60.18
N LYS C 253 11.97 -10.68 -61.27
CA LYS C 253 10.63 -10.12 -61.14
C LYS C 253 9.70 -11.11 -60.45
N GLU C 254 9.86 -12.40 -60.76
CA GLU C 254 9.01 -13.41 -60.16
C GLU C 254 9.09 -13.39 -58.64
N ILE C 255 10.30 -13.19 -58.09
CA ILE C 255 10.45 -13.22 -56.64
C ILE C 255 9.68 -12.07 -56.00
N LYS C 256 9.85 -10.85 -56.50
CA LYS C 256 9.17 -9.72 -55.89
C LYS C 256 7.67 -9.81 -56.11
N ASP C 257 7.23 -10.40 -57.23
CA ASP C 257 5.79 -10.62 -57.41
C ASP C 257 5.28 -11.62 -56.38
N GLY C 258 6.06 -12.65 -56.09
CA GLY C 258 5.65 -13.60 -55.06
C GLY C 258 5.56 -12.97 -53.69
N ILE C 259 6.53 -12.13 -53.34
CA ILE C 259 6.50 -11.45 -52.05
C ILE C 259 5.32 -10.48 -52.00
N ASP C 260 5.06 -9.77 -53.11
CA ASP C 260 3.98 -8.79 -53.12
C ASP C 260 2.62 -9.43 -52.94
N ASP C 261 2.48 -10.71 -53.30
CA ASP C 261 1.19 -11.38 -53.16
C ASP C 261 0.83 -11.67 -51.71
N THR C 262 1.75 -11.49 -50.77
CA THR C 262 1.48 -11.66 -49.36
C THR C 262 1.00 -10.38 -48.69
N LYS C 263 0.84 -9.30 -49.44
CA LYS C 263 0.27 -8.08 -48.88
C LYS C 263 -1.19 -8.33 -48.50
N PRO C 264 -1.74 -7.55 -47.59
CA PRO C 264 -3.18 -7.66 -47.30
C PRO C 264 -3.99 -7.45 -48.58
N GLY C 265 -4.99 -8.31 -48.76
CA GLY C 265 -5.79 -8.27 -49.96
C GLY C 265 -5.20 -8.97 -51.16
N GLY C 266 -4.02 -9.56 -51.02
CA GLY C 266 -3.40 -10.26 -52.14
C GLY C 266 -3.94 -11.67 -52.31
N ASP C 267 -3.42 -12.35 -53.33
CA ASP C 267 -3.86 -13.70 -53.64
C ASP C 267 -3.29 -14.75 -52.70
N SER C 268 -2.26 -14.40 -51.93
CA SER C 268 -1.60 -15.36 -51.03
C SER C 268 -1.31 -14.73 -49.67
N ALA C 269 -2.18 -13.83 -49.21
CA ALA C 269 -1.96 -13.19 -47.93
C ALA C 269 -1.96 -14.21 -46.80
N GLY C 270 -1.00 -14.09 -45.89
CA GLY C 270 -0.92 -14.95 -44.74
C GLY C 270 -0.16 -16.24 -44.93
N GLU C 271 0.33 -16.51 -46.14
CA GLU C 271 1.04 -17.75 -46.42
C GLU C 271 2.54 -17.56 -46.24
N ILE C 272 3.26 -18.69 -46.20
CA ILE C 272 4.70 -18.64 -46.07
C ILE C 272 5.33 -18.24 -47.40
N ILE C 273 6.55 -17.74 -47.33
CA ILE C 273 7.31 -17.35 -48.52
C ILE C 273 8.33 -18.45 -48.81
N PHE C 274 8.20 -19.10 -49.96
CA PHE C 274 9.07 -20.20 -50.35
C PHE C 274 9.90 -19.77 -51.54
N VAL C 275 11.23 -19.79 -51.37
CA VAL C 275 12.17 -19.43 -52.42
C VAL C 275 13.12 -20.59 -52.64
N PHE C 276 13.34 -20.95 -53.91
CA PHE C 276 14.10 -22.13 -54.28
C PHE C 276 15.31 -21.72 -55.10
N GLY C 277 16.51 -21.95 -54.55
CA GLY C 277 17.73 -21.81 -55.32
C GLY C 277 18.35 -20.44 -55.37
N GLU C 278 18.03 -19.56 -54.42
CA GLU C 278 18.64 -18.24 -54.36
C GLU C 278 19.14 -17.96 -52.95
N ASP C 279 19.89 -16.87 -52.81
CA ASP C 279 20.50 -16.46 -51.56
C ASP C 279 19.83 -15.23 -50.95
N VAL C 280 18.50 -15.12 -51.07
CA VAL C 280 17.81 -13.94 -50.58
C VAL C 280 18.04 -13.80 -49.08
N LYS C 281 18.16 -12.56 -48.61
CA LYS C 281 18.37 -12.25 -47.21
C LYS C 281 17.35 -11.21 -46.76
N LEU C 282 16.94 -11.31 -45.50
CA LEU C 282 16.02 -10.34 -44.90
C LEU C 282 16.70 -9.66 -43.73
N GLN C 283 16.52 -8.35 -43.63
CA GLN C 283 16.95 -7.56 -42.48
C GLN C 283 15.77 -6.75 -41.99
N GLU C 284 15.35 -7.00 -40.75
CA GLU C 284 14.25 -6.25 -40.17
C GLU C 284 14.71 -4.84 -39.84
N ILE C 285 13.88 -3.86 -40.20
CA ILE C 285 14.14 -2.45 -39.91
C ILE C 285 13.23 -2.02 -38.78
N LYS C 286 13.82 -1.49 -37.71
CA LYS C 286 13.09 -1.06 -36.53
C LYS C 286 13.16 0.46 -36.47
N ASN C 287 12.18 1.12 -37.07
CA ASN C 287 12.09 2.59 -37.04
C ASN C 287 11.46 2.98 -35.71
N ASP C 288 12.32 3.13 -34.71
CA ASP C 288 11.87 3.48 -33.36
C ASP C 288 11.69 4.99 -33.28
N LEU C 289 10.45 5.45 -33.42
CA LEU C 289 10.10 6.86 -33.33
C LEU C 289 9.48 7.21 -31.99
N SER C 290 9.58 6.33 -30.99
CA SER C 290 8.99 6.59 -29.68
C SER C 290 9.63 7.77 -28.96
N ASP C 291 10.80 8.22 -29.40
CA ASP C 291 11.48 9.37 -28.82
C ASP C 291 11.84 10.37 -29.90
N ILE C 292 10.95 10.55 -30.87
CA ILE C 292 11.21 11.50 -31.95
C ILE C 292 11.31 12.92 -31.42
N HIS C 293 10.51 13.25 -30.41
CA HIS C 293 10.36 14.63 -29.94
C HIS C 293 11.15 14.94 -28.68
N SER C 294 12.02 14.03 -28.22
CA SER C 294 12.88 14.30 -27.06
C SER C 294 12.03 14.64 -25.83
N LYS C 295 11.29 13.64 -25.36
CA LYS C 295 10.26 13.86 -24.36
C LYS C 295 10.79 14.58 -23.12
N ILE C 296 11.88 14.08 -22.55
CA ILE C 296 12.33 14.51 -21.22
C ILE C 296 12.77 15.97 -21.25
N PRO C 297 13.76 16.34 -22.08
CA PRO C 297 14.14 17.77 -22.12
C PRO C 297 13.00 18.68 -22.54
N LEU C 298 12.12 18.22 -23.43
CA LEU C 298 10.99 19.05 -23.84
C LEU C 298 10.06 19.32 -22.66
N ASP C 299 9.82 18.31 -21.83
CA ASP C 299 9.00 18.52 -20.64
C ASP C 299 9.71 19.43 -19.63
N ASP C 300 11.03 19.27 -19.50
CA ASP C 300 11.76 20.13 -18.56
C ASP C 300 11.70 21.59 -18.98
N GLN C 301 11.83 21.87 -20.28
CA GLN C 301 11.72 23.26 -20.74
C GLN C 301 10.33 23.82 -20.46
N ALA C 302 9.29 23.02 -20.68
CA ALA C 302 7.93 23.48 -20.39
C ALA C 302 7.77 23.79 -18.90
N ARG C 303 8.29 22.93 -18.04
CA ARG C 303 8.23 23.20 -16.60
C ARG C 303 8.95 24.49 -16.25
N THR C 304 10.14 24.69 -16.82
CA THR C 304 10.89 25.90 -16.52
C THR C 304 10.17 27.15 -16.99
N ILE C 305 9.57 27.11 -18.18
CA ILE C 305 8.81 28.27 -18.67
C ILE C 305 7.61 28.53 -17.78
N ALA C 306 6.89 27.47 -17.39
CA ALA C 306 5.70 27.66 -16.57
C ALA C 306 6.06 28.22 -15.20
N GLY C 307 7.19 27.78 -14.64
CA GLY C 307 7.55 28.23 -13.30
C GLY C 307 7.82 29.73 -13.25
N ASN C 308 8.54 30.25 -14.24
CA ASN C 308 8.92 31.67 -14.22
C ASN C 308 7.70 32.57 -14.19
N PHE C 309 6.60 32.15 -14.80
CA PHE C 309 5.38 32.96 -14.78
C PHE C 309 4.59 32.82 -13.49
N GLY C 310 4.96 31.89 -12.61
CA GLY C 310 4.25 31.71 -11.36
C GLY C 310 2.96 30.96 -11.47
N ILE C 311 2.81 30.12 -12.48
CA ILE C 311 1.60 29.32 -12.72
C ILE C 311 1.92 27.87 -12.38
N PRO C 312 1.27 27.28 -11.38
CA PRO C 312 1.48 25.84 -11.13
C PRO C 312 1.18 25.03 -12.38
N ILE C 313 2.05 24.08 -12.69
CA ILE C 313 1.93 23.35 -13.95
C ILE C 313 0.68 22.49 -13.96
N ALA C 314 0.14 22.14 -12.78
CA ALA C 314 -1.09 21.36 -12.73
C ALA C 314 -2.24 22.11 -13.38
N LEU C 315 -2.33 23.41 -13.13
CA LEU C 315 -3.41 24.22 -13.68
C LEU C 315 -3.30 24.41 -15.19
N LEU C 316 -2.10 24.36 -15.74
CA LEU C 316 -1.92 24.55 -17.18
C LEU C 316 -2.40 23.36 -17.99
N GLY C 317 -2.59 22.21 -17.36
CA GLY C 317 -3.00 21.01 -18.06
C GLY C 317 -1.87 20.17 -18.60
N PHE C 318 -0.63 20.65 -18.54
CA PHE C 318 0.50 19.88 -19.01
C PHE C 318 0.89 18.83 -17.96
N ALA C 319 1.65 17.84 -18.41
CA ALA C 319 1.93 16.67 -17.61
C ALA C 319 2.97 16.96 -16.53
N ALA C 320 2.77 16.35 -15.36
CA ALA C 320 3.77 16.33 -14.30
C ALA C 320 3.72 14.96 -13.65
N ALA C 321 4.87 14.53 -13.10
CA ALA C 321 5.02 13.15 -12.66
C ALA C 321 4.58 12.91 -11.23
N ASP C 322 4.79 13.89 -10.33
CA ASP C 322 4.56 13.67 -8.91
C ASP C 322 3.20 14.13 -8.41
N GLY C 323 2.71 15.28 -8.86
CA GLY C 323 1.38 15.71 -8.49
C GLY C 323 1.17 15.95 -7.01
N SER C 324 0.42 15.05 -6.38
CA SER C 324 0.01 15.24 -4.99
C SER C 324 1.18 15.42 -4.04
N LYS C 325 2.40 15.09 -4.45
CA LYS C 325 3.55 15.31 -3.58
C LYS C 325 3.72 16.78 -3.25
N PHE C 326 3.56 17.66 -4.24
CA PHE C 326 3.61 19.11 -4.02
C PHE C 326 2.23 19.72 -4.25
N ALA C 327 1.65 19.47 -5.43
CA ALA C 327 0.31 19.95 -5.76
C ALA C 327 -0.71 18.98 -5.17
N SER C 328 -0.98 19.16 -3.87
CA SER C 328 -1.83 18.24 -3.12
C SER C 328 -3.07 17.81 -3.92
N ASN C 329 -3.82 18.78 -4.41
CA ASN C 329 -5.00 18.49 -5.23
C ASN C 329 -5.38 19.73 -6.00
N TYR C 330 -6.36 19.58 -6.90
CA TYR C 330 -6.69 20.65 -7.84
C TYR C 330 -7.19 21.89 -7.11
N ASP C 331 -8.08 21.72 -6.14
CA ASP C 331 -8.67 22.87 -5.47
C ASP C 331 -7.64 23.68 -4.69
N GLU C 332 -6.74 23.00 -3.97
CA GLU C 332 -5.71 23.72 -3.24
C GLU C 332 -4.79 24.47 -4.19
N SER C 333 -4.44 23.87 -5.33
CA SER C 333 -3.61 24.56 -6.31
C SER C 333 -4.34 25.77 -6.87
N ARG C 334 -5.63 25.65 -7.15
CA ARG C 334 -6.39 26.79 -7.65
C ARG C 334 -6.41 27.93 -6.64
N LYS C 335 -6.60 27.60 -5.36
CA LYS C 335 -6.60 28.62 -4.31
C LYS C 335 -5.23 29.29 -4.19
N ALA C 336 -4.18 28.47 -4.16
CA ALA C 336 -2.83 29.00 -3.96
C ALA C 336 -2.39 29.87 -5.13
N PHE C 337 -2.66 29.43 -6.37
CA PHE C 337 -2.28 30.23 -7.53
C PHE C 337 -2.85 31.64 -7.40
N PHE C 338 -4.15 31.76 -7.17
CA PHE C 338 -4.74 33.07 -6.98
C PHE C 338 -4.04 33.82 -5.86
N GLU C 339 -4.11 33.30 -4.64
CA GLU C 339 -3.68 34.06 -3.47
C GLU C 339 -2.22 34.50 -3.58
N ASP C 340 -1.37 33.68 -4.22
CA ASP C 340 0.06 33.93 -4.21
C ASP C 340 0.56 34.69 -5.43
N THR C 341 -0.17 34.65 -6.56
CA THR C 341 0.29 35.32 -7.77
C THR C 341 -0.62 36.46 -8.20
N ILE C 342 -1.94 36.22 -8.26
CA ILE C 342 -2.82 37.22 -8.86
C ILE C 342 -2.93 38.44 -7.96
N GLU C 343 -3.13 38.23 -6.66
CA GLU C 343 -3.33 39.36 -5.76
C GLU C 343 -2.10 40.26 -5.66
N PRO C 344 -0.89 39.75 -5.39
CA PRO C 344 0.26 40.65 -5.28
C PRO C 344 0.90 41.00 -6.61
N GLY C 345 0.55 40.30 -7.68
CA GLY C 345 1.21 40.51 -8.96
C GLY C 345 0.46 41.41 -9.91
N TYR C 346 -0.84 41.23 -10.04
CA TYR C 346 -1.62 41.91 -11.07
C TYR C 346 -2.70 42.82 -10.50
N LEU C 347 -3.51 42.34 -9.55
CA LEU C 347 -4.59 43.18 -9.03
C LEU C 347 -4.04 44.43 -8.36
N THR C 348 -3.03 44.28 -7.50
CA THR C 348 -2.54 45.41 -6.72
C THR C 348 -1.96 46.52 -7.57
N PRO C 349 -1.12 46.27 -8.56
CA PRO C 349 -0.61 47.39 -9.38
C PRO C 349 -1.70 48.17 -10.10
N MET C 350 -2.63 47.50 -10.78
CA MET C 350 -3.71 48.21 -11.44
C MET C 350 -4.53 49.00 -10.43
N GLU C 351 -4.87 48.37 -9.31
CA GLU C 351 -5.65 49.05 -8.28
C GLU C 351 -4.95 50.33 -7.84
N ASP C 352 -3.66 50.23 -7.49
CA ASP C 352 -2.93 51.38 -6.99
C ASP C 352 -2.82 52.47 -8.05
N GLY C 353 -2.51 52.09 -9.29
CA GLY C 353 -2.35 53.07 -10.34
C GLY C 353 -3.63 53.81 -10.65
N PHE C 354 -4.74 53.09 -10.77
CA PHE C 354 -6.02 53.74 -11.03
C PHE C 354 -6.42 54.63 -9.85
N SER C 355 -6.22 54.16 -8.62
CA SER C 355 -6.54 55.00 -7.47
C SER C 355 -5.69 56.27 -7.46
N MET C 356 -4.43 56.17 -7.88
CA MET C 356 -3.55 57.32 -7.88
C MET C 356 -3.91 58.33 -8.97
N PHE C 357 -4.29 57.85 -10.15
CA PHE C 357 -4.42 58.74 -11.31
C PHE C 357 -5.85 59.06 -11.72
N LEU C 358 -6.86 58.41 -11.15
CA LEU C 358 -8.25 58.73 -11.48
C LEU C 358 -9.01 59.28 -10.28
N CYS C 359 -9.03 58.57 -9.16
CA CYS C 359 -9.84 58.98 -8.02
C CYS C 359 -9.17 60.12 -7.25
N ALA C 360 -10.00 61.02 -6.74
CA ALA C 360 -9.50 62.07 -5.87
C ALA C 360 -9.14 61.47 -4.51
N PRO C 361 -8.33 62.18 -3.72
CA PRO C 361 -7.99 61.66 -2.39
C PRO C 361 -9.23 61.39 -1.56
N GLY C 362 -9.19 60.27 -0.83
CA GLY C 362 -10.35 59.82 -0.09
C GLY C 362 -11.20 58.78 -0.80
N SER C 363 -10.72 58.25 -1.93
CA SER C 363 -11.46 57.24 -2.67
C SER C 363 -10.46 56.31 -3.34
N ARG C 364 -10.94 55.12 -3.71
CA ARG C 364 -10.09 54.10 -4.32
C ARG C 364 -10.92 53.25 -5.27
N VAL C 365 -10.22 52.61 -6.20
CA VAL C 365 -10.84 51.63 -7.10
C VAL C 365 -10.57 50.25 -6.54
N ILE C 366 -11.47 49.77 -5.66
CA ILE C 366 -11.20 48.55 -4.91
C ILE C 366 -11.64 47.34 -5.70
N PHE C 367 -10.79 46.31 -5.72
CA PHE C 367 -11.14 45.03 -6.32
C PHE C 367 -11.93 44.19 -5.33
N ASP C 368 -12.87 43.41 -5.85
CA ASP C 368 -13.70 42.51 -5.02
C ASP C 368 -13.03 41.14 -5.01
N ARG C 369 -12.22 40.91 -3.97
CA ARG C 369 -11.40 39.70 -3.94
C ARG C 369 -12.18 38.50 -3.42
N ASP C 370 -13.02 38.72 -2.40
CA ASP C 370 -13.61 37.59 -1.68
C ASP C 370 -14.72 36.89 -2.46
N SER C 371 -15.32 37.55 -3.45
CA SER C 371 -16.44 36.97 -4.17
C SER C 371 -16.01 36.02 -5.27
N ILE C 372 -14.72 35.80 -5.47
CA ILE C 372 -14.26 34.91 -6.54
C ILE C 372 -14.72 33.49 -6.24
N PRO C 373 -15.14 32.71 -7.26
CA PRO C 373 -15.63 31.36 -6.96
C PRO C 373 -14.63 30.46 -6.25
N ALA C 374 -13.33 30.62 -6.53
CA ALA C 374 -12.33 29.68 -6.02
C ALA C 374 -12.23 29.70 -4.51
N LEU C 375 -12.77 30.73 -3.84
CA LEU C 375 -12.60 30.89 -2.40
C LEU C 375 -13.90 30.76 -1.61
N LYS C 376 -14.98 30.26 -2.22
CA LYS C 376 -16.27 30.23 -1.54
C LYS C 376 -16.26 29.23 -0.38
N LYS C 377 -15.82 28.00 -0.64
CA LYS C 377 -15.86 26.98 0.39
C LYS C 377 -14.99 27.34 1.58
N SER C 378 -13.77 27.82 1.32
CA SER C 378 -12.88 28.21 2.41
C SER C 378 -13.46 29.35 3.22
N ARG C 379 -14.01 30.36 2.54
CA ARG C 379 -14.60 31.48 3.26
C ARG C 379 -15.76 31.02 4.13
N ALA C 380 -16.61 30.14 3.59
CA ALA C 380 -17.73 29.63 4.38
C ALA C 380 -17.24 28.88 5.61
N ASP C 381 -16.21 28.04 5.44
CA ASP C 381 -15.71 27.27 6.57
C ASP C 381 -15.14 28.18 7.66
N ILE C 382 -14.30 29.13 7.27
CA ILE C 382 -13.71 30.03 8.26
C ILE C 382 -14.79 30.88 8.92
N ALA C 383 -15.78 31.34 8.16
CA ALA C 383 -16.87 32.09 8.75
C ALA C 383 -17.62 31.25 9.79
N ALA C 384 -17.87 29.99 9.47
CA ALA C 384 -18.52 29.10 10.42
C ALA C 384 -17.66 28.84 11.65
N VAL C 385 -16.34 28.87 11.53
CA VAL C 385 -15.46 28.64 12.66
C VAL C 385 -15.52 29.80 13.66
N TYR C 386 -15.49 31.04 13.17
CA TYR C 386 -15.52 32.19 14.07
C TYR C 386 -16.83 32.31 14.83
N GLU C 387 -17.87 31.60 14.39
CA GLU C 387 -19.17 31.71 15.06
C GLU C 387 -19.09 31.28 16.51
N LYS C 388 -18.11 30.45 16.87
CA LYS C 388 -18.00 29.91 18.21
C LYS C 388 -17.19 30.79 19.15
N VAL C 389 -16.26 31.59 18.63
CA VAL C 389 -15.45 32.48 19.46
C VAL C 389 -16.34 33.58 20.01
N THR C 390 -16.11 33.96 21.27
CA THR C 390 -16.94 34.94 21.94
C THR C 390 -16.18 36.11 22.56
N PHE C 391 -14.85 36.05 22.63
CA PHE C 391 -14.07 37.18 23.12
C PHE C 391 -13.77 38.20 22.02
N ILE C 392 -14.54 38.19 20.94
CA ILE C 392 -14.36 39.11 19.82
C ILE C 392 -15.72 39.73 19.51
N ASP C 393 -15.71 41.01 19.16
CA ASP C 393 -16.95 41.71 18.87
C ASP C 393 -17.49 41.29 17.50
N GLU C 394 -18.78 41.53 17.30
CA GLU C 394 -19.43 41.15 16.05
C GLU C 394 -18.82 41.90 14.87
N ASN C 395 -18.55 43.20 15.06
CA ASN C 395 -17.96 43.98 13.98
C ASN C 395 -16.59 43.44 13.59
N GLU C 396 -15.79 43.03 14.57
CA GLU C 396 -14.49 42.45 14.27
C GLU C 396 -14.65 41.14 13.50
N LYS C 397 -15.62 40.31 13.89
CA LYS C 397 -15.88 39.07 13.15
C LYS C 397 -16.23 39.37 11.71
N ARG C 398 -17.09 40.37 11.49
CA ARG C 398 -17.44 40.75 10.12
C ARG C 398 -16.22 41.23 9.35
N GLU C 399 -15.39 42.07 9.98
CA GLU C 399 -14.24 42.65 9.30
C GLU C 399 -13.24 41.57 8.90
N VAL C 400 -12.99 40.61 9.79
CA VAL C 400 -11.95 39.62 9.52
C VAL C 400 -12.37 38.65 8.41
N THR C 401 -13.66 38.50 8.17
CA THR C 401 -14.15 37.59 7.14
C THR C 401 -14.60 38.31 5.86
N GLY C 402 -14.42 39.62 5.79
CA GLY C 402 -14.61 40.34 4.55
C GLY C 402 -15.92 41.07 4.37
N TRP C 403 -16.78 41.10 5.39
CA TRP C 403 -17.99 41.90 5.23
C TRP C 403 -17.81 43.29 5.84
N PRO C 404 -18.53 44.28 5.34
CA PRO C 404 -18.38 45.64 5.87
C PRO C 404 -19.10 45.82 7.20
N LYS C 405 -18.79 46.94 7.86
CA LYS C 405 -19.43 47.25 9.13
C LYS C 405 -20.90 47.55 8.93
N LYS C 406 -21.71 47.23 9.94
CA LYS C 406 -23.14 47.48 9.88
C LYS C 406 -23.44 48.96 9.91
N PRO D 17 31.40 60.39 22.01
CA PRO D 17 31.64 60.19 20.57
C PRO D 17 32.93 59.43 20.30
N SER D 18 33.92 59.58 21.17
CA SER D 18 35.18 58.87 21.03
C SER D 18 35.15 57.47 21.63
N ALA D 19 34.07 57.10 22.32
CA ALA D 19 33.98 55.79 22.95
C ALA D 19 33.71 54.69 21.94
N ASN D 20 33.32 55.03 20.72
CA ASN D 20 32.93 54.02 19.74
C ASN D 20 34.13 53.14 19.39
N PRO D 21 34.07 51.82 19.59
CA PRO D 21 35.18 50.96 19.15
C PRO D 21 35.41 50.97 17.65
N ALA D 22 34.42 51.40 16.87
CA ALA D 22 34.55 51.38 15.42
C ALA D 22 35.72 52.22 14.93
N LYS D 23 36.20 53.16 15.75
CA LYS D 23 37.28 54.04 15.32
C LYS D 23 38.56 53.27 15.03
N ILE D 24 38.65 52.01 15.46
CA ILE D 24 39.80 51.19 15.11
C ILE D 24 39.89 51.01 13.59
N PHE D 25 38.76 50.75 12.94
CA PHE D 25 38.77 50.37 11.54
C PHE D 25 39.01 51.54 10.60
N ILE D 26 38.47 52.73 10.89
CA ILE D 26 38.54 53.84 9.94
C ILE D 26 39.97 54.17 9.53
N ARG D 27 40.97 53.67 10.24
CA ARG D 27 42.36 53.90 9.87
C ARG D 27 42.92 52.83 8.94
N ARG D 28 42.19 51.74 8.72
CA ARG D 28 42.65 50.68 7.83
C ARG D 28 41.66 50.45 6.68
N LEU D 29 40.37 50.36 7.00
CA LEU D 29 39.36 50.13 5.98
C LEU D 29 39.24 51.31 5.04
N PHE D 30 38.83 52.46 5.58
CA PHE D 30 38.43 53.60 4.78
C PHE D 30 38.96 54.88 5.40
N ASN D 31 39.68 55.68 4.59
CA ASN D 31 40.31 56.88 5.07
C ASN D 31 39.28 57.99 5.32
N SER D 32 39.62 58.90 6.24
CA SER D 32 38.75 60.03 6.55
C SER D 32 38.75 61.04 5.41
N GLY D 33 37.58 61.62 5.15
CA GLY D 33 37.46 62.68 4.17
C GLY D 33 37.52 62.24 2.72
N ILE D 34 37.24 60.97 2.44
CA ILE D 34 37.22 60.45 1.08
C ILE D 34 35.96 59.63 0.88
N ALA D 35 35.23 59.92 -0.19
CA ALA D 35 34.05 59.14 -0.54
C ALA D 35 34.48 57.77 -1.05
N LYS D 36 33.58 56.79 -0.95
CA LYS D 36 33.97 55.40 -1.18
C LYS D 36 32.73 54.56 -1.48
N SER D 37 32.93 53.53 -2.31
CA SER D 37 31.81 52.73 -2.79
C SER D 37 31.21 51.91 -1.65
N VAL D 38 29.88 51.77 -1.68
CA VAL D 38 29.19 50.94 -0.71
C VAL D 38 29.31 49.46 -1.04
N VAL D 39 29.36 49.12 -2.33
CA VAL D 39 29.48 47.74 -2.77
C VAL D 39 30.57 47.64 -3.83
N SER D 40 31.13 46.44 -3.97
CA SER D 40 32.19 46.21 -4.94
C SER D 40 31.60 46.04 -6.33
N TYR D 41 32.43 46.31 -7.34
CA TYR D 41 31.97 46.24 -8.72
C TYR D 41 31.53 44.83 -9.09
N SER D 42 32.27 43.82 -8.64
CA SER D 42 31.89 42.45 -8.91
C SER D 42 30.52 42.11 -8.34
N ASN D 43 30.19 42.62 -7.16
CA ASN D 43 28.86 42.40 -6.59
C ASN D 43 27.78 43.03 -7.46
N VAL D 44 28.04 44.23 -7.98
CA VAL D 44 27.07 44.89 -8.86
C VAL D 44 26.86 44.07 -10.12
N MET D 45 27.96 43.55 -10.70
CA MET D 45 27.83 42.71 -11.88
C MET D 45 27.05 41.44 -11.58
N ALA D 46 27.31 40.82 -10.43
CA ALA D 46 26.56 39.62 -10.05
C ALA D 46 25.07 39.94 -9.92
N ALA D 47 24.74 41.09 -9.33
CA ALA D 47 23.34 41.47 -9.20
C ALA D 47 22.70 41.74 -10.56
N ALA D 48 23.45 42.36 -11.48
CA ALA D 48 22.89 42.71 -12.78
C ALA D 48 22.53 41.46 -13.59
N ARG D 49 23.42 40.46 -13.60
CA ARG D 49 23.16 39.25 -14.37
C ARG D 49 22.13 38.35 -13.69
N ALA D 50 21.90 38.55 -12.40
CA ALA D 50 20.96 37.68 -11.69
C ALA D 50 19.55 37.81 -12.25
N MET D 51 19.13 39.03 -12.55
CA MET D 51 17.76 39.27 -13.02
C MET D 51 17.47 38.62 -14.37
N GLU D 52 18.51 38.21 -15.10
CA GLU D 52 18.33 37.55 -16.40
C GLU D 52 18.47 36.03 -16.30
N HIS D 53 18.59 35.48 -15.09
CA HIS D 53 18.81 34.05 -14.94
C HIS D 53 17.48 33.35 -14.71
N PRO D 54 17.21 32.20 -15.35
CA PRO D 54 15.90 31.55 -15.19
C PRO D 54 15.58 31.10 -13.77
N VAL D 55 16.57 31.00 -12.90
CA VAL D 55 16.37 30.51 -11.54
C VAL D 55 16.44 31.64 -10.52
N VAL D 56 17.48 32.46 -10.57
CA VAL D 56 17.67 33.49 -9.56
C VAL D 56 16.60 34.56 -9.67
N PHE D 57 16.21 34.91 -10.91
CA PHE D 57 15.17 35.91 -11.08
C PHE D 57 13.86 35.46 -10.44
N ARG D 58 13.52 34.18 -10.59
CA ARG D 58 12.29 33.68 -9.99
C ARG D 58 12.32 33.82 -8.48
N CYS D 59 13.45 33.50 -7.85
CA CYS D 59 13.56 33.62 -6.39
C CYS D 59 13.43 35.07 -5.96
N LEU D 60 14.12 35.98 -6.66
CA LEU D 60 14.03 37.39 -6.30
C LEU D 60 12.60 37.91 -6.45
N ASP D 61 11.93 37.54 -7.55
CA ASP D 61 10.55 37.97 -7.76
C ASP D 61 9.63 37.38 -6.69
N LYS D 62 9.84 36.12 -6.31
CA LYS D 62 9.03 35.52 -5.27
C LYS D 62 9.18 36.27 -3.96
N LEU D 63 10.42 36.58 -3.56
CA LEU D 63 10.62 37.31 -2.32
C LEU D 63 9.98 38.68 -2.38
N GLY D 64 10.17 39.40 -3.49
CA GLY D 64 9.59 40.73 -3.59
C GLY D 64 8.08 40.72 -3.54
N LEU D 65 7.46 39.82 -4.30
CA LEU D 65 6.01 39.74 -4.31
C LEU D 65 5.45 39.34 -2.95
N THR D 66 6.10 38.38 -2.27
CA THR D 66 5.64 37.98 -0.95
C THR D 66 5.75 39.13 0.03
N VAL D 67 6.84 39.90 -0.02
CA VAL D 67 7.03 40.98 0.93
C VAL D 67 6.02 42.11 0.67
N GLN D 68 5.82 42.47 -0.60
CA GLN D 68 5.00 43.65 -0.89
C GLN D 68 3.54 43.45 -0.50
N SER D 69 3.09 42.21 -0.33
CA SER D 69 1.69 41.96 -0.02
C SER D 69 1.34 42.32 1.42
N VAL D 70 2.33 42.50 2.28
CA VAL D 70 2.08 42.81 3.68
C VAL D 70 2.01 44.32 3.85
N LYS D 71 0.93 44.79 4.46
CA LYS D 71 0.76 46.21 4.74
C LYS D 71 1.38 46.57 6.08
N TRP D 72 1.61 47.86 6.29
CA TRP D 72 2.01 48.38 7.59
C TRP D 72 1.13 49.55 7.98
N TYR D 73 1.47 50.14 9.13
CA TYR D 73 0.78 51.32 9.62
C TYR D 73 1.63 51.93 10.73
N VAL D 74 1.21 53.10 11.20
CA VAL D 74 1.91 53.82 12.26
C VAL D 74 1.12 53.65 13.55
N GLY D 75 1.81 53.23 14.62
CA GLY D 75 1.18 52.99 15.90
C GLY D 75 2.07 53.44 17.04
N ALA D 76 1.59 53.21 18.25
CA ALA D 76 2.31 53.60 19.46
C ALA D 76 3.28 52.51 19.87
N ASP D 77 4.34 52.93 20.56
CA ASP D 77 5.36 51.99 21.02
C ASP D 77 4.88 51.29 22.29
N PRO D 78 4.76 49.95 22.29
CA PRO D 78 4.28 49.28 23.51
C PRO D 78 5.17 49.47 24.72
N ASP D 79 6.49 49.59 24.55
CA ASP D 79 7.44 49.58 25.67
C ASP D 79 7.76 50.98 26.19
N ILE D 80 7.97 51.94 25.30
CA ILE D 80 8.34 53.30 25.68
C ILE D 80 7.16 54.22 25.40
N SER D 81 7.06 55.30 26.17
CA SER D 81 5.94 56.21 26.07
C SER D 81 6.34 57.59 26.56
N GLY D 82 5.53 58.58 26.20
CA GLY D 82 5.70 59.94 26.69
C GLY D 82 6.08 60.93 25.62
N THR D 83 7.01 60.55 24.73
CA THR D 83 7.49 61.41 23.67
C THR D 83 6.83 61.11 22.32
N GLY D 84 5.82 60.25 22.28
CA GLY D 84 5.26 59.84 21.02
C GLY D 84 4.51 60.94 20.31
N MET D 85 4.26 60.71 19.03
CA MET D 85 3.52 61.66 18.20
C MET D 85 2.06 61.70 18.63
N SER D 86 1.41 62.84 18.38
CA SER D 86 -0.02 62.92 18.54
C SER D 86 -0.72 62.24 17.36
N ALA D 87 -2.03 62.05 17.50
CA ALA D 87 -2.79 61.34 16.46
C ALA D 87 -2.68 62.05 15.12
N LYS D 88 -2.74 63.38 15.13
CA LYS D 88 -2.68 64.14 13.88
C LYS D 88 -1.38 63.86 13.14
N GLU D 89 -0.26 63.87 13.85
CA GLU D 89 1.03 63.66 13.19
C GLU D 89 1.18 62.23 12.70
N ARG D 90 0.65 61.25 13.45
CA ARG D 90 0.66 59.88 12.97
C ARG D 90 -0.14 59.74 11.69
N LYS D 91 -1.32 60.36 11.63
CA LYS D 91 -2.11 60.31 10.40
C LYS D 91 -1.40 61.02 9.26
N ALA D 92 -0.70 62.13 9.55
CA ALA D 92 0.04 62.83 8.51
C ALA D 92 1.16 61.96 7.95
N LEU D 93 1.88 61.25 8.83
CA LEU D 93 2.96 60.38 8.37
C LEU D 93 2.42 59.19 7.60
N GLN D 94 1.23 58.70 7.98
CA GLN D 94 0.64 57.57 7.26
C GLN D 94 0.38 57.92 5.81
N GLN D 95 -0.04 59.15 5.52
CA GLN D 95 -0.25 59.56 4.14
C GLN D 95 1.02 59.40 3.31
N VAL D 96 2.15 59.91 3.80
CA VAL D 96 3.41 59.74 3.09
C VAL D 96 3.76 58.27 2.98
N LEU D 97 3.48 57.49 4.03
CA LEU D 97 3.76 56.06 3.99
C LEU D 97 2.99 55.35 2.88
N ASN D 98 1.73 55.72 2.65
CA ASN D 98 0.93 55.09 1.60
C ASN D 98 1.32 55.57 0.20
N ARG D 99 1.67 56.84 0.06
CA ARG D 99 2.05 57.42 -1.22
C ARG D 99 3.38 58.15 -1.05
N PRO D 100 4.49 57.40 -1.09
CA PRO D 100 5.79 58.03 -0.78
C PRO D 100 6.12 59.24 -1.64
N ASN D 101 5.81 59.20 -2.93
CA ASN D 101 6.12 60.32 -3.82
C ASN D 101 5.16 60.28 -5.00
N SER D 102 5.47 61.06 -6.03
CA SER D 102 4.56 61.25 -7.15
C SER D 102 4.59 60.12 -8.16
N ALA D 103 5.53 59.18 -8.05
CA ALA D 103 5.68 58.12 -9.04
C ALA D 103 5.77 56.73 -8.42
N MET D 104 5.39 56.56 -7.15
CA MET D 104 5.48 55.26 -6.50
C MET D 104 4.44 55.18 -5.39
N SER D 105 4.04 53.95 -5.10
CA SER D 105 3.18 53.65 -3.96
C SER D 105 3.94 52.77 -2.96
N GLY D 106 3.26 52.47 -1.85
CA GLY D 106 3.91 51.66 -0.83
C GLY D 106 4.38 50.31 -1.33
N ALA D 107 3.57 49.67 -2.17
CA ALA D 107 3.92 48.34 -2.67
C ALA D 107 5.21 48.39 -3.48
N GLN D 108 5.36 49.39 -4.35
CA GLN D 108 6.57 49.49 -5.16
C GLN D 108 7.79 49.82 -4.32
N LEU D 109 7.62 50.67 -3.29
CA LEU D 109 8.73 50.94 -2.39
C LEU D 109 9.18 49.68 -1.67
N ARG D 110 8.22 48.88 -1.18
CA ARG D 110 8.58 47.62 -0.54
C ARG D 110 9.27 46.69 -1.54
N TYR D 111 8.79 46.64 -2.78
CA TYR D 111 9.42 45.78 -3.78
C TYR D 111 10.87 46.18 -4.01
N ALA D 112 11.12 47.47 -4.22
CA ALA D 112 12.49 47.92 -4.46
C ALA D 112 13.38 47.66 -3.26
N ALA D 113 12.87 47.95 -2.05
CA ALA D 113 13.67 47.70 -0.85
C ALA D 113 14.00 46.23 -0.71
N THR D 114 13.03 45.34 -0.98
CA THR D 114 13.27 43.92 -0.88
C THR D 114 14.33 43.46 -1.88
N LEU D 115 14.24 43.95 -3.12
CA LEU D 115 15.25 43.57 -4.12
C LEU D 115 16.63 44.04 -3.70
N SER D 116 16.73 45.28 -3.21
CA SER D 116 18.04 45.79 -2.76
C SER D 116 18.57 44.95 -1.61
N TRP D 117 17.72 44.63 -0.64
CA TRP D 117 18.15 43.83 0.50
C TRP D 117 18.63 42.45 0.06
N ALA D 118 17.91 41.81 -0.86
CA ALA D 118 18.29 40.48 -1.31
C ALA D 118 19.60 40.51 -2.07
N CYS D 119 19.76 41.47 -2.99
CA CYS D 119 20.93 41.45 -3.86
C CYS D 119 22.18 41.92 -3.14
N PHE D 120 22.09 43.00 -2.34
CA PHE D 120 23.27 43.63 -1.78
C PHE D 120 23.35 43.58 -0.25
N GLY D 121 22.24 43.30 0.43
CA GLY D 121 22.28 43.26 1.88
C GLY D 121 22.20 44.60 2.56
N ARG D 122 21.76 45.64 1.85
CA ARG D 122 21.58 46.96 2.44
C ARG D 122 20.60 47.74 1.58
N MET D 123 19.99 48.76 2.18
CA MET D 123 19.03 49.61 1.49
C MET D 123 19.18 51.03 2.00
N ALA D 124 18.95 51.98 1.10
CA ALA D 124 19.08 53.40 1.43
C ALA D 124 17.89 54.16 0.89
N PHE D 125 17.58 55.28 1.55
CA PHE D 125 16.45 56.11 1.16
C PHE D 125 16.80 57.58 1.40
N LYS D 126 16.11 58.46 0.68
CA LYS D 126 16.19 59.89 0.91
C LYS D 126 14.84 60.38 1.44
N VAL D 127 14.88 61.32 2.39
CA VAL D 127 13.69 61.81 3.06
C VAL D 127 13.64 63.32 2.89
N SER D 128 12.47 63.83 2.50
CA SER D 128 12.24 65.25 2.35
C SER D 128 11.42 65.77 3.51
N VAL D 129 11.89 66.86 4.13
CA VAL D 129 11.30 67.37 5.36
C VAL D 129 10.94 68.84 5.18
N MET D 130 9.79 69.22 5.71
CA MET D 130 9.36 70.61 5.67
C MET D 130 10.01 71.40 6.79
N GLY D 131 9.62 72.67 6.90
CA GLY D 131 10.22 73.56 7.89
C GLY D 131 10.03 73.11 9.33
N ASP D 132 8.85 72.56 9.65
CA ASP D 132 8.55 72.19 11.03
C ASP D 132 8.96 70.76 11.37
N GLY D 133 9.56 70.03 10.43
CA GLY D 133 10.07 68.70 10.69
C GLY D 133 9.23 67.57 10.14
N SER D 134 7.98 67.83 9.77
CA SER D 134 7.12 66.78 9.24
C SER D 134 7.63 66.33 7.86
N VAL D 135 7.47 65.04 7.58
CA VAL D 135 7.93 64.48 6.31
C VAL D 135 6.87 64.71 5.25
N ASN D 136 7.30 64.80 3.99
CA ASN D 136 6.40 64.98 2.87
C ASN D 136 6.69 64.07 1.68
N ALA D 137 7.85 63.44 1.62
CA ALA D 137 8.15 62.55 0.50
C ALA D 137 9.30 61.62 0.90
N ILE D 138 9.42 60.52 0.16
CA ILE D 138 10.49 59.55 0.32
C ILE D 138 10.95 59.11 -1.06
N TRP D 139 12.26 58.96 -1.22
CA TRP D 139 12.83 58.52 -2.48
C TRP D 139 13.79 57.35 -2.24
N PRO D 140 13.74 56.31 -3.07
CA PRO D 140 14.71 55.23 -2.94
C PRO D 140 15.99 55.54 -3.70
N LEU D 141 17.11 55.08 -3.15
CA LEU D 141 18.42 55.29 -3.74
C LEU D 141 18.97 53.97 -4.27
N GLY D 142 19.73 54.05 -5.36
CA GLY D 142 20.36 52.88 -5.93
C GLY D 142 21.68 52.57 -5.27
N ILE D 143 21.78 51.40 -4.64
CA ILE D 143 22.97 51.00 -3.90
C ILE D 143 24.20 51.08 -4.81
N PRO D 144 24.13 50.64 -6.07
CA PRO D 144 25.33 50.71 -6.91
C PRO D 144 25.92 52.11 -7.06
N PHE D 145 25.09 53.15 -7.03
CA PHE D 145 25.54 54.51 -7.29
C PHE D 145 25.76 55.32 -6.02
N LEU D 146 25.82 54.68 -4.84
CA LEU D 146 25.88 55.38 -3.58
C LEU D 146 27.28 55.32 -2.99
N LYS D 147 27.76 56.46 -2.50
CA LYS D 147 29.04 56.55 -1.81
C LYS D 147 28.86 57.35 -0.53
N GLN D 148 29.69 57.05 0.47
CA GLN D 148 29.53 57.63 1.80
C GLN D 148 30.90 58.02 2.35
N GLU D 149 30.88 58.98 3.28
CA GLU D 149 32.07 59.51 3.92
C GLU D 149 31.96 59.33 5.43
N PHE D 150 33.12 59.34 6.10
CA PHE D 150 33.21 59.15 7.53
C PHE D 150 34.07 60.23 8.16
N ASN D 151 33.77 60.56 9.41
CA ASN D 151 34.68 61.36 10.21
C ASN D 151 35.74 60.45 10.84
N LYS D 152 36.53 61.02 11.76
CA LYS D 152 37.59 60.23 12.36
C LYS D 152 37.08 59.27 13.43
N TYR D 153 35.84 59.43 13.87
CA TYR D 153 35.25 58.55 14.88
C TYR D 153 34.41 57.43 14.27
N GLY D 154 34.19 57.43 12.96
CA GLY D 154 33.51 56.33 12.31
C GLY D 154 32.06 56.57 11.96
N GLU D 155 31.45 57.65 12.44
CA GLU D 155 30.08 57.96 12.10
C GLU D 155 30.00 58.56 10.70
N VAL D 156 28.98 58.16 9.95
CA VAL D 156 28.78 58.64 8.59
C VAL D 156 28.32 60.08 8.66
N THR D 157 28.96 60.94 7.87
CA THR D 157 28.65 62.37 7.87
C THR D 157 27.87 62.83 6.65
N THR D 158 28.07 62.20 5.49
CA THR D 158 27.37 62.60 4.28
C THR D 158 27.31 61.44 3.31
N PHE D 159 26.27 61.44 2.49
CA PHE D 159 26.08 60.47 1.42
C PHE D 159 26.22 61.16 0.07
N GLN D 160 27.01 60.58 -0.81
CA GLN D 160 27.21 61.11 -2.16
C GLN D 160 26.56 60.15 -3.15
N TYR D 161 25.70 60.69 -4.01
CA TYR D 161 24.87 59.91 -4.92
C TYR D 161 25.06 60.44 -6.33
N GLY D 162 25.78 59.69 -7.15
CA GLY D 162 25.99 60.08 -8.53
C GLY D 162 27.35 59.58 -9.02
N ASP D 163 27.72 60.08 -10.19
CA ASP D 163 29.00 59.73 -10.82
C ASP D 163 30.03 60.82 -10.55
N GLU D 164 31.19 60.71 -11.19
CA GLU D 164 32.30 61.62 -10.89
C GLU D 164 32.00 63.07 -11.26
N GLY D 165 31.08 63.31 -12.19
CA GLY D 165 30.83 64.67 -12.66
C GLY D 165 29.41 65.16 -12.41
N ASN D 166 28.45 64.24 -12.35
CA ASN D 166 27.06 64.54 -12.08
C ASN D 166 26.72 63.94 -10.72
N ARG D 167 26.47 64.79 -9.73
CA ARG D 167 26.45 64.36 -8.35
C ARG D 167 25.38 65.10 -7.56
N GLU D 168 24.94 64.45 -6.49
CA GLU D 168 24.18 65.08 -5.42
C GLU D 168 24.85 64.76 -4.09
N SER D 169 24.94 65.75 -3.22
CA SER D 169 25.43 65.57 -1.86
C SER D 169 24.26 65.65 -0.90
N ILE D 170 24.11 64.62 -0.07
CA ILE D 170 23.01 64.53 0.88
C ILE D 170 23.58 64.39 2.28
N LYS D 171 23.09 65.20 3.21
CA LYS D 171 23.53 65.10 4.59
C LYS D 171 22.92 63.89 5.25
N SER D 172 23.69 63.24 6.12
CA SER D 172 23.20 62.09 6.84
C SER D 172 22.28 62.54 7.98
N PHE D 173 21.52 61.57 8.50
CA PHE D 173 20.60 61.88 9.60
C PHE D 173 21.34 62.44 10.80
N TYR D 174 22.52 61.92 11.10
CA TYR D 174 23.25 62.35 12.28
C TYR D 174 23.73 63.78 12.15
N SER D 175 24.24 64.16 10.97
CA SER D 175 24.83 65.47 10.76
C SER D 175 23.81 66.54 10.38
N ALA D 176 22.56 66.16 10.11
CA ALA D 176 21.56 67.14 9.74
C ALA D 176 21.15 67.98 10.94
N ALA D 177 20.92 69.27 10.69
CA ALA D 177 20.46 70.16 11.75
C ALA D 177 19.09 69.71 12.24
N LYS D 178 18.88 69.81 13.55
CA LYS D 178 17.67 69.31 14.19
C LYS D 178 17.02 70.40 15.01
N ASN D 179 15.71 70.30 15.17
CA ASN D 179 14.95 71.25 15.96
C ASN D 179 15.11 70.93 17.44
N GLU D 180 14.29 71.58 18.27
CA GLU D 180 14.41 71.42 19.71
C GLU D 180 14.06 70.01 20.17
N LYS D 181 13.21 69.30 19.43
CA LYS D 181 12.77 67.97 19.81
C LYS D 181 13.64 66.86 19.22
N GLY D 182 14.66 67.20 18.44
CA GLY D 182 15.58 66.21 17.92
C GLY D 182 15.21 65.65 16.56
N ARG D 183 14.25 66.26 15.87
CA ARG D 183 13.91 65.79 14.52
C ARG D 183 14.59 66.68 13.48
N PRO D 184 14.99 66.13 12.33
CA PRO D 184 15.66 66.97 11.33
C PRO D 184 14.72 68.02 10.75
N ILE D 185 15.31 69.13 10.31
CA ILE D 185 14.58 70.20 9.65
C ILE D 185 15.10 70.43 8.23
N GLU D 186 15.78 69.44 7.65
CA GLU D 186 16.30 69.56 6.29
C GLU D 186 16.42 68.17 5.69
N ASN D 187 16.57 68.12 4.37
CA ASN D 187 16.63 66.85 3.67
C ASN D 187 17.81 66.03 4.16
N TYR D 188 17.61 64.70 4.23
CA TYR D 188 18.64 63.80 4.71
C TYR D 188 18.40 62.42 4.12
N ALA D 189 19.38 61.54 4.32
CA ALA D 189 19.32 60.17 3.85
C ALA D 189 19.80 59.22 4.95
N PHE D 190 19.45 57.95 4.81
CA PHE D 190 19.86 56.95 5.77
C PHE D 190 19.98 55.60 5.07
N MET D 191 20.75 54.70 5.68
CA MET D 191 21.02 53.39 5.11
C MET D 191 20.92 52.33 6.20
N ILE D 192 20.46 51.14 5.82
CA ILE D 192 20.38 49.99 6.71
C ILE D 192 21.39 48.96 6.26
N VAL D 193 21.97 48.24 7.22
CA VAL D 193 23.07 47.32 6.96
C VAL D 193 22.82 46.01 7.69
N LYS D 194 23.17 44.89 7.05
CA LYS D 194 23.07 43.57 7.65
C LYS D 194 24.38 43.20 8.32
N PRO D 195 24.39 42.84 9.60
CA PRO D 195 25.67 42.60 10.30
C PRO D 195 26.47 41.48 9.64
N SER D 196 27.74 41.40 10.04
CA SER D 196 28.64 40.36 9.58
C SER D 196 29.47 39.87 10.76
N ILE D 197 30.39 38.95 10.47
CA ILE D 197 31.15 38.31 11.53
C ILE D 197 32.15 39.28 12.17
N ASN D 198 32.81 40.10 11.37
CA ASN D 198 33.88 40.95 11.89
C ASN D 198 33.41 41.93 12.95
N GLY D 199 32.13 42.31 12.93
CA GLY D 199 31.61 43.23 13.92
C GLY D 199 31.79 44.69 13.62
N ALA D 200 32.41 45.03 12.48
CA ALA D 200 32.53 46.43 12.06
C ALA D 200 31.13 46.90 11.69
N MET D 201 30.60 47.84 12.48
CA MET D 201 29.18 48.19 12.38
C MET D 201 28.80 48.66 10.99
N ASN D 202 29.61 49.52 10.37
CA ASN D 202 29.27 50.05 9.06
C ASN D 202 30.50 50.10 8.15
N LEU D 203 31.43 49.15 8.32
CA LEU D 203 32.65 49.11 7.53
C LEU D 203 33.03 47.71 7.08
N ASP D 204 32.10 46.76 7.17
CA ASP D 204 32.39 45.37 6.85
C ASP D 204 31.84 44.98 5.48
N VAL D 205 32.24 43.80 5.02
CA VAL D 205 31.77 43.30 3.73
C VAL D 205 30.27 43.04 3.81
N GLN D 206 29.63 42.99 2.64
CA GLN D 206 28.20 42.72 2.58
C GLN D 206 27.92 41.30 3.07
N ASN D 207 26.64 41.04 3.33
CA ASN D 207 26.16 39.73 3.77
C ASN D 207 24.91 39.42 2.97
N THR D 208 25.07 38.73 1.84
CA THR D 208 23.97 38.47 0.93
C THR D 208 24.05 37.03 0.46
N PRO D 209 22.92 36.42 0.08
CA PRO D 209 22.96 35.05 -0.44
C PRO D 209 23.80 34.90 -1.70
N LEU D 210 23.87 35.91 -2.55
CA LEU D 210 24.66 35.81 -3.77
C LEU D 210 26.14 35.60 -3.47
N GLN D 211 26.58 35.88 -2.25
CA GLN D 211 27.98 35.65 -1.87
C GLN D 211 28.39 34.21 -2.05
N ALA D 212 27.44 33.27 -1.99
CA ALA D 212 27.77 31.85 -1.85
C ALA D 212 27.34 30.98 -3.03
N VAL D 213 26.55 31.50 -3.96
CA VAL D 213 25.95 30.66 -5.00
C VAL D 213 26.69 30.79 -6.32
N GLY D 214 27.97 31.17 -6.28
CA GLY D 214 28.70 31.34 -7.52
C GLY D 214 28.88 30.05 -8.30
N MET D 215 29.36 28.99 -7.63
CA MET D 215 29.66 27.74 -8.33
C MET D 215 28.40 27.10 -8.93
N PRO D 216 27.28 26.99 -8.20
CA PRO D 216 26.08 26.42 -8.83
C PRO D 216 25.67 27.16 -10.09
N VAL D 217 25.67 28.49 -10.06
CA VAL D 217 25.28 29.27 -11.24
C VAL D 217 26.26 29.02 -12.38
N ALA D 218 27.56 29.03 -12.06
CA ALA D 218 28.56 28.82 -13.10
C ALA D 218 28.41 27.46 -13.77
N LEU D 219 28.07 26.42 -13.01
CA LEU D 219 27.91 25.10 -13.60
C LEU D 219 26.59 25.01 -14.37
N TYR D 220 25.53 25.62 -13.85
CA TYR D 220 24.24 25.60 -14.54
C TYR D 220 24.35 26.25 -15.91
N ASN D 221 25.00 27.42 -15.98
CA ASN D 221 25.13 28.09 -17.26
C ASN D 221 25.94 27.26 -18.25
N GLY D 222 27.03 26.65 -17.79
CA GLY D 222 27.82 25.83 -18.69
C GLY D 222 27.05 24.65 -19.23
N LEU D 223 26.30 23.96 -18.37
CA LEU D 223 25.51 22.82 -18.84
C LEU D 223 24.46 23.25 -19.84
N MET D 224 23.76 24.36 -19.60
CA MET D 224 22.75 24.80 -20.55
C MET D 224 23.39 25.22 -21.87
N GLU D 225 24.56 25.87 -21.81
CA GLU D 225 25.26 26.25 -23.04
C GLU D 225 25.64 25.02 -23.85
N ARG D 226 26.14 23.98 -23.18
CA ARG D 226 26.45 22.75 -23.89
C ARG D 226 25.20 22.14 -24.51
N ALA D 227 24.07 22.18 -23.79
CA ALA D 227 22.83 21.64 -24.34
C ALA D 227 22.45 22.37 -25.62
N LEU D 228 22.50 23.70 -25.61
CA LEU D 228 22.17 24.45 -26.81
C LEU D 228 23.13 24.15 -27.96
N GLU D 229 24.44 24.09 -27.65
CA GLU D 229 25.42 23.83 -28.69
C GLU D 229 25.21 22.47 -29.32
N GLN D 230 24.84 21.46 -28.53
CA GLN D 230 24.54 20.15 -29.08
C GLN D 230 23.25 20.16 -29.90
N CYS D 231 22.23 20.89 -29.43
CA CYS D 231 20.98 20.95 -30.16
C CYS D 231 21.19 21.55 -31.54
N ASP D 232 22.05 22.56 -31.64
CA ASP D 232 22.22 23.29 -32.89
C ASP D 232 23.25 22.67 -33.83
N GLY D 233 23.95 21.61 -33.42
CA GLY D 233 25.06 21.10 -34.21
C GLY D 233 25.00 19.65 -34.64
N THR D 234 24.29 18.82 -33.90
CA THR D 234 24.31 17.39 -34.17
C THR D 234 23.54 17.08 -35.47
N PRO D 235 24.10 16.30 -36.38
CA PRO D 235 23.37 15.96 -37.60
C PRO D 235 22.06 15.26 -37.29
N ASN D 236 21.06 15.52 -38.14
CA ASN D 236 19.71 14.98 -37.98
C ASN D 236 19.49 13.93 -39.07
N SER D 237 19.84 12.69 -38.77
CA SER D 237 19.70 11.60 -39.73
C SER D 237 19.41 10.31 -38.97
N LYS D 238 18.89 9.32 -39.69
CA LYS D 238 18.50 8.05 -39.10
C LYS D 238 19.20 6.84 -39.69
N TRP D 239 19.50 6.85 -40.98
CA TRP D 239 20.13 5.71 -41.66
C TRP D 239 21.47 6.12 -42.21
N PHE D 240 22.44 5.21 -42.14
CA PHE D 240 23.75 5.38 -42.76
C PHE D 240 23.96 4.20 -43.71
N VAL D 241 23.95 4.48 -45.01
CA VAL D 241 23.98 3.45 -46.03
C VAL D 241 25.29 3.57 -46.81
N THR D 242 25.90 2.41 -47.09
CA THR D 242 27.17 2.35 -47.81
C THR D 242 27.05 1.30 -48.91
N ALA D 243 27.81 1.50 -49.99
CA ALA D 243 27.76 0.61 -51.14
C ALA D 243 29.17 0.44 -51.71
N GLY D 244 29.34 -0.62 -52.50
CA GLY D 244 30.62 -0.91 -53.10
C GLY D 244 30.89 -0.05 -54.32
N ARG D 245 32.08 -0.26 -54.90
CA ARG D 245 32.51 0.52 -56.05
C ARG D 245 32.01 -0.03 -57.37
N ASP D 246 31.52 -1.27 -57.40
CA ASP D 246 31.14 -1.91 -58.66
C ASP D 246 29.69 -1.63 -59.00
N ILE D 247 29.31 -0.35 -59.06
CA ILE D 247 27.97 0.07 -59.45
C ILE D 247 28.11 1.17 -60.50
N GLY D 248 27.23 1.15 -61.49
CA GLY D 248 27.39 2.00 -62.65
C GLY D 248 27.23 3.48 -62.34
N GLU D 249 27.56 4.28 -63.36
CA GLU D 249 27.44 5.74 -63.22
C GLU D 249 26.00 6.17 -63.04
N VAL D 250 25.07 5.58 -63.80
CA VAL D 250 23.66 5.87 -63.65
C VAL D 250 22.93 4.76 -62.90
N GLN D 251 23.49 3.56 -62.84
CA GLN D 251 22.86 2.48 -62.09
C GLN D 251 22.83 2.78 -60.59
N SER D 252 23.68 3.70 -60.14
CA SER D 252 23.74 4.01 -58.71
C SER D 252 22.56 4.88 -58.28
N LYS D 253 22.14 5.81 -59.14
CA LYS D 253 21.06 6.71 -58.79
C LYS D 253 19.75 5.96 -58.55
N GLU D 254 19.59 4.79 -59.18
CA GLU D 254 18.37 4.02 -59.02
C GLU D 254 18.19 3.56 -57.58
N ILE D 255 19.28 3.27 -56.87
CA ILE D 255 19.17 2.84 -55.49
C ILE D 255 18.56 3.95 -54.64
N LYS D 256 19.10 5.17 -54.78
CA LYS D 256 18.59 6.27 -53.95
C LYS D 256 17.19 6.68 -54.39
N ASP D 257 16.87 6.53 -55.67
CA ASP D 257 15.50 6.78 -56.10
C ASP D 257 14.54 5.77 -55.48
N GLY D 258 14.93 4.50 -55.42
CA GLY D 258 14.08 3.51 -54.80
C GLY D 258 13.92 3.74 -53.31
N ILE D 259 15.00 4.08 -52.62
CA ILE D 259 14.91 4.36 -51.19
C ILE D 259 14.10 5.64 -50.96
N ASP D 260 14.27 6.63 -51.83
CA ASP D 260 13.55 7.89 -51.65
C ASP D 260 12.06 7.72 -51.87
N ASP D 261 11.65 6.78 -52.73
CA ASP D 261 10.24 6.59 -53.01
C ASP D 261 9.48 5.99 -51.84
N THR D 262 10.18 5.52 -50.80
CA THR D 262 9.53 4.99 -49.61
C THR D 262 9.31 6.06 -48.54
N LYS D 263 9.67 7.31 -48.81
CA LYS D 263 9.35 8.39 -47.90
C LYS D 263 7.84 8.58 -47.84
N PRO D 264 7.32 9.17 -46.77
CA PRO D 264 5.88 9.47 -46.72
C PRO D 264 5.48 10.33 -47.89
N GLY D 265 4.36 9.98 -48.51
CA GLY D 265 3.88 10.69 -49.68
C GLY D 265 4.49 10.27 -50.99
N GLY D 266 5.43 9.32 -50.98
CA GLY D 266 6.06 8.87 -52.20
C GLY D 266 5.20 7.89 -52.96
N ASP D 267 5.73 7.47 -54.12
CA ASP D 267 5.01 6.52 -54.97
C ASP D 267 5.03 5.10 -54.40
N SER D 268 5.93 4.81 -53.46
CA SER D 268 6.08 3.46 -52.92
C SER D 268 6.16 3.49 -51.40
N ALA D 269 5.48 4.44 -50.77
CA ALA D 269 5.53 4.55 -49.32
C ALA D 269 4.98 3.30 -48.66
N GLY D 270 5.71 2.79 -47.65
CA GLY D 270 5.28 1.64 -46.89
C GLY D 270 5.69 0.30 -47.46
N GLU D 271 6.25 0.27 -48.66
CA GLU D 271 6.62 -0.99 -49.29
C GLU D 271 8.02 -1.42 -48.85
N ILE D 272 8.39 -2.64 -49.23
CA ILE D 272 9.71 -3.13 -48.91
C ILE D 272 10.73 -2.61 -49.92
N ILE D 273 12.01 -2.74 -49.57
CA ILE D 273 13.12 -2.35 -50.43
C ILE D 273 13.79 -3.62 -50.93
N PHE D 274 13.81 -3.80 -52.25
CA PHE D 274 14.39 -4.97 -52.88
C PHE D 274 15.53 -4.52 -53.78
N VAL D 275 16.75 -4.86 -53.41
CA VAL D 275 17.95 -4.48 -54.16
C VAL D 275 18.59 -5.77 -54.67
N PHE D 276 18.80 -5.84 -55.99
CA PHE D 276 19.27 -7.04 -56.66
C PHE D 276 20.70 -6.84 -57.12
N GLY D 277 21.60 -7.74 -56.71
CA GLY D 277 22.96 -7.73 -57.20
C GLY D 277 23.86 -6.73 -56.51
N GLU D 278 23.29 -5.56 -56.17
CA GLU D 278 24.07 -4.49 -55.56
C GLU D 278 24.17 -4.72 -54.06
N ASP D 279 25.41 -4.88 -53.57
CA ASP D 279 25.65 -5.24 -52.18
C ASP D 279 25.71 -3.99 -51.32
N VAL D 280 24.53 -3.58 -50.84
CA VAL D 280 24.42 -2.40 -49.99
C VAL D 280 24.41 -2.84 -48.53
N LYS D 281 24.85 -1.93 -47.65
CA LYS D 281 24.83 -2.15 -46.21
C LYS D 281 23.97 -1.07 -45.54
N LEU D 282 23.42 -1.43 -44.38
CA LEU D 282 22.56 -0.53 -43.62
C LEU D 282 23.02 -0.47 -42.18
N GLN D 283 23.01 0.73 -41.60
CA GLN D 283 23.34 0.93 -40.20
C GLN D 283 22.36 1.93 -39.60
N GLU D 284 21.78 1.56 -38.46
CA GLU D 284 20.87 2.45 -37.77
C GLU D 284 21.63 3.44 -36.90
N ILE D 285 21.15 4.69 -36.87
CA ILE D 285 21.72 5.74 -36.04
C ILE D 285 20.73 6.08 -34.95
N LYS D 286 21.18 6.05 -33.71
CA LYS D 286 20.34 6.36 -32.55
C LYS D 286 20.87 7.64 -31.92
N ASN D 287 20.33 8.78 -32.36
CA ASN D 287 20.63 10.07 -31.75
C ASN D 287 19.83 10.19 -30.46
N ASP D 288 20.46 9.79 -29.36
CA ASP D 288 19.81 9.77 -28.06
C ASP D 288 20.01 11.13 -27.39
N LEU D 289 19.00 11.99 -27.48
CA LEU D 289 19.03 13.29 -26.85
C LEU D 289 18.21 13.35 -25.57
N SER D 290 17.91 12.20 -24.96
CA SER D 290 17.12 12.18 -23.74
C SER D 290 17.88 12.71 -22.53
N ASP D 291 19.20 12.84 -22.63
CA ASP D 291 20.02 13.42 -21.57
C ASP D 291 20.87 14.54 -22.11
N ILE D 292 20.30 15.33 -23.04
CA ILE D 292 21.05 16.41 -23.67
C ILE D 292 21.41 17.48 -22.64
N HIS D 293 20.55 17.73 -21.67
CA HIS D 293 20.70 18.83 -20.74
C HIS D 293 21.26 18.44 -19.38
N SER D 294 21.67 17.18 -19.20
CA SER D 294 22.27 16.73 -17.95
C SER D 294 21.31 16.96 -16.78
N LYS D 295 20.20 16.22 -16.81
CA LYS D 295 19.08 16.46 -15.91
C LYS D 295 19.52 16.50 -14.44
N ILE D 296 20.24 15.48 -13.99
CA ILE D 296 20.49 15.32 -12.56
C ILE D 296 21.35 16.45 -12.01
N PRO D 297 22.54 16.74 -12.54
CA PRO D 297 23.34 17.85 -12.00
C PRO D 297 22.62 19.19 -12.11
N LEU D 298 21.89 19.42 -13.20
CA LEU D 298 21.17 20.68 -13.34
C LEU D 298 20.11 20.83 -12.24
N ASP D 299 19.36 19.75 -11.97
CA ASP D 299 18.39 19.80 -10.90
C ASP D 299 19.05 20.02 -9.54
N ASP D 300 20.20 19.37 -9.31
CA ASP D 300 20.91 19.57 -8.05
C ASP D 300 21.34 21.02 -7.88
N GLN D 301 21.89 21.63 -8.93
CA GLN D 301 22.29 23.03 -8.86
C GLN D 301 21.09 23.93 -8.61
N ALA D 302 19.97 23.66 -9.27
CA ALA D 302 18.77 24.45 -9.04
C ALA D 302 18.32 24.33 -7.59
N ARG D 303 18.34 23.12 -7.04
CA ARG D 303 17.96 22.93 -5.64
C ARG D 303 18.88 23.71 -4.71
N THR D 304 20.19 23.67 -4.96
CA THR D 304 21.12 24.40 -4.11
C THR D 304 20.86 25.90 -4.17
N ILE D 305 20.68 26.44 -5.38
CA ILE D 305 20.44 27.87 -5.52
C ILE D 305 19.16 28.26 -4.80
N ALA D 306 18.10 27.46 -4.95
CA ALA D 306 16.86 27.74 -4.26
C ALA D 306 17.02 27.68 -2.74
N GLY D 307 17.77 26.69 -2.26
CA GLY D 307 17.94 26.54 -0.82
C GLY D 307 18.70 27.69 -0.19
N ASN D 308 19.77 28.15 -0.85
CA ASN D 308 20.58 29.21 -0.27
C ASN D 308 19.76 30.47 -0.01
N PHE D 309 18.70 30.70 -0.79
CA PHE D 309 17.85 31.87 -0.58
C PHE D 309 16.80 31.64 0.50
N GLY D 310 16.60 30.39 0.93
CA GLY D 310 15.62 30.11 1.97
C GLY D 310 14.21 29.96 1.46
N ILE D 311 14.03 29.48 0.24
CA ILE D 311 12.73 29.28 -0.37
C ILE D 311 12.53 27.77 -0.54
N PRO D 312 11.50 27.17 0.07
CA PRO D 312 11.24 25.76 -0.22
C PRO D 312 11.02 25.52 -1.70
N ILE D 313 11.66 24.48 -2.23
CA ILE D 313 11.64 24.24 -3.67
C ILE D 313 10.22 23.96 -4.16
N ALA D 314 9.33 23.49 -3.29
CA ALA D 314 7.96 23.22 -3.71
C ALA D 314 7.27 24.49 -4.18
N LEU D 315 7.45 25.59 -3.45
CA LEU D 315 6.80 26.84 -3.80
C LEU D 315 7.37 27.48 -5.07
N LEU D 316 8.64 27.23 -5.36
CA LEU D 316 9.28 27.92 -6.48
C LEU D 316 8.68 27.52 -7.82
N GLY D 317 8.01 26.37 -7.89
CA GLY D 317 7.45 25.86 -9.12
C GLY D 317 8.26 24.75 -9.75
N PHE D 318 9.47 24.49 -9.28
CA PHE D 318 10.27 23.37 -9.76
C PHE D 318 9.82 22.10 -9.03
N ALA D 319 10.59 21.02 -9.18
CA ALA D 319 10.15 19.72 -8.69
C ALA D 319 11.26 19.05 -7.91
N ALA D 320 10.85 18.13 -7.03
CA ALA D 320 11.75 17.30 -6.25
C ALA D 320 11.13 15.92 -6.09
N ALA D 321 11.95 14.95 -5.73
CA ALA D 321 11.51 13.55 -5.71
C ALA D 321 10.85 13.16 -4.39
N ASP D 322 10.87 14.02 -3.37
CA ASP D 322 10.39 13.67 -2.05
C ASP D 322 9.41 14.70 -1.48
N GLY D 323 8.42 15.13 -2.26
CA GLY D 323 7.51 16.15 -1.78
C GLY D 323 6.67 15.70 -0.59
N SER D 324 6.09 14.51 -0.68
CA SER D 324 5.19 14.03 0.37
C SER D 324 5.91 13.37 1.53
N LYS D 325 7.21 13.13 1.43
CA LYS D 325 7.93 12.48 2.53
C LYS D 325 8.17 13.42 3.69
N PHE D 326 8.23 14.72 3.45
CA PHE D 326 8.44 15.71 4.50
C PHE D 326 7.21 16.57 4.73
N ALA D 327 6.71 17.24 3.69
CA ALA D 327 5.58 18.14 3.84
C ALA D 327 4.28 17.45 3.47
N SER D 328 3.34 17.42 4.42
CA SER D 328 2.06 16.77 4.18
C SER D 328 1.26 17.48 3.10
N ASN D 329 1.24 18.80 3.10
CA ASN D 329 0.38 19.56 2.20
C ASN D 329 1.18 20.73 1.62
N TYR D 330 0.49 21.62 0.92
CA TYR D 330 1.06 22.82 0.32
C TYR D 330 0.93 24.03 1.24
N ASP D 331 -0.19 24.12 1.95
CA ASP D 331 -0.42 25.23 2.86
C ASP D 331 0.62 25.26 3.97
N GLU D 332 1.02 24.09 4.47
CA GLU D 332 2.08 24.06 5.48
C GLU D 332 3.38 24.61 4.91
N SER D 333 3.71 24.28 3.66
CA SER D 333 4.91 24.83 3.05
C SER D 333 4.83 26.35 2.93
N ARG D 334 3.68 26.88 2.50
CA ARG D 334 3.53 28.33 2.41
C ARG D 334 3.68 28.99 3.76
N LYS D 335 3.00 28.45 4.78
CA LYS D 335 3.04 29.02 6.11
C LYS D 335 4.46 28.99 6.69
N ALA D 336 5.15 27.87 6.52
CA ALA D 336 6.52 27.76 7.00
C ALA D 336 7.44 28.73 6.28
N PHE D 337 7.33 28.80 4.95
CA PHE D 337 8.14 29.77 4.21
C PHE D 337 7.96 31.16 4.78
N PHE D 338 6.71 31.61 4.91
CA PHE D 338 6.46 32.94 5.47
C PHE D 338 7.12 33.07 6.83
N GLU D 339 6.67 32.28 7.80
CA GLU D 339 7.07 32.50 9.19
C GLU D 339 8.58 32.38 9.38
N ASP D 340 9.25 31.54 8.60
CA ASP D 340 10.67 31.27 8.84
C ASP D 340 11.60 32.16 8.03
N THR D 341 11.18 32.68 6.88
CA THR D 341 12.05 33.51 6.06
C THR D 341 11.58 34.96 6.03
N ILE D 342 10.31 35.21 5.71
CA ILE D 342 9.88 36.59 5.44
C ILE D 342 9.88 37.40 6.73
N GLU D 343 9.30 36.84 7.80
CA GLU D 343 9.16 37.60 9.04
C GLU D 343 10.50 37.98 9.65
N PRO D 344 11.44 37.05 9.85
CA PRO D 344 12.70 37.44 10.52
C PRO D 344 13.73 38.00 9.56
N GLY D 345 13.54 37.82 8.25
CA GLY D 345 14.58 38.20 7.31
C GLY D 345 14.35 39.52 6.63
N TYR D 346 13.11 39.85 6.31
CA TYR D 346 12.83 41.01 5.46
C TYR D 346 11.91 42.04 6.10
N LEU D 347 10.89 41.59 6.84
CA LEU D 347 9.99 42.56 7.48
C LEU D 347 10.69 43.28 8.63
N THR D 348 11.38 42.53 9.49
CA THR D 348 11.98 43.13 10.68
C THR D 348 13.03 44.19 10.35
N PRO D 349 13.96 43.97 9.42
CA PRO D 349 14.93 45.03 9.12
C PRO D 349 14.30 46.33 8.65
N MET D 350 13.39 46.26 7.67
CA MET D 350 12.74 47.47 7.18
C MET D 350 11.95 48.15 8.29
N GLU D 351 11.19 47.36 9.05
CA GLU D 351 10.41 47.91 10.14
C GLU D 351 11.29 48.66 11.13
N ASP D 352 12.37 48.01 11.59
CA ASP D 352 13.24 48.62 12.58
C ASP D 352 13.92 49.87 12.03
N GLY D 353 14.38 49.82 10.78
CA GLY D 353 15.05 50.96 10.19
C GLY D 353 14.14 52.16 10.06
N PHE D 354 12.93 51.95 9.54
CA PHE D 354 11.99 53.05 9.43
C PHE D 354 11.60 53.59 10.80
N SER D 355 11.38 52.71 11.78
CA SER D 355 11.06 53.19 13.12
C SER D 355 12.20 54.01 13.70
N MET D 356 13.45 53.60 13.47
CA MET D 356 14.58 54.32 14.02
C MET D 356 14.76 55.69 13.36
N PHE D 357 14.61 55.76 12.04
CA PHE D 357 15.01 56.94 11.30
C PHE D 357 13.87 57.87 10.87
N LEU D 358 12.61 57.49 11.09
CA LEU D 358 11.48 58.34 10.73
C LEU D 358 10.66 58.74 11.94
N CYS D 359 10.21 57.78 12.73
CA CYS D 359 9.31 58.09 13.85
C CYS D 359 10.11 58.51 15.08
N ALA D 360 9.54 59.45 15.83
CA ALA D 360 10.14 59.87 17.08
C ALA D 360 9.93 58.80 18.15
N PRO D 361 10.71 58.84 19.22
CA PRO D 361 10.54 57.84 20.29
C PRO D 361 9.12 57.86 20.83
N GLY D 362 8.61 56.67 21.16
CA GLY D 362 7.25 56.50 21.58
C GLY D 362 6.30 56.06 20.49
N SER D 363 6.71 56.14 19.22
CA SER D 363 5.93 55.67 18.10
C SER D 363 6.75 54.67 17.30
N ARG D 364 6.10 53.98 16.38
CA ARG D 364 6.75 52.94 15.61
C ARG D 364 6.00 52.70 14.31
N VAL D 365 6.68 52.03 13.38
CA VAL D 365 6.06 51.54 12.15
C VAL D 365 5.89 50.03 12.32
N ILE D 366 4.67 49.55 12.13
CA ILE D 366 4.33 48.17 12.45
C ILE D 366 3.75 47.50 11.20
N PHE D 367 4.28 46.32 10.88
CA PHE D 367 3.72 45.48 9.84
C PHE D 367 2.53 44.71 10.40
N ASP D 368 1.54 44.45 9.55
CA ASP D 368 0.35 43.69 9.93
C ASP D 368 0.54 42.26 9.44
N ARG D 369 0.94 41.37 10.34
CA ARG D 369 1.26 40.00 9.94
C ARG D 369 0.02 39.13 9.88
N ASP D 370 -0.79 39.15 10.95
CA ASP D 370 -1.87 38.17 11.09
C ASP D 370 -2.91 38.28 9.98
N SER D 371 -3.02 39.43 9.32
CA SER D 371 -4.03 39.61 8.28
C SER D 371 -3.62 39.03 6.94
N ILE D 372 -2.42 38.45 6.84
CA ILE D 372 -1.99 37.89 5.56
C ILE D 372 -2.87 36.69 5.22
N PRO D 373 -3.19 36.45 3.94
CA PRO D 373 -4.11 35.34 3.62
C PRO D 373 -3.63 33.97 4.08
N ALA D 374 -2.31 33.73 4.06
CA ALA D 374 -1.81 32.38 4.30
C ALA D 374 -2.07 31.88 5.72
N LEU D 375 -2.37 32.78 6.66
CA LEU D 375 -2.50 32.40 8.06
C LEU D 375 -3.92 32.48 8.59
N LYS D 376 -4.92 32.65 7.72
CA LYS D 376 -6.29 32.82 8.20
C LYS D 376 -6.82 31.55 8.86
N LYS D 377 -6.67 30.41 8.19
CA LYS D 377 -7.26 29.17 8.70
C LYS D 377 -6.63 28.77 10.02
N SER D 378 -5.30 28.83 10.11
CA SER D 378 -4.62 28.45 11.34
C SER D 378 -5.02 29.39 12.48
N ARG D 379 -5.10 30.70 12.19
CA ARG D 379 -5.48 31.64 13.23
C ARG D 379 -6.89 31.36 13.74
N ALA D 380 -7.83 31.09 12.83
CA ALA D 380 -9.19 30.78 13.25
C ALA D 380 -9.23 29.51 14.09
N ASP D 381 -8.50 28.47 13.65
CA ASP D 381 -8.50 27.22 14.40
C ASP D 381 -7.93 27.41 15.80
N ILE D 382 -6.84 28.17 15.91
CA ILE D 382 -6.24 28.41 17.21
C ILE D 382 -7.16 29.24 18.09
N ALA D 383 -7.81 30.26 17.50
CA ALA D 383 -8.73 31.09 18.28
C ALA D 383 -9.88 30.27 18.83
N ALA D 384 -10.40 29.34 18.03
CA ALA D 384 -11.49 28.50 18.49
C ALA D 384 -11.10 27.61 19.66
N VAL D 385 -9.81 27.43 19.92
CA VAL D 385 -9.36 26.57 21.01
C VAL D 385 -9.28 27.32 22.33
N TYR D 386 -8.77 28.56 22.32
CA TYR D 386 -8.70 29.34 23.55
C TYR D 386 -10.08 29.69 24.08
N GLU D 387 -11.13 29.51 23.27
CA GLU D 387 -12.48 29.79 23.75
C GLU D 387 -12.87 28.91 24.92
N LYS D 388 -12.18 27.77 25.10
CA LYS D 388 -12.51 26.84 26.16
C LYS D 388 -11.71 27.08 27.44
N VAL D 389 -10.49 27.60 27.32
CA VAL D 389 -9.67 27.87 28.50
C VAL D 389 -10.33 28.96 29.33
N THR D 390 -10.38 28.75 30.65
CA THR D 390 -11.04 29.68 31.56
C THR D 390 -10.12 30.28 32.61
N PHE D 391 -8.88 29.80 32.73
CA PHE D 391 -7.93 30.39 33.67
C PHE D 391 -7.14 31.53 33.04
N ILE D 392 -7.66 32.14 31.98
CA ILE D 392 -7.02 33.26 31.30
C ILE D 392 -8.07 34.34 31.08
N ASP D 393 -7.64 35.60 31.21
CA ASP D 393 -8.56 36.71 31.04
C ASP D 393 -8.90 36.90 29.56
N GLU D 394 -10.00 37.62 29.31
CA GLU D 394 -10.38 37.91 27.93
C GLU D 394 -9.33 38.76 27.24
N ASN D 395 -8.76 39.74 27.95
CA ASN D 395 -7.73 40.57 27.36
C ASN D 395 -6.51 39.74 26.96
N GLU D 396 -6.09 38.81 27.82
CA GLU D 396 -4.96 37.96 27.47
C GLU D 396 -5.26 37.08 26.26
N LYS D 397 -6.48 36.55 26.19
CA LYS D 397 -6.87 35.79 25.00
C LYS D 397 -6.77 36.64 23.76
N ARG D 398 -7.22 37.89 23.82
CA ARG D 398 -7.11 38.78 22.68
C ARG D 398 -5.65 39.03 22.31
N GLU D 399 -4.80 39.27 23.31
CA GLU D 399 -3.39 39.57 23.03
C GLU D 399 -2.69 38.38 22.38
N VAL D 400 -2.95 37.17 22.87
CA VAL D 400 -2.24 36.01 22.36
C VAL D 400 -2.65 35.66 20.93
N THR D 401 -3.83 36.07 20.49
CA THR D 401 -4.29 35.82 19.13
C THR D 401 -4.07 37.00 18.20
N GLY D 402 -3.42 38.07 18.67
CA GLY D 402 -3.09 39.19 17.83
C GLY D 402 -4.09 40.33 17.83
N TRP D 403 -5.16 40.24 18.61
CA TRP D 403 -6.15 41.31 18.61
C TRP D 403 -5.76 42.39 19.62
N PRO D 404 -6.15 43.64 19.38
CA PRO D 404 -5.80 44.72 20.30
C PRO D 404 -6.64 44.66 21.58
N LYS D 405 -6.13 45.36 22.60
CA LYS D 405 -6.83 45.43 23.87
C LYS D 405 -8.06 46.34 23.77
N LYS D 406 -9.07 46.01 24.55
CA LYS D 406 -10.30 46.81 24.60
C LYS D 406 -10.06 48.08 25.41
N PRO E 17 41.23 35.46 46.37
CA PRO E 17 41.81 35.59 45.02
C PRO E 17 42.79 34.46 44.70
N SER E 18 43.53 34.00 45.71
CA SER E 18 44.47 32.91 45.52
C SER E 18 43.79 31.55 45.57
N ALA E 19 42.49 31.50 45.85
CA ALA E 19 41.82 30.23 46.07
C ALA E 19 41.61 29.47 44.77
N ASN E 20 41.23 30.16 43.69
CA ASN E 20 40.80 29.46 42.50
C ASN E 20 41.94 28.62 41.92
N PRO E 21 41.65 27.42 41.40
CA PRO E 21 42.73 26.59 40.84
C PRO E 21 43.28 27.10 39.51
N ALA E 22 42.69 28.14 38.93
CA ALA E 22 43.12 28.60 37.62
C ALA E 22 44.58 29.04 37.60
N LYS E 23 45.16 29.34 38.76
CA LYS E 23 46.57 29.73 38.80
C LYS E 23 47.50 28.65 38.30
N ILE E 24 47.03 27.40 38.22
CA ILE E 24 47.88 26.32 37.71
C ILE E 24 48.29 26.60 36.27
N PHE E 25 47.36 27.14 35.47
CA PHE E 25 47.60 27.31 34.04
C PHE E 25 48.33 28.61 33.73
N ILE E 26 47.98 29.71 34.41
CA ILE E 26 48.50 31.02 34.02
C ILE E 26 50.02 31.06 34.08
N ARG E 27 50.65 30.30 34.96
CA ARG E 27 52.11 30.28 35.01
C ARG E 27 52.71 29.71 33.73
N ARG E 28 51.95 28.88 33.01
CA ARG E 28 52.46 28.14 31.87
C ARG E 28 51.96 28.69 30.54
N LEU E 29 50.65 28.78 30.36
CA LEU E 29 50.09 29.11 29.06
C LEU E 29 50.19 30.61 28.75
N PHE E 30 49.96 31.46 29.75
CA PHE E 30 49.81 32.90 29.52
C PHE E 30 50.60 33.64 30.60
N ASN E 31 51.75 34.20 30.21
CA ASN E 31 52.57 34.95 31.14
C ASN E 31 51.86 36.22 31.58
N SER E 32 52.15 36.66 32.80
CA SER E 32 51.56 37.86 33.34
C SER E 32 52.05 39.10 32.58
N GLY E 33 51.15 40.02 32.30
CA GLY E 33 51.51 41.28 31.68
C GLY E 33 51.65 41.25 30.18
N ILE E 34 51.39 40.12 29.53
CA ILE E 34 51.50 39.99 28.08
C ILE E 34 50.12 39.67 27.52
N ALA E 35 49.63 40.51 26.61
CA ALA E 35 48.35 40.26 25.97
C ALA E 35 48.52 39.21 24.87
N LYS E 36 47.59 38.28 24.81
CA LYS E 36 47.62 37.20 23.83
C LYS E 36 46.28 37.09 23.11
N SER E 37 46.33 36.64 21.87
CA SER E 37 45.14 36.58 21.04
C SER E 37 44.11 35.61 21.63
N VAL E 38 42.84 35.99 21.52
CA VAL E 38 41.78 35.13 22.02
C VAL E 38 41.63 33.86 21.19
N VAL E 39 41.82 33.94 19.87
CA VAL E 39 41.67 32.80 18.97
C VAL E 39 42.90 32.72 18.07
N SER E 40 43.16 31.51 17.58
CA SER E 40 44.27 31.29 16.66
C SER E 40 43.92 31.78 15.25
N TYR E 41 44.96 32.04 14.46
CA TYR E 41 44.75 32.54 13.11
C TYR E 41 44.03 31.54 12.22
N SER E 42 44.34 30.25 12.36
CA SER E 42 43.68 29.25 11.54
C SER E 42 42.18 29.24 11.75
N ASN E 43 41.73 29.44 13.00
CA ASN E 43 40.30 29.50 13.27
C ASN E 43 39.68 30.70 12.58
N VAL E 44 40.37 31.84 12.60
CA VAL E 44 39.85 33.03 11.93
C VAL E 44 39.73 32.80 10.43
N MET E 45 40.74 32.17 9.82
CA MET E 45 40.67 31.87 8.40
C MET E 45 39.52 30.91 8.11
N ALA E 46 39.34 29.90 8.96
CA ALA E 46 38.22 28.97 8.76
C ALA E 46 36.89 29.69 8.82
N ALA E 47 36.75 30.62 9.77
CA ALA E 47 35.51 31.39 9.87
C ALA E 47 35.30 32.26 8.63
N ALA E 48 36.39 32.86 8.12
CA ALA E 48 36.26 33.78 7.00
C ALA E 48 35.75 33.09 5.75
N ARG E 49 36.27 31.89 5.44
CA ARG E 49 35.85 31.19 4.23
C ARG E 49 34.51 30.51 4.40
N ALA E 50 34.03 30.36 5.64
CA ALA E 50 32.73 29.74 5.86
C ALA E 50 31.60 30.57 5.27
N MET E 51 31.69 31.90 5.36
CA MET E 51 30.61 32.76 4.88
C MET E 51 30.45 32.70 3.37
N GLU E 52 31.45 32.19 2.64
CA GLU E 52 31.40 32.08 1.19
C GLU E 52 31.19 30.65 0.72
N HIS E 53 30.71 29.77 1.60
CA HIS E 53 30.50 28.38 1.26
C HIS E 53 29.01 28.13 1.01
N PRO E 54 28.64 27.37 -0.02
CA PRO E 54 27.21 27.19 -0.31
C PRO E 54 26.46 26.37 0.73
N VAL E 55 27.14 25.78 1.70
CA VAL E 55 26.50 24.95 2.72
C VAL E 55 26.61 25.59 4.11
N VAL E 56 27.82 25.96 4.52
CA VAL E 56 28.02 26.48 5.87
C VAL E 56 27.33 27.84 6.04
N PHE E 57 27.34 28.67 4.99
CA PHE E 57 26.69 29.96 5.09
C PHE E 57 25.20 29.82 5.38
N ARG E 58 24.56 28.84 4.74
CA ARG E 58 23.13 28.63 4.99
C ARG E 58 22.88 28.25 6.45
N CYS E 59 23.70 27.37 7.02
CA CYS E 59 23.51 26.98 8.42
C CYS E 59 23.70 28.18 9.34
N LEU E 60 24.75 28.97 9.10
CA LEU E 60 25.00 30.12 9.96
C LEU E 60 23.86 31.14 9.85
N ASP E 61 23.36 31.38 8.63
CA ASP E 61 22.25 32.31 8.46
C ASP E 61 20.99 31.79 9.14
N LYS E 62 20.71 30.49 9.02
CA LYS E 62 19.56 29.92 9.69
C LYS E 62 19.64 30.11 11.19
N LEU E 63 20.79 29.81 11.79
CA LEU E 63 20.94 29.98 13.23
C LEU E 63 20.77 31.45 13.61
N GLY E 64 21.39 32.36 12.87
CA GLY E 64 21.29 33.77 13.20
C GLY E 64 19.86 34.27 13.14
N LEU E 65 19.14 33.94 12.05
CA LEU E 65 17.76 34.39 11.93
C LEU E 65 16.89 33.81 13.03
N THR E 66 17.01 32.50 13.28
CA THR E 66 16.18 31.88 14.31
C THR E 66 16.44 32.49 15.68
N VAL E 67 17.70 32.79 15.99
CA VAL E 67 18.00 33.37 17.30
C VAL E 67 17.50 34.81 17.37
N GLN E 68 17.65 35.57 16.29
CA GLN E 68 17.23 36.97 16.34
C GLN E 68 15.71 37.09 16.39
N SER E 69 14.99 36.08 15.92
CA SER E 69 13.53 36.13 15.96
C SER E 69 12.98 36.24 17.37
N VAL E 70 13.77 35.90 18.38
CA VAL E 70 13.27 35.86 19.76
C VAL E 70 13.58 37.19 20.45
N LYS E 71 12.57 37.75 21.10
CA LYS E 71 12.73 38.97 21.87
C LYS E 71 13.16 38.66 23.30
N TRP E 72 13.51 39.69 24.06
CA TRP E 72 13.67 39.57 25.49
C TRP E 72 13.07 40.79 26.18
N TYR E 73 13.28 40.86 27.49
CA TYR E 73 12.87 42.00 28.30
C TYR E 73 13.57 41.89 29.65
N VAL E 74 13.54 42.99 30.40
CA VAL E 74 14.13 43.01 31.74
C VAL E 74 13.03 42.71 32.74
N GLY E 75 13.26 41.70 33.60
CA GLY E 75 12.28 41.29 34.58
C GLY E 75 12.95 41.03 35.92
N ALA E 76 12.11 40.63 36.88
CA ALA E 76 12.59 40.35 38.22
C ALA E 76 13.07 38.92 38.34
N ASP E 77 14.07 38.71 39.19
CA ASP E 77 14.60 37.37 39.41
C ASP E 77 13.59 36.55 40.22
N PRO E 78 13.28 35.32 39.83
CA PRO E 78 12.28 34.55 40.58
C PRO E 78 12.83 33.82 41.79
N ASP E 79 14.15 33.62 41.88
CA ASP E 79 14.75 32.86 42.96
C ASP E 79 15.38 33.75 44.03
N ILE E 80 16.09 34.80 43.64
CA ILE E 80 16.80 35.67 44.56
C ILE E 80 16.19 37.06 44.45
N SER E 81 15.92 37.68 45.61
CA SER E 81 15.20 38.94 45.64
C SER E 81 15.80 39.85 46.70
N GLY E 82 15.47 41.14 46.58
CA GLY E 82 15.83 42.12 47.59
C GLY E 82 16.73 43.24 47.08
N THR E 83 17.72 42.90 46.26
CA THR E 83 18.70 43.88 45.81
C THR E 83 18.48 44.32 44.36
N GLY E 84 17.36 43.95 43.74
CA GLY E 84 17.12 44.29 42.35
C GLY E 84 16.87 45.77 42.15
N MET E 85 16.96 46.19 40.90
CA MET E 85 16.75 47.59 40.56
C MET E 85 15.27 47.94 40.64
N SER E 86 14.97 49.21 40.81
CA SER E 86 13.59 49.66 40.86
C SER E 86 12.96 49.59 39.47
N ALA E 87 11.67 49.91 39.40
CA ALA E 87 10.96 49.87 38.13
C ALA E 87 11.54 50.88 37.14
N LYS E 88 11.86 52.09 37.62
CA LYS E 88 12.41 53.11 36.74
C LYS E 88 13.71 52.65 36.11
N GLU E 89 14.60 52.06 36.90
CA GLU E 89 15.89 51.61 36.37
C GLU E 89 15.70 50.48 35.37
N ARG E 90 14.77 49.56 35.63
CA ARG E 90 14.51 48.49 34.68
C ARG E 90 13.97 49.04 33.37
N LYS E 91 13.05 50.00 33.43
CA LYS E 91 12.54 50.61 32.21
C LYS E 91 13.61 51.40 31.47
N ALA E 92 14.55 51.99 32.20
CA ALA E 92 15.65 52.69 31.54
C ALA E 92 16.58 51.72 30.83
N LEU E 93 16.89 50.59 31.47
CA LEU E 93 17.73 49.58 30.82
C LEU E 93 17.01 48.97 29.62
N GLN E 94 15.69 48.89 29.67
CA GLN E 94 14.92 48.38 28.54
C GLN E 94 15.20 49.21 27.28
N GLN E 95 15.27 50.53 27.43
CA GLN E 95 15.53 51.38 26.27
C GLN E 95 16.87 51.05 25.64
N VAL E 96 17.93 50.91 26.44
CA VAL E 96 19.22 50.56 25.90
C VAL E 96 19.17 49.19 25.23
N LEU E 97 18.46 48.24 25.86
CA LEU E 97 18.35 46.91 25.29
C LEU E 97 17.67 46.91 23.92
N ASN E 98 16.61 47.69 23.75
CA ASN E 98 15.92 47.76 22.46
C ASN E 98 16.75 48.44 21.39
N ARG E 99 17.47 49.50 21.73
CA ARG E 99 18.29 50.25 20.78
C ARG E 99 19.69 50.39 21.36
N PRO E 100 20.53 49.37 21.19
CA PRO E 100 21.84 49.38 21.86
C PRO E 100 22.68 50.62 21.59
N ASN E 101 22.68 51.10 20.36
CA ASN E 101 23.47 52.28 20.00
C ASN E 101 22.85 52.93 18.78
N SER E 102 23.59 53.84 18.14
CA SER E 102 23.03 54.65 17.07
C SER E 102 23.00 53.92 15.74
N ALA E 103 23.64 52.76 15.63
CA ALA E 103 23.76 52.06 14.36
C ALA E 103 23.07 50.71 14.32
N MET E 104 22.90 50.04 15.46
CA MET E 104 22.34 48.70 15.52
C MET E 104 21.10 48.67 16.41
N SER E 105 20.11 47.89 15.98
CA SER E 105 18.97 47.58 16.83
C SER E 105 19.20 46.24 17.53
N GLY E 106 18.24 45.87 18.39
CA GLY E 106 18.40 44.64 19.15
C GLY E 106 18.57 43.43 18.27
N ALA E 107 17.80 43.34 17.19
CA ALA E 107 17.87 42.18 16.31
C ALA E 107 19.24 42.02 15.70
N GLN E 108 19.86 43.12 15.26
CA GLN E 108 21.19 43.04 14.67
C GLN E 108 22.22 42.64 15.71
N LEU E 109 22.07 43.11 16.94
CA LEU E 109 22.97 42.68 18.01
C LEU E 109 22.85 41.18 18.25
N ARG E 110 21.61 40.67 18.27
CA ARG E 110 21.42 39.23 18.41
C ARG E 110 22.06 38.48 17.25
N TYR E 111 21.93 38.99 16.03
CA TYR E 111 22.49 38.33 14.86
C TYR E 111 24.01 38.25 14.97
N ALA E 112 24.66 39.37 15.30
CA ALA E 112 26.11 39.37 15.42
C ALA E 112 26.58 38.45 16.54
N ALA E 113 25.89 38.49 17.68
CA ALA E 113 26.27 37.61 18.78
C ALA E 113 26.12 36.14 18.39
N THR E 114 25.04 35.80 17.68
CA THR E 114 24.84 34.42 17.26
C THR E 114 25.95 33.98 16.31
N LEU E 115 26.31 34.84 15.35
CA LEU E 115 27.40 34.46 14.44
C LEU E 115 28.70 34.26 15.19
N SER E 116 29.02 35.16 16.12
CA SER E 116 30.26 35.02 16.89
C SER E 116 30.26 33.73 17.68
N TRP E 117 29.15 33.43 18.35
CA TRP E 117 29.06 32.20 19.14
C TRP E 117 29.21 30.97 18.26
N ALA E 118 28.55 30.97 17.09
CA ALA E 118 28.59 29.80 16.22
C ALA E 118 29.99 29.58 15.67
N CYS E 119 30.68 30.64 15.28
CA CYS E 119 31.97 30.48 14.61
C CYS E 119 33.10 30.27 15.60
N PHE E 120 33.25 31.18 16.58
CA PHE E 120 34.39 31.14 17.48
C PHE E 120 34.08 30.58 18.85
N GLY E 121 32.81 30.34 19.17
CA GLY E 121 32.46 29.79 20.46
C GLY E 121 32.60 30.77 21.61
N ARG E 122 32.53 32.06 21.34
CA ARG E 122 32.64 33.07 22.39
C ARG E 122 32.33 34.44 21.80
N MET E 123 31.77 35.31 22.65
CA MET E 123 31.33 36.63 22.22
C MET E 123 31.68 37.65 23.29
N ALA E 124 31.90 38.89 22.85
CA ALA E 124 32.29 39.96 23.76
C ALA E 124 31.58 41.24 23.37
N PHE E 125 31.41 42.14 24.35
CA PHE E 125 30.75 43.42 24.13
C PHE E 125 31.42 44.48 24.98
N LYS E 126 31.29 45.74 24.55
CA LYS E 126 31.72 46.89 25.33
C LYS E 126 30.49 47.65 25.79
N VAL E 127 30.49 48.07 27.06
CA VAL E 127 29.35 48.72 27.68
C VAL E 127 29.78 50.11 28.14
N SER E 128 28.99 51.12 27.79
CA SER E 128 29.23 52.50 28.21
C SER E 128 28.29 52.84 29.34
N VAL E 129 28.83 53.43 30.41
CA VAL E 129 28.08 53.70 31.62
C VAL E 129 28.32 55.15 32.03
N MET E 130 27.28 55.79 32.55
CA MET E 130 27.38 57.16 33.02
C MET E 130 27.91 57.20 34.46
N GLY E 131 27.97 58.41 35.01
CA GLY E 131 28.55 58.59 36.33
C GLY E 131 27.82 57.85 37.43
N ASP E 132 26.49 57.79 37.38
CA ASP E 132 25.72 57.15 38.44
C ASP E 132 25.60 55.63 38.27
N GLY E 133 26.16 55.07 37.20
CA GLY E 133 26.17 53.64 37.02
C GLY E 133 25.18 53.10 36.02
N SER E 134 24.20 53.89 35.60
CA SER E 134 23.23 53.42 34.61
C SER E 134 23.88 53.35 33.23
N VAL E 135 23.47 52.35 32.45
CA VAL E 135 24.04 52.11 31.13
C VAL E 135 23.36 53.01 30.11
N ASN E 136 24.08 53.35 29.04
CA ASN E 136 23.54 54.18 27.98
C ASN E 136 23.79 53.64 26.58
N ALA E 137 24.75 52.74 26.38
CA ALA E 137 25.01 52.18 25.06
C ALA E 137 25.78 50.88 25.20
N ILE E 138 25.72 50.08 24.15
CA ILE E 138 26.43 48.80 24.08
C ILE E 138 26.97 48.64 22.67
N TRP E 139 28.18 48.08 22.56
CA TRP E 139 28.82 47.86 21.27
C TRP E 139 29.34 46.44 21.17
N PRO E 140 29.28 45.83 19.99
CA PRO E 140 29.89 44.51 19.82
C PRO E 140 31.36 44.63 19.44
N LEU E 141 32.13 43.62 19.80
CA LEU E 141 33.56 43.56 19.50
C LEU E 141 33.86 42.34 18.64
N GLY E 142 34.69 42.52 17.64
CA GLY E 142 35.11 41.42 16.79
C GLY E 142 36.12 40.53 17.48
N ILE E 143 35.80 39.25 17.61
CA ILE E 143 36.67 38.28 18.28
C ILE E 143 38.05 38.27 17.64
N PRO E 144 38.17 38.31 16.32
CA PRO E 144 39.50 38.23 15.71
C PRO E 144 40.46 39.31 16.18
N PHE E 145 39.96 40.50 16.51
CA PHE E 145 40.82 41.64 16.85
C PHE E 145 40.92 41.87 18.35
N LEU E 146 40.65 40.86 19.18
CA LEU E 146 40.58 41.03 20.62
C LEU E 146 41.72 40.27 21.30
N LYS E 147 42.38 40.93 22.25
CA LYS E 147 43.40 40.32 23.09
C LYS E 147 43.09 40.67 24.54
N GLN E 148 43.53 39.80 25.45
CA GLN E 148 43.23 39.95 26.87
C GLN E 148 44.49 39.69 27.69
N GLU E 149 44.52 40.27 28.89
CA GLU E 149 45.64 40.16 29.80
C GLU E 149 45.16 39.64 31.15
N PHE E 150 46.05 38.94 31.84
CA PHE E 150 45.73 38.30 33.10
C PHE E 150 46.71 38.73 34.18
N ASN E 151 46.26 38.73 35.43
CA ASN E 151 47.17 38.86 36.55
C ASN E 151 47.76 37.49 36.89
N LYS E 152 48.43 37.41 38.04
CA LYS E 152 49.05 36.14 38.41
C LYS E 152 48.05 35.15 38.99
N TYR E 153 46.82 35.56 39.26
CA TYR E 153 45.79 34.68 39.79
C TYR E 153 44.85 34.15 38.71
N GLY E 154 45.10 34.48 37.44
CA GLY E 154 44.32 33.94 36.35
C GLY E 154 43.06 34.70 35.99
N GLU E 155 42.81 35.85 36.62
CA GLU E 155 41.64 36.66 36.32
C GLU E 155 42.00 37.72 35.29
N VAL E 156 41.08 37.95 34.35
CA VAL E 156 41.31 38.94 33.30
C VAL E 156 41.30 40.33 33.92
N THR E 157 42.25 41.16 33.50
CA THR E 157 42.38 42.52 34.02
C THR E 157 42.12 43.59 32.96
N THR E 158 42.49 43.33 31.72
CA THR E 158 42.35 44.32 30.65
C THR E 158 42.09 43.62 29.33
N PHE E 159 41.28 44.24 28.48
CA PHE E 159 41.02 43.78 27.13
C PHE E 159 41.69 44.73 26.14
N GLN E 160 42.56 44.19 25.30
CA GLN E 160 43.27 44.97 24.29
C GLN E 160 42.58 44.77 22.95
N TYR E 161 41.92 45.82 22.47
CA TYR E 161 41.17 45.79 21.22
C TYR E 161 41.90 46.66 20.20
N GLY E 162 42.27 46.06 19.07
CA GLY E 162 42.95 46.80 18.03
C GLY E 162 43.68 45.83 17.10
N ASP E 163 44.56 46.39 16.30
CA ASP E 163 45.33 45.63 15.33
C ASP E 163 46.66 46.35 15.09
N GLU E 164 47.36 45.97 14.03
CA GLU E 164 48.66 46.57 13.75
C GLU E 164 48.57 48.05 13.38
N GLY E 165 47.37 48.55 13.11
CA GLY E 165 47.21 49.96 12.76
C GLY E 165 46.98 50.85 13.97
N ASN E 166 45.96 50.51 14.77
CA ASN E 166 45.65 51.29 15.96
C ASN E 166 45.25 50.34 17.08
N ARG E 167 45.46 50.78 18.32
CA ARG E 167 45.17 49.99 19.50
C ARG E 167 44.29 50.79 20.44
N GLU E 168 43.53 50.06 21.26
CA GLU E 168 42.65 50.66 22.26
C GLU E 168 42.56 49.70 23.44
N SER E 169 42.53 50.25 24.65
CA SER E 169 42.51 49.47 25.87
C SER E 169 41.19 49.68 26.61
N ILE E 170 40.65 48.60 27.16
CA ILE E 170 39.40 48.63 27.91
C ILE E 170 39.59 47.85 29.20
N LYS E 171 39.07 48.37 30.29
CA LYS E 171 39.18 47.69 31.58
C LYS E 171 38.05 46.69 31.74
N SER E 172 38.38 45.52 32.28
CA SER E 172 37.40 44.47 32.45
C SER E 172 36.43 44.81 33.59
N PHE E 173 35.33 44.07 33.62
CA PHE E 173 34.32 44.30 34.65
C PHE E 173 34.90 44.16 36.06
N TYR E 174 35.88 43.27 36.23
CA TYR E 174 36.46 43.06 37.55
C TYR E 174 37.33 44.24 37.98
N SER E 175 38.15 44.75 37.07
CA SER E 175 39.11 45.80 37.41
C SER E 175 38.50 47.20 37.43
N ALA E 176 37.30 47.37 36.89
CA ALA E 176 36.69 48.69 36.85
C ALA E 176 36.25 49.12 38.24
N ALA E 177 36.48 50.40 38.56
CA ALA E 177 36.03 50.95 39.82
C ALA E 177 34.51 50.94 39.89
N LYS E 178 33.98 50.72 41.08
CA LYS E 178 32.55 50.54 41.28
C LYS E 178 32.06 51.39 42.44
N ASN E 179 30.79 51.75 42.39
CA ASN E 179 30.16 52.49 43.48
C ASN E 179 29.90 51.57 44.66
N GLU E 180 29.24 52.11 45.68
CA GLU E 180 28.97 51.32 46.88
C GLU E 180 28.02 50.16 46.60
N LYS E 181 27.24 50.23 45.52
CA LYS E 181 26.33 49.14 45.17
C LYS E 181 27.00 48.07 44.34
N GLY E 182 28.27 48.23 43.99
CA GLY E 182 28.98 47.24 43.20
C GLY E 182 28.78 47.34 41.70
N ARG E 183 28.17 48.42 41.23
CA ARG E 183 28.00 48.58 39.79
C ARG E 183 29.12 49.45 39.22
N PRO E 184 29.64 49.16 38.04
CA PRO E 184 30.74 49.98 37.49
C PRO E 184 30.28 51.42 37.25
N ILE E 185 31.23 52.34 37.37
CA ILE E 185 30.99 53.76 37.09
C ILE E 185 31.92 54.26 35.97
N GLU E 186 32.36 53.35 35.09
CA GLU E 186 33.25 53.72 34.00
C GLU E 186 33.13 52.66 32.91
N ASN E 187 33.62 53.00 31.73
CA ASN E 187 33.52 52.10 30.59
C ASN E 187 34.26 50.80 30.88
N TYR E 188 33.69 49.70 30.40
CA TYR E 188 34.29 48.38 30.61
C TYR E 188 33.83 47.44 29.52
N ALA E 189 34.36 46.21 29.54
CA ALA E 189 34.04 45.18 28.57
C ALA E 189 33.98 43.84 29.26
N PHE E 190 33.33 42.88 28.59
CA PHE E 190 33.19 41.53 29.13
C PHE E 190 33.07 40.54 27.99
N MET E 191 33.38 39.28 28.29
CA MET E 191 33.36 38.21 27.31
C MET E 191 32.74 36.96 27.93
N ILE E 192 32.11 36.16 27.08
CA ILE E 192 31.50 34.89 27.47
C ILE E 192 32.23 33.77 26.75
N VAL E 193 32.37 32.62 27.42
CA VAL E 193 33.17 31.51 26.91
C VAL E 193 32.37 30.23 27.05
N LYS E 194 32.52 29.33 26.07
CA LYS E 194 31.90 28.02 26.14
C LYS E 194 32.86 27.03 26.80
N PRO E 195 32.47 26.34 27.87
CA PRO E 195 33.43 25.47 28.57
C PRO E 195 34.02 24.41 27.66
N SER E 196 35.04 23.74 28.18
CA SER E 196 35.72 22.67 27.46
C SER E 196 36.09 21.58 28.45
N ILE E 197 36.82 20.58 27.95
CA ILE E 197 37.12 19.41 28.76
C ILE E 197 38.12 19.72 29.86
N ASN E 198 39.16 20.50 29.55
CA ASN E 198 40.23 20.74 30.52
C ASN E 198 39.74 21.52 31.74
N GLY E 199 38.78 22.41 31.58
CA GLY E 199 38.29 23.19 32.69
C GLY E 199 39.10 24.43 33.01
N ALA E 200 39.92 24.90 32.06
CA ALA E 200 40.71 26.10 32.28
C ALA E 200 39.93 27.39 32.04
N MET E 201 38.60 27.30 31.87
CA MET E 201 37.74 28.45 31.62
C MET E 201 38.38 29.40 30.61
N ASN E 202 38.73 30.62 31.03
CA ASN E 202 39.18 31.64 30.08
C ASN E 202 40.47 31.26 29.37
N LEU E 203 41.25 30.35 29.95
CA LEU E 203 42.55 29.99 29.38
C LEU E 203 42.50 28.75 28.50
N ASP E 204 41.31 28.22 28.22
CA ASP E 204 41.18 26.98 27.49
C ASP E 204 40.93 27.22 26.00
N VAL E 205 41.18 26.18 25.20
CA VAL E 205 40.96 26.25 23.77
C VAL E 205 39.47 26.44 23.49
N GLN E 206 39.16 27.06 22.35
CA GLN E 206 37.77 27.32 22.01
C GLN E 206 37.03 26.02 21.70
N ASN E 207 35.71 26.08 21.82
CA ASN E 207 34.83 24.95 21.56
C ASN E 207 33.76 25.42 20.56
N THR E 208 33.95 25.07 19.29
CA THR E 208 33.02 25.46 18.24
C THR E 208 32.83 24.28 17.29
N PRO E 209 31.69 24.19 16.62
CA PRO E 209 31.49 23.07 15.68
C PRO E 209 32.51 23.02 14.56
N LEU E 210 33.03 24.17 14.12
CA LEU E 210 33.92 24.20 12.96
C LEU E 210 35.20 23.39 13.16
N GLN E 211 35.56 23.05 14.40
CA GLN E 211 36.76 22.26 14.63
C GLN E 211 36.68 20.90 13.96
N ALA E 212 35.47 20.38 13.74
CA ALA E 212 35.29 18.99 13.35
C ALA E 212 34.68 18.79 11.96
N VAL E 213 34.56 19.84 11.16
CA VAL E 213 33.97 19.72 9.83
C VAL E 213 35.01 20.00 8.76
N GLY E 214 36.29 19.74 9.07
CA GLY E 214 37.33 19.99 8.10
C GLY E 214 37.29 19.06 6.90
N MET E 215 37.30 17.75 7.17
CA MET E 215 37.36 16.78 6.07
C MET E 215 36.12 16.87 5.18
N PRO E 216 34.89 16.94 5.71
CA PRO E 216 33.73 17.10 4.81
C PRO E 216 33.84 18.30 3.90
N VAL E 217 34.24 19.45 4.45
CA VAL E 217 34.34 20.66 3.64
C VAL E 217 35.40 20.50 2.56
N ALA E 218 36.56 19.95 2.93
CA ALA E 218 37.62 19.77 1.95
C ALA E 218 37.18 18.84 0.82
N LEU E 219 36.54 17.72 1.16
CA LEU E 219 36.11 16.78 0.14
C LEU E 219 35.04 17.39 -0.76
N TYR E 220 34.10 18.14 -0.16
CA TYR E 220 33.07 18.80 -0.94
C TYR E 220 33.69 19.78 -1.95
N ASN E 221 34.63 20.60 -1.48
CA ASN E 221 35.28 21.56 -2.37
C ASN E 221 36.04 20.85 -3.48
N GLY E 222 36.75 19.78 -3.14
CA GLY E 222 37.48 19.04 -4.17
C GLY E 222 36.56 18.48 -5.23
N LEU E 223 35.47 17.86 -4.80
CA LEU E 223 34.54 17.27 -5.77
C LEU E 223 33.92 18.33 -6.66
N MET E 224 33.53 19.49 -6.09
CA MET E 224 32.95 20.54 -6.93
C MET E 224 33.98 21.12 -7.90
N GLU E 225 35.23 21.26 -7.46
CA GLU E 225 36.27 21.73 -8.36
C GLU E 225 36.47 20.77 -9.53
N ARG E 226 36.47 19.47 -9.24
CA ARG E 226 36.57 18.49 -10.31
C ARG E 226 35.38 18.59 -11.26
N ALA E 227 34.17 18.78 -10.72
CA ALA E 227 33.01 18.92 -11.57
C ALA E 227 33.15 20.10 -12.52
N LEU E 228 33.56 21.26 -12.01
CA LEU E 228 33.72 22.42 -12.88
C LEU E 228 34.81 22.19 -13.92
N GLU E 229 35.94 21.61 -13.52
CA GLU E 229 37.02 21.36 -14.46
C GLU E 229 36.57 20.43 -15.58
N GLN E 230 35.82 19.38 -15.24
CA GLN E 230 35.29 18.49 -16.28
C GLN E 230 34.29 19.20 -17.17
N CYS E 231 33.45 20.06 -16.60
CA CYS E 231 32.47 20.78 -17.41
C CYS E 231 33.15 21.67 -18.44
N ASP E 232 34.24 22.31 -18.05
CA ASP E 232 34.88 23.29 -18.93
C ASP E 232 35.92 22.69 -19.87
N GLY E 233 36.11 21.37 -19.88
CA GLY E 233 37.20 20.79 -20.64
C GLY E 233 36.87 19.58 -21.49
N THR E 234 35.66 19.05 -21.39
CA THR E 234 35.30 17.83 -22.10
C THR E 234 34.79 18.18 -23.50
N PRO E 235 35.34 17.59 -24.56
CA PRO E 235 34.86 17.92 -25.91
C PRO E 235 33.37 17.71 -26.05
N ASN E 236 32.71 18.64 -26.74
CA ASN E 236 31.27 18.59 -26.95
C ASN E 236 30.98 18.07 -28.36
N SER E 237 31.09 16.76 -28.51
CA SER E 237 30.85 16.11 -29.80
C SER E 237 30.10 14.81 -29.57
N LYS E 238 29.41 14.34 -30.60
CA LYS E 238 28.63 13.12 -30.52
C LYS E 238 28.92 12.12 -31.64
N TRP E 239 29.59 12.52 -32.71
CA TRP E 239 29.97 11.62 -33.79
C TRP E 239 31.48 11.65 -33.97
N PHE E 240 32.05 10.49 -34.32
CA PHE E 240 33.47 10.36 -34.62
C PHE E 240 33.59 9.50 -35.87
N VAL E 241 33.97 10.13 -36.98
CA VAL E 241 33.96 9.49 -38.30
C VAL E 241 35.41 9.35 -38.76
N THR E 242 35.72 8.20 -39.36
CA THR E 242 37.04 7.91 -39.88
C THR E 242 36.92 7.44 -41.32
N ALA E 243 37.93 7.75 -42.13
CA ALA E 243 37.92 7.44 -43.55
C ALA E 243 39.27 6.90 -43.99
N GLY E 244 39.28 6.23 -45.14
CA GLY E 244 40.50 5.68 -45.67
C GLY E 244 41.33 6.71 -46.42
N ARG E 245 42.50 6.26 -46.90
CA ARG E 245 43.42 7.14 -47.60
C ARG E 245 43.17 7.21 -49.09
N ASP E 246 42.24 6.40 -49.62
CA ASP E 246 42.02 6.31 -51.05
C ASP E 246 40.95 7.29 -51.54
N ILE E 247 40.71 8.39 -50.82
CA ILE E 247 39.77 9.42 -51.23
C ILE E 247 40.56 10.58 -51.79
N GLY E 248 40.05 11.20 -52.84
CA GLY E 248 40.77 12.23 -53.55
C GLY E 248 40.84 13.53 -52.77
N GLU E 249 41.53 14.50 -53.38
CA GLU E 249 41.71 15.80 -52.76
C GLU E 249 40.42 16.60 -52.70
N VAL E 250 39.47 16.32 -53.59
CA VAL E 250 38.22 17.06 -53.65
C VAL E 250 37.08 16.16 -53.21
N GLN E 251 37.18 14.87 -53.53
CA GLN E 251 36.11 13.93 -53.18
C GLN E 251 35.89 13.87 -51.68
N SER E 252 36.92 14.16 -50.89
CA SER E 252 36.80 14.08 -49.44
C SER E 252 35.98 15.23 -48.86
N LYS E 253 35.90 16.37 -49.55
CA LYS E 253 35.08 17.48 -49.10
C LYS E 253 33.60 17.23 -49.33
N GLU E 254 33.26 16.53 -50.41
CA GLU E 254 31.87 16.22 -50.69
C GLU E 254 31.24 15.41 -49.56
N ILE E 255 32.00 14.49 -48.96
CA ILE E 255 31.46 13.67 -47.90
C ILE E 255 31.03 14.53 -46.71
N LYS E 256 31.93 15.42 -46.27
CA LYS E 256 31.60 16.24 -45.10
C LYS E 256 30.51 17.25 -45.44
N ASP E 257 30.49 17.76 -46.68
CA ASP E 257 29.41 18.67 -47.07
C ASP E 257 28.07 17.94 -47.05
N GLY E 258 28.05 16.69 -47.51
CA GLY E 258 26.81 15.92 -47.46
C GLY E 258 26.37 15.63 -46.03
N ILE E 259 27.31 15.28 -45.16
CA ILE E 259 26.96 15.05 -43.76
C ILE E 259 26.52 16.35 -43.10
N ASP E 260 27.22 17.45 -43.41
CA ASP E 260 26.87 18.73 -42.80
C ASP E 260 25.50 19.23 -43.29
N ASP E 261 25.10 18.83 -44.49
CA ASP E 261 23.82 19.28 -45.03
C ASP E 261 22.63 18.67 -44.30
N THR E 262 22.85 17.67 -43.45
CA THR E 262 21.80 17.05 -42.67
C THR E 262 21.61 17.70 -41.30
N LYS E 263 22.34 18.77 -41.03
CA LYS E 263 22.13 19.51 -39.80
C LYS E 263 20.75 20.15 -39.81
N PRO E 264 20.21 20.50 -38.64
CA PRO E 264 18.94 21.23 -38.62
C PRO E 264 19.05 22.52 -39.42
N GLY E 265 18.03 22.79 -40.23
CA GLY E 265 18.03 23.95 -41.09
C GLY E 265 18.83 23.80 -42.36
N GLY E 266 19.41 22.63 -42.62
CA GLY E 266 20.18 22.42 -43.82
C GLY E 266 19.30 22.11 -45.03
N ASP E 267 19.97 21.93 -46.17
CA ASP E 267 19.25 21.63 -47.41
C ASP E 267 18.76 20.19 -47.46
N SER E 268 19.35 19.29 -46.65
CA SER E 268 18.99 17.88 -46.65
C SER E 268 18.70 17.39 -45.24
N ALA E 269 18.16 18.24 -44.38
CA ALA E 269 17.91 17.87 -42.99
C ALA E 269 16.91 16.72 -42.93
N GLY E 270 17.21 15.74 -42.08
CA GLY E 270 16.30 14.64 -41.81
C GLY E 270 16.38 13.48 -42.78
N GLU E 271 17.23 13.55 -43.80
CA GLU E 271 17.33 12.49 -44.80
C GLU E 271 18.44 11.51 -44.43
N ILE E 272 18.51 10.43 -45.19
CA ILE E 272 19.55 9.43 -44.96
C ILE E 272 20.87 9.90 -45.56
N ILE E 273 21.94 9.21 -45.17
CA ILE E 273 23.28 9.47 -45.69
C ILE E 273 23.68 8.29 -46.55
N PHE E 274 23.94 8.53 -47.83
CA PHE E 274 24.28 7.49 -48.80
C PHE E 274 25.67 7.78 -49.35
N VAL E 275 26.66 7.00 -48.91
CA VAL E 275 28.05 7.16 -49.33
C VAL E 275 28.37 6.03 -50.30
N PHE E 276 28.85 6.39 -51.48
CA PHE E 276 29.11 5.41 -52.53
C PHE E 276 30.57 5.02 -52.57
N GLY E 277 30.84 3.72 -52.57
CA GLY E 277 32.18 3.22 -52.81
C GLY E 277 33.21 3.72 -51.83
N GLU E 278 32.92 3.67 -50.53
CA GLU E 278 33.88 4.09 -49.52
C GLU E 278 33.68 3.28 -48.25
N ASP E 279 34.70 3.25 -47.42
CA ASP E 279 34.73 2.47 -46.18
C ASP E 279 34.67 3.36 -44.95
N VAL E 280 33.86 4.42 -45.01
CA VAL E 280 33.72 5.32 -43.89
C VAL E 280 33.15 4.57 -42.69
N LYS E 281 33.75 4.79 -41.52
CA LYS E 281 33.30 4.20 -40.28
C LYS E 281 32.69 5.28 -39.40
N LEU E 282 31.69 4.89 -38.61
CA LEU E 282 30.95 5.83 -37.79
C LEU E 282 30.88 5.31 -36.35
N GLN E 283 31.28 6.15 -35.41
CA GLN E 283 31.20 5.84 -33.99
C GLN E 283 30.38 6.89 -33.27
N GLU E 284 29.46 6.46 -32.43
CA GLU E 284 28.72 7.38 -31.57
C GLU E 284 29.37 7.44 -30.20
N ILE E 285 29.40 8.64 -29.63
CA ILE E 285 30.12 8.89 -28.38
C ILE E 285 29.09 9.08 -27.27
N LYS E 286 29.10 8.16 -26.30
CA LYS E 286 28.24 8.26 -25.13
C LYS E 286 28.92 9.17 -24.09
N ASN E 287 28.85 10.48 -24.37
CA ASN E 287 29.45 11.49 -23.51
C ASN E 287 28.54 11.76 -22.31
N ASP E 288 28.63 10.87 -21.32
CA ASP E 288 27.71 10.89 -20.18
C ASP E 288 28.25 11.79 -19.09
N LEU E 289 27.47 12.79 -18.71
CA LEU E 289 27.80 13.68 -17.61
C LEU E 289 26.77 13.61 -16.48
N SER E 290 25.96 12.55 -16.44
CA SER E 290 24.91 12.44 -15.43
C SER E 290 25.46 12.35 -14.02
N ASP E 291 26.72 11.98 -13.85
CA ASP E 291 27.36 11.88 -12.53
C ASP E 291 28.63 12.71 -12.51
N ILE E 292 28.56 13.93 -13.04
CA ILE E 292 29.72 14.80 -13.09
C ILE E 292 30.14 15.23 -11.69
N HIS E 293 29.17 15.44 -10.79
CA HIS E 293 29.42 16.06 -9.50
C HIS E 293 29.49 15.07 -8.34
N SER E 294 29.49 13.76 -8.61
CA SER E 294 29.61 12.75 -7.56
C SER E 294 28.50 12.91 -6.53
N LYS E 295 27.28 12.65 -6.99
CA LYS E 295 26.07 12.96 -6.23
C LYS E 295 26.13 12.38 -4.81
N ILE E 296 26.44 11.09 -4.69
CA ILE E 296 26.29 10.41 -3.40
C ILE E 296 27.24 10.96 -2.34
N PRO E 297 28.57 10.92 -2.53
CA PRO E 297 29.45 11.50 -1.52
C PRO E 297 29.22 12.99 -1.30
N LEU E 298 28.87 13.73 -2.36
CA LEU E 298 28.63 15.16 -2.20
C LEU E 298 27.43 15.41 -1.30
N ASP E 299 26.39 14.58 -1.42
CA ASP E 299 25.25 14.71 -0.52
C ASP E 299 25.61 14.28 0.89
N ASP E 300 26.42 13.23 1.02
CA ASP E 300 26.81 12.76 2.34
C ASP E 300 27.60 13.81 3.11
N GLN E 301 28.52 14.50 2.45
CA GLN E 301 29.29 15.55 3.13
C GLN E 301 28.39 16.67 3.60
N ALA E 302 27.42 17.09 2.76
CA ALA E 302 26.49 18.12 3.17
C ALA E 302 25.66 17.66 4.36
N ARG E 303 25.22 16.40 4.36
CA ARG E 303 24.47 15.88 5.48
C ARG E 303 25.29 15.93 6.77
N THR E 304 26.56 15.53 6.69
CA THR E 304 27.41 15.56 7.88
C THR E 304 27.63 16.98 8.38
N ILE E 305 27.88 17.92 7.46
CA ILE E 305 28.11 19.31 7.86
C ILE E 305 26.86 19.86 8.54
N ALA E 306 25.69 19.58 7.97
CA ALA E 306 24.44 20.04 8.60
C ALA E 306 24.25 19.38 9.96
N GLY E 307 24.60 18.11 10.09
CA GLY E 307 24.41 17.41 11.35
C GLY E 307 25.27 17.98 12.46
N ASN E 308 26.54 18.24 12.17
CA ASN E 308 27.43 18.75 13.22
C ASN E 308 26.91 20.04 13.82
N PHE E 309 26.28 20.90 13.01
CA PHE E 309 25.72 22.15 13.53
C PHE E 309 24.41 21.94 14.28
N GLY E 310 23.87 20.72 14.28
CA GLY E 310 22.62 20.47 14.98
C GLY E 310 21.40 21.11 14.34
N ILE E 311 21.32 21.05 13.02
CA ILE E 311 20.18 21.57 12.26
C ILE E 311 19.58 20.40 11.47
N PRO E 312 18.32 20.04 11.69
CA PRO E 312 17.72 18.99 10.86
C PRO E 312 17.80 19.36 9.39
N ILE E 313 18.20 18.40 8.56
CA ILE E 313 18.47 18.69 7.16
C ILE E 313 17.20 19.10 6.43
N ALA E 314 16.04 18.69 6.92
CA ALA E 314 14.80 19.06 6.27
C ALA E 314 14.61 20.58 6.26
N LEU E 315 14.98 21.25 7.35
CA LEU E 315 14.81 22.70 7.42
C LEU E 315 15.75 23.43 6.47
N LEU E 316 16.99 22.95 6.32
CA LEU E 316 17.93 23.62 5.45
C LEU E 316 17.46 23.65 4.00
N GLY E 317 16.66 22.67 3.60
CA GLY E 317 16.18 22.58 2.23
C GLY E 317 16.92 21.58 1.37
N PHE E 318 17.98 20.97 1.87
CA PHE E 318 18.69 19.95 1.11
C PHE E 318 17.92 18.64 1.14
N ALA E 319 18.26 17.75 0.21
CA ALA E 319 17.48 16.56 -0.01
C ALA E 319 17.86 15.43 0.94
N ALA E 320 16.86 14.62 1.29
CA ALA E 320 17.06 13.40 2.06
C ALA E 320 16.01 12.40 1.60
N ALA E 321 16.42 11.14 1.44
CA ALA E 321 15.58 10.14 0.79
C ALA E 321 14.64 9.40 1.75
N ASP E 322 14.71 9.68 3.05
CA ASP E 322 13.91 8.94 4.04
C ASP E 322 13.19 9.87 5.00
N GLY E 323 12.52 10.90 4.49
CA GLY E 323 11.86 11.85 5.37
C GLY E 323 10.74 11.24 6.18
N SER E 324 9.91 10.40 5.55
CA SER E 324 8.74 9.85 6.23
C SER E 324 9.11 8.83 7.30
N LYS E 325 10.32 8.27 7.25
CA LYS E 325 10.71 7.23 8.19
C LYS E 325 11.06 7.77 9.58
N PHE E 326 11.35 9.07 9.69
CA PHE E 326 11.66 9.66 10.99
C PHE E 326 10.77 10.82 11.39
N ALA E 327 10.42 11.73 10.49
CA ALA E 327 9.59 12.90 10.81
C ALA E 327 8.26 12.79 10.08
N SER E 328 7.18 12.79 10.86
CA SER E 328 5.84 12.67 10.28
C SER E 328 5.45 13.93 9.52
N ASN E 329 5.80 15.11 10.03
CA ASN E 329 5.37 16.37 9.43
C ASN E 329 6.55 17.34 9.40
N TYR E 330 6.30 18.55 8.94
CA TYR E 330 7.31 19.60 8.92
C TYR E 330 7.29 20.42 10.21
N ASP E 331 6.09 20.68 10.73
CA ASP E 331 5.98 21.48 11.95
C ASP E 331 6.66 20.83 13.13
N GLU E 332 6.63 19.49 13.21
CA GLU E 332 7.34 18.81 14.28
C GLU E 332 8.83 19.07 14.22
N SER E 333 9.41 19.02 13.01
CA SER E 333 10.83 19.34 12.87
C SER E 333 11.11 20.79 13.22
N ARG E 334 10.23 21.70 12.81
CA ARG E 334 10.44 23.11 13.14
C ARG E 334 10.42 23.32 14.65
N LYS E 335 9.50 22.68 15.35
CA LYS E 335 9.43 22.79 16.80
C LYS E 335 10.65 22.15 17.46
N ALA E 336 11.06 20.99 16.97
CA ALA E 336 12.17 20.26 17.58
C ALA E 336 13.48 21.02 17.42
N PHE E 337 13.73 21.58 16.24
CA PHE E 337 14.95 22.36 16.06
C PHE E 337 15.06 23.43 17.13
N PHE E 338 14.02 24.24 17.29
CA PHE E 338 14.02 25.25 18.34
C PHE E 338 14.30 24.62 19.69
N GLU E 339 13.40 23.74 20.15
CA GLU E 339 13.45 23.27 21.53
C GLU E 339 14.77 22.58 21.86
N ASP E 340 15.40 21.92 20.88
CA ASP E 340 16.57 21.10 21.17
C ASP E 340 17.89 21.79 20.88
N THR E 341 17.91 22.84 20.06
CA THR E 341 19.16 23.53 19.73
C THR E 341 19.17 24.98 20.17
N ILE E 342 18.12 25.74 19.87
CA ILE E 342 18.17 27.18 20.07
C ILE E 342 18.15 27.50 21.55
N GLU E 343 17.31 26.81 22.32
CA GLU E 343 17.20 27.10 23.74
C GLU E 343 18.47 26.76 24.51
N PRO E 344 18.90 25.49 24.58
CA PRO E 344 20.09 25.18 25.38
C PRO E 344 21.38 25.63 24.73
N GLY E 345 21.33 25.95 23.44
CA GLY E 345 22.55 26.24 22.71
C GLY E 345 22.92 27.71 22.66
N TYR E 346 21.96 28.58 22.36
CA TYR E 346 22.29 29.96 22.05
C TYR E 346 21.58 30.96 22.96
N LEU E 347 20.32 30.70 23.29
CA LEU E 347 19.57 31.64 24.13
C LEU E 347 20.12 31.66 25.56
N THR E 348 20.33 30.48 26.14
CA THR E 348 20.76 30.42 27.54
C THR E 348 22.11 31.09 27.77
N PRO E 349 23.14 30.84 26.97
CA PRO E 349 24.41 31.54 27.20
C PRO E 349 24.29 33.06 27.19
N MET E 350 23.68 33.62 26.14
CA MET E 350 23.53 35.08 26.07
C MET E 350 22.73 35.60 27.25
N GLU E 351 21.62 34.93 27.56
CA GLU E 351 20.77 35.34 28.67
C GLU E 351 21.57 35.40 29.97
N ASP E 352 22.28 34.32 30.28
CA ASP E 352 23.03 34.24 31.52
C ASP E 352 24.13 35.30 31.57
N GLY E 353 24.86 35.46 30.45
CA GLY E 353 25.95 36.41 30.44
C GLY E 353 25.48 37.84 30.64
N PHE E 354 24.42 38.22 29.92
CA PHE E 354 23.90 39.57 30.06
C PHE E 354 23.33 39.79 31.46
N SER E 355 22.62 38.81 32.00
CA SER E 355 22.10 38.96 33.36
C SER E 355 23.23 39.05 34.37
N MET E 356 24.35 38.41 34.10
CA MET E 356 25.50 38.48 34.99
C MET E 356 26.23 39.80 34.93
N PHE E 357 26.39 40.38 33.73
CA PHE E 357 27.26 41.54 33.56
C PHE E 357 26.52 42.86 33.32
N LEU E 358 25.19 42.89 33.33
CA LEU E 358 24.47 44.15 33.15
C LEU E 358 23.47 44.45 34.26
N CYS E 359 22.91 43.44 34.91
CA CYS E 359 21.85 43.63 35.88
C CYS E 359 22.35 43.36 37.29
N ALA E 360 21.90 44.18 38.23
CA ALA E 360 22.24 43.96 39.63
C ALA E 360 21.53 42.72 40.14
N PRO E 361 22.03 42.09 41.20
CA PRO E 361 21.38 40.89 41.73
C PRO E 361 19.93 41.17 42.10
N GLY E 362 19.06 40.19 41.86
CA GLY E 362 17.64 40.34 42.05
C GLY E 362 16.86 40.56 40.77
N SER E 363 17.53 40.88 39.67
CA SER E 363 16.90 41.07 38.37
C SER E 363 17.58 40.15 37.36
N ARG E 364 16.96 40.04 36.19
CA ARG E 364 17.44 39.13 35.17
C ARG E 364 16.95 39.59 33.80
N VAL E 365 17.69 39.20 32.76
CA VAL E 365 17.25 39.36 31.38
C VAL E 365 16.62 38.04 30.94
N ILE E 366 15.42 38.12 30.38
CA ILE E 366 14.61 36.94 30.10
C ILE E 366 14.18 36.96 28.64
N PHE E 367 14.43 35.85 27.94
CA PHE E 367 13.89 35.66 26.60
C PHE E 367 12.44 35.20 26.69
N ASP E 368 11.65 35.54 25.68
CA ASP E 368 10.24 35.17 25.62
C ASP E 368 10.11 33.92 24.76
N ARG E 369 10.20 32.75 25.39
CA ARG E 369 10.18 31.49 24.65
C ARG E 369 8.80 31.20 24.07
N ASP E 370 7.75 31.46 24.85
CA ASP E 370 6.43 30.92 24.52
C ASP E 370 5.75 31.64 23.36
N SER E 371 6.19 32.85 23.02
CA SER E 371 5.52 33.64 21.99
C SER E 371 6.01 33.31 20.58
N ILE E 372 6.90 32.35 20.43
CA ILE E 372 7.45 32.03 19.10
C ILE E 372 6.34 31.45 18.23
N PRO E 373 6.25 31.79 16.94
CA PRO E 373 5.17 31.24 16.11
C PRO E 373 5.15 29.71 16.05
N ALA E 374 6.32 29.08 16.06
CA ALA E 374 6.40 27.63 15.90
C ALA E 374 5.66 26.88 17.00
N LEU E 375 5.47 27.49 18.16
CA LEU E 375 4.84 26.82 19.30
C LEU E 375 3.43 27.32 19.59
N LYS E 376 2.84 28.11 18.70
CA LYS E 376 1.52 28.67 18.98
C LYS E 376 0.46 27.58 19.09
N LYS E 377 0.49 26.60 18.17
CA LYS E 377 -0.52 25.55 18.21
C LYS E 377 -0.34 24.66 19.44
N SER E 378 0.91 24.32 19.79
CA SER E 378 1.15 23.45 20.92
C SER E 378 0.68 24.08 22.22
N ARG E 379 0.91 25.38 22.39
CA ARG E 379 0.45 26.06 23.58
C ARG E 379 -1.06 25.88 23.76
N ALA E 380 -1.83 26.18 22.72
CA ALA E 380 -3.27 26.07 22.82
C ALA E 380 -3.71 24.63 23.07
N ASP E 381 -3.10 23.68 22.35
CA ASP E 381 -3.50 22.29 22.49
C ASP E 381 -3.26 21.80 23.91
N ILE E 382 -2.10 22.12 24.48
CA ILE E 382 -1.79 21.67 25.83
C ILE E 382 -2.66 22.41 26.85
N ALA E 383 -2.86 23.71 26.67
CA ALA E 383 -3.64 24.48 27.63
C ALA E 383 -5.08 24.01 27.69
N ALA E 384 -5.65 23.63 26.53
CA ALA E 384 -7.03 23.15 26.52
C ALA E 384 -7.19 21.84 27.28
N VAL E 385 -6.11 21.15 27.61
CA VAL E 385 -6.18 19.90 28.37
C VAL E 385 -6.19 20.16 29.87
N TYR E 386 -5.33 21.05 30.35
CA TYR E 386 -5.34 21.39 31.77
C TYR E 386 -6.65 22.01 32.21
N GLU E 387 -7.45 22.53 31.26
CA GLU E 387 -8.73 23.11 31.62
C GLU E 387 -9.65 22.07 32.27
N LYS E 388 -9.44 20.79 31.97
CA LYS E 388 -10.28 19.74 32.52
C LYS E 388 -9.78 19.23 33.87
N VAL E 389 -8.47 19.31 34.13
CA VAL E 389 -7.93 18.89 35.41
C VAL E 389 -8.42 19.82 36.51
N THR E 390 -8.70 19.26 37.67
CA THR E 390 -9.23 20.03 38.80
C THR E 390 -8.47 19.87 40.10
N PHE E 391 -7.54 18.92 40.20
CA PHE E 391 -6.74 18.81 41.43
C PHE E 391 -5.53 19.72 41.42
N ILE E 392 -5.55 20.74 40.57
CA ILE E 392 -4.46 21.71 40.47
C ILE E 392 -5.07 23.11 40.57
N ASP E 393 -4.37 23.99 41.27
CA ASP E 393 -4.85 25.35 41.44
C ASP E 393 -4.75 26.12 40.12
N GLU E 394 -5.52 27.21 40.04
CA GLU E 394 -5.49 28.04 38.84
C GLU E 394 -4.10 28.66 38.64
N ASN E 395 -3.46 29.08 39.73
CA ASN E 395 -2.13 29.65 39.62
C ASN E 395 -1.14 28.63 39.07
N GLU E 396 -1.22 27.38 39.54
CA GLU E 396 -0.34 26.34 39.03
C GLU E 396 -0.58 26.09 37.54
N LYS E 397 -1.85 26.08 37.12
CA LYS E 397 -2.15 25.92 35.70
C LYS E 397 -1.55 27.05 34.88
N ARG E 398 -1.67 28.29 35.38
CA ARG E 398 -1.10 29.43 34.67
C ARG E 398 0.43 29.30 34.59
N GLU E 399 1.06 28.90 35.69
CA GLU E 399 2.51 28.83 35.73
C GLU E 399 3.04 27.76 34.78
N VAL E 400 2.39 26.58 34.77
CA VAL E 400 2.91 25.48 33.97
C VAL E 400 2.75 25.74 32.48
N THR E 401 1.87 26.65 32.08
CA THR E 401 1.66 26.98 30.67
C THR E 401 2.33 28.28 30.27
N GLY E 402 3.10 28.90 31.15
CA GLY E 402 3.89 30.06 30.80
C GLY E 402 3.32 31.41 31.21
N TRP E 403 2.05 31.47 31.59
CA TRP E 403 1.53 32.78 31.93
C TRP E 403 1.96 33.19 33.33
N PRO E 404 2.06 34.49 33.60
CA PRO E 404 2.47 34.94 34.94
C PRO E 404 1.34 34.77 35.96
N LYS E 405 1.73 34.84 37.23
CA LYS E 405 0.77 34.72 38.32
C LYS E 405 -0.10 35.97 38.41
N LYS E 406 -1.36 35.77 38.76
CA LYS E 406 -2.28 36.88 38.96
C LYS E 406 -1.88 37.69 40.18
N PRO F 17 37.17 2.07 60.65
CA PRO F 17 38.30 2.55 59.86
C PRO F 17 39.10 1.42 59.22
N SER F 18 39.42 0.39 59.99
CA SER F 18 40.17 -0.75 59.50
C SER F 18 39.27 -1.83 58.89
N ALA F 19 37.95 -1.68 58.99
CA ALA F 19 37.04 -2.69 58.45
C ALA F 19 36.83 -2.57 56.94
N ASN F 20 37.36 -1.53 56.32
CA ASN F 20 37.14 -1.31 54.90
C ASN F 20 37.79 -2.42 54.09
N PRO F 21 37.05 -3.16 53.26
CA PRO F 21 37.69 -4.18 52.42
C PRO F 21 38.65 -3.61 51.39
N ALA F 22 38.60 -2.30 51.14
CA ALA F 22 39.46 -1.72 50.12
C ALA F 22 40.94 -1.87 50.43
N LYS F 23 41.29 -2.18 51.69
CA LYS F 23 42.70 -2.24 52.07
C LYS F 23 43.46 -3.32 51.33
N ILE F 24 42.78 -4.35 50.81
CA ILE F 24 43.49 -5.41 50.12
C ILE F 24 44.17 -4.90 48.85
N PHE F 25 43.64 -3.82 48.26
CA PHE F 25 44.20 -3.29 47.02
C PHE F 25 45.42 -2.42 47.23
N ILE F 26 45.77 -2.12 48.48
CA ILE F 26 46.97 -1.33 48.77
C ILE F 26 48.19 -2.24 48.64
N ARG F 27 49.30 -1.65 48.20
CA ARG F 27 50.53 -2.38 47.91
C ARG F 27 50.36 -3.28 46.70
N ARG F 28 49.18 -3.27 46.08
CA ARG F 28 48.96 -4.02 44.85
C ARG F 28 48.68 -3.07 43.69
N LEU F 29 47.83 -2.08 43.92
CA LEU F 29 47.48 -1.09 42.89
C LEU F 29 48.04 0.29 43.19
N PHE F 30 47.99 0.74 44.44
CA PHE F 30 48.44 2.07 44.81
C PHE F 30 49.16 2.01 46.16
N ASN F 31 50.29 2.70 46.25
CA ASN F 31 51.11 2.70 47.45
C ASN F 31 50.70 3.84 48.38
N SER F 32 51.13 3.73 49.64
CA SER F 32 50.84 4.75 50.63
C SER F 32 51.75 5.95 50.46
N GLY F 33 51.17 7.14 50.56
CA GLY F 33 51.94 8.37 50.48
C GLY F 33 52.13 8.89 49.06
N ILE F 34 52.51 8.00 48.14
CA ILE F 34 52.81 8.41 46.79
C ILE F 34 51.51 8.80 46.08
N ALA F 35 51.51 9.96 45.44
CA ALA F 35 50.36 10.38 44.65
C ALA F 35 50.41 9.76 43.27
N LYS F 36 49.24 9.40 42.74
CA LYS F 36 49.14 8.74 41.45
C LYS F 36 48.01 9.37 40.63
N SER F 37 48.14 9.25 39.31
CA SER F 37 47.20 9.90 38.40
C SER F 37 45.83 9.26 38.48
N VAL F 38 44.79 10.08 38.31
CA VAL F 38 43.43 9.57 38.32
C VAL F 38 43.15 8.75 37.07
N VAL F 39 43.62 9.20 35.91
CA VAL F 39 43.39 8.52 34.64
C VAL F 39 44.73 8.35 33.93
N SER F 40 44.79 7.33 33.08
CA SER F 40 46.01 7.04 32.35
C SER F 40 46.16 8.00 31.16
N TYR F 41 47.37 8.01 30.58
CA TYR F 41 47.65 8.91 29.48
C TYR F 41 46.81 8.58 28.26
N SER F 42 46.57 7.29 28.01
CA SER F 42 45.79 6.89 26.84
C SER F 42 44.39 7.49 26.88
N ASN F 43 43.76 7.52 28.06
CA ASN F 43 42.44 8.14 28.17
C ASN F 43 42.50 9.62 27.80
N VAL F 44 43.55 10.32 28.27
CA VAL F 44 43.66 11.74 27.97
C VAL F 44 43.81 11.96 26.46
N MET F 45 44.66 11.15 25.81
CA MET F 45 44.81 11.28 24.36
C MET F 45 43.52 10.95 23.63
N ALA F 46 42.81 9.91 24.07
CA ALA F 46 41.55 9.57 23.42
C ALA F 46 40.54 10.71 23.56
N ALA F 47 40.47 11.33 24.74
CA ALA F 47 39.55 12.44 24.94
C ALA F 47 39.95 13.66 24.12
N ALA F 48 41.25 13.94 24.01
CA ALA F 48 41.70 15.12 23.28
C ALA F 48 41.33 15.04 21.81
N ARG F 49 41.49 13.87 21.19
CA ARG F 49 41.16 13.71 19.78
C ARG F 49 39.68 13.48 19.54
N ALA F 50 38.92 13.14 20.58
CA ALA F 50 37.49 12.94 20.42
C ALA F 50 36.78 14.23 20.03
N MET F 51 37.18 15.35 20.66
CA MET F 51 36.50 16.62 20.42
C MET F 51 36.71 17.14 19.00
N GLU F 52 37.65 16.57 18.24
CA GLU F 52 37.89 16.98 16.86
C GLU F 52 37.41 15.94 15.86
N HIS F 53 36.56 15.01 16.27
CA HIS F 53 36.06 13.96 15.40
C HIS F 53 34.66 14.31 14.94
N PRO F 54 34.33 14.17 13.65
CA PRO F 54 33.01 14.61 13.17
C PRO F 54 31.85 13.83 13.73
N VAL F 55 32.08 12.74 14.47
CA VAL F 55 31.02 11.91 15.03
C VAL F 55 30.99 11.97 16.54
N VAL F 56 32.15 11.80 17.19
CA VAL F 56 32.19 11.75 18.65
C VAL F 56 31.87 13.11 19.25
N PHE F 57 32.35 14.19 18.63
CA PHE F 57 32.05 15.52 19.14
C PHE F 57 30.56 15.80 19.13
N ARG F 58 29.86 15.35 18.09
CA ARG F 58 28.43 15.58 18.04
C ARG F 58 27.73 14.91 19.22
N CYS F 59 28.10 13.66 19.52
CA CYS F 59 27.50 12.96 20.65
C CYS F 59 27.81 13.67 21.97
N LEU F 60 29.07 14.07 22.16
CA LEU F 60 29.43 14.73 23.42
C LEU F 60 28.69 16.04 23.58
N ASP F 61 28.61 16.84 22.51
CA ASP F 61 27.88 18.11 22.57
C ASP F 61 26.39 17.88 22.82
N LYS F 62 25.80 16.86 22.18
CA LYS F 62 24.40 16.55 22.41
C LYS F 62 24.16 16.24 23.89
N LEU F 63 24.99 15.37 24.46
CA LEU F 63 24.83 15.04 25.87
C LEU F 63 24.99 16.27 26.76
N GLY F 64 26.02 17.07 26.49
CA GLY F 64 26.26 18.24 27.32
C GLY F 64 25.08 19.21 27.28
N LEU F 65 24.59 19.51 26.07
CA LEU F 65 23.46 20.43 25.95
C LEU F 65 22.23 19.88 26.64
N THR F 66 21.92 18.60 26.42
CA THR F 66 20.72 18.02 27.01
C THR F 66 20.79 18.05 28.53
N VAL F 67 21.96 17.77 29.10
CA VAL F 67 22.07 17.79 30.55
C VAL F 67 22.01 19.22 31.08
N GLN F 68 22.63 20.17 30.40
CA GLN F 68 22.61 21.54 30.92
C GLN F 68 21.23 22.16 30.82
N SER F 69 20.38 21.65 29.91
CA SER F 69 19.04 22.21 29.77
C SER F 69 18.20 22.03 31.03
N VAL F 70 18.60 21.14 31.93
CA VAL F 70 17.82 20.86 33.13
C VAL F 70 18.35 21.70 34.28
N LYS F 71 17.46 22.09 35.19
CA LYS F 71 17.81 22.87 36.37
C LYS F 71 17.80 21.99 37.61
N TRP F 72 18.25 22.55 38.73
CA TRP F 72 18.03 21.94 40.03
C TRP F 72 17.67 23.02 41.05
N TYR F 73 17.54 22.58 42.30
CA TYR F 73 17.29 23.48 43.42
C TYR F 73 17.59 22.72 44.70
N VAL F 74 17.63 23.45 45.81
CA VAL F 74 17.91 22.86 47.12
C VAL F 74 16.58 22.61 47.81
N GLY F 75 16.28 21.33 48.07
CA GLY F 75 15.02 20.95 48.69
C GLY F 75 15.23 20.17 49.99
N ALA F 76 14.12 19.63 50.47
CA ALA F 76 14.12 18.84 51.70
C ALA F 76 14.09 17.35 51.39
N ASP F 77 14.66 16.56 52.29
CA ASP F 77 14.74 15.12 52.09
C ASP F 77 13.45 14.45 52.55
N PRO F 78 12.71 13.78 51.66
CA PRO F 78 11.48 13.10 52.10
C PRO F 78 11.72 11.97 53.10
N ASP F 79 12.87 11.30 53.05
CA ASP F 79 13.10 10.08 53.80
C ASP F 79 13.69 10.33 55.18
N ILE F 80 14.65 11.23 55.31
CA ILE F 80 15.33 11.51 56.56
C ILE F 80 15.14 12.97 56.92
N SER F 81 14.92 13.25 58.20
CA SER F 81 14.58 14.59 58.64
C SER F 81 15.14 14.82 60.04
N GLY F 82 15.20 16.10 60.42
CA GLY F 82 15.61 16.49 61.76
C GLY F 82 16.85 17.36 61.79
N THR F 83 17.86 17.03 60.97
CA THR F 83 19.11 17.77 60.94
C THR F 83 19.22 18.68 59.71
N GLY F 84 18.13 18.90 58.99
CA GLY F 84 18.20 19.65 57.75
C GLY F 84 18.53 21.12 57.97
N MET F 85 18.96 21.75 56.88
CA MET F 85 19.27 23.18 56.91
C MET F 85 17.99 23.99 57.13
N SER F 86 18.15 25.15 57.76
CA SER F 86 17.06 26.10 57.83
C SER F 86 16.81 26.72 56.46
N ALA F 87 15.65 27.35 56.32
CA ALA F 87 15.31 27.97 55.04
C ALA F 87 16.36 28.99 54.62
N LYS F 88 16.89 29.76 55.58
CA LYS F 88 17.90 30.76 55.25
C LYS F 88 19.14 30.10 54.65
N GLU F 89 19.59 29.00 55.25
CA GLU F 89 20.79 28.32 54.74
C GLU F 89 20.53 27.71 53.36
N ARG F 90 19.33 27.16 53.17
CA ARG F 90 18.99 26.63 51.84
C ARG F 90 19.02 27.72 50.79
N LYS F 91 18.43 28.89 51.10
CA LYS F 91 18.49 30.00 50.16
C LYS F 91 19.90 30.49 49.94
N ALA F 92 20.74 30.48 50.96
CA ALA F 92 22.13 30.89 50.80
C ALA F 92 22.87 29.94 49.86
N LEU F 93 22.66 28.64 50.01
CA LEU F 93 23.31 27.68 49.13
C LEU F 93 22.75 27.77 47.72
N GLN F 94 21.49 28.17 47.59
CA GLN F 94 20.89 28.35 46.27
C GLN F 94 21.67 29.36 45.44
N GLN F 95 22.08 30.46 46.07
CA GLN F 95 22.82 31.49 45.35
C GLN F 95 24.13 30.95 44.79
N VAL F 96 24.87 30.20 45.60
CA VAL F 96 26.11 29.59 45.11
C VAL F 96 25.81 28.62 44.00
N LEU F 97 24.75 27.83 44.14
CA LEU F 97 24.39 26.86 43.11
C LEU F 97 24.05 27.53 41.78
N ASN F 98 23.43 28.71 41.81
CA ASN F 98 23.09 29.42 40.58
C ASN F 98 24.30 30.14 39.97
N ARG F 99 25.19 30.67 40.81
CA ARG F 99 26.37 31.40 40.35
C ARG F 99 27.59 30.85 41.06
N PRO F 100 28.13 29.72 40.58
CA PRO F 100 29.24 29.08 41.30
C PRO F 100 30.43 29.98 41.56
N ASN F 101 30.81 30.82 40.61
CA ASN F 101 31.96 31.69 40.77
C ASN F 101 31.84 32.86 39.81
N SER F 102 32.92 33.62 39.64
CA SER F 102 32.88 34.85 38.85
C SER F 102 33.00 34.59 37.35
N ALA F 103 33.22 33.35 36.93
CA ALA F 103 33.43 33.05 35.52
C ALA F 103 32.40 32.11 34.91
N MET F 104 31.69 31.32 35.72
CA MET F 104 30.74 30.33 35.22
C MET F 104 29.39 30.50 35.89
N SER F 105 28.33 30.29 35.12
CA SER F 105 27.00 30.10 35.67
C SER F 105 26.72 28.61 35.85
N GLY F 106 25.52 28.30 36.32
CA GLY F 106 25.17 26.91 36.55
C GLY F 106 25.22 26.06 35.30
N ALA F 107 24.74 26.60 34.18
CA ALA F 107 24.69 25.82 32.94
C ALA F 107 26.09 25.40 32.50
N GLN F 108 27.07 26.30 32.59
CA GLN F 108 28.43 25.96 32.20
C GLN F 108 29.03 24.91 33.12
N LEU F 109 28.74 24.99 34.42
CA LEU F 109 29.20 23.96 35.34
C LEU F 109 28.62 22.60 34.98
N ARG F 110 27.32 22.56 34.66
CA ARG F 110 26.70 21.31 34.24
C ARG F 110 27.34 20.79 32.97
N TYR F 111 27.62 21.67 32.01
CA TYR F 111 28.21 21.26 30.75
C TYR F 111 29.59 20.65 30.96
N ALA F 112 30.44 21.33 31.74
CA ALA F 112 31.77 20.80 32.02
C ALA F 112 31.70 19.47 32.76
N ALA F 113 30.81 19.37 33.75
CA ALA F 113 30.68 18.13 34.50
C ALA F 113 30.24 16.99 33.58
N THR F 114 29.28 17.26 32.69
CA THR F 114 28.82 16.23 31.77
C THR F 114 29.94 15.77 30.84
N LEU F 115 30.71 16.71 30.31
CA LEU F 115 31.82 16.32 29.45
C LEU F 115 32.86 15.48 30.20
N SER F 116 33.20 15.87 31.43
CA SER F 116 34.16 15.10 32.21
C SER F 116 33.61 13.70 32.48
N TRP F 117 32.35 13.60 32.87
CA TRP F 117 31.75 12.29 33.14
C TRP F 117 31.76 11.41 31.89
N ALA F 118 31.44 11.99 30.74
CA ALA F 118 31.39 11.20 29.51
C ALA F 118 32.78 10.73 29.10
N CYS F 119 33.75 11.63 29.12
CA CYS F 119 35.08 11.28 28.59
C CYS F 119 35.86 10.38 29.55
N PHE F 120 35.84 10.67 30.84
CA PHE F 120 36.69 9.97 31.80
C PHE F 120 35.92 9.10 32.78
N GLY F 121 34.61 9.30 32.92
CA GLY F 121 33.86 8.51 33.87
C GLY F 121 34.01 8.94 35.31
N ARG F 122 34.51 10.15 35.55
CA ARG F 122 34.66 10.68 36.89
C ARG F 122 34.82 12.19 36.82
N MET F 123 34.28 12.87 37.82
CA MET F 123 34.31 14.33 37.87
C MET F 123 34.65 14.78 39.29
N ALA F 124 35.32 15.92 39.39
CA ALA F 124 35.76 16.44 40.66
C ALA F 124 35.57 17.95 40.69
N PHE F 125 35.47 18.51 41.90
CA PHE F 125 35.28 19.94 42.08
C PHE F 125 36.02 20.38 43.33
N LYS F 126 36.31 21.68 43.39
CA LYS F 126 36.84 22.31 44.59
C LYS F 126 35.79 23.22 45.19
N VAL F 127 35.74 23.27 46.52
CA VAL F 127 34.73 24.01 47.25
C VAL F 127 35.42 24.95 48.23
N SER F 128 34.99 26.21 48.26
CA SER F 128 35.51 27.21 49.18
C SER F 128 34.46 27.50 50.25
N VAL F 129 34.89 27.51 51.50
CA VAL F 129 34.00 27.66 52.64
C VAL F 129 34.48 28.81 53.50
N MET F 130 33.54 29.43 54.21
CA MET F 130 33.87 30.51 55.14
C MET F 130 34.06 29.95 56.55
N GLY F 131 34.26 30.85 57.50
CA GLY F 131 34.54 30.45 58.87
C GLY F 131 33.43 29.64 59.52
N ASP F 132 32.18 29.94 59.22
CA ASP F 132 31.05 29.27 59.86
C ASP F 132 30.57 28.04 59.11
N GLY F 133 31.23 27.66 58.01
CA GLY F 133 30.89 26.46 57.30
C GLY F 133 30.06 26.64 56.03
N SER F 134 29.46 27.81 55.83
CA SER F 134 28.67 28.04 54.64
C SER F 134 29.56 28.14 53.41
N VAL F 135 29.06 27.63 52.28
CA VAL F 135 29.81 27.64 51.04
C VAL F 135 29.67 29.00 50.36
N ASN F 136 30.69 29.38 49.59
CA ASN F 136 30.66 30.64 48.85
C ASN F 136 31.15 30.53 47.41
N ALA F 137 31.77 29.43 47.01
CA ALA F 137 32.23 29.30 45.63
C ALA F 137 32.45 27.82 45.32
N ILE F 138 32.50 27.53 44.02
CA ILE F 138 32.76 26.20 43.50
C ILE F 138 33.60 26.33 42.24
N TRP F 139 34.58 25.44 42.08
CA TRP F 139 35.47 25.45 40.92
C TRP F 139 35.60 24.04 40.37
N PRO F 140 35.51 23.84 39.06
CA PRO F 140 35.74 22.50 38.50
C PRO F 140 37.22 22.24 38.28
N LEU F 141 37.61 20.99 38.50
CA LEU F 141 39.00 20.55 38.32
C LEU F 141 39.12 19.72 37.06
N GLY F 142 40.25 19.89 36.37
CA GLY F 142 40.53 19.09 35.19
C GLY F 142 41.03 17.71 35.55
N ILE F 143 40.28 16.68 35.17
CA ILE F 143 40.60 15.30 35.51
C ILE F 143 42.02 14.96 35.04
N PRO F 144 42.44 15.38 33.85
CA PRO F 144 43.80 15.02 33.41
C PRO F 144 44.89 15.53 34.35
N PHE F 145 44.66 16.65 35.04
CA PHE F 145 45.70 17.28 35.85
C PHE F 145 45.52 17.01 37.34
N LEU F 146 44.87 15.90 37.71
CA LEU F 146 44.54 15.62 39.10
C LEU F 146 45.25 14.35 39.57
N LYS F 147 45.78 14.40 40.78
CA LYS F 147 46.41 13.26 41.44
C LYS F 147 45.92 13.19 42.88
N GLN F 148 45.88 11.97 43.42
CA GLN F 148 45.31 11.74 44.75
C GLN F 148 46.23 10.81 45.54
N GLU F 149 46.15 10.93 46.86
CA GLU F 149 46.94 10.14 47.78
C GLU F 149 46.02 9.37 48.73
N PHE F 150 46.52 8.25 49.23
CA PHE F 150 45.76 7.37 50.12
C PHE F 150 46.54 7.11 51.40
N ASN F 151 45.80 6.85 52.48
CA ASN F 151 46.40 6.29 53.68
C ASN F 151 46.47 4.76 53.55
N LYS F 152 46.80 4.10 54.66
CA LYS F 152 46.96 2.66 54.61
C LYS F 152 45.63 1.91 54.62
N TYR F 153 44.52 2.58 54.91
CA TYR F 153 43.21 1.95 54.88
C TYR F 153 42.46 2.16 53.57
N GLY F 154 43.00 2.95 52.64
CA GLY F 154 42.41 3.13 51.34
C GLY F 154 41.61 4.40 51.15
N GLU F 155 41.40 5.19 52.21
CA GLU F 155 40.66 6.44 52.09
C GLU F 155 41.56 7.52 51.53
N VAL F 156 40.98 8.40 50.71
CA VAL F 156 41.72 9.49 50.11
C VAL F 156 41.96 10.56 51.18
N THR F 157 43.20 11.03 51.27
CA THR F 157 43.58 12.02 52.28
C THR F 157 44.00 13.36 51.69
N THR F 158 44.36 13.41 50.41
CA THR F 158 44.82 14.65 49.80
C THR F 158 44.64 14.57 48.29
N PHE F 159 44.30 15.70 47.68
CA PHE F 159 44.21 15.84 46.24
C PHE F 159 45.33 16.76 45.77
N GLN F 160 46.12 16.28 44.81
CA GLN F 160 47.25 17.02 44.27
C GLN F 160 46.88 17.50 42.87
N TYR F 161 46.68 18.81 42.73
CA TYR F 161 46.26 19.43 41.47
C TYR F 161 47.41 20.26 40.91
N GLY F 162 47.79 19.96 39.66
CA GLY F 162 48.86 20.67 38.98
C GLY F 162 49.86 19.71 38.36
N ASP F 163 51.13 20.10 38.41
CA ASP F 163 52.20 19.31 37.81
C ASP F 163 53.36 19.25 38.82
N GLU F 164 54.51 18.75 38.35
CA GLU F 164 55.64 18.55 39.26
C GLU F 164 56.17 19.87 39.80
N GLY F 165 56.19 20.93 38.99
CA GLY F 165 56.77 22.18 39.41
C GLY F 165 55.79 23.11 40.09
N ASN F 166 54.61 23.30 39.48
CA ASN F 166 53.56 24.14 40.03
C ASN F 166 52.45 23.22 40.54
N ARG F 167 52.08 23.40 41.80
CA ARG F 167 51.17 22.48 42.46
C ARG F 167 50.13 23.25 43.27
N GLU F 168 48.98 22.63 43.45
CA GLU F 168 47.93 23.12 44.34
C GLU F 168 47.47 21.95 45.19
N SER F 169 47.79 21.98 46.47
CA SER F 169 47.46 20.90 47.39
C SER F 169 46.15 21.21 48.09
N ILE F 170 45.27 20.22 48.15
CA ILE F 170 43.92 20.38 48.68
C ILE F 170 43.62 19.22 49.62
N LYS F 171 42.93 19.52 50.72
CA LYS F 171 42.48 18.48 51.62
C LYS F 171 41.17 17.88 51.12
N SER F 172 41.01 16.57 51.31
CA SER F 172 39.78 15.90 50.94
C SER F 172 38.69 16.22 51.97
N PHE F 173 37.44 15.94 51.59
CA PHE F 173 36.32 16.17 52.50
C PHE F 173 36.50 15.42 53.80
N TYR F 174 37.13 14.24 53.76
CA TYR F 174 37.28 13.43 54.95
C TYR F 174 38.31 14.02 55.92
N SER F 175 39.46 14.46 55.37
CA SER F 175 40.57 14.92 56.20
C SER F 175 40.42 16.36 56.66
N ALA F 176 39.48 17.12 56.09
CA ALA F 176 39.34 18.52 56.46
C ALA F 176 38.77 18.64 57.87
N ALA F 177 39.27 19.64 58.61
CA ALA F 177 38.74 19.92 59.94
C ALA F 177 37.27 20.31 59.85
N LYS F 178 36.50 19.87 60.84
CA LYS F 178 35.05 20.03 60.83
C LYS F 178 34.58 20.67 62.11
N ASN F 179 33.45 21.36 62.03
CA ASN F 179 32.83 21.97 63.20
C ASN F 179 32.03 20.92 63.97
N GLU F 180 31.21 21.40 64.92
CA GLU F 180 30.45 20.48 65.76
C GLU F 180 29.37 19.75 64.98
N LYS F 181 28.91 20.30 63.85
CA LYS F 181 27.88 19.67 63.05
C LYS F 181 28.44 18.81 61.93
N GLY F 182 29.76 18.66 61.85
CA GLY F 182 30.37 17.83 60.83
C GLY F 182 30.65 18.52 59.51
N ARG F 183 30.28 19.79 59.37
CA ARG F 183 30.57 20.47 58.11
C ARG F 183 32.01 20.96 58.08
N PRO F 184 32.66 20.97 56.93
CA PRO F 184 34.04 21.48 56.87
C PRO F 184 34.09 22.98 57.15
N ILE F 185 35.24 23.43 57.65
CA ILE F 185 35.46 24.85 57.91
C ILE F 185 36.72 25.30 57.20
N GLU F 186 37.06 24.64 56.09
CA GLU F 186 38.21 25.03 55.29
C GLU F 186 38.03 24.48 53.88
N ASN F 187 38.82 25.03 52.95
CA ASN F 187 38.69 24.62 51.55
C ASN F 187 39.00 23.13 51.40
N TYR F 188 38.29 22.49 50.48
CA TYR F 188 38.45 21.06 50.26
C TYR F 188 37.98 20.72 48.84
N ALA F 189 38.17 19.46 48.47
CA ALA F 189 37.79 18.98 47.15
C ALA F 189 37.18 17.58 47.29
N PHE F 190 36.43 17.19 46.26
CA PHE F 190 35.78 15.89 46.24
C PHE F 190 35.65 15.42 44.80
N MET F 191 35.53 14.10 44.63
CA MET F 191 35.46 13.48 43.32
C MET F 191 34.42 12.37 43.32
N ILE F 192 33.82 12.14 42.17
CA ILE F 192 32.80 11.11 41.98
C ILE F 192 33.33 10.10 40.98
N VAL F 193 33.10 8.81 41.26
CA VAL F 193 33.64 7.72 40.45
C VAL F 193 32.50 6.80 40.02
N LYS F 194 32.55 6.34 38.78
CA LYS F 194 31.58 5.36 38.28
C LYS F 194 32.07 3.95 38.60
N PRO F 195 31.26 3.11 39.25
CA PRO F 195 31.75 1.79 39.66
C PRO F 195 32.21 0.95 38.48
N SER F 196 32.93 -0.12 38.80
CA SER F 196 33.41 -1.07 37.81
C SER F 196 33.15 -2.48 38.33
N ILE F 197 33.64 -3.47 37.57
CA ILE F 197 33.36 -4.86 37.90
C ILE F 197 34.12 -5.29 39.16
N ASN F 198 35.36 -4.86 39.31
CA ASN F 198 36.19 -5.33 40.41
C ASN F 198 35.66 -4.93 41.78
N GLY F 199 34.85 -3.87 41.87
CA GLY F 199 34.24 -3.51 43.13
C GLY F 199 35.10 -2.67 44.05
N ALA F 200 36.17 -2.07 43.55
CA ALA F 200 36.97 -1.16 44.35
C ALA F 200 36.35 0.23 44.36
N MET F 201 36.43 0.89 45.51
CA MET F 201 35.78 2.20 45.64
C MET F 201 36.43 3.23 44.72
N ASN F 202 37.75 3.34 44.76
CA ASN F 202 38.48 4.30 43.94
C ASN F 202 39.68 3.72 43.20
N LEU F 203 40.21 2.58 43.62
CA LEU F 203 41.40 2.01 43.01
C LEU F 203 41.03 1.05 41.89
N ASP F 204 40.24 1.52 40.92
CA ASP F 204 39.79 0.69 39.81
C ASP F 204 39.94 1.46 38.51
N VAL F 205 40.00 0.71 37.42
CA VAL F 205 40.08 1.32 36.09
C VAL F 205 38.82 2.11 35.82
N GLN F 206 38.93 3.10 34.92
CA GLN F 206 37.78 3.92 34.59
C GLN F 206 36.69 3.09 33.93
N ASN F 207 35.54 3.73 33.73
CA ASN F 207 34.39 3.11 33.07
C ASN F 207 33.75 4.18 32.19
N THR F 208 34.15 4.24 30.93
CA THR F 208 33.68 5.27 30.00
C THR F 208 33.36 4.64 28.66
N PRO F 209 32.44 5.21 27.89
CA PRO F 209 32.15 4.66 26.55
C PRO F 209 33.35 4.61 25.63
N LEU F 210 34.25 5.59 25.71
CA LEU F 210 35.45 5.58 24.86
C LEU F 210 36.30 4.34 25.08
N GLN F 211 36.05 3.59 26.15
CA GLN F 211 36.78 2.35 26.40
C GLN F 211 36.56 1.32 25.30
N ALA F 212 35.48 1.46 24.52
CA ALA F 212 35.04 0.41 23.61
C ALA F 212 34.91 0.83 22.15
N VAL F 213 35.09 2.10 21.81
CA VAL F 213 34.84 2.57 20.45
C VAL F 213 36.14 2.78 19.69
N GLY F 214 37.21 2.13 20.12
CA GLY F 214 38.49 2.31 19.44
C GLY F 214 38.48 1.82 18.02
N MET F 215 38.04 0.58 17.81
CA MET F 215 38.09 -0.02 16.48
C MET F 215 37.20 0.71 15.48
N PRO F 216 35.94 1.03 15.80
CA PRO F 216 35.12 1.79 14.83
C PRO F 216 35.76 3.10 14.42
N VAL F 217 36.30 3.86 15.38
CA VAL F 217 36.94 5.13 15.06
C VAL F 217 38.16 4.89 14.17
N ALA F 218 38.96 3.88 14.50
CA ALA F 218 40.15 3.60 13.70
C ALA F 218 39.80 3.27 12.27
N LEU F 219 38.72 2.51 12.05
CA LEU F 219 38.34 2.18 10.68
C LEU F 219 37.73 3.38 9.97
N TYR F 220 36.92 4.17 10.66
CA TYR F 220 36.30 5.34 10.06
C TYR F 220 37.35 6.33 9.58
N ASN F 221 38.35 6.61 10.42
CA ASN F 221 39.40 7.55 10.03
C ASN F 221 40.17 7.05 8.83
N GLY F 222 40.50 5.76 8.80
CA GLY F 222 41.22 5.21 7.65
C GLY F 222 40.43 5.33 6.37
N LEU F 223 39.14 5.00 6.41
CA LEU F 223 38.33 5.10 5.21
C LEU F 223 38.24 6.54 4.71
N MET F 224 38.05 7.50 5.63
CA MET F 224 37.96 8.89 5.20
C MET F 224 39.29 9.38 4.63
N GLU F 225 40.41 8.96 5.23
CA GLU F 225 41.71 9.36 4.72
C GLU F 225 41.93 8.81 3.32
N ARG F 226 41.57 7.55 3.10
CA ARG F 226 41.66 6.99 1.75
C ARG F 226 40.79 7.77 0.78
N ALA F 227 39.59 8.16 1.20
CA ALA F 227 38.70 8.92 0.33
C ALA F 227 39.35 10.24 -0.07
N LEU F 228 39.96 10.94 0.87
CA LEU F 228 40.60 12.22 0.56
C LEU F 228 41.80 12.01 -0.38
N GLU F 229 42.63 11.01 -0.08
CA GLU F 229 43.81 10.77 -0.90
C GLU F 229 43.42 10.45 -2.34
N GLN F 230 42.41 9.60 -2.52
CA GLN F 230 41.99 9.24 -3.88
C GLN F 230 41.42 10.43 -4.63
N CYS F 231 40.69 11.31 -3.94
CA CYS F 231 40.20 12.53 -4.58
C CYS F 231 41.36 13.40 -5.04
N ASP F 232 42.39 13.51 -4.20
CA ASP F 232 43.50 14.40 -4.54
C ASP F 232 44.44 13.80 -5.57
N GLY F 233 44.42 12.48 -5.75
CA GLY F 233 45.43 11.83 -6.58
C GLY F 233 44.97 11.31 -7.93
N THR F 234 43.66 11.22 -8.16
CA THR F 234 43.17 10.58 -9.38
C THR F 234 43.12 11.59 -10.52
N PRO F 235 43.71 11.29 -11.67
CA PRO F 235 43.66 12.25 -12.80
C PRO F 235 42.23 12.50 -13.26
N ASN F 236 42.00 13.72 -13.76
CA ASN F 236 40.68 14.16 -14.17
C ASN F 236 40.64 14.26 -15.70
N SER F 237 40.25 13.16 -16.33
CA SER F 237 40.16 13.10 -17.79
C SER F 237 38.99 12.23 -18.18
N LYS F 238 38.54 12.40 -19.42
CA LYS F 238 37.39 11.66 -19.94
C LYS F 238 37.71 10.79 -21.14
N TRP F 239 38.54 11.27 -22.07
CA TRP F 239 38.92 10.50 -23.26
C TRP F 239 40.39 10.13 -23.19
N PHE F 240 40.73 8.99 -23.79
CA PHE F 240 42.10 8.56 -23.95
C PHE F 240 42.30 8.16 -25.41
N VAL F 241 43.04 9.00 -26.15
CA VAL F 241 43.15 8.88 -27.60
C VAL F 241 44.58 8.48 -27.95
N THR F 242 44.70 7.55 -28.90
CA THR F 242 45.99 7.06 -29.37
C THR F 242 46.03 7.10 -30.89
N ALA F 243 47.21 7.34 -31.44
CA ALA F 243 47.39 7.47 -32.88
C ALA F 243 48.61 6.67 -33.33
N GLY F 244 48.66 6.37 -34.62
CA GLY F 244 49.77 5.61 -35.17
C GLY F 244 51.02 6.46 -35.35
N ARG F 245 52.07 5.80 -35.84
CA ARG F 245 53.36 6.46 -36.01
C ARG F 245 53.48 7.16 -37.36
N ASP F 246 52.65 6.81 -38.34
CA ASP F 246 52.79 7.36 -39.68
C ASP F 246 51.99 8.65 -39.83
N ILE F 247 52.24 9.62 -38.95
CA ILE F 247 51.63 10.94 -39.02
C ILE F 247 52.74 11.97 -38.97
N GLY F 248 52.67 12.96 -39.86
CA GLY F 248 53.73 13.93 -39.98
C GLY F 248 53.93 14.74 -38.71
N GLU F 249 54.83 15.71 -38.80
CA GLU F 249 55.17 16.56 -37.67
C GLU F 249 54.17 17.69 -37.49
N VAL F 250 53.28 17.90 -38.46
CA VAL F 250 52.34 19.02 -38.44
C VAL F 250 50.91 18.48 -38.40
N GLN F 251 50.66 17.41 -39.15
CA GLN F 251 49.33 16.80 -39.15
C GLN F 251 48.93 16.35 -37.75
N SER F 252 49.90 15.93 -36.94
CA SER F 252 49.59 15.54 -35.56
C SER F 252 49.07 16.72 -34.76
N LYS F 253 49.69 17.89 -34.90
CA LYS F 253 49.16 19.08 -34.24
C LYS F 253 47.78 19.45 -34.80
N GLU F 254 47.62 19.30 -36.11
CA GLU F 254 46.33 19.61 -36.73
C GLU F 254 45.21 18.77 -36.15
N ILE F 255 45.47 17.48 -35.91
CA ILE F 255 44.42 16.60 -35.37
C ILE F 255 43.97 17.10 -34.01
N LYS F 256 44.92 17.36 -33.10
CA LYS F 256 44.54 17.76 -31.75
C LYS F 256 43.89 19.14 -31.76
N ASP F 257 44.33 20.03 -32.64
CA ASP F 257 43.67 21.33 -32.76
C ASP F 257 42.24 21.16 -33.26
N GLY F 258 42.01 20.22 -34.16
CA GLY F 258 40.65 19.93 -34.59
C GLY F 258 39.78 19.40 -33.47
N ILE F 259 40.34 18.51 -32.65
CA ILE F 259 39.59 18.00 -31.51
C ILE F 259 39.33 19.11 -30.50
N ASP F 260 40.32 19.97 -30.27
CA ASP F 260 40.16 21.03 -29.28
C ASP F 260 39.10 22.05 -29.69
N ASP F 261 38.84 22.18 -31.00
CA ASP F 261 37.86 23.16 -31.44
C ASP F 261 36.43 22.76 -31.10
N THR F 262 36.22 21.53 -30.64
CA THR F 262 34.91 21.08 -30.19
C THR F 262 34.67 21.33 -28.71
N LYS F 263 35.63 21.91 -28.01
CA LYS F 263 35.42 22.28 -26.62
C LYS F 263 34.36 23.39 -26.56
N PRO F 264 33.64 23.49 -25.44
CA PRO F 264 32.67 24.59 -25.31
C PRO F 264 33.34 25.94 -25.52
N GLY F 265 32.69 26.78 -26.30
CA GLY F 265 33.24 28.07 -26.67
C GLY F 265 34.17 28.06 -27.87
N GLY F 266 34.43 26.88 -28.45
CA GLY F 266 35.31 26.81 -29.60
C GLY F 266 34.59 27.15 -30.90
N ASP F 267 35.37 27.15 -31.98
CA ASP F 267 34.84 27.49 -33.30
C ASP F 267 33.99 26.37 -33.89
N SER F 268 34.11 25.14 -33.39
CA SER F 268 33.38 24.00 -33.94
C SER F 268 32.66 23.23 -32.84
N ALA F 269 32.23 23.91 -31.79
CA ALA F 269 31.55 23.26 -30.69
C ALA F 269 30.27 22.58 -31.18
N GLY F 270 30.08 21.32 -30.79
CA GLY F 270 28.88 20.58 -31.11
C GLY F 270 28.91 19.85 -32.45
N GLU F 271 29.95 20.05 -33.24
CA GLU F 271 30.03 19.41 -34.55
C GLU F 271 30.66 18.02 -34.43
N ILE F 272 30.66 17.30 -35.56
CA ILE F 272 31.26 15.98 -35.57
C ILE F 272 32.77 16.09 -35.77
N ILE F 273 33.46 15.01 -35.45
CA ILE F 273 34.91 14.92 -35.62
C ILE F 273 35.21 14.05 -36.82
N PHE F 274 35.83 14.63 -37.84
CA PHE F 274 36.14 13.94 -39.08
C PHE F 274 37.65 13.83 -39.22
N VAL F 275 38.15 12.59 -39.30
CA VAL F 275 39.58 12.32 -39.44
C VAL F 275 39.77 11.48 -40.70
N PHE F 276 40.73 11.87 -41.52
CA PHE F 276 40.96 11.25 -42.82
C PHE F 276 42.35 10.66 -42.89
N GLY F 277 42.43 9.34 -43.01
CA GLY F 277 43.68 8.67 -43.30
C GLY F 277 44.50 8.22 -42.11
N GLU F 278 43.93 8.17 -40.92
CA GLU F 278 44.63 7.68 -39.74
C GLU F 278 43.72 6.78 -38.91
N ASP F 279 44.33 5.84 -38.20
CA ASP F 279 43.60 4.91 -37.33
C ASP F 279 43.62 5.40 -35.88
N VAL F 280 42.96 6.53 -35.65
CA VAL F 280 42.84 7.06 -34.30
C VAL F 280 41.83 6.22 -33.53
N LYS F 281 42.08 6.06 -32.23
CA LYS F 281 41.24 5.24 -31.36
C LYS F 281 40.80 6.06 -30.16
N LEU F 282 39.55 5.85 -29.74
CA LEU F 282 39.01 6.45 -28.53
C LEU F 282 38.69 5.37 -27.51
N GLN F 283 39.06 5.62 -26.26
CA GLN F 283 38.70 4.77 -25.14
C GLN F 283 37.99 5.61 -24.10
N GLU F 284 36.69 5.34 -23.91
CA GLU F 284 35.94 6.06 -22.90
C GLU F 284 36.45 5.71 -21.51
N ILE F 285 36.58 6.72 -20.67
CA ILE F 285 37.08 6.55 -19.30
C ILE F 285 35.97 6.93 -18.33
N LYS F 286 35.65 6.03 -17.41
CA LYS F 286 34.69 6.29 -16.35
C LYS F 286 35.44 6.38 -15.03
N ASN F 287 35.39 7.55 -14.39
CA ASN F 287 35.95 7.73 -13.06
C ASN F 287 34.78 7.65 -12.07
N ASP F 288 34.39 6.42 -11.76
CA ASP F 288 33.25 6.15 -10.90
C ASP F 288 33.66 6.43 -9.46
N LEU F 289 33.42 7.67 -9.03
CA LEU F 289 33.72 8.10 -7.67
C LEU F 289 32.50 8.03 -6.77
N SER F 290 31.43 7.37 -7.20
CA SER F 290 30.21 7.26 -6.40
C SER F 290 30.41 6.46 -5.12
N ASP F 291 31.52 5.72 -5.00
CA ASP F 291 31.83 4.96 -3.79
C ASP F 291 33.23 5.31 -3.31
N ILE F 292 33.61 6.58 -3.44
CA ILE F 292 34.94 7.01 -3.02
C ILE F 292 35.10 6.86 -1.51
N HIS F 293 34.05 7.11 -0.75
CA HIS F 293 34.13 7.18 0.70
C HIS F 293 33.63 5.92 1.41
N SER F 294 33.35 4.84 0.68
CA SER F 294 32.96 3.57 1.29
C SER F 294 31.72 3.75 2.17
N LYS F 295 30.61 4.06 1.50
CA LYS F 295 29.40 4.49 2.19
C LYS F 295 28.97 3.50 3.27
N ILE F 296 28.87 2.22 2.92
CA ILE F 296 28.24 1.25 3.82
C ILE F 296 29.04 1.05 5.10
N PRO F 297 30.31 0.64 5.05
CA PRO F 297 31.07 0.50 6.30
C PRO F 297 31.19 1.80 7.06
N LEU F 298 31.29 2.93 6.37
CA LEU F 298 31.38 4.22 7.06
C LEU F 298 30.11 4.50 7.86
N ASP F 299 28.95 4.18 7.29
CA ASP F 299 27.70 4.35 8.02
C ASP F 299 27.61 3.37 9.18
N ASP F 300 28.08 2.13 8.97
CA ASP F 300 28.03 1.14 10.05
C ASP F 300 28.88 1.57 11.24
N GLN F 301 30.08 2.11 10.98
CA GLN F 301 30.90 2.60 12.08
C GLN F 301 30.23 3.73 12.83
N ALA F 302 29.59 4.65 12.10
CA ALA F 302 28.88 5.74 12.76
C ALA F 302 27.75 5.21 13.63
N ARG F 303 26.99 4.22 13.13
CA ARG F 303 25.94 3.63 13.94
C ARG F 303 26.51 2.98 15.19
N THR F 304 27.62 2.25 15.06
CA THR F 304 28.21 1.59 16.21
C THR F 304 28.70 2.60 17.25
N ILE F 305 29.32 3.69 16.80
CA ILE F 305 29.78 4.71 17.74
C ILE F 305 28.60 5.37 18.43
N ALA F 306 27.54 5.68 17.67
CA ALA F 306 26.37 6.32 18.26
C ALA F 306 25.69 5.42 19.29
N GLY F 307 25.62 4.12 19.00
CA GLY F 307 24.94 3.21 19.91
C GLY F 307 25.60 3.13 21.28
N ASN F 308 26.94 3.11 21.30
CA ASN F 308 27.64 2.95 22.57
C ASN F 308 27.36 4.09 23.53
N PHE F 309 27.29 5.32 23.03
CA PHE F 309 27.00 6.46 23.90
C PHE F 309 25.54 6.52 24.34
N GLY F 310 24.66 5.77 23.68
CA GLY F 310 23.27 5.70 24.11
C GLY F 310 22.37 6.75 23.50
N ILE F 311 22.78 7.37 22.39
CA ILE F 311 21.97 8.36 21.69
C ILE F 311 21.32 7.67 20.49
N PRO F 312 19.99 7.67 20.39
CA PRO F 312 19.37 7.16 19.15
C PRO F 312 19.90 7.94 17.94
N ILE F 313 20.21 7.21 16.88
CA ILE F 313 20.87 7.83 15.73
C ILE F 313 19.96 8.85 15.06
N ALA F 314 18.65 8.74 15.27
CA ALA F 314 17.74 9.71 14.67
C ALA F 314 18.00 11.12 15.19
N LEU F 315 18.30 11.26 16.48
CA LEU F 315 18.52 12.56 17.08
C LEU F 315 19.87 13.18 16.70
N LEU F 316 20.84 12.38 16.30
CA LEU F 316 22.16 12.92 15.99
C LEU F 316 22.16 13.74 14.71
N GLY F 317 21.13 13.60 13.89
CA GLY F 317 21.08 14.26 12.59
C GLY F 317 21.57 13.41 11.43
N PHE F 318 22.16 12.26 11.71
CA PHE F 318 22.56 11.33 10.65
C PHE F 318 21.32 10.56 10.20
N ALA F 319 21.51 9.53 9.39
CA ALA F 319 20.40 8.85 8.74
C ALA F 319 20.50 7.35 8.95
N ALA F 320 19.34 6.70 8.92
CA ALA F 320 19.24 5.25 8.96
C ALA F 320 18.17 4.81 7.98
N ALA F 321 18.30 3.57 7.49
CA ALA F 321 17.44 3.10 6.42
C ALA F 321 16.13 2.48 6.92
N ASP F 322 16.03 2.20 8.22
CA ASP F 322 14.86 1.53 8.77
C ASP F 322 14.21 2.32 9.90
N GLY F 323 14.02 3.62 9.73
CA GLY F 323 13.40 4.42 10.77
C GLY F 323 11.99 3.99 11.09
N SER F 324 11.22 3.62 10.06
CA SER F 324 9.83 3.23 10.26
C SER F 324 9.69 1.87 10.93
N LYS F 325 10.72 1.03 10.86
CA LYS F 325 10.69 -0.28 11.51
C LYS F 325 11.06 -0.20 12.98
N PHE F 326 11.38 0.99 13.49
CA PHE F 326 11.77 1.19 14.87
C PHE F 326 11.11 2.48 15.35
N ALA F 327 11.62 3.08 16.44
CA ALA F 327 10.93 4.18 17.10
C ALA F 327 10.22 5.06 16.09
N SER F 328 8.90 5.19 16.24
CA SER F 328 8.05 5.61 15.14
C SER F 328 8.36 7.03 14.67
N ASN F 329 8.39 8.00 15.58
CA ASN F 329 8.53 9.39 15.19
C ASN F 329 9.55 10.05 16.09
N TYR F 330 9.84 11.33 15.77
CA TYR F 330 10.97 12.01 16.39
C TYR F 330 10.69 12.32 17.85
N ASP F 331 9.43 12.63 18.18
CA ASP F 331 9.08 12.98 19.56
C ASP F 331 9.24 11.80 20.50
N GLU F 332 8.81 10.60 20.08
CA GLU F 332 9.01 9.43 20.91
C GLU F 332 10.49 9.17 21.15
N SER F 333 11.32 9.40 20.12
CA SER F 333 12.76 9.28 20.31
C SER F 333 13.27 10.29 21.32
N ARG F 334 12.78 11.53 21.26
CA ARG F 334 13.21 12.53 22.23
C ARG F 334 12.84 12.11 23.65
N LYS F 335 11.63 11.57 23.82
CA LYS F 335 11.19 11.14 25.14
C LYS F 335 12.03 9.97 25.65
N ALA F 336 12.21 8.96 24.81
CA ALA F 336 12.93 7.75 25.22
C ALA F 336 14.38 8.06 25.52
N PHE F 337 15.04 8.84 24.67
CA PHE F 337 16.43 9.19 24.93
C PHE F 337 16.60 9.78 26.32
N PHE F 338 15.81 10.81 26.63
CA PHE F 338 15.88 11.40 27.96
C PHE F 338 15.65 10.34 29.02
N GLU F 339 14.47 9.74 29.05
CA GLU F 339 14.08 8.88 30.17
C GLU F 339 15.06 7.73 30.37
N ASP F 340 15.63 7.20 29.29
CA ASP F 340 16.44 5.99 29.39
C ASP F 340 17.92 6.26 29.57
N THR F 341 18.43 7.43 29.16
CA THR F 341 19.86 7.72 29.23
C THR F 341 20.17 8.86 30.19
N ILE F 342 19.49 10.00 30.06
CA ILE F 342 19.89 11.18 30.81
C ILE F 342 19.59 11.00 32.29
N GLU F 343 18.40 10.51 32.62
CA GLU F 343 18.01 10.36 34.03
C GLU F 343 18.91 9.38 34.77
N PRO F 344 19.07 8.14 34.31
CA PRO F 344 19.88 7.18 35.08
C PRO F 344 21.38 7.32 34.84
N GLY F 345 21.75 8.02 33.77
CA GLY F 345 23.13 8.11 33.38
C GLY F 345 23.87 9.30 33.93
N TYR F 346 23.28 10.49 33.83
CA TYR F 346 23.98 11.73 34.13
C TYR F 346 23.38 12.52 35.27
N LEU F 347 22.05 12.71 35.30
CA LEU F 347 21.46 13.50 36.37
C LEU F 347 21.69 12.86 37.73
N THR F 348 21.44 11.55 37.84
CA THR F 348 21.49 10.90 39.15
C THR F 348 22.88 10.94 39.78
N PRO F 349 23.97 10.65 39.07
CA PRO F 349 25.29 10.73 39.71
C PRO F 349 25.62 12.11 40.26
N MET F 350 25.45 13.17 39.46
CA MET F 350 25.74 14.51 39.96
C MET F 350 24.84 14.85 41.13
N GLU F 351 23.55 14.53 41.02
CA GLU F 351 22.61 14.79 42.10
C GLU F 351 23.10 14.16 43.40
N ASP F 352 23.40 12.86 43.36
CA ASP F 352 23.79 12.13 44.56
C ASP F 352 25.10 12.66 45.11
N GLY F 353 26.08 12.92 44.24
CA GLY F 353 27.37 13.39 44.69
C GLY F 353 27.31 14.75 45.36
N PHE F 354 26.61 15.69 44.73
CA PHE F 354 26.46 17.01 45.33
C PHE F 354 25.68 16.93 46.64
N SER F 355 24.63 16.10 46.69
CA SER F 355 23.90 15.92 47.94
C SER F 355 24.78 15.33 49.04
N MET F 356 25.66 14.40 48.70
CA MET F 356 26.52 13.78 49.70
C MET F 356 27.59 14.75 50.20
N PHE F 357 28.15 15.58 49.32
CA PHE F 357 29.33 16.36 49.67
C PHE F 357 29.07 17.84 49.92
N LEU F 358 27.85 18.34 49.73
CA LEU F 358 27.55 19.73 50.03
C LEU F 358 26.48 19.88 51.10
N CYS F 359 25.33 19.23 50.94
CA CYS F 359 24.22 19.44 51.87
C CYS F 359 24.37 18.56 53.10
N ALA F 360 23.94 19.09 54.24
CA ALA F 360 23.91 18.32 55.46
C ALA F 360 22.73 17.33 55.42
N PRO F 361 22.75 16.30 56.26
CA PRO F 361 21.64 15.34 56.26
C PRO F 361 20.31 16.03 56.50
N GLY F 362 19.29 15.57 55.80
CA GLY F 362 17.97 16.17 55.83
C GLY F 362 17.66 17.07 54.65
N SER F 363 18.68 17.46 53.88
CA SER F 363 18.50 18.27 52.69
C SER F 363 19.16 17.56 51.51
N ARG F 364 18.82 18.01 50.30
CA ARG F 364 19.32 17.37 49.10
C ARG F 364 19.26 18.34 47.94
N VAL F 365 20.09 18.09 46.93
CA VAL F 365 20.01 18.80 45.66
C VAL F 365 19.13 17.99 44.72
N ILE F 366 18.10 18.62 44.17
CA ILE F 366 17.08 17.93 43.39
C ILE F 366 17.02 18.53 42.00
N PHE F 367 17.07 17.68 40.98
CA PHE F 367 16.87 18.09 39.60
C PHE F 367 15.37 18.14 39.31
N ASP F 368 14.97 19.11 38.49
CA ASP F 368 13.57 19.31 38.12
C ASP F 368 13.34 18.62 36.78
N ARG F 369 12.80 17.40 36.83
CA ARG F 369 12.64 16.62 35.60
C ARG F 369 11.41 17.05 34.81
N ASP F 370 10.25 17.10 35.47
CA ASP F 370 8.98 17.21 34.77
C ASP F 370 8.84 18.50 33.99
N SER F 371 9.61 19.54 34.33
CA SER F 371 9.49 20.83 33.65
C SER F 371 10.18 20.85 32.30
N ILE F 372 10.86 19.77 31.91
CA ILE F 372 11.59 19.76 30.64
C ILE F 372 10.57 19.84 29.49
N PRO F 373 10.87 20.56 28.41
CA PRO F 373 9.87 20.67 27.32
C PRO F 373 9.45 19.34 26.72
N ALA F 374 10.36 18.37 26.64
CA ALA F 374 10.07 17.15 25.91
C ALA F 374 8.95 16.32 26.54
N LEU F 375 8.58 16.60 27.79
CA LEU F 375 7.60 15.79 28.50
C LEU F 375 6.31 16.53 28.81
N LYS F 376 6.08 17.71 28.22
CA LYS F 376 4.90 18.50 28.58
C LYS F 376 3.61 17.82 28.11
N LYS F 377 3.57 17.39 26.85
CA LYS F 377 2.35 16.82 26.31
C LYS F 377 1.97 15.53 27.03
N SER F 378 2.95 14.65 27.25
CA SER F 378 2.66 13.40 27.94
C SER F 378 2.18 13.65 29.36
N ARG F 379 2.85 14.57 30.07
CA ARG F 379 2.41 14.87 31.44
C ARG F 379 1.00 15.41 31.46
N ALA F 380 0.67 16.30 30.52
CA ALA F 380 -0.69 16.84 30.47
C ALA F 380 -1.70 15.73 30.20
N ASP F 381 -1.40 14.83 29.27
CA ASP F 381 -2.34 13.75 28.96
C ASP F 381 -2.56 12.85 30.17
N ILE F 382 -1.47 12.41 30.82
CA ILE F 382 -1.62 11.52 31.97
C ILE F 382 -2.34 12.24 33.10
N ALA F 383 -2.06 13.53 33.30
CA ALA F 383 -2.76 14.28 34.34
C ALA F 383 -4.26 14.32 34.05
N ALA F 384 -4.62 14.56 32.78
CA ALA F 384 -6.02 14.56 32.40
C ALA F 384 -6.68 13.20 32.57
N VAL F 385 -5.92 12.11 32.42
CA VAL F 385 -6.48 10.77 32.58
C VAL F 385 -6.83 10.48 34.04
N TYR F 386 -5.95 10.85 34.98
CA TYR F 386 -6.22 10.57 36.38
C TYR F 386 -7.42 11.36 36.91
N GLU F 387 -7.86 12.38 36.18
CA GLU F 387 -8.99 13.19 36.66
C GLU F 387 -10.25 12.35 36.83
N LYS F 388 -10.35 11.23 36.12
CA LYS F 388 -11.56 10.42 36.16
C LYS F 388 -11.55 9.40 37.30
N VAL F 389 -10.38 8.92 37.70
CA VAL F 389 -10.27 7.94 38.78
C VAL F 389 -10.71 8.59 40.09
N THR F 390 -11.45 7.84 40.90
CA THR F 390 -11.98 8.38 42.15
C THR F 390 -11.65 7.54 43.39
N PHE F 391 -11.05 6.36 43.24
CA PHE F 391 -10.62 5.59 44.40
C PHE F 391 -9.23 5.96 44.87
N ILE F 392 -8.76 7.16 44.51
CA ILE F 392 -7.45 7.66 44.91
C ILE F 392 -7.64 9.07 45.48
N ASP F 393 -6.87 9.39 46.51
CA ASP F 393 -6.96 10.69 47.14
C ASP F 393 -6.35 11.76 46.24
N GLU F 394 -6.73 13.02 46.49
CA GLU F 394 -6.20 14.13 45.71
C GLU F 394 -4.70 14.25 45.89
N ASN F 395 -4.22 14.09 47.13
CA ASN F 395 -2.77 14.17 47.38
C ASN F 395 -2.02 13.11 46.60
N GLU F 396 -2.56 11.88 46.55
CA GLU F 396 -1.91 10.83 45.78
C GLU F 396 -1.89 11.16 44.30
N LYS F 397 -2.98 11.73 43.78
CA LYS F 397 -3.01 12.16 42.39
C LYS F 397 -1.92 13.18 42.12
N ARG F 398 -1.77 14.15 43.02
CA ARG F 398 -0.70 15.14 42.85
C ARG F 398 0.67 14.48 42.89
N GLU F 399 0.88 13.56 43.82
CA GLU F 399 2.18 12.92 43.97
C GLU F 399 2.56 12.13 42.73
N VAL F 400 1.60 11.39 42.17
CA VAL F 400 1.91 10.52 41.04
C VAL F 400 2.18 11.31 39.77
N THR F 401 1.76 12.58 39.71
CA THR F 401 1.94 13.41 38.53
C THR F 401 3.03 14.47 38.70
N GLY F 402 3.74 14.48 39.83
CA GLY F 402 4.88 15.35 39.99
C GLY F 402 4.65 16.65 40.73
N TRP F 403 3.46 16.85 41.30
CA TRP F 403 3.25 18.08 42.05
C TRP F 403 3.41 17.83 43.54
N PRO F 404 3.81 18.85 44.31
CA PRO F 404 3.96 18.68 45.76
C PRO F 404 2.63 18.65 46.47
N LYS F 405 2.67 18.26 47.74
CA LYS F 405 1.48 18.20 48.56
C LYS F 405 1.01 19.59 48.97
N LYS F 406 -0.28 19.72 49.23
CA LYS F 406 -0.85 20.97 49.70
C LYS F 406 -0.59 21.15 51.19
N PRO G 17 21.00 -30.48 60.90
CA PRO G 17 22.29 -30.02 60.39
C PRO G 17 22.99 -31.05 59.51
N SER G 18 22.77 -32.33 59.81
CA SER G 18 23.34 -33.42 59.02
C SER G 18 22.38 -33.93 57.95
N ALA G 19 21.18 -33.37 57.86
CA ALA G 19 20.21 -33.82 56.88
C ALA G 19 20.42 -33.20 55.50
N ASN G 20 21.30 -32.22 55.39
CA ASN G 20 21.51 -31.53 54.11
C ASN G 20 22.06 -32.50 53.08
N PRO G 21 21.41 -32.67 51.92
CA PRO G 21 21.97 -33.56 50.90
C PRO G 21 23.29 -33.08 50.32
N ALA G 22 23.66 -31.82 50.56
CA ALA G 22 24.90 -31.29 49.99
C ALA G 22 26.13 -32.04 50.48
N LYS G 23 26.01 -32.83 51.55
CA LYS G 23 27.14 -33.59 52.04
C LYS G 23 27.61 -34.62 51.03
N ILE G 24 26.81 -34.92 50.01
CA ILE G 24 27.24 -35.87 48.98
C ILE G 24 28.49 -35.38 48.27
N PHE G 25 28.53 -34.10 47.92
CA PHE G 25 29.62 -33.57 47.11
C PHE G 25 30.85 -33.23 47.93
N ILE G 26 30.69 -32.42 48.97
CA ILE G 26 31.83 -31.86 49.70
C ILE G 26 32.68 -32.91 50.39
N ARG G 27 32.19 -34.13 50.53
CA ARG G 27 33.05 -35.21 51.02
C ARG G 27 34.22 -35.49 50.09
N ARG G 28 33.98 -35.52 48.79
CA ARG G 28 34.99 -35.98 47.83
C ARG G 28 35.43 -34.87 46.88
N LEU G 29 34.47 -34.20 46.26
CA LEU G 29 34.77 -33.28 45.17
C LEU G 29 35.26 -31.92 45.65
N PHE G 30 35.02 -31.57 46.92
CA PHE G 30 35.40 -30.25 47.45
C PHE G 30 35.82 -30.45 48.91
N ASN G 31 37.12 -30.53 49.13
CA ASN G 31 37.65 -30.91 50.44
C ASN G 31 37.28 -29.87 51.50
N SER G 32 37.09 -30.37 52.73
CA SER G 32 36.82 -29.49 53.86
C SER G 32 38.12 -28.91 54.41
N GLY G 33 38.02 -27.72 54.99
CA GLY G 33 39.17 -27.07 55.58
C GLY G 33 40.10 -26.40 54.61
N ILE G 34 39.72 -26.31 53.33
CA ILE G 34 40.55 -25.67 52.31
C ILE G 34 39.70 -24.64 51.59
N ALA G 35 40.22 -23.41 51.50
CA ALA G 35 39.54 -22.36 50.76
C ALA G 35 39.63 -22.64 49.27
N LYS G 36 38.54 -22.36 48.54
CA LYS G 36 38.48 -22.59 47.12
C LYS G 36 37.95 -21.35 46.41
N SER G 37 38.36 -21.18 45.15
CA SER G 37 37.92 -20.03 44.37
C SER G 37 36.43 -20.12 44.07
N VAL G 38 35.79 -18.95 44.00
CA VAL G 38 34.37 -18.91 43.69
C VAL G 38 34.12 -19.02 42.20
N VAL G 39 35.02 -18.50 41.37
CA VAL G 39 34.89 -18.54 39.93
C VAL G 39 36.22 -19.00 39.32
N SER G 40 36.15 -19.56 38.12
CA SER G 40 37.34 -20.03 37.44
C SER G 40 38.09 -18.87 36.79
N TYR G 41 39.38 -19.07 36.57
CA TYR G 41 40.21 -18.01 35.99
C TYR G 41 39.73 -17.62 34.61
N SER G 42 39.35 -18.60 33.79
CA SER G 42 38.86 -18.31 32.45
C SER G 42 37.63 -17.42 32.49
N ASN G 43 36.74 -17.65 33.46
CA ASN G 43 35.57 -16.79 33.60
C ASN G 43 35.97 -15.35 33.93
N VAL G 44 36.97 -15.18 34.80
CA VAL G 44 37.45 -13.85 35.13
C VAL G 44 38.01 -13.16 33.90
N MET G 45 38.79 -13.89 33.10
CA MET G 45 39.33 -13.32 31.87
C MET G 45 38.21 -12.94 30.90
N ALA G 46 37.20 -13.79 30.77
CA ALA G 46 36.07 -13.47 29.91
C ALA G 46 35.37 -12.20 30.38
N ALA G 47 35.19 -12.06 31.69
CA ALA G 47 34.56 -10.85 32.22
C ALA G 47 35.42 -9.62 31.97
N ALA G 48 36.74 -9.74 32.12
CA ALA G 48 37.62 -8.58 31.98
C ALA G 48 37.59 -8.04 30.55
N ARG G 49 37.64 -8.93 29.56
CA ARG G 49 37.67 -8.49 28.17
C ARG G 49 36.29 -8.03 27.70
N ALA G 50 35.23 -8.42 28.40
CA ALA G 50 33.88 -8.06 27.99
C ALA G 50 33.68 -6.55 28.02
N MET G 51 34.21 -5.89 29.06
CA MET G 51 33.99 -4.46 29.22
C MET G 51 34.66 -3.62 28.13
N GLU G 52 35.56 -4.20 27.35
CA GLU G 52 36.21 -3.50 26.25
C GLU G 52 35.65 -3.88 24.89
N HIS G 53 34.56 -4.65 24.86
CA HIS G 53 33.99 -5.09 23.59
C HIS G 53 32.88 -4.14 23.17
N PRO G 54 32.83 -3.70 21.91
CA PRO G 54 31.83 -2.70 21.51
C PRO G 54 30.39 -3.17 21.66
N VAL G 55 30.13 -4.47 21.76
CA VAL G 55 28.78 -5.01 21.85
C VAL G 55 28.43 -5.41 23.28
N VAL G 56 29.30 -6.20 23.92
CA VAL G 56 28.99 -6.72 25.24
C VAL G 56 28.96 -5.60 26.27
N PHE G 57 29.86 -4.63 26.14
CA PHE G 57 29.87 -3.51 27.09
C PHE G 57 28.55 -2.75 27.05
N ARG G 58 28.00 -2.55 25.86
CA ARG G 58 26.72 -1.84 25.76
C ARG G 58 25.62 -2.60 26.48
N CYS G 59 25.57 -3.92 26.32
CA CYS G 59 24.53 -4.70 26.99
C CYS G 59 24.69 -4.63 28.51
N LEU G 60 25.92 -4.79 29.00
CA LEU G 60 26.15 -4.71 30.43
C LEU G 60 25.77 -3.34 30.98
N ASP G 61 26.15 -2.28 30.28
CA ASP G 61 25.81 -0.93 30.72
C ASP G 61 24.31 -0.71 30.70
N LYS G 62 23.62 -1.21 29.68
CA LYS G 62 22.17 -1.07 29.62
C LYS G 62 21.50 -1.75 30.81
N LEU G 63 21.91 -3.00 31.10
CA LEU G 63 21.33 -3.69 32.24
C LEU G 63 21.61 -2.95 33.54
N GLY G 64 22.86 -2.52 33.73
CA GLY G 64 23.20 -1.82 34.95
C GLY G 64 22.40 -0.54 35.12
N LEU G 65 22.33 0.28 34.07
CA LEU G 65 21.59 1.53 34.14
C LEU G 65 20.11 1.30 34.39
N THR G 66 19.52 0.31 33.72
CA THR G 66 18.10 0.03 33.93
C THR G 66 17.81 -0.39 35.36
N VAL G 67 18.67 -1.26 35.92
CA VAL G 67 18.45 -1.71 37.29
C VAL G 67 18.70 -0.55 38.27
N GLN G 68 19.65 0.33 37.94
CA GLN G 68 20.02 1.40 38.86
C GLN G 68 18.90 2.40 39.08
N SER G 69 17.98 2.56 38.12
CA SER G 69 16.97 3.60 38.22
C SER G 69 15.84 3.22 39.16
N VAL G 70 15.78 1.97 39.59
CA VAL G 70 14.70 1.52 40.47
C VAL G 70 15.10 1.74 41.91
N LYS G 71 14.22 2.36 42.68
CA LYS G 71 14.44 2.57 44.11
C LYS G 71 13.88 1.40 44.91
N TRP G 72 14.31 1.29 46.17
CA TRP G 72 13.70 0.38 47.11
C TRP G 72 13.44 1.10 48.42
N TYR G 73 12.87 0.36 49.37
CA TYR G 73 12.60 0.85 50.71
C TYR G 73 12.35 -0.33 51.62
N VAL G 74 12.35 -0.08 52.92
CA VAL G 74 12.11 -1.11 53.93
C VAL G 74 10.64 -1.05 54.33
N GLY G 75 9.95 -2.19 54.25
CA GLY G 75 8.55 -2.25 54.57
C GLY G 75 8.24 -3.52 55.35
N ALA G 76 6.97 -3.63 55.72
CA ALA G 76 6.51 -4.79 56.49
C ALA G 76 6.24 -5.97 55.56
N ASP G 77 6.44 -7.17 56.08
CA ASP G 77 6.20 -8.37 55.29
C ASP G 77 4.70 -8.58 55.13
N PRO G 78 4.19 -8.74 53.90
CA PRO G 78 2.73 -8.82 53.72
C PRO G 78 2.11 -10.13 54.18
N ASP G 79 2.89 -11.21 54.28
CA ASP G 79 2.36 -12.53 54.60
C ASP G 79 2.65 -12.99 56.02
N ILE G 80 3.85 -12.72 56.53
CA ILE G 80 4.28 -13.21 57.83
C ILE G 80 4.56 -12.02 58.74
N SER G 81 4.10 -12.10 59.99
CA SER G 81 4.19 -10.96 60.89
C SER G 81 4.42 -11.44 62.31
N GLY G 82 4.73 -10.49 63.18
CA GLY G 82 4.90 -10.76 64.60
C GLY G 82 6.28 -10.45 65.13
N THR G 83 7.31 -10.80 64.36
CA THR G 83 8.70 -10.58 64.77
C THR G 83 9.35 -9.39 64.06
N GLY G 84 8.57 -8.56 63.39
CA GLY G 84 9.14 -7.49 62.59
C GLY G 84 9.80 -6.40 63.41
N MET G 85 10.57 -5.58 62.72
CA MET G 85 11.25 -4.46 63.35
C MET G 85 10.25 -3.38 63.74
N SER G 86 10.63 -2.57 64.74
CA SER G 86 9.86 -1.38 65.05
C SER G 86 10.10 -0.32 63.97
N ALA G 87 9.26 0.72 63.99
CA ALA G 87 9.39 1.78 62.99
C ALA G 87 10.76 2.45 63.08
N LYS G 88 11.26 2.67 64.29
CA LYS G 88 12.56 3.30 64.46
C LYS G 88 13.65 2.49 63.77
N GLU G 89 13.63 1.17 63.96
CA GLU G 89 14.66 0.33 63.35
C GLU G 89 14.55 0.32 61.83
N ARG G 90 13.33 0.31 61.30
CA ARG G 90 13.15 0.37 59.86
C ARG G 90 13.71 1.68 59.30
N LYS G 91 13.42 2.80 59.96
CA LYS G 91 13.97 4.07 59.51
C LYS G 91 15.49 4.11 59.65
N ALA G 92 16.05 3.48 60.68
CA ALA G 92 17.50 3.42 60.82
C ALA G 92 18.13 2.62 59.68
N LEU G 93 17.52 1.50 59.32
CA LEU G 93 18.05 0.70 58.21
C LEU G 93 17.90 1.43 56.88
N GLN G 94 16.86 2.26 56.77
CA GLN G 94 16.68 3.06 55.55
C GLN G 94 17.89 3.93 55.29
N GLN G 95 18.44 4.56 56.33
CA GLN G 95 19.60 5.42 56.17
C GLN G 95 20.77 4.64 55.57
N VAL G 96 21.11 3.49 56.15
CA VAL G 96 22.20 2.69 55.61
C VAL G 96 21.90 2.27 54.18
N LEU G 97 20.64 1.94 53.89
CA LEU G 97 20.27 1.57 52.53
C LEU G 97 20.49 2.69 51.53
N ASN G 98 20.19 3.93 51.90
CA ASN G 98 20.38 5.05 50.97
C ASN G 98 21.84 5.38 50.77
N ARG G 99 22.65 5.36 51.83
CA ARG G 99 24.08 5.65 51.75
C ARG G 99 24.84 4.51 52.39
N PRO G 100 25.14 3.45 51.64
CA PRO G 100 25.75 2.26 52.25
C PRO G 100 27.03 2.52 53.01
N ASN G 101 27.90 3.40 52.49
CA ASN G 101 29.17 3.67 53.14
C ASN G 101 29.63 5.07 52.77
N SER G 102 30.89 5.39 53.07
CA SER G 102 31.37 6.76 52.93
C SER G 102 31.69 7.13 51.49
N ALA G 103 31.81 6.14 50.59
CA ALA G 103 32.23 6.43 49.22
C ALA G 103 31.26 5.89 48.17
N MET G 104 30.01 5.60 48.53
CA MET G 104 29.05 5.08 47.57
C MET G 104 27.64 5.45 48.01
N SER G 105 26.73 5.41 47.05
CA SER G 105 25.31 5.57 47.29
C SER G 105 24.56 4.33 46.81
N GLY G 106 23.25 4.33 47.03
CA GLY G 106 22.46 3.16 46.65
C GLY G 106 22.56 2.85 45.16
N ALA G 107 22.56 3.88 44.32
CA ALA G 107 22.61 3.66 42.88
C ALA G 107 23.89 2.94 42.47
N GLN G 108 25.03 3.35 43.03
CA GLN G 108 26.28 2.70 42.67
C GLN G 108 26.36 1.28 43.21
N LEU G 109 25.80 1.03 44.40
CA LEU G 109 25.74 -0.33 44.90
C LEU G 109 24.91 -1.22 43.98
N ARG G 110 23.75 -0.73 43.54
CA ARG G 110 22.95 -1.47 42.58
C ARG G 110 23.70 -1.71 41.28
N TYR G 111 24.42 -0.70 40.78
CA TYR G 111 25.18 -0.86 39.55
C TYR G 111 26.22 -1.96 39.69
N ALA G 112 27.01 -1.93 40.76
CA ALA G 112 28.03 -2.94 40.96
C ALA G 112 27.43 -4.33 41.11
N ALA G 113 26.35 -4.44 41.88
CA ALA G 113 25.69 -5.73 42.06
C ALA G 113 25.17 -6.26 40.73
N THR G 114 24.58 -5.39 39.91
CA THR G 114 24.06 -5.82 38.62
C THR G 114 25.19 -6.32 37.72
N LEU G 115 26.30 -5.59 37.68
CA LEU G 115 27.42 -6.04 36.86
C LEU G 115 27.95 -7.38 37.34
N SER G 116 28.10 -7.56 38.65
CA SER G 116 28.58 -8.84 39.16
C SER G 116 27.61 -9.97 38.80
N TRP G 117 26.31 -9.73 38.98
CA TRP G 117 25.31 -10.75 38.65
C TRP G 117 25.37 -11.12 37.17
N ALA G 118 25.49 -10.12 36.30
CA ALA G 118 25.50 -10.40 34.87
C ALA G 118 26.76 -11.17 34.48
N CYS G 119 27.92 -10.74 34.96
CA CYS G 119 29.18 -11.34 34.50
C CYS G 119 29.40 -12.72 35.10
N PHE G 120 29.15 -12.90 36.40
CA PHE G 120 29.52 -14.12 37.10
C PHE G 120 28.35 -14.93 37.62
N GLY G 121 27.17 -14.34 37.76
CA GLY G 121 26.04 -15.09 38.28
C GLY G 121 25.97 -15.17 39.79
N ARG G 122 26.70 -14.30 40.49
CA ARG G 122 26.67 -14.29 41.95
C ARG G 122 27.18 -12.94 42.42
N MET G 123 26.78 -12.56 43.63
CA MET G 123 27.19 -11.29 44.22
C MET G 123 27.44 -11.50 45.71
N ALA G 124 28.37 -10.73 46.26
CA ALA G 124 28.75 -10.83 47.66
C ALA G 124 28.84 -9.43 48.26
N PHE G 125 28.64 -9.36 49.57
CA PHE G 125 28.71 -8.10 50.31
C PHE G 125 29.24 -8.35 51.71
N LYS G 126 29.81 -7.31 52.29
CA LYS G 126 30.23 -7.31 53.68
C LYS G 126 29.35 -6.34 54.47
N VAL G 127 28.97 -6.74 55.67
CA VAL G 127 28.06 -5.96 56.51
C VAL G 127 28.75 -5.66 57.83
N SER G 128 28.66 -4.41 58.26
CA SER G 128 29.24 -3.95 59.51
C SER G 128 28.12 -3.76 60.53
N VAL G 129 28.29 -4.35 61.71
CA VAL G 129 27.24 -4.38 62.72
C VAL G 129 27.79 -3.81 64.03
N MET G 130 26.95 -3.06 64.73
CA MET G 130 27.31 -2.51 66.02
C MET G 130 27.03 -3.52 67.14
N GLY G 131 27.26 -3.08 68.37
CA GLY G 131 27.09 -3.97 69.51
C GLY G 131 25.69 -4.51 69.68
N ASP G 132 24.66 -3.71 69.42
CA ASP G 132 23.29 -4.13 69.62
C ASP G 132 22.67 -4.80 68.39
N GLY G 133 23.43 -4.97 67.31
CA GLY G 133 22.96 -5.69 66.15
C GLY G 133 22.56 -4.82 64.97
N SER G 134 22.34 -3.53 65.19
CA SER G 134 21.94 -2.66 64.09
C SER G 134 23.10 -2.49 63.09
N VAL G 135 22.74 -2.33 61.82
CA VAL G 135 23.73 -2.19 60.76
C VAL G 135 24.14 -0.73 60.65
N ASN G 136 25.37 -0.49 60.19
CA ASN G 136 25.87 0.85 60.01
C ASN G 136 26.60 1.07 58.69
N ALA G 137 26.98 0.01 57.97
CA ALA G 137 27.66 0.18 56.69
C ALA G 137 27.56 -1.12 55.90
N ILE G 138 27.75 -1.00 54.59
CA ILE G 138 27.77 -2.13 53.67
C ILE G 138 28.89 -1.91 52.66
N TRP G 139 29.62 -2.97 52.34
CA TRP G 139 30.71 -2.90 51.38
C TRP G 139 30.53 -3.98 50.32
N PRO G 140 30.78 -3.68 49.05
CA PRO G 140 30.75 -4.72 48.02
C PRO G 140 32.09 -5.43 47.92
N LEU G 141 32.02 -6.72 47.57
CA LEU G 141 33.19 -7.56 47.42
C LEU G 141 33.36 -7.95 45.96
N GLY G 142 34.61 -8.07 45.52
CA GLY G 142 34.91 -8.49 44.17
C GLY G 142 34.93 -10.00 44.05
N ILE G 143 34.04 -10.54 43.22
CA ILE G 143 33.91 -11.99 43.04
C ILE G 143 35.25 -12.60 42.66
N PRO G 144 36.04 -11.97 41.78
CA PRO G 144 37.32 -12.59 41.40
C PRO G 144 38.24 -12.88 42.57
N PHE G 145 38.22 -12.05 43.62
CA PHE G 145 39.15 -12.18 44.73
C PHE G 145 38.56 -12.85 45.95
N LEU G 146 37.45 -13.58 45.81
CA LEU G 146 36.72 -14.14 46.93
C LEU G 146 36.90 -15.66 46.97
N LYS G 147 37.17 -16.18 48.16
CA LYS G 147 37.27 -17.62 48.40
C LYS G 147 36.46 -17.97 49.64
N GLN G 148 35.95 -19.20 49.67
CA GLN G 148 35.08 -19.66 50.73
C GLN G 148 35.51 -21.03 51.23
N GLU G 149 35.13 -21.33 52.47
CA GLU G 149 35.47 -22.59 53.12
C GLU G 149 34.19 -23.27 53.60
N PHE G 150 34.24 -24.60 53.70
CA PHE G 150 33.07 -25.40 54.06
C PHE G 150 33.39 -26.30 55.24
N ASN G 151 32.37 -26.59 56.04
CA ASN G 151 32.46 -27.65 57.02
C ASN G 151 32.08 -28.98 56.38
N LYS G 152 32.20 -30.07 57.16
CA LYS G 152 31.94 -31.38 56.59
C LYS G 152 30.47 -31.58 56.22
N TYR G 153 29.55 -30.88 56.88
CA TYR G 153 28.15 -30.98 56.53
C TYR G 153 27.77 -30.18 55.29
N GLY G 154 28.57 -29.18 54.92
CA GLY G 154 28.40 -28.49 53.66
C GLY G 154 28.03 -27.02 53.75
N GLU G 155 27.88 -26.45 54.93
CA GLU G 155 27.58 -25.04 55.08
C GLU G 155 28.86 -24.22 55.04
N VAL G 156 28.74 -22.99 54.55
CA VAL G 156 29.89 -22.10 54.43
C VAL G 156 30.19 -21.51 55.80
N THR G 157 31.46 -21.54 56.20
CA THR G 157 31.86 -21.10 57.53
C THR G 157 32.67 -19.80 57.50
N THR G 158 33.43 -19.56 56.44
CA THR G 158 34.31 -18.39 56.39
C THR G 158 34.54 -17.99 54.94
N PHE G 159 34.73 -16.69 54.73
CA PHE G 159 35.09 -16.12 53.44
C PHE G 159 36.50 -15.56 53.50
N GLN G 160 37.36 -16.01 52.60
CA GLN G 160 38.71 -15.50 52.47
C GLN G 160 38.75 -14.50 51.33
N TYR G 161 39.08 -13.25 51.64
CA TYR G 161 39.09 -12.16 50.67
C TYR G 161 40.51 -11.64 50.52
N GLY G 162 41.00 -11.61 49.29
CA GLY G 162 42.33 -11.14 48.99
C GLY G 162 43.26 -12.26 48.56
N ASP G 163 44.42 -11.85 48.06
CA ASP G 163 45.40 -12.81 47.55
C ASP G 163 46.22 -13.38 48.71
N GLU G 164 47.16 -14.25 48.36
CA GLU G 164 48.01 -14.91 49.35
C GLU G 164 48.86 -13.88 50.10
N GLY G 165 48.89 -14.01 51.43
CA GLY G 165 49.71 -13.16 52.26
C GLY G 165 49.08 -11.84 52.65
N ASN G 166 47.98 -11.45 52.02
CA ASN G 166 47.26 -10.23 52.36
C ASN G 166 45.78 -10.50 52.63
N ARG G 167 45.46 -11.72 53.03
CA ARG G 167 44.06 -12.12 53.17
C ARG G 167 43.37 -11.33 54.28
N GLU G 168 42.06 -11.14 54.10
CA GLU G 168 41.18 -10.70 55.17
C GLU G 168 40.13 -11.79 55.39
N SER G 169 39.99 -12.23 56.62
CA SER G 169 39.07 -13.30 56.97
C SER G 169 37.78 -12.70 57.50
N ILE G 170 36.65 -13.16 56.96
CA ILE G 170 35.32 -12.66 57.33
C ILE G 170 34.47 -13.85 57.72
N LYS G 171 33.82 -13.76 58.87
CA LYS G 171 32.90 -14.80 59.30
C LYS G 171 31.62 -14.75 58.46
N SER G 172 31.11 -15.93 58.13
CA SER G 172 29.87 -16.02 57.39
C SER G 172 28.69 -15.72 58.33
N PHE G 173 27.54 -15.42 57.73
CA PHE G 173 26.35 -15.10 58.51
C PHE G 173 25.97 -16.25 59.43
N TYR G 174 26.15 -17.49 58.97
CA TYR G 174 25.73 -18.64 59.77
C TYR G 174 26.63 -18.81 60.99
N SER G 175 27.93 -18.63 60.82
CA SER G 175 28.89 -18.87 61.89
C SER G 175 29.09 -17.68 62.82
N ALA G 176 28.53 -16.52 62.48
CA ALA G 176 28.70 -15.35 63.32
C ALA G 176 27.88 -15.48 64.60
N ALA G 177 28.45 -15.02 65.71
CA ALA G 177 27.73 -15.01 66.97
C ALA G 177 26.51 -14.11 66.88
N LYS G 178 25.42 -14.54 67.51
CA LYS G 178 24.14 -13.84 67.42
C LYS G 178 23.60 -13.56 68.81
N ASN G 179 22.79 -12.51 68.91
CA ASN G 179 22.14 -12.16 70.16
C ASN G 179 20.92 -13.06 70.37
N GLU G 180 20.10 -12.69 71.36
CA GLU G 180 18.94 -13.51 71.70
C GLU G 180 17.93 -13.56 70.56
N LYS G 181 17.81 -12.49 69.78
CA LYS G 181 16.82 -12.43 68.71
C LYS G 181 17.30 -13.06 67.41
N GLY G 182 18.56 -13.51 67.35
CA GLY G 182 19.06 -14.17 66.17
C GLY G 182 19.77 -13.27 65.18
N ARG G 183 19.98 -12.00 65.53
CA ARG G 183 20.71 -11.12 64.61
C ARG G 183 22.20 -11.12 64.96
N PRO G 184 23.09 -11.02 63.99
CA PRO G 184 24.53 -11.03 64.30
C PRO G 184 24.93 -9.80 65.10
N ILE G 185 25.98 -9.96 65.90
CA ILE G 185 26.57 -8.88 66.68
C ILE G 185 28.02 -8.64 66.30
N GLU G 186 28.45 -9.09 65.12
CA GLU G 186 29.80 -8.86 64.64
C GLU G 186 29.79 -8.85 63.11
N ASN G 187 30.87 -8.34 62.54
CA ASN G 187 30.94 -8.20 61.09
C ASN G 187 30.82 -9.56 60.41
N TYR G 188 30.17 -9.57 59.25
CA TYR G 188 29.95 -10.80 58.50
C TYR G 188 29.75 -10.47 57.03
N ALA G 189 29.75 -11.52 56.22
CA ALA G 189 29.55 -11.40 54.77
C ALA G 189 28.59 -12.48 54.30
N PHE G 190 28.01 -12.26 53.12
CA PHE G 190 27.08 -13.20 52.54
C PHE G 190 27.16 -13.13 51.02
N MET G 191 26.71 -14.19 50.36
CA MET G 191 26.76 -14.30 48.91
C MET G 191 25.44 -14.85 48.39
N ILE G 192 25.08 -14.45 47.17
CA ILE G 192 23.88 -14.92 46.50
C ILE G 192 24.31 -15.69 45.25
N VAL G 193 23.64 -16.81 45.00
CA VAL G 193 24.03 -17.73 43.94
C VAL G 193 22.81 -18.03 43.06
N LYS G 194 23.05 -18.13 41.75
CA LYS G 194 22.01 -18.49 40.78
C LYS G 194 21.99 -20.01 40.60
N PRO G 195 20.84 -20.67 40.76
CA PRO G 195 20.82 -22.13 40.68
C PRO G 195 21.32 -22.66 39.35
N SER G 196 21.59 -23.96 39.33
CA SER G 196 22.00 -24.65 38.11
C SER G 196 21.29 -25.99 38.03
N ILE G 197 21.62 -26.76 37.00
CA ILE G 197 20.91 -28.01 36.75
C ILE G 197 21.22 -29.05 37.82
N ASN G 198 22.49 -29.15 38.24
CA ASN G 198 22.89 -30.20 39.17
C ASN G 198 22.20 -30.09 40.52
N GLY G 199 21.78 -28.90 40.93
CA GLY G 199 21.07 -28.72 42.18
C GLY G 199 21.95 -28.46 43.38
N ALA G 200 23.27 -28.47 43.23
CA ALA G 200 24.15 -28.13 44.34
C ALA G 200 23.95 -26.66 44.71
N MET G 201 23.81 -26.40 46.01
CA MET G 201 23.44 -25.05 46.45
C MET G 201 24.60 -24.06 46.29
N ASN G 202 25.82 -24.44 46.69
CA ASN G 202 26.91 -23.47 46.74
C ASN G 202 28.22 -23.98 46.16
N LEU G 203 28.17 -24.81 45.12
CA LEU G 203 29.39 -25.32 44.51
C LEU G 203 29.70 -24.56 43.21
N ASP G 204 30.96 -24.64 42.79
CA ASP G 204 31.49 -23.80 41.72
C ASP G 204 30.96 -24.28 40.37
N VAL G 205 29.71 -23.91 40.09
CA VAL G 205 29.10 -24.08 38.78
C VAL G 205 28.29 -22.82 38.50
N GLN G 206 28.84 -21.93 37.70
CA GLN G 206 28.19 -20.66 37.44
C GLN G 206 27.07 -20.81 36.43
N ASN G 207 26.17 -19.82 36.40
CA ASN G 207 25.06 -19.77 35.45
C ASN G 207 24.96 -18.32 34.97
N THR G 208 25.66 -18.01 33.88
CA THR G 208 25.72 -16.67 33.36
C THR G 208 25.60 -16.71 31.84
N PRO G 209 25.11 -15.65 31.21
CA PRO G 209 25.06 -15.65 29.74
C PRO G 209 26.40 -15.80 29.06
N LEU G 210 27.49 -15.42 29.72
CA LEU G 210 28.81 -15.48 29.10
C LEU G 210 29.26 -16.89 28.79
N GLN G 211 28.58 -17.91 29.32
CA GLN G 211 28.91 -19.28 28.96
C GLN G 211 28.74 -19.52 27.46
N ALA G 212 27.66 -19.01 26.88
CA ALA G 212 27.19 -19.46 25.57
C ALA G 212 27.56 -18.52 24.43
N VAL G 213 28.13 -17.36 24.70
CA VAL G 213 28.38 -16.37 23.65
C VAL G 213 29.84 -16.40 23.22
N GLY G 214 30.53 -17.51 23.49
CA GLY G 214 31.93 -17.60 23.11
C GLY G 214 32.14 -17.54 21.60
N MET G 215 31.43 -18.40 20.85
CA MET G 215 31.64 -18.45 19.41
C MET G 215 31.24 -17.14 18.72
N PRO G 216 30.09 -16.54 19.02
CA PRO G 216 29.77 -15.25 18.39
C PRO G 216 30.85 -14.20 18.57
N VAL G 217 31.34 -14.03 19.79
CA VAL G 217 32.38 -13.02 20.05
C VAL G 217 33.66 -13.39 19.31
N ALA G 218 34.03 -14.67 19.34
CA ALA G 218 35.26 -15.09 18.66
C ALA G 218 35.20 -14.81 17.16
N LEU G 219 34.03 -15.02 16.54
CA LEU G 219 33.90 -14.74 15.11
C LEU G 219 33.85 -13.25 14.83
N TYR G 220 33.16 -12.49 15.68
CA TYR G 220 33.06 -11.04 15.52
C TYR G 220 34.43 -10.39 15.54
N ASN G 221 35.26 -10.77 16.52
CA ASN G 221 36.58 -10.17 16.63
C ASN G 221 37.43 -10.45 15.40
N GLY G 222 37.40 -11.69 14.90
CA GLY G 222 38.18 -12.01 13.72
C GLY G 222 37.70 -11.27 12.49
N LEU G 223 36.38 -11.18 12.32
CA LEU G 223 35.85 -10.49 11.16
C LEU G 223 36.19 -9.00 11.18
N MET G 224 36.24 -8.39 12.37
CA MET G 224 36.63 -6.98 12.42
C MET G 224 38.14 -6.80 12.24
N GLU G 225 38.93 -7.73 12.78
CA GLU G 225 40.38 -7.65 12.60
C GLU G 225 40.74 -7.75 11.12
N ARG G 226 40.07 -8.63 10.38
CA ARG G 226 40.33 -8.71 8.95
C ARG G 226 40.01 -7.39 8.26
N ALA G 227 38.91 -6.73 8.64
CA ALA G 227 38.58 -5.44 8.05
C ALA G 227 39.67 -4.41 8.31
N LEU G 228 40.16 -4.34 9.55
CA LEU G 228 41.24 -3.40 9.85
C LEU G 228 42.49 -3.72 9.03
N GLU G 229 42.87 -5.00 8.95
CA GLU G 229 44.06 -5.38 8.22
C GLU G 229 43.94 -5.04 6.74
N GLN G 230 42.75 -5.21 6.15
CA GLN G 230 42.56 -4.84 4.76
C GLN G 230 42.57 -3.32 4.57
N CYS G 231 42.00 -2.58 5.52
CA CYS G 231 42.03 -1.12 5.42
C CYS G 231 43.46 -0.61 5.42
N ASP G 232 44.32 -1.22 6.24
CA ASP G 232 45.69 -0.72 6.39
C ASP G 232 46.65 -1.23 5.32
N GLY G 233 46.23 -2.13 4.45
CA GLY G 233 47.16 -2.79 3.55
C GLY G 233 46.88 -2.69 2.06
N THR G 234 45.63 -2.48 1.68
CA THR G 234 45.28 -2.53 0.25
C THR G 234 45.80 -1.29 -0.46
N PRO G 235 46.52 -1.44 -1.58
CA PRO G 235 47.01 -0.25 -2.30
C PRO G 235 45.89 0.70 -2.71
N ASN G 236 46.15 2.00 -2.64
CA ASN G 236 45.15 3.02 -2.95
C ASN G 236 45.47 3.60 -4.33
N SER G 237 44.98 2.93 -5.36
CA SER G 237 45.18 3.38 -6.74
C SER G 237 43.98 2.99 -7.57
N LYS G 238 43.84 3.65 -8.72
CA LYS G 238 42.69 3.43 -9.60
C LYS G 238 43.04 3.16 -11.05
N TRP G 239 44.22 3.55 -11.52
CA TRP G 239 44.65 3.30 -12.89
C TRP G 239 45.88 2.41 -12.88
N PHE G 240 45.95 1.49 -13.83
CA PHE G 240 47.12 0.66 -14.06
C PHE G 240 47.52 0.80 -15.53
N VAL G 241 48.68 1.41 -15.77
CA VAL G 241 49.11 1.76 -17.12
C VAL G 241 50.39 0.99 -17.43
N THR G 242 50.44 0.40 -18.62
CA THR G 242 51.59 -0.35 -19.08
C THR G 242 52.01 0.14 -20.45
N ALA G 243 53.31 0.04 -20.75
CA ALA G 243 53.86 0.53 -22.00
C ALA G 243 54.91 -0.44 -22.51
N GLY G 244 55.25 -0.29 -23.80
CA GLY G 244 56.23 -1.15 -24.42
C GLY G 244 57.66 -0.71 -24.16
N ARG G 245 58.60 -1.46 -24.73
CA ARG G 245 60.02 -1.21 -24.53
C ARG G 245 60.61 -0.23 -25.54
N ASP G 246 59.85 0.15 -26.56
CA ASP G 246 60.41 0.95 -27.65
C ASP G 246 60.41 2.45 -27.35
N ILE G 247 59.91 2.87 -26.20
CA ILE G 247 59.90 4.28 -25.85
C ILE G 247 61.29 4.67 -25.36
N GLY G 248 61.73 5.87 -25.72
CA GLY G 248 63.05 6.33 -25.36
C GLY G 248 63.21 6.56 -23.86
N GLU G 249 64.29 7.26 -23.51
CA GLU G 249 64.59 7.53 -22.12
C GLU G 249 64.03 8.88 -21.67
N VAL G 250 63.45 9.66 -22.58
CA VAL G 250 62.91 10.97 -22.26
C VAL G 250 61.42 10.99 -22.58
N GLN G 251 61.04 10.37 -23.70
CA GLN G 251 59.63 10.29 -24.07
C GLN G 251 58.82 9.57 -22.99
N SER G 252 59.44 8.60 -22.31
CA SER G 252 58.74 7.92 -21.23
C SER G 252 58.39 8.89 -20.10
N LYS G 253 59.33 9.76 -19.73
CA LYS G 253 59.04 10.77 -18.71
C LYS G 253 58.00 11.76 -19.21
N GLU G 254 58.08 12.13 -20.49
CA GLU G 254 57.10 13.04 -21.06
C GLU G 254 55.69 12.48 -20.98
N ILE G 255 55.54 11.16 -21.21
CA ILE G 255 54.22 10.56 -21.15
C ILE G 255 53.61 10.71 -19.76
N LYS G 256 54.39 10.39 -18.71
CA LYS G 256 53.85 10.48 -17.36
C LYS G 256 53.62 11.93 -16.96
N ASP G 257 54.45 12.85 -17.45
CA ASP G 257 54.19 14.26 -17.21
C ASP G 257 52.88 14.69 -17.84
N GLY G 258 52.61 14.22 -19.06
CA GLY G 258 51.34 14.52 -19.70
C GLY G 258 50.15 13.97 -18.93
N ILE G 259 50.27 12.73 -18.46
CA ILE G 259 49.18 12.16 -17.65
C ILE G 259 49.05 12.89 -16.32
N ASP G 260 50.18 13.29 -15.73
CA ASP G 260 50.14 13.91 -14.41
C ASP G 260 49.52 15.30 -14.45
N ASP G 261 49.60 15.99 -15.60
CA ASP G 261 49.08 17.34 -15.69
C ASP G 261 47.55 17.38 -15.69
N THR G 262 46.88 16.23 -15.80
CA THR G 262 45.43 16.18 -15.75
C THR G 262 44.89 15.99 -14.34
N LYS G 263 45.76 15.97 -13.34
CA LYS G 263 45.30 15.91 -11.96
C LYS G 263 44.57 17.21 -11.62
N PRO G 264 43.70 17.19 -10.62
CA PRO G 264 43.06 18.43 -10.18
C PRO G 264 44.09 19.47 -9.79
N GLY G 265 43.88 20.71 -10.22
CA GLY G 265 44.82 21.78 -9.97
C GLY G 265 46.01 21.81 -10.90
N GLY G 266 46.08 20.91 -11.87
CA GLY G 266 47.21 20.88 -12.78
C GLY G 266 47.06 21.89 -13.90
N ASP G 267 48.06 21.88 -14.79
CA ASP G 267 48.08 22.81 -15.91
C ASP G 267 47.09 22.43 -17.01
N SER G 268 46.66 21.18 -17.05
CA SER G 268 45.76 20.70 -18.11
C SER G 268 44.66 19.83 -17.52
N ALA G 269 44.12 20.24 -16.37
CA ALA G 269 43.08 19.46 -15.74
C ALA G 269 41.81 19.46 -16.59
N GLY G 270 41.20 18.29 -16.72
CA GLY G 270 39.95 18.13 -17.42
C GLY G 270 40.06 17.91 -18.92
N GLU G 271 41.26 18.01 -19.48
CA GLU G 271 41.43 17.82 -20.92
C GLU G 271 41.66 16.36 -21.26
N ILE G 272 41.60 16.06 -22.56
CA ILE G 272 41.83 14.68 -23.00
C ILE G 272 43.32 14.37 -22.98
N ILE G 273 43.63 13.08 -23.07
CA ILE G 273 45.01 12.60 -23.13
C ILE G 273 45.28 12.09 -24.54
N PHE G 274 46.27 12.67 -25.20
CA PHE G 274 46.61 12.34 -26.57
C PHE G 274 48.04 11.82 -26.61
N VAL G 275 48.19 10.51 -26.82
CA VAL G 275 49.50 9.86 -26.89
C VAL G 275 49.71 9.41 -28.31
N PHE G 276 50.80 9.88 -28.92
CA PHE G 276 51.09 9.64 -30.33
C PHE G 276 52.30 8.73 -30.46
N GLY G 277 52.12 7.57 -31.10
CA GLY G 277 53.22 6.71 -31.47
C GLY G 277 53.63 5.69 -30.44
N GLU G 278 52.78 5.37 -29.46
CA GLU G 278 53.11 4.37 -28.45
C GLU G 278 51.96 3.40 -28.30
N ASP G 279 52.22 2.33 -27.56
CA ASP G 279 51.24 1.25 -27.33
C ASP G 279 50.75 1.23 -25.90
N VAL G 280 50.51 2.39 -25.29
CA VAL G 280 50.09 2.44 -23.90
C VAL G 280 48.75 1.73 -23.73
N LYS G 281 48.60 1.02 -22.61
CA LYS G 281 47.37 0.33 -22.27
C LYS G 281 46.84 0.87 -20.95
N LEU G 282 45.53 0.73 -20.74
CA LEU G 282 44.87 1.26 -19.57
C LEU G 282 43.97 0.21 -18.94
N GLN G 283 44.00 0.14 -17.61
CA GLN G 283 43.09 -0.69 -16.83
C GLN G 283 42.51 0.14 -15.70
N GLU G 284 41.26 -0.15 -15.35
CA GLU G 284 40.63 0.48 -14.20
C GLU G 284 40.71 -0.45 -13.00
N ILE G 285 41.31 0.03 -11.92
CA ILE G 285 41.45 -0.74 -10.69
C ILE G 285 40.20 -0.43 -9.85
N LYS G 286 39.28 -1.38 -9.81
CA LYS G 286 38.02 -1.22 -9.09
C LYS G 286 38.15 -1.79 -7.68
N ASN G 287 38.74 -0.98 -6.80
CA ASN G 287 38.90 -1.36 -5.40
C ASN G 287 37.53 -1.25 -4.72
N ASP G 288 36.90 -2.40 -4.49
CA ASP G 288 35.56 -2.47 -3.92
C ASP G 288 35.69 -2.80 -2.43
N LEU G 289 35.44 -1.80 -1.59
CA LEU G 289 35.47 -1.97 -0.13
C LEU G 289 34.08 -1.88 0.48
N SER G 290 33.02 -2.03 -0.32
CA SER G 290 31.66 -1.95 0.19
C SER G 290 31.29 -3.12 1.09
N ASP G 291 32.06 -4.20 1.07
CA ASP G 291 31.84 -5.35 1.95
C ASP G 291 33.14 -5.69 2.69
N ILE G 292 33.86 -4.66 3.12
CA ILE G 292 35.14 -4.87 3.80
C ILE G 292 34.94 -5.56 5.14
N HIS G 293 33.84 -5.26 5.83
CA HIS G 293 33.63 -5.70 7.20
C HIS G 293 32.65 -6.87 7.33
N SER G 294 32.22 -7.48 6.22
CA SER G 294 31.36 -8.66 6.27
C SER G 294 30.08 -8.36 7.03
N LYS G 295 29.27 -7.48 6.42
CA LYS G 295 28.11 -6.92 7.08
C LYS G 295 27.19 -8.00 7.66
N ILE G 296 26.80 -8.98 6.83
CA ILE G 296 25.74 -9.90 7.23
C ILE G 296 26.15 -10.79 8.40
N PRO G 297 27.25 -11.54 8.34
CA PRO G 297 27.63 -12.35 9.50
C PRO G 297 27.90 -11.52 10.74
N LEU G 298 28.48 -10.33 10.59
CA LEU G 298 28.73 -9.48 11.75
C LEU G 298 27.42 -9.08 12.42
N ASP G 299 26.43 -8.68 11.62
CA ASP G 299 25.12 -8.35 12.16
C ASP G 299 24.47 -9.54 12.83
N ASP G 300 24.60 -10.73 12.23
CA ASP G 300 24.03 -11.92 12.86
C ASP G 300 24.68 -12.21 14.20
N GLN G 301 26.00 -12.11 14.30
CA GLN G 301 26.67 -12.34 15.58
C GLN G 301 26.24 -11.30 16.61
N ALA G 302 26.11 -10.04 16.20
CA ALA G 302 25.64 -9.01 17.12
C ALA G 302 24.25 -9.33 17.62
N ARG G 303 23.35 -9.76 16.72
CA ARG G 303 22.00 -10.12 17.13
C ARG G 303 22.01 -11.27 18.12
N THR G 304 22.84 -12.29 17.87
CA THR G 304 22.90 -13.43 18.79
C THR G 304 23.40 -12.99 20.16
N ILE G 305 24.47 -12.19 20.20
CA ILE G 305 25.01 -11.74 21.48
C ILE G 305 23.97 -10.93 22.23
N ALA G 306 23.27 -10.04 21.53
CA ALA G 306 22.22 -9.26 22.19
C ALA G 306 21.09 -10.14 22.69
N GLY G 307 20.70 -11.15 21.91
CA GLY G 307 19.59 -11.99 22.32
C GLY G 307 19.91 -12.82 23.56
N ASN G 308 21.13 -13.38 23.61
CA ASN G 308 21.47 -14.22 24.75
C ASN G 308 21.37 -13.50 26.08
N PHE G 309 21.55 -12.18 26.10
CA PHE G 309 21.40 -11.41 27.32
C PHE G 309 19.95 -11.04 27.63
N GLY G 310 19.04 -11.22 26.69
CA GLY G 310 17.65 -10.89 26.93
C GLY G 310 17.31 -9.43 26.73
N ILE G 311 17.96 -8.77 25.79
CA ILE G 311 17.73 -7.36 25.47
C ILE G 311 17.19 -7.28 24.04
N PRO G 312 16.00 -6.76 23.83
CA PRO G 312 15.54 -6.54 22.45
C PRO G 312 16.52 -5.65 21.69
N ILE G 313 16.86 -6.08 20.47
CA ILE G 313 17.90 -5.38 19.71
C ILE G 313 17.50 -3.95 19.40
N ALA G 314 16.20 -3.66 19.39
CA ALA G 314 15.76 -2.29 19.10
C ALA G 314 16.27 -1.30 20.15
N LEU G 315 16.28 -1.71 21.42
CA LEU G 315 16.70 -0.82 22.50
C LEU G 315 18.20 -0.59 22.53
N LEU G 316 19.00 -1.57 22.07
CA LEU G 316 20.45 -1.43 22.14
C LEU G 316 20.99 -0.36 21.23
N GLY G 317 20.20 0.09 20.25
CA GLY G 317 20.65 1.08 19.29
C GLY G 317 21.14 0.51 17.98
N PHE G 318 21.31 -0.81 17.87
CA PHE G 318 21.66 -1.44 16.61
C PHE G 318 20.41 -1.59 15.75
N ALA G 319 20.50 -2.31 14.65
CA ALA G 319 19.44 -2.32 13.65
C ALA G 319 19.05 -3.75 13.30
N ALA G 320 17.82 -3.89 12.82
CA ALA G 320 17.28 -5.16 12.35
C ALA G 320 16.42 -4.89 11.12
N ALA G 321 16.23 -5.92 10.30
CA ALA G 321 15.58 -5.75 9.01
C ALA G 321 14.05 -5.76 9.11
N ASP G 322 13.48 -6.26 10.21
CA ASP G 322 12.04 -6.40 10.31
C ASP G 322 11.50 -5.91 11.66
N GLY G 323 11.90 -4.73 12.11
CA GLY G 323 11.51 -4.28 13.43
C GLY G 323 10.01 -4.12 13.61
N SER G 324 9.34 -3.50 12.63
CA SER G 324 7.92 -3.25 12.74
C SER G 324 7.09 -4.52 12.68
N LYS G 325 7.60 -5.59 12.05
CA LYS G 325 6.83 -6.82 11.94
C LYS G 325 6.54 -7.47 13.29
N PHE G 326 7.32 -7.15 14.32
CA PHE G 326 7.09 -7.68 15.66
C PHE G 326 6.68 -6.59 16.65
N ALA G 327 7.48 -5.54 16.79
CA ALA G 327 7.20 -4.48 17.75
C ALA G 327 6.52 -3.32 17.04
N SER G 328 5.26 -3.06 17.42
CA SER G 328 4.53 -1.96 16.80
C SER G 328 5.17 -0.61 17.09
N ASN G 329 5.62 -0.39 18.32
CA ASN G 329 6.15 0.91 18.72
C ASN G 329 7.43 0.68 19.54
N TYR G 330 7.96 1.75 20.11
CA TYR G 330 9.12 1.70 20.98
C TYR G 330 8.74 1.47 22.44
N ASP G 331 7.62 2.09 22.87
CA ASP G 331 7.19 1.96 24.25
C ASP G 331 6.87 0.52 24.60
N GLU G 332 6.25 -0.22 23.68
CA GLU G 332 5.99 -1.64 23.94
C GLU G 332 7.30 -2.40 24.12
N SER G 333 8.31 -2.08 23.32
CA SER G 333 9.60 -2.74 23.48
C SER G 333 10.20 -2.45 24.85
N ARG G 334 10.17 -1.18 25.28
CA ARG G 334 10.71 -0.85 26.59
C ARG G 334 9.95 -1.56 27.71
N LYS G 335 8.61 -1.55 27.63
CA LYS G 335 7.79 -2.18 28.65
C LYS G 335 8.06 -3.67 28.72
N ALA G 336 8.14 -4.34 27.57
CA ALA G 336 8.40 -5.76 27.55
C ALA G 336 9.80 -6.07 28.09
N PHE G 337 10.80 -5.31 27.66
CA PHE G 337 12.14 -5.52 28.20
C PHE G 337 12.13 -5.46 29.72
N PHE G 338 11.57 -4.38 30.27
CA PHE G 338 11.51 -4.28 31.72
C PHE G 338 10.81 -5.49 32.32
N GLU G 339 9.53 -5.67 32.01
CA GLU G 339 8.73 -6.67 32.72
C GLU G 339 9.27 -8.08 32.56
N ASP G 340 9.91 -8.39 31.43
CA ASP G 340 10.29 -9.76 31.15
C ASP G 340 11.74 -10.08 31.50
N THR G 341 12.62 -9.08 31.63
CA THR G 341 14.00 -9.35 31.99
C THR G 341 14.38 -8.74 33.33
N ILE G 342 14.10 -7.45 33.54
CA ILE G 342 14.63 -6.78 34.73
C ILE G 342 13.94 -7.29 35.98
N GLU G 343 12.60 -7.38 35.95
CA GLU G 343 11.85 -7.77 37.15
C GLU G 343 12.17 -9.19 37.59
N PRO G 344 12.07 -10.21 36.73
CA PRO G 344 12.29 -11.58 37.21
C PRO G 344 13.74 -12.01 37.22
N GLY G 345 14.66 -11.21 36.70
CA GLY G 345 16.04 -11.64 36.57
C GLY G 345 17.02 -10.93 37.48
N TYR G 346 16.77 -9.66 37.77
CA TYR G 346 17.75 -8.85 38.50
C TYR G 346 17.21 -8.22 39.77
N LEU G 347 15.96 -7.76 39.76
CA LEU G 347 15.39 -7.18 40.97
C LEU G 347 15.09 -8.25 42.02
N THR G 348 14.49 -9.35 41.60
CA THR G 348 14.06 -10.37 42.56
C THR G 348 15.22 -10.99 43.31
N PRO G 349 16.33 -11.40 42.66
CA PRO G 349 17.43 -11.99 43.43
C PRO G 349 18.00 -11.04 44.48
N MET G 350 18.31 -9.79 44.11
CA MET G 350 18.84 -8.84 45.07
C MET G 350 17.86 -8.61 46.21
N GLU G 351 16.58 -8.41 45.86
CA GLU G 351 15.57 -8.16 46.87
C GLU G 351 15.50 -9.31 47.86
N ASP G 352 15.40 -10.55 47.35
CA ASP G 352 15.27 -11.70 48.23
C ASP G 352 16.52 -11.88 49.09
N GLY G 353 17.70 -11.70 48.51
CA GLY G 353 18.93 -11.87 49.25
C GLY G 353 19.07 -10.87 50.38
N PHE G 354 18.80 -9.59 50.10
CA PHE G 354 18.86 -8.58 51.15
C PHE G 354 17.81 -8.84 52.21
N SER G 355 16.59 -9.22 51.82
CA SER G 355 15.57 -9.53 52.81
C SER G 355 15.98 -10.70 53.70
N MET G 356 16.61 -11.72 53.12
CA MET G 356 17.01 -12.88 53.91
C MET G 356 18.16 -12.56 54.85
N PHE G 357 19.15 -11.79 54.40
CA PHE G 357 20.39 -11.64 55.14
C PHE G 357 20.55 -10.32 55.90
N LEU G 358 19.61 -9.39 55.79
CA LEU G 358 19.68 -8.13 56.54
C LEU G 358 18.49 -7.95 57.48
N CYS G 359 17.27 -8.05 56.94
CA CYS G 359 16.08 -7.77 57.73
C CYS G 359 15.67 -8.99 58.54
N ALA G 360 15.12 -8.73 59.73
CA ALA G 360 14.61 -9.80 60.56
C ALA G 360 13.27 -10.28 60.02
N PRO G 361 12.82 -11.48 60.41
CA PRO G 361 11.53 -11.97 59.93
C PRO G 361 10.41 -11.00 60.28
N GLY G 362 9.44 -10.89 59.37
CA GLY G 362 8.37 -9.94 59.49
C GLY G 362 8.60 -8.63 58.76
N SER G 363 9.82 -8.38 58.28
CA SER G 363 10.13 -7.20 57.49
C SER G 363 10.78 -7.64 56.18
N ARG G 364 10.91 -6.70 55.25
CA ARG G 364 11.43 -7.02 53.94
C ARG G 364 12.03 -5.77 53.30
N VAL G 365 12.83 -5.99 52.27
CA VAL G 365 13.31 -4.92 51.39
C VAL G 365 12.54 -5.04 50.09
N ILE G 366 11.86 -3.95 49.70
CA ILE G 366 10.93 -3.99 48.59
C ILE G 366 11.35 -2.96 47.54
N PHE G 367 11.41 -3.40 46.29
CA PHE G 367 11.60 -2.50 45.16
C PHE G 367 10.28 -1.83 44.81
N ASP G 368 10.36 -0.64 44.22
CA ASP G 368 9.19 0.11 43.79
C ASP G 368 9.08 0.00 42.28
N ARG G 369 8.19 -0.88 41.81
CA ARG G 369 8.11 -1.16 40.38
C ARG G 369 7.19 -0.17 39.66
N ASP G 370 6.06 0.16 40.28
CA ASP G 370 5.03 0.91 39.57
C ASP G 370 5.46 2.34 39.25
N SER G 371 6.46 2.87 39.94
CA SER G 371 6.84 4.27 39.74
C SER G 371 7.83 4.46 38.59
N ILE G 372 8.21 3.40 37.89
CA ILE G 372 9.16 3.54 36.79
C ILE G 372 8.53 4.39 35.68
N PRO G 373 9.30 5.27 35.01
CA PRO G 373 8.69 6.11 33.98
C PRO G 373 8.01 5.33 32.85
N ALA G 374 8.56 4.17 32.50
CA ALA G 374 8.05 3.44 31.34
C ALA G 374 6.63 2.93 31.53
N LEU G 375 6.13 2.86 32.77
CA LEU G 375 4.85 2.25 33.05
C LEU G 375 3.76 3.25 33.47
N LYS G 376 4.03 4.55 33.42
CA LYS G 376 3.05 5.52 33.88
C LYS G 376 1.79 5.48 33.02
N LYS G 377 1.96 5.47 31.70
CA LYS G 377 0.79 5.50 30.82
C LYS G 377 -0.07 4.26 31.00
N SER G 378 0.56 3.08 31.11
CA SER G 378 -0.21 1.87 31.36
C SER G 378 -0.93 1.92 32.70
N ARG G 379 -0.25 2.41 33.74
CA ARG G 379 -0.91 2.59 35.03
C ARG G 379 -2.17 3.42 34.89
N ALA G 380 -2.05 4.59 34.27
CA ALA G 380 -3.20 5.48 34.15
C ALA G 380 -4.32 4.83 33.34
N ASP G 381 -3.97 4.21 32.21
CA ASP G 381 -4.98 3.62 31.34
C ASP G 381 -5.73 2.50 32.05
N ILE G 382 -5.00 1.64 32.78
CA ILE G 382 -5.65 0.54 33.48
C ILE G 382 -6.48 1.06 34.65
N ALA G 383 -5.96 2.06 35.37
CA ALA G 383 -6.72 2.62 36.49
C ALA G 383 -8.03 3.22 36.02
N ALA G 384 -8.01 3.92 34.88
CA ALA G 384 -9.24 4.52 34.37
C ALA G 384 -10.28 3.49 33.97
N VAL G 385 -9.89 2.22 33.84
CA VAL G 385 -10.84 1.17 33.43
C VAL G 385 -11.54 0.56 34.63
N TYR G 386 -10.78 0.24 35.69
CA TYR G 386 -11.41 -0.30 36.90
C TYR G 386 -12.35 0.69 37.55
N GLU G 387 -12.27 1.97 37.19
CA GLU G 387 -13.19 2.96 37.74
C GLU G 387 -14.64 2.64 37.41
N LYS G 388 -14.89 1.87 36.35
CA LYS G 388 -16.25 1.55 35.94
C LYS G 388 -16.79 0.29 36.59
N VAL G 389 -15.92 -0.67 36.91
CA VAL G 389 -16.36 -1.91 37.54
C VAL G 389 -16.91 -1.61 38.93
N THR G 390 -18.02 -2.27 39.28
CA THR G 390 -18.68 -2.04 40.55
C THR G 390 -18.80 -3.28 41.43
N PHE G 391 -18.52 -4.47 40.90
CA PHE G 391 -18.57 -5.67 41.73
C PHE G 391 -17.28 -5.92 42.48
N ILE G 392 -16.43 -4.90 42.60
CA ILE G 392 -15.16 -4.99 43.31
C ILE G 392 -15.08 -3.84 44.30
N ASP G 393 -14.54 -4.10 45.47
CA ASP G 393 -14.44 -3.08 46.50
C ASP G 393 -13.33 -2.08 46.16
N GLU G 394 -13.39 -0.93 46.83
CA GLU G 394 -12.38 0.10 46.61
C GLU G 394 -10.99 -0.40 47.03
N ASN G 395 -10.92 -1.11 48.15
CA ASN G 395 -9.63 -1.64 48.60
C ASN G 395 -9.04 -2.60 47.59
N GLU G 396 -9.87 -3.47 47.02
CA GLU G 396 -9.37 -4.40 45.99
C GLU G 396 -8.89 -3.65 44.76
N LYS G 397 -9.62 -2.60 44.35
CA LYS G 397 -9.18 -1.80 43.22
C LYS G 397 -7.82 -1.17 43.50
N ARG G 398 -7.62 -0.66 44.72
CA ARG G 398 -6.32 -0.10 45.07
C ARG G 398 -5.23 -1.17 45.05
N GLU G 399 -5.52 -2.35 45.59
CA GLU G 399 -4.52 -3.41 45.66
C GLU G 399 -4.11 -3.88 44.28
N VAL G 400 -5.07 -3.99 43.35
CA VAL G 400 -4.75 -4.54 42.04
C VAL G 400 -4.00 -3.54 41.17
N THR G 401 -4.05 -2.25 41.48
CA THR G 401 -3.35 -1.23 40.70
C THR G 401 -2.11 -0.69 41.40
N GLY G 402 -1.72 -1.27 42.53
CA GLY G 402 -0.45 -0.96 43.14
C GLY G 402 -0.48 -0.02 44.33
N TRP G 403 -1.60 0.70 44.56
CA TRP G 403 -1.57 1.57 45.73
C TRP G 403 -1.82 0.78 47.01
N PRO G 404 -1.35 1.29 48.15
CA PRO G 404 -1.54 0.57 49.41
C PRO G 404 -2.95 0.69 49.94
N LYS G 405 -3.25 -0.17 50.91
CA LYS G 405 -4.56 -0.16 51.55
C LYS G 405 -4.72 1.08 52.43
N LYS G 406 -5.96 1.55 52.54
CA LYS G 406 -6.27 2.68 53.39
C LYS G 406 -6.27 2.27 54.87
N PRO H 17 -3.00 -53.98 47.06
CA PRO H 17 -1.59 -53.74 46.76
C PRO H 17 -1.09 -54.54 45.56
N SER H 18 -1.71 -55.68 45.31
CA SER H 18 -1.34 -56.53 44.18
C SER H 18 -2.16 -56.25 42.93
N ALA H 19 -3.11 -55.30 43.00
CA ALA H 19 -3.95 -55.02 41.84
C ALA H 19 -3.25 -54.12 40.82
N ASN H 20 -2.12 -53.53 41.17
CA ASN H 20 -1.44 -52.60 40.28
C ASN H 20 -0.98 -53.33 39.01
N PRO H 21 -1.41 -52.91 37.82
CA PRO H 21 -0.90 -53.54 36.60
C PRO H 21 0.59 -53.30 36.37
N ALA H 22 1.20 -52.33 37.06
CA ALA H 22 2.60 -52.02 36.82
C ALA H 22 3.52 -53.19 37.12
N LYS H 23 3.05 -54.19 37.86
CA LYS H 23 3.88 -55.35 38.16
C LYS H 23 4.30 -56.10 36.91
N ILE H 24 3.62 -55.87 35.79
CA ILE H 24 3.99 -56.54 34.54
C ILE H 24 5.41 -56.16 34.14
N PHE H 25 5.79 -54.89 34.34
CA PHE H 25 7.07 -54.38 33.89
C PHE H 25 8.18 -54.61 34.91
N ILE H 26 7.98 -54.15 36.15
CA ILE H 26 9.08 -54.06 37.10
C ILE H 26 9.64 -55.42 37.48
N ARG H 27 8.90 -56.51 37.30
CA ARG H 27 9.50 -57.83 37.50
C ARG H 27 10.47 -58.18 36.38
N ARG H 28 10.36 -57.52 35.23
CA ARG H 28 11.23 -57.77 34.09
C ARG H 28 12.37 -56.76 33.99
N LEU H 29 12.03 -55.48 33.96
CA LEU H 29 13.01 -54.41 33.80
C LEU H 29 13.85 -54.18 35.05
N PHE H 30 13.22 -54.15 36.23
CA PHE H 30 13.87 -53.67 37.45
C PHE H 30 13.74 -54.75 38.53
N ASN H 31 14.76 -55.59 38.63
CA ASN H 31 14.76 -56.64 39.65
C ASN H 31 14.63 -56.04 41.04
N SER H 32 13.80 -56.68 41.87
CA SER H 32 13.58 -56.20 43.22
C SER H 32 14.87 -56.18 44.01
N GLY H 33 15.07 -55.12 44.78
CA GLY H 33 16.23 -54.98 45.63
C GLY H 33 17.45 -54.39 44.98
N ILE H 34 17.38 -54.00 43.71
CA ILE H 34 18.50 -53.42 42.99
C ILE H 34 18.12 -51.99 42.60
N ALA H 35 18.94 -51.02 43.02
CA ALA H 35 18.71 -49.64 42.65
C ALA H 35 19.21 -49.38 41.24
N LYS H 36 18.42 -48.65 40.46
CA LYS H 36 18.75 -48.36 39.08
C LYS H 36 18.62 -46.86 38.82
N SER H 37 19.42 -46.37 37.87
CA SER H 37 19.48 -44.94 37.60
C SER H 37 18.15 -44.44 37.04
N VAL H 38 17.79 -43.22 37.44
CA VAL H 38 16.57 -42.60 36.93
C VAL H 38 16.69 -42.24 35.46
N VAL H 39 17.86 -41.79 35.01
CA VAL H 39 18.06 -41.36 33.63
C VAL H 39 19.34 -41.99 33.10
N SER H 40 19.39 -42.15 31.78
CA SER H 40 20.56 -42.70 31.13
C SER H 40 21.67 -41.65 31.04
N TYR H 41 22.91 -42.14 30.90
CA TYR H 41 24.06 -41.25 30.85
C TYR H 41 24.01 -40.33 29.65
N SER H 42 23.53 -40.82 28.50
CA SER H 42 23.45 -39.98 27.32
C SER H 42 22.55 -38.77 27.55
N ASN H 43 21.44 -38.95 28.26
CA ASN H 43 20.58 -37.82 28.59
C ASN H 43 21.31 -36.81 29.45
N VAL H 44 22.08 -37.29 30.43
CA VAL H 44 22.81 -36.38 31.31
C VAL H 44 23.83 -35.58 30.50
N MET H 45 24.56 -36.25 29.59
CA MET H 45 25.52 -35.53 28.76
C MET H 45 24.81 -34.51 27.87
N ALA H 46 23.66 -34.88 27.29
CA ALA H 46 22.92 -33.95 26.46
C ALA H 46 22.50 -32.72 27.26
N ALA H 47 22.05 -32.93 28.50
CA ALA H 47 21.67 -31.80 29.35
C ALA H 47 22.87 -30.94 29.70
N ALA H 48 24.03 -31.57 29.94
CA ALA H 48 25.20 -30.81 30.37
C ALA H 48 25.68 -29.85 29.28
N ARG H 49 25.70 -30.28 28.02
CA ARG H 49 26.17 -29.43 26.94
C ARG H 49 25.13 -28.41 26.51
N ALA H 50 23.87 -28.60 26.91
CA ALA H 50 22.82 -27.66 26.55
C ALA H 50 23.08 -26.28 27.16
N MET H 51 23.52 -26.25 28.42
CA MET H 51 23.73 -24.97 29.09
C MET H 51 24.82 -24.13 28.44
N GLU H 52 25.68 -24.72 27.62
CA GLU H 52 26.75 -24.00 26.95
C GLU H 52 26.44 -23.72 25.48
N HIS H 53 25.19 -23.88 25.07
CA HIS H 53 24.80 -23.67 23.68
C HIS H 53 24.19 -22.30 23.50
N PRO H 54 24.49 -21.59 22.42
CA PRO H 54 23.95 -20.22 22.26
C PRO H 54 22.46 -20.18 21.96
N VAL H 55 21.79 -21.31 21.81
CA VAL H 55 20.36 -21.36 21.50
C VAL H 55 19.57 -22.04 22.61
N VAL H 56 20.00 -23.24 23.02
CA VAL H 56 19.23 -24.00 24.01
C VAL H 56 19.28 -23.32 25.37
N PHE H 57 20.42 -22.73 25.71
CA PHE H 57 20.55 -22.05 26.99
C PHE H 57 19.54 -20.91 27.10
N ARG H 58 19.36 -20.16 26.01
CA ARG H 58 18.41 -19.06 26.04
C ARG H 58 16.99 -19.56 26.30
N CYS H 59 16.61 -20.65 25.64
CA CYS H 59 15.27 -21.19 25.85
C CYS H 59 15.08 -21.67 27.29
N LEU H 60 16.08 -22.38 27.83
CA LEU H 60 15.97 -22.86 29.20
C LEU H 60 15.88 -21.71 30.18
N ASP H 61 16.70 -20.68 29.98
CA ASP H 61 16.66 -19.52 30.86
C ASP H 61 15.31 -18.79 30.77
N LYS H 62 14.77 -18.66 29.55
CA LYS H 62 13.47 -18.04 29.38
C LYS H 62 12.41 -18.79 30.15
N LEU H 63 12.37 -20.12 30.00
CA LEU H 63 11.38 -20.92 30.70
C LEU H 63 11.55 -20.79 32.21
N GLY H 64 12.79 -20.87 32.69
CA GLY H 64 13.01 -20.78 34.13
C GLY H 64 12.57 -19.46 34.71
N LEU H 65 12.94 -18.35 34.05
CA LEU H 65 12.54 -17.04 34.55
C LEU H 65 11.03 -16.88 34.53
N THR H 66 10.38 -17.25 33.41
CA THR H 66 8.95 -17.09 33.32
C THR H 66 8.23 -17.91 34.39
N VAL H 67 8.71 -19.12 34.65
CA VAL H 67 8.06 -19.95 35.68
C VAL H 67 8.31 -19.38 37.06
N GLN H 68 9.53 -18.90 37.34
CA GLN H 68 9.81 -18.40 38.68
C GLN H 68 9.10 -17.09 38.96
N SER H 69 8.68 -16.37 37.91
CA SER H 69 7.99 -15.11 38.11
C SER H 69 6.65 -15.27 38.84
N VAL H 70 6.12 -16.49 38.92
CA VAL H 70 4.77 -16.71 39.45
C VAL H 70 4.86 -17.10 40.91
N LYS H 71 4.15 -16.38 41.77
CA LYS H 71 4.00 -16.73 43.17
C LYS H 71 2.98 -17.84 43.34
N TRP H 72 3.03 -18.52 44.49
CA TRP H 72 1.94 -19.40 44.90
C TRP H 72 1.57 -19.10 46.35
N TYR H 73 0.67 -19.91 46.88
CA TYR H 73 0.27 -19.81 48.28
C TYR H 73 -0.49 -21.07 48.65
N VAL H 74 -0.73 -21.24 49.95
CA VAL H 74 -1.47 -22.39 50.46
C VAL H 74 -2.91 -21.95 50.70
N GLY H 75 -3.86 -22.69 50.12
CA GLY H 75 -5.26 -22.37 50.24
C GLY H 75 -6.09 -23.63 50.43
N ALA H 76 -7.40 -23.40 50.58
CA ALA H 76 -8.33 -24.50 50.80
C ALA H 76 -8.73 -25.14 49.48
N ASP H 77 -8.99 -26.44 49.53
CA ASP H 77 -9.40 -27.17 48.34
C ASP H 77 -10.84 -26.81 47.99
N PRO H 78 -11.14 -26.46 46.73
CA PRO H 78 -12.52 -26.08 46.40
C PRO H 78 -13.44 -27.25 46.11
N ASP H 79 -12.91 -28.44 45.84
CA ASP H 79 -13.72 -29.59 45.48
C ASP H 79 -13.98 -30.54 46.65
N ILE H 80 -12.96 -30.84 47.45
CA ILE H 80 -13.08 -31.76 48.57
C ILE H 80 -12.80 -30.97 49.85
N SER H 81 -13.62 -31.21 50.88
CA SER H 81 -13.57 -30.43 52.10
C SER H 81 -13.56 -31.35 53.31
N GLY H 82 -13.06 -30.82 54.42
CA GLY H 82 -13.09 -31.51 55.69
C GLY H 82 -11.75 -32.11 56.08
N THR H 83 -11.48 -32.09 57.37
CA THR H 83 -10.29 -32.72 57.94
C THR H 83 -9.01 -32.13 57.39
N GLY H 84 -9.08 -30.92 56.85
CA GLY H 84 -7.90 -30.24 56.34
C GLY H 84 -7.11 -29.58 57.46
N MET H 85 -5.98 -29.00 57.06
CA MET H 85 -5.14 -28.29 58.03
C MET H 85 -5.82 -26.99 58.45
N SER H 86 -5.66 -26.64 59.72
CA SER H 86 -6.25 -25.40 60.22
C SER H 86 -5.49 -24.20 59.65
N ALA H 87 -5.95 -23.00 60.04
CA ALA H 87 -5.29 -21.79 59.59
C ALA H 87 -3.85 -21.71 60.08
N LYS H 88 -3.62 -22.09 61.34
CA LYS H 88 -2.27 -22.05 61.90
C LYS H 88 -1.32 -22.93 61.11
N GLU H 89 -1.75 -24.15 60.79
CA GLU H 89 -0.90 -25.07 60.05
C GLU H 89 -0.62 -24.57 58.65
N ARG H 90 -1.63 -24.00 57.99
CA ARG H 90 -1.42 -23.44 56.66
C ARG H 90 -0.43 -22.29 56.69
N LYS H 91 -0.56 -21.40 57.68
CA LYS H 91 0.41 -20.32 57.81
C LYS H 91 1.80 -20.82 58.12
N ALA H 92 1.91 -21.88 58.92
CA ALA H 92 3.23 -22.47 59.20
C ALA H 92 3.85 -23.04 57.93
N LEU H 93 3.06 -23.72 57.11
CA LEU H 93 3.59 -24.26 55.86
C LEU H 93 3.95 -23.14 54.89
N GLN H 94 3.26 -22.00 54.99
CA GLN H 94 3.58 -20.86 54.14
C GLN H 94 5.02 -20.41 54.35
N GLN H 95 5.46 -20.38 55.60
CA GLN H 95 6.84 -19.97 55.89
C GLN H 95 7.84 -20.87 55.21
N VAL H 96 7.64 -22.19 55.30
CA VAL H 96 8.54 -23.12 54.64
C VAL H 96 8.50 -22.91 53.13
N LEU H 97 7.31 -22.73 52.58
CA LEU H 97 7.19 -22.53 51.14
C LEU H 97 7.89 -21.26 50.66
N ASN H 98 7.93 -20.22 51.48
CA ASN H 98 8.60 -18.98 51.11
C ASN H 98 10.11 -19.03 51.32
N ARG H 99 10.57 -19.75 52.34
CA ARG H 99 12.00 -19.92 52.60
C ARG H 99 12.28 -21.41 52.77
N PRO H 100 12.41 -22.14 51.66
CA PRO H 100 12.53 -23.60 51.76
C PRO H 100 13.65 -24.08 52.68
N ASN H 101 14.79 -23.41 52.66
CA ASN H 101 15.92 -23.80 53.51
C ASN H 101 16.81 -22.59 53.71
N SER H 102 18.02 -22.83 54.21
CA SER H 102 18.90 -21.73 54.58
C SER H 102 19.65 -21.14 53.40
N ALA H 103 19.60 -21.78 52.23
CA ALA H 103 20.37 -21.35 51.07
C ALA H 103 19.51 -20.83 49.93
N MET H 104 18.32 -21.38 49.72
CA MET H 104 17.49 -21.04 48.57
C MET H 104 16.18 -20.43 49.02
N SER H 105 15.71 -19.44 48.26
CA SER H 105 14.36 -18.92 48.43
C SER H 105 13.41 -19.61 47.46
N GLY H 106 12.13 -19.24 47.53
CA GLY H 106 11.14 -19.88 46.69
C GLY H 106 11.44 -19.74 45.20
N ALA H 107 11.88 -18.55 44.78
CA ALA H 107 12.14 -18.32 43.37
C ALA H 107 13.24 -19.25 42.85
N GLN H 108 14.30 -19.42 43.62
CA GLN H 108 15.38 -20.31 43.19
C GLN H 108 14.92 -21.77 43.15
N LEU H 109 14.07 -22.17 44.08
CA LEU H 109 13.49 -23.52 44.01
C LEU H 109 12.68 -23.70 42.74
N ARG H 110 11.86 -22.70 42.39
CA ARG H 110 11.12 -22.77 41.14
C ARG H 110 12.06 -22.87 39.94
N TYR H 111 13.15 -22.09 39.96
CA TYR H 111 14.08 -22.10 38.84
C TYR H 111 14.71 -23.49 38.68
N ALA H 112 15.18 -24.07 39.78
CA ALA H 112 15.79 -25.40 39.70
C ALA H 112 14.79 -26.44 39.24
N ALA H 113 13.57 -26.40 39.78
CA ALA H 113 12.56 -27.37 39.37
C ALA H 113 12.22 -27.22 37.89
N THR H 114 12.13 -25.98 37.41
CA THR H 114 11.83 -25.77 35.99
C THR H 114 12.94 -26.32 35.11
N LEU H 115 14.20 -26.08 35.49
CA LEU H 115 15.30 -26.62 34.69
C LEU H 115 15.27 -28.14 34.68
N SER H 116 15.03 -28.76 35.84
CA SER H 116 14.98 -30.22 35.90
C SER H 116 13.86 -30.75 35.02
N TRP H 117 12.68 -30.14 35.11
CA TRP H 117 11.55 -30.57 34.30
C TRP H 117 11.84 -30.43 32.81
N ALA H 118 12.44 -29.31 32.42
CA ALA H 118 12.70 -29.06 30.99
C ALA H 118 13.74 -30.03 30.45
N CYS H 119 14.77 -30.34 31.24
CA CYS H 119 15.86 -31.16 30.71
C CYS H 119 15.55 -32.65 30.80
N PHE H 120 15.20 -33.14 32.00
CA PHE H 120 15.07 -34.57 32.21
C PHE H 120 13.63 -35.05 32.26
N GLY H 121 12.66 -34.15 32.40
CA GLY H 121 11.27 -34.57 32.44
C GLY H 121 10.81 -35.10 33.78
N ARG H 122 11.56 -34.84 34.84
CA ARG H 122 11.17 -35.27 36.18
C ARG H 122 11.92 -34.44 37.20
N MET H 123 11.31 -34.27 38.37
CA MET H 123 11.91 -33.51 39.46
C MET H 123 11.70 -34.25 40.77
N ALA H 124 12.63 -34.06 41.71
CA ALA H 124 12.56 -34.72 43.00
C ALA H 124 12.99 -33.75 44.08
N PHE H 125 12.47 -33.96 45.29
CA PHE H 125 12.81 -33.13 46.43
C PHE H 125 12.88 -34.00 47.68
N LYS H 126 13.64 -33.52 48.66
CA LYS H 126 13.68 -34.13 49.99
C LYS H 126 13.02 -33.19 50.98
N VAL H 127 12.15 -33.73 51.83
CA VAL H 127 11.37 -32.95 52.78
C VAL H 127 11.73 -33.38 54.19
N SER H 128 12.07 -32.41 55.03
CA SER H 128 12.37 -32.66 56.43
C SER H 128 11.14 -32.35 57.27
N VAL H 129 10.80 -33.26 58.17
CA VAL H 129 9.58 -33.16 58.96
C VAL H 129 9.90 -33.38 60.43
N MET H 130 9.25 -32.60 61.28
CA MET H 130 9.44 -32.71 62.72
C MET H 130 8.61 -33.86 63.28
N GLY H 131 8.70 -34.04 64.60
CA GLY H 131 8.05 -35.16 65.24
C GLY H 131 6.55 -35.19 65.08
N ASP H 132 5.89 -34.03 65.13
CA ASP H 132 4.44 -33.98 65.04
C ASP H 132 3.92 -33.98 63.61
N GLY H 133 4.81 -34.01 62.62
CA GLY H 133 4.40 -34.09 61.23
C GLY H 133 4.50 -32.81 60.45
N SER H 134 4.68 -31.67 61.11
CA SER H 134 4.81 -30.41 60.39
C SER H 134 6.16 -30.32 59.69
N VAL H 135 6.18 -29.73 58.51
CA VAL H 135 7.39 -29.61 57.71
C VAL H 135 8.19 -28.42 58.21
N ASN H 136 9.51 -28.48 58.02
CA ASN H 136 10.41 -27.39 58.40
C ASN H 136 11.42 -27.00 57.33
N ALA H 137 11.69 -27.85 56.35
CA ALA H 137 12.63 -27.51 55.30
C ALA H 137 12.39 -28.41 54.08
N ILE H 138 12.88 -27.96 52.93
CA ILE H 138 12.79 -28.70 51.69
C ILE H 138 14.09 -28.52 50.92
N TRP H 139 14.55 -29.59 50.26
CA TRP H 139 15.78 -29.55 49.51
C TRP H 139 15.57 -30.13 48.12
N PRO H 140 16.25 -29.59 47.10
CA PRO H 140 16.18 -30.20 45.78
C PRO H 140 17.23 -31.28 45.61
N LEU H 141 16.93 -32.26 44.77
CA LEU H 141 17.83 -33.35 44.45
C LEU H 141 18.17 -33.36 42.98
N GLY H 142 19.45 -33.53 42.67
CA GLY H 142 19.89 -33.62 41.29
C GLY H 142 19.51 -34.92 40.65
N ILE H 143 18.76 -34.86 39.56
CA ILE H 143 18.27 -36.05 38.86
C ILE H 143 19.44 -36.94 38.48
N PRO H 144 20.56 -36.40 37.98
CA PRO H 144 21.66 -37.29 37.55
C PRO H 144 22.17 -38.22 38.63
N PHE H 145 22.15 -37.81 39.89
CA PHE H 145 22.71 -38.58 40.98
C PHE H 145 21.69 -39.42 41.74
N LEU H 146 20.48 -39.58 41.21
CA LEU H 146 19.39 -40.22 41.93
C LEU H 146 19.13 -41.61 41.37
N LYS H 147 18.97 -42.58 42.27
CA LYS H 147 18.55 -43.94 41.93
C LYS H 147 17.46 -44.37 42.89
N GLN H 148 16.61 -45.30 42.43
CA GLN H 148 15.43 -45.69 43.18
C GLN H 148 15.29 -47.21 43.15
N GLU H 149 14.59 -47.73 44.16
CA GLU H 149 14.38 -49.16 44.33
C GLU H 149 12.88 -49.46 44.36
N PHE H 150 12.50 -50.65 43.91
CA PHE H 150 11.10 -51.07 43.84
C PHE H 150 10.92 -52.39 44.57
N ASN H 151 9.71 -52.59 45.09
CA ASN H 151 9.32 -53.90 45.60
C ASN H 151 8.79 -54.76 44.45
N LYS H 152 8.25 -55.92 44.79
CA LYS H 152 7.75 -56.82 43.76
C LYS H 152 6.41 -56.38 43.18
N TYR H 153 5.68 -55.50 43.86
CA TYR H 153 4.42 -54.98 43.35
C TYR H 153 4.58 -53.71 42.52
N GLY H 154 5.78 -53.14 42.48
CA GLY H 154 6.08 -52.05 41.59
C GLY H 154 6.07 -50.66 42.19
N GLU H 155 5.85 -50.53 43.50
CA GLU H 155 5.86 -49.23 44.16
C GLU H 155 7.25 -48.92 44.68
N VAL H 156 7.67 -47.67 44.51
CA VAL H 156 8.99 -47.25 44.97
C VAL H 156 9.05 -47.33 46.49
N THR H 157 10.15 -47.88 47.01
CA THR H 157 10.32 -48.05 48.44
C THR H 157 11.43 -47.18 49.01
N THR H 158 12.54 -47.03 48.30
CA THR H 158 13.69 -46.26 48.77
C THR H 158 14.29 -45.46 47.62
N PHE H 159 14.70 -44.23 47.93
CA PHE H 159 15.43 -43.39 47.00
C PHE H 159 16.89 -43.36 47.38
N GLN H 160 17.76 -43.74 46.45
CA GLN H 160 19.20 -43.76 46.66
C GLN H 160 19.82 -42.53 46.04
N TYR H 161 20.48 -41.72 46.86
CA TYR H 161 21.09 -40.47 46.41
C TYR H 161 22.57 -40.49 46.73
N GLY H 162 23.40 -40.23 45.72
CA GLY H 162 24.84 -40.22 45.90
C GLY H 162 25.57 -41.08 44.89
N ASP H 163 26.73 -41.60 45.27
CA ASP H 163 27.52 -42.45 44.40
C ASP H 163 27.83 -43.75 45.14
N GLU H 164 28.70 -44.57 44.55
CA GLU H 164 29.00 -45.87 45.13
C GLU H 164 29.69 -45.75 46.48
N GLY H 165 30.60 -44.78 46.63
CA GLY H 165 31.34 -44.64 47.88
C GLY H 165 30.62 -43.78 48.90
N ASN H 166 30.20 -42.58 48.49
CA ASN H 166 29.45 -41.67 49.34
C ASN H 166 27.98 -41.81 48.98
N ARG H 167 27.16 -42.18 49.97
CA ARG H 167 25.78 -42.56 49.73
C ARG H 167 24.89 -42.03 50.84
N GLU H 168 23.62 -41.82 50.50
CA GLU H 168 22.59 -41.49 51.47
C GLU H 168 21.28 -42.12 51.02
N SER H 169 20.60 -42.78 51.95
CA SER H 169 19.35 -43.47 51.65
C SER H 169 18.18 -42.70 52.24
N ILE H 170 17.13 -42.54 51.45
CA ILE H 170 15.93 -41.81 51.86
C ILE H 170 14.72 -42.68 51.60
N LYS H 171 13.84 -42.79 52.59
CA LYS H 171 12.63 -43.58 52.44
C LYS H 171 11.57 -42.77 51.69
N SER H 172 10.89 -43.45 50.77
CA SER H 172 9.86 -42.79 49.97
C SER H 172 8.64 -42.47 50.83
N PHE H 173 7.81 -41.55 50.33
CA PHE H 173 6.61 -41.15 51.05
C PHE H 173 5.71 -42.34 51.36
N TYR H 174 5.73 -43.36 50.51
CA TYR H 174 4.84 -44.50 50.70
C TYR H 174 5.26 -45.34 51.90
N SER H 175 6.55 -45.63 52.05
CA SER H 175 7.03 -46.53 53.08
C SER H 175 7.42 -45.83 54.37
N ALA H 176 7.34 -44.51 54.44
CA ALA H 176 7.66 -43.81 55.66
C ALA H 176 6.55 -43.99 56.69
N ALA H 177 6.95 -44.16 57.95
CA ALA H 177 5.98 -44.29 59.02
C ALA H 177 5.16 -43.01 59.16
N LYS H 178 3.88 -43.18 59.49
CA LYS H 178 2.94 -42.06 59.51
C LYS H 178 2.16 -42.08 60.82
N ASN H 179 1.68 -40.91 61.23
CA ASN H 179 0.82 -40.80 62.39
C ASN H 179 -0.59 -41.27 62.03
N GLU H 180 -1.51 -41.11 62.98
CA GLU H 180 -2.88 -41.54 62.77
C GLU H 180 -3.60 -40.72 61.70
N LYS H 181 -3.08 -39.54 61.35
CA LYS H 181 -3.68 -38.72 60.31
C LYS H 181 -3.11 -39.00 58.93
N GLY H 182 -2.18 -39.94 58.80
CA GLY H 182 -1.62 -40.27 57.51
C GLY H 182 -0.49 -39.38 57.04
N ARG H 183 0.03 -38.51 57.91
CA ARG H 183 1.15 -37.67 57.52
C ARG H 183 2.47 -38.27 57.98
N PRO H 184 3.55 -38.15 57.22
CA PRO H 184 4.84 -38.72 57.66
C PRO H 184 5.34 -38.05 58.92
N ILE H 185 6.09 -38.81 59.71
CA ILE H 185 6.72 -38.31 60.92
C ILE H 185 8.24 -38.49 60.86
N GLU H 186 8.81 -38.58 59.67
CA GLU H 186 10.25 -38.74 59.50
C GLU H 186 10.63 -38.29 58.10
N ASN H 187 11.93 -38.07 57.91
CA ASN H 187 12.41 -37.56 56.63
C ASN H 187 12.05 -38.51 55.50
N TYR H 188 11.71 -37.95 54.35
CA TYR H 188 11.32 -38.72 53.18
C TYR H 188 11.59 -37.91 51.92
N ALA H 189 11.34 -38.53 50.77
CA ALA H 189 11.54 -37.90 49.48
C ALA H 189 10.42 -38.31 48.53
N PHE H 190 10.28 -37.57 47.43
CA PHE H 190 9.28 -37.86 46.44
C PHE H 190 9.74 -37.34 45.09
N MET H 191 9.15 -37.87 44.02
CA MET H 191 9.51 -37.52 42.66
C MET H 191 8.24 -37.39 41.82
N ILE H 192 8.31 -36.52 40.81
CA ILE H 192 7.22 -36.32 39.86
C ILE H 192 7.73 -36.73 38.48
N VAL H 193 6.83 -37.28 37.66
CA VAL H 193 7.19 -37.83 36.37
C VAL H 193 6.19 -37.35 35.33
N LYS H 194 6.64 -37.29 34.06
CA LYS H 194 5.80 -36.95 32.92
C LYS H 194 5.41 -38.22 32.17
N PRO H 195 4.12 -38.51 32.01
CA PRO H 195 3.72 -39.78 31.40
C PRO H 195 4.29 -39.95 30.00
N SER H 196 4.20 -41.18 29.50
CA SER H 196 4.65 -41.53 28.16
C SER H 196 3.62 -42.47 27.54
N ILE H 197 3.96 -42.98 26.34
CA ILE H 197 3.03 -43.80 25.59
C ILE H 197 2.85 -45.19 26.19
N ASN H 198 3.90 -45.77 26.78
CA ASN H 198 3.87 -47.16 27.23
C ASN H 198 3.02 -47.37 28.47
N GLY H 199 2.43 -46.32 29.04
CA GLY H 199 1.56 -46.48 30.19
C GLY H 199 2.28 -46.33 31.51
N ALA H 200 3.27 -47.17 31.77
CA ALA H 200 4.00 -47.11 33.03
C ALA H 200 4.70 -45.77 33.17
N MET H 201 4.83 -45.32 34.42
CA MET H 201 5.33 -43.98 34.71
C MET H 201 6.67 -43.98 35.43
N ASN H 202 6.86 -44.86 36.41
CA ASN H 202 8.08 -44.82 37.22
C ASN H 202 9.25 -45.54 36.56
N LEU H 203 9.07 -46.11 35.37
CA LEU H 203 10.15 -46.82 34.71
C LEU H 203 11.14 -45.83 34.08
N ASP H 204 12.26 -46.37 33.59
CA ASP H 204 13.32 -45.55 32.99
C ASP H 204 12.97 -45.19 31.54
N VAL H 205 11.79 -44.59 31.38
CA VAL H 205 11.35 -44.03 30.11
C VAL H 205 10.97 -42.58 30.36
N GLN H 206 11.46 -41.68 29.52
CA GLN H 206 11.38 -40.25 29.77
C GLN H 206 10.58 -39.58 28.67
N ASN H 207 10.25 -38.31 28.91
CA ASN H 207 9.51 -37.49 27.95
C ASN H 207 10.01 -36.07 28.10
N THR H 208 10.99 -35.69 27.28
CA THR H 208 11.56 -34.35 27.32
C THR H 208 11.77 -33.87 25.90
N PRO H 209 11.75 -32.55 25.65
CA PRO H 209 12.00 -32.05 24.30
C PRO H 209 13.37 -32.41 23.76
N LEU H 210 14.36 -32.63 24.63
CA LEU H 210 15.72 -32.92 24.17
C LEU H 210 15.81 -34.23 23.40
N GLN H 211 14.79 -35.08 23.46
CA GLN H 211 14.80 -36.29 22.65
C GLN H 211 14.88 -35.98 21.16
N ALA H 212 14.23 -34.91 20.72
CA ALA H 212 13.96 -34.69 19.30
C ALA H 212 14.78 -33.57 18.66
N VAL H 213 15.71 -32.94 19.37
CA VAL H 213 16.46 -31.81 18.82
C VAL H 213 17.91 -32.20 18.55
N GLY H 214 18.16 -33.49 18.30
CA GLY H 214 19.51 -33.94 18.02
C GLY H 214 20.08 -33.43 16.72
N MET H 215 19.40 -33.74 15.61
CA MET H 215 19.93 -33.36 14.30
C MET H 215 20.05 -31.85 14.15
N PRO H 216 19.06 -31.04 14.55
CA PRO H 216 19.24 -29.58 14.45
C PRO H 216 20.48 -29.08 15.19
N VAL H 217 20.68 -29.52 16.42
CA VAL H 217 21.84 -29.07 17.19
C VAL H 217 23.13 -29.51 16.53
N ALA H 218 23.19 -30.77 16.07
CA ALA H 218 24.41 -31.25 15.42
C ALA H 218 24.73 -30.44 14.18
N LEU H 219 23.73 -30.17 13.34
CA LEU H 219 23.97 -29.42 12.11
C LEU H 219 24.37 -27.98 12.42
N TYR H 220 23.73 -27.37 13.42
CA TYR H 220 24.09 -26.01 13.82
C TYR H 220 25.55 -25.94 14.26
N ASN H 221 25.96 -26.89 15.11
CA ASN H 221 27.34 -26.90 15.58
C ASN H 221 28.31 -27.11 14.42
N GLY H 222 27.99 -28.03 13.51
CA GLY H 222 28.86 -28.25 12.37
C GLY H 222 29.04 -27.01 11.52
N LEU H 223 27.93 -26.34 11.22
CA LEU H 223 28.01 -25.14 10.40
C LEU H 223 28.81 -24.04 11.08
N MET H 224 28.62 -23.84 12.38
CA MET H 224 29.40 -22.80 13.07
C MET H 224 30.88 -23.16 13.12
N GLU H 225 31.20 -24.45 13.32
CA GLU H 225 32.60 -24.85 13.30
C GLU H 225 33.23 -24.58 11.94
N ARG H 226 32.50 -24.90 10.86
CA ARG H 226 33.03 -24.58 9.53
C ARG H 226 33.22 -23.08 9.35
N ALA H 227 32.29 -22.27 9.86
CA ALA H 227 32.44 -20.82 9.75
C ALA H 227 33.70 -20.34 10.44
N LEU H 228 33.94 -20.81 11.67
CA LEU H 228 35.15 -20.38 12.39
C LEU H 228 36.41 -20.85 11.67
N GLU H 229 36.40 -22.10 11.19
CA GLU H 229 37.59 -22.61 10.50
C GLU H 229 37.90 -21.79 9.25
N GLN H 230 36.86 -21.43 8.48
CA GLN H 230 37.08 -20.59 7.31
C GLN H 230 37.56 -19.20 7.70
N CYS H 231 37.02 -18.64 8.79
CA CYS H 231 37.45 -17.31 9.21
C CYS H 231 38.94 -17.30 9.57
N ASP H 232 39.41 -18.35 10.22
CA ASP H 232 40.77 -18.36 10.75
C ASP H 232 41.81 -18.89 9.76
N GLY H 233 41.44 -19.19 8.52
CA GLY H 233 42.38 -19.81 7.60
C GLY H 233 42.35 -19.34 6.16
N THR H 234 41.50 -18.37 5.84
CA THR H 234 41.40 -17.89 4.47
C THR H 234 42.36 -16.73 4.26
N PRO H 235 43.24 -16.77 3.25
CA PRO H 235 44.19 -15.66 3.06
C PRO H 235 43.52 -14.30 2.95
N ASN H 236 44.10 -13.30 3.60
CA ASN H 236 43.55 -11.95 3.58
C ASN H 236 44.38 -11.10 2.61
N SER H 237 44.03 -11.22 1.34
CA SER H 237 44.71 -10.49 0.28
C SER H 237 43.67 -9.99 -0.72
N LYS H 238 44.04 -8.97 -1.47
CA LYS H 238 43.13 -8.33 -2.42
C LYS H 238 43.64 -8.30 -3.85
N TRP H 239 44.94 -8.43 -4.09
CA TRP H 239 45.47 -8.41 -5.44
C TRP H 239 46.47 -9.53 -5.64
N PHE H 240 46.43 -10.14 -6.82
CA PHE H 240 47.36 -11.20 -7.21
C PHE H 240 48.08 -10.75 -8.47
N VAL H 241 49.39 -10.52 -8.36
CA VAL H 241 50.19 -9.93 -9.43
C VAL H 241 51.21 -10.96 -9.88
N THR H 242 51.41 -11.07 -11.19
CA THR H 242 52.37 -12.01 -11.77
C THR H 242 53.25 -11.27 -12.76
N ALA H 243 54.50 -11.70 -12.89
CA ALA H 243 55.48 -11.04 -13.74
C ALA H 243 56.27 -12.08 -14.53
N GLY H 244 56.89 -11.62 -15.61
CA GLY H 244 57.68 -12.49 -16.44
C GLY H 244 59.07 -12.72 -15.88
N ARG H 245 59.82 -13.60 -16.56
CA ARG H 245 61.16 -13.95 -16.10
C ARG H 245 62.21 -12.95 -16.56
N ASP H 246 61.91 -12.17 -17.60
CA ASP H 246 62.91 -11.27 -18.16
C ASP H 246 62.95 -9.94 -17.41
N ILE H 247 63.14 -10.00 -16.09
CA ILE H 247 63.26 -8.82 -15.25
C ILE H 247 64.48 -9.00 -14.37
N GLY H 248 65.30 -7.96 -14.27
CA GLY H 248 66.57 -8.04 -13.59
C GLY H 248 66.42 -8.35 -12.10
N GLU H 249 67.57 -8.34 -11.43
CA GLU H 249 67.63 -8.64 -10.01
C GLU H 249 67.21 -7.45 -9.15
N VAL H 250 67.14 -6.25 -9.73
CA VAL H 250 66.88 -5.02 -8.98
C VAL H 250 65.57 -4.39 -9.44
N GLN H 251 65.32 -4.44 -10.75
CA GLN H 251 64.07 -3.89 -11.28
C GLN H 251 62.86 -4.58 -10.67
N SER H 252 62.99 -5.87 -10.34
CA SER H 252 61.89 -6.58 -9.68
C SER H 252 61.58 -5.97 -8.33
N LYS H 253 62.60 -5.65 -7.53
CA LYS H 253 62.36 -4.97 -6.26
C LYS H 253 61.80 -3.58 -6.49
N GLU H 254 62.29 -2.88 -7.52
CA GLU H 254 61.79 -1.54 -7.81
C GLU H 254 60.31 -1.55 -8.11
N ILE H 255 59.84 -2.54 -8.88
CA ILE H 255 58.41 -2.61 -9.21
C ILE H 255 57.57 -2.70 -7.95
N LYS H 256 57.92 -3.63 -7.06
CA LYS H 256 57.12 -3.82 -5.85
C LYS H 256 57.20 -2.61 -4.94
N ASP H 257 58.38 -1.99 -4.84
CA ASP H 257 58.50 -0.79 -4.02
C ASP H 257 57.63 0.32 -4.60
N GLY H 258 57.53 0.40 -5.93
CA GLY H 258 56.64 1.37 -6.54
C GLY H 258 55.18 1.11 -6.25
N ILE H 259 54.78 -0.16 -6.28
CA ILE H 259 53.40 -0.50 -5.95
C ILE H 259 53.12 -0.26 -4.47
N ASP H 260 54.09 -0.58 -3.61
CA ASP H 260 53.89 -0.43 -2.18
C ASP H 260 53.73 1.03 -1.77
N ASP H 261 54.35 1.94 -2.51
CA ASP H 261 54.29 3.37 -2.16
C ASP H 261 52.89 3.94 -2.34
N THR H 262 51.99 3.22 -2.99
CA THR H 262 50.61 3.67 -3.16
C THR H 262 49.71 3.26 -2.01
N LYS H 263 50.27 2.62 -0.98
CA LYS H 263 49.48 2.31 0.21
C LYS H 263 49.08 3.60 0.91
N PRO H 264 48.04 3.56 1.75
CA PRO H 264 47.72 4.73 2.55
C PRO H 264 48.90 5.15 3.40
N GLY H 265 49.17 6.46 3.42
CA GLY H 265 50.31 6.99 4.12
C GLY H 265 51.62 6.91 3.39
N GLY H 266 51.63 6.37 2.18
CA GLY H 266 52.86 6.28 1.41
C GLY H 266 53.21 7.58 0.73
N ASP H 267 54.35 7.55 0.04
CA ASP H 267 54.81 8.74 -0.68
C ASP H 267 54.03 9.02 -1.95
N SER H 268 53.36 8.00 -2.50
CA SER H 268 52.61 8.13 -3.74
C SER H 268 51.17 7.63 -3.58
N ALA H 269 50.61 7.78 -2.38
CA ALA H 269 49.25 7.30 -2.14
C ALA H 269 48.26 7.99 -3.06
N GLY H 270 47.38 7.20 -3.67
CA GLY H 270 46.32 7.72 -4.50
C GLY H 270 46.68 7.96 -5.96
N GLU H 271 47.93 7.77 -6.34
CA GLU H 271 48.37 8.03 -7.71
C GLU H 271 48.22 6.78 -8.57
N ILE H 272 48.51 6.95 -9.86
CA ILE H 272 48.43 5.82 -10.79
C ILE H 272 49.72 5.01 -10.73
N ILE H 273 49.67 3.82 -11.31
CA ILE H 273 50.82 2.92 -11.39
C ILE H 273 51.23 2.84 -12.85
N PHE H 274 52.47 3.24 -13.15
CA PHE H 274 52.99 3.28 -14.50
C PHE H 274 54.20 2.36 -14.58
N VAL H 275 54.04 1.21 -15.24
CA VAL H 275 55.10 0.22 -15.39
C VAL H 275 55.56 0.24 -16.84
N PHE H 276 56.88 0.32 -17.04
CA PHE H 276 57.48 0.50 -18.35
C PHE H 276 58.27 -0.74 -18.74
N GLY H 277 57.82 -1.40 -19.81
CA GLY H 277 58.62 -2.43 -20.46
C GLY H 277 58.47 -3.84 -19.91
N GLU H 278 57.49 -4.10 -19.06
CA GLU H 278 57.22 -5.45 -18.57
C GLU H 278 55.74 -5.76 -18.71
N ASP H 279 55.43 -7.04 -18.93
CA ASP H 279 54.05 -7.49 -19.07
C ASP H 279 53.58 -8.06 -17.73
N VAL H 280 53.23 -7.15 -16.82
CA VAL H 280 52.71 -7.54 -15.52
C VAL H 280 51.21 -7.76 -15.64
N LYS H 281 50.73 -8.83 -14.99
CA LYS H 281 49.31 -9.16 -14.97
C LYS H 281 48.76 -8.87 -13.58
N LEU H 282 47.46 -8.61 -13.51
CA LEU H 282 46.83 -8.18 -12.27
C LEU H 282 45.40 -8.72 -12.22
N GLN H 283 45.10 -9.45 -11.15
CA GLN H 283 43.79 -10.06 -10.96
C GLN H 283 43.27 -9.69 -9.59
N GLU H 284 41.98 -9.37 -9.52
CA GLU H 284 41.36 -9.06 -8.23
C GLU H 284 41.00 -10.35 -7.51
N ILE H 285 41.11 -10.32 -6.18
CA ILE H 285 40.79 -11.48 -5.34
C ILE H 285 39.56 -11.09 -4.54
N LYS H 286 38.39 -11.52 -5.01
CA LYS H 286 37.12 -11.23 -4.34
C LYS H 286 36.86 -12.31 -3.30
N ASN H 287 37.22 -12.02 -2.06
CA ASN H 287 36.93 -12.92 -0.94
C ASN H 287 35.53 -12.61 -0.43
N ASP H 288 34.56 -13.43 -0.81
CA ASP H 288 33.17 -13.23 -0.45
C ASP H 288 32.85 -14.06 0.78
N LEU H 289 32.83 -13.41 1.94
CA LEU H 289 32.51 -14.07 3.20
C LEU H 289 31.09 -13.74 3.67
N SER H 290 30.25 -13.17 2.80
CA SER H 290 28.90 -12.80 3.18
C SER H 290 28.04 -14.01 3.56
N ASP H 291 28.40 -15.21 3.09
CA ASP H 291 27.69 -16.44 3.43
C ASP H 291 28.63 -17.42 4.12
N ILE H 292 29.49 -16.91 5.00
CA ILE H 292 30.43 -17.77 5.70
C ILE H 292 29.71 -18.73 6.63
N HIS H 293 28.61 -18.30 7.24
CA HIS H 293 27.95 -19.05 8.28
C HIS H 293 26.70 -19.79 7.83
N SER H 294 26.41 -19.81 6.53
CA SER H 294 25.26 -20.54 5.99
C SER H 294 23.96 -20.06 6.64
N LYS H 295 23.63 -18.80 6.34
CA LYS H 295 22.57 -18.10 7.04
C LYS H 295 21.26 -18.90 7.06
N ILE H 296 20.82 -19.39 5.91
CA ILE H 296 19.47 -19.96 5.81
C ILE H 296 19.33 -21.23 6.64
N PRO H 297 20.14 -22.28 6.43
CA PRO H 297 20.00 -23.47 7.30
C PRO H 297 20.28 -23.16 8.76
N LEU H 298 21.21 -22.25 9.05
CA LEU H 298 21.51 -21.93 10.44
C LEU H 298 20.33 -21.28 11.13
N ASP H 299 19.54 -20.49 10.39
CA ASP H 299 18.33 -19.92 10.95
C ASP H 299 17.23 -20.97 11.06
N ASP H 300 17.13 -21.88 10.08
CA ASP H 300 16.11 -22.91 10.13
C ASP H 300 16.30 -23.83 11.34
N GLN H 301 17.55 -24.21 11.63
CA GLN H 301 17.79 -25.05 12.80
C GLN H 301 17.40 -24.35 14.09
N ALA H 302 17.71 -23.06 14.20
CA ALA H 302 17.32 -22.31 15.38
C ALA H 302 15.80 -22.25 15.51
N ARG H 303 15.11 -22.03 14.38
CA ARG H 303 13.65 -22.02 14.42
C ARG H 303 13.11 -23.35 14.91
N THR H 304 13.66 -24.46 14.40
CA THR H 304 13.17 -25.77 14.83
C THR H 304 13.43 -26.01 16.31
N ILE H 305 14.63 -25.66 16.79
CA ILE H 305 14.95 -25.86 18.20
C ILE H 305 14.03 -25.05 19.08
N ALA H 306 13.78 -23.78 18.70
CA ALA H 306 12.87 -22.95 19.47
C ALA H 306 11.45 -23.53 19.44
N GLY H 307 11.02 -24.04 18.29
CA GLY H 307 9.68 -24.58 18.19
C GLY H 307 9.45 -25.80 19.06
N ASN H 308 10.41 -26.73 19.06
CA ASN H 308 10.24 -27.94 19.86
C ASN H 308 10.02 -27.63 21.33
N PHE H 309 10.64 -26.55 21.83
CA PHE H 309 10.45 -26.16 23.23
C PHE H 309 9.14 -25.42 23.47
N GLY H 310 8.39 -25.10 22.42
CA GLY H 310 7.13 -24.38 22.59
C GLY H 310 7.32 -22.94 23.00
N ILE H 311 8.29 -22.24 22.43
CA ILE H 311 8.55 -20.84 22.70
C ILE H 311 8.43 -20.08 21.38
N PRO H 312 7.50 -19.13 21.25
CA PRO H 312 7.45 -18.34 20.02
C PRO H 312 8.79 -17.65 19.77
N ILE H 313 9.26 -17.72 18.53
CA ILE H 313 10.61 -17.24 18.22
C ILE H 313 10.72 -15.74 18.43
N ALA H 314 9.59 -15.02 18.35
CA ALA H 314 9.63 -13.57 18.56
C ALA H 314 10.10 -13.23 19.96
N LEU H 315 9.64 -13.97 20.97
CA LEU H 315 10.03 -13.70 22.35
C LEU H 315 11.50 -14.00 22.62
N LEU H 316 12.06 -15.03 21.99
CA LEU H 316 13.45 -15.39 22.25
C LEU H 316 14.39 -14.25 21.87
N GLY H 317 14.13 -13.58 20.75
CA GLY H 317 14.99 -12.53 20.24
C GLY H 317 15.53 -12.77 18.85
N PHE H 318 15.51 -14.00 18.37
CA PHE H 318 15.98 -14.29 17.02
C PHE H 318 14.95 -13.80 16.00
N ALA H 319 15.44 -13.28 14.88
CA ALA H 319 14.57 -12.64 13.90
C ALA H 319 13.80 -13.67 13.08
N ALA H 320 12.67 -13.22 12.53
CA ALA H 320 11.89 -14.02 11.60
C ALA H 320 11.27 -13.07 10.58
N ALA H 321 10.95 -13.63 9.41
CA ALA H 321 10.54 -12.80 8.28
C ALA H 321 9.03 -12.57 8.22
N ASP H 322 8.25 -13.20 9.10
CA ASP H 322 6.79 -13.11 9.05
C ASP H 322 6.18 -12.72 10.39
N GLY H 323 6.72 -11.71 11.07
CA GLY H 323 6.21 -11.36 12.39
C GLY H 323 4.78 -10.87 12.37
N SER H 324 4.47 -9.94 11.45
CA SER H 324 3.16 -9.34 11.42
C SER H 324 2.11 -10.21 10.73
N LYS H 325 2.53 -11.20 9.93
CA LYS H 325 1.57 -12.03 9.23
C LYS H 325 0.76 -12.92 10.17
N PHE H 326 1.31 -13.26 11.34
CA PHE H 326 0.61 -14.07 12.33
C PHE H 326 0.30 -13.30 13.60
N ALA H 327 1.30 -12.73 14.25
CA ALA H 327 1.12 -12.01 15.50
C ALA H 327 1.01 -10.52 15.20
N SER H 328 -0.15 -9.94 15.50
CA SER H 328 -0.35 -8.52 15.25
C SER H 328 0.60 -7.66 16.07
N ASN H 329 0.80 -8.00 17.34
CA ASN H 329 1.61 -7.18 18.23
C ASN H 329 2.56 -8.11 19.00
N TYR H 330 3.32 -7.53 19.93
CA TYR H 330 4.19 -8.30 20.80
C TYR H 330 3.44 -8.81 22.03
N ASP H 331 2.49 -8.02 22.51
CA ASP H 331 1.76 -8.39 23.72
C ASP H 331 0.94 -9.66 23.53
N GLU H 332 0.34 -9.83 22.35
CA GLU H 332 -0.42 -11.05 22.10
C GLU H 332 0.49 -12.27 22.15
N SER H 333 1.68 -12.18 21.58
CA SER H 333 2.63 -13.29 21.67
C SER H 333 3.03 -13.54 23.12
N ARG H 334 3.28 -12.48 23.88
CA ARG H 334 3.66 -12.66 25.28
C ARG H 334 2.55 -13.37 26.06
N LYS H 335 1.30 -12.98 25.81
CA LYS H 335 0.17 -13.60 26.51
C LYS H 335 -0.01 -15.05 26.08
N ALA H 336 0.06 -15.31 24.77
CA ALA H 336 -0.17 -16.65 24.25
C ALA H 336 0.90 -17.61 24.74
N PHE H 337 2.18 -17.19 24.74
CA PHE H 337 3.23 -18.07 25.25
C PHE H 337 2.90 -18.54 26.66
N PHE H 338 2.61 -17.60 27.56
CA PHE H 338 2.22 -17.98 28.91
C PHE H 338 1.07 -18.96 28.87
N GLU H 339 -0.08 -18.53 28.34
CA GLU H 339 -1.31 -19.31 28.50
C GLU H 339 -1.23 -20.68 27.85
N ASP H 340 -0.39 -20.85 26.82
CA ASP H 340 -0.36 -22.10 26.09
C ASP H 340 0.77 -23.03 26.50
N THR H 341 1.86 -22.51 27.07
CA THR H 341 2.99 -23.35 27.44
C THR H 341 3.22 -23.36 28.95
N ILE H 342 3.27 -22.20 29.59
CA ILE H 342 3.70 -22.16 30.99
C ILE H 342 2.63 -22.75 31.89
N GLU H 343 1.36 -22.43 31.62
CA GLU H 343 0.29 -22.86 32.51
C GLU H 343 0.08 -24.37 32.47
N PRO H 344 -0.13 -25.00 31.31
CA PRO H 344 -0.41 -26.45 31.30
C PRO H 344 0.85 -27.29 31.39
N GLY H 345 1.99 -26.73 31.01
CA GLY H 345 3.20 -27.52 30.90
C GLY H 345 4.01 -27.60 32.17
N TYR H 346 4.15 -26.49 32.89
CA TYR H 346 5.08 -26.42 34.01
C TYR H 346 4.39 -26.15 35.34
N LEU H 347 3.49 -25.16 35.38
CA LEU H 347 2.85 -24.81 36.65
C LEU H 347 2.00 -25.96 37.16
N THR H 348 1.20 -26.57 36.29
CA THR H 348 0.27 -27.61 36.74
C THR H 348 0.98 -28.83 37.32
N PRO H 349 2.01 -29.39 36.69
CA PRO H 349 2.70 -30.53 37.32
C PRO H 349 3.24 -30.23 38.70
N MET H 350 3.96 -29.12 38.87
CA MET H 350 4.51 -28.78 40.18
C MET H 350 3.40 -28.58 41.19
N GLU H 351 2.35 -27.85 40.80
CA GLU H 351 1.21 -27.62 41.69
C GLU H 351 0.63 -28.94 42.17
N ASP H 352 0.32 -29.84 41.24
CA ASP H 352 -0.31 -31.10 41.60
C ASP H 352 0.60 -31.95 42.46
N GLY H 353 1.89 -32.02 42.12
CA GLY H 353 2.80 -32.86 42.89
C GLY H 353 2.97 -32.36 44.31
N PHE H 354 3.17 -31.05 44.47
CA PHE H 354 3.31 -30.50 45.81
C PHE H 354 2.03 -30.67 46.62
N SER H 355 0.87 -30.45 45.98
CA SER H 355 -0.38 -30.66 46.68
C SER H 355 -0.56 -32.11 47.11
N MET H 356 -0.10 -33.05 46.28
CA MET H 356 -0.22 -34.46 46.61
C MET H 356 0.71 -34.88 47.74
N PHE H 357 1.94 -34.35 47.78
CA PHE H 357 2.96 -34.86 48.68
C PHE H 357 3.29 -33.96 49.86
N LEU H 358 2.65 -32.80 50.00
CA LEU H 358 2.91 -31.95 51.16
C LEU H 358 1.65 -31.65 51.96
N CYS H 359 0.54 -31.36 51.29
CA CYS H 359 -0.66 -30.92 51.97
C CYS H 359 -1.61 -32.09 52.22
N ALA H 360 -2.29 -32.04 53.36
CA ALA H 360 -3.29 -33.04 53.68
C ALA H 360 -4.54 -32.83 52.83
N PRO H 361 -5.39 -33.85 52.70
CA PRO H 361 -6.61 -33.68 51.90
C PRO H 361 -7.46 -32.53 52.42
N GLY H 362 -8.15 -31.86 51.50
CA GLY H 362 -8.90 -30.67 51.81
C GLY H 362 -8.14 -29.38 51.64
N SER H 363 -6.85 -29.43 51.34
CA SER H 363 -6.04 -28.25 51.10
C SER H 363 -5.25 -28.46 49.81
N ARG H 364 -4.70 -27.36 49.30
CA ARG H 364 -4.01 -27.40 48.02
C ARG H 364 -3.02 -26.25 47.93
N VAL H 365 -2.00 -26.43 47.11
CA VAL H 365 -1.07 -25.38 46.75
C VAL H 365 -1.53 -24.77 45.44
N ILE H 366 -1.64 -23.44 45.40
CA ILE H 366 -2.27 -22.74 44.28
C ILE H 366 -1.32 -21.67 43.78
N PHE H 367 -1.10 -21.65 42.47
CA PHE H 367 -0.36 -20.56 41.84
C PHE H 367 -1.28 -19.36 41.61
N ASP H 368 -0.72 -18.16 41.73
CA ASP H 368 -1.48 -16.93 41.50
C ASP H 368 -1.35 -16.54 40.02
N ARG H 369 -2.18 -17.18 39.20
CA ARG H 369 -2.10 -17.01 37.76
C ARG H 369 -2.62 -15.67 37.28
N ASP H 370 -3.39 -14.96 38.10
CA ASP H 370 -4.06 -13.75 37.65
C ASP H 370 -3.34 -12.43 37.96
N SER H 371 -2.16 -12.48 38.61
CA SER H 371 -1.40 -11.28 38.89
C SER H 371 -0.21 -11.09 37.96
N ILE H 372 -0.11 -11.88 36.89
CA ILE H 372 1.02 -11.79 35.98
C ILE H 372 0.95 -10.46 35.23
N PRO H 373 2.06 -9.73 35.08
CA PRO H 373 1.99 -8.46 34.34
C PRO H 373 1.45 -8.60 32.93
N ALA H 374 1.76 -9.71 32.25
CA ALA H 374 1.34 -9.87 30.86
C ALA H 374 -0.17 -9.85 30.69
N LEU H 375 -0.94 -10.17 31.74
CA LEU H 375 -2.38 -10.25 31.64
C LEU H 375 -3.11 -9.11 32.36
N LYS H 376 -2.40 -8.07 32.79
CA LYS H 376 -3.05 -7.01 33.55
C LYS H 376 -4.07 -6.26 32.70
N LYS H 377 -3.72 -5.93 31.45
CA LYS H 377 -4.64 -5.19 30.60
C LYS H 377 -5.85 -6.04 30.23
N SER H 378 -5.61 -7.32 29.88
CA SER H 378 -6.70 -8.18 29.44
C SER H 378 -7.73 -8.38 30.53
N ARG H 379 -7.28 -8.60 31.77
CA ARG H 379 -8.22 -8.83 32.86
C ARG H 379 -9.13 -7.62 33.05
N ALA H 380 -8.56 -6.41 33.04
CA ALA H 380 -9.37 -5.21 33.19
C ALA H 380 -10.34 -5.06 32.02
N ASP H 381 -9.86 -5.31 30.80
CA ASP H 381 -10.72 -5.15 29.63
C ASP H 381 -11.92 -6.09 29.70
N ILE H 382 -11.69 -7.35 30.08
CA ILE H 382 -12.80 -8.30 30.18
C ILE H 382 -13.71 -7.95 31.35
N ALA H 383 -13.12 -7.53 32.47
CA ALA H 383 -13.94 -7.21 33.64
C ALA H 383 -14.88 -6.04 33.34
N ALA H 384 -14.40 -5.05 32.58
CA ALA H 384 -15.24 -3.91 32.24
C ALA H 384 -16.43 -4.29 31.38
N VAL H 385 -16.42 -5.48 30.78
CA VAL H 385 -17.54 -5.91 29.94
C VAL H 385 -18.63 -6.59 30.76
N TYR H 386 -18.25 -7.47 31.70
CA TYR H 386 -19.25 -8.12 32.54
C TYR H 386 -20.00 -7.12 33.40
N GLU H 387 -19.48 -5.90 33.57
CA GLU H 387 -20.18 -4.90 34.36
C GLU H 387 -21.52 -4.54 33.73
N LYS H 388 -21.66 -4.72 32.42
CA LYS H 388 -22.92 -4.40 31.75
C LYS H 388 -23.92 -5.54 31.83
N VAL H 389 -23.45 -6.78 31.81
CA VAL H 389 -24.36 -7.92 31.89
C VAL H 389 -25.10 -7.89 33.23
N THR H 390 -26.37 -8.29 33.20
CA THR H 390 -27.21 -8.23 34.40
C THR H 390 -27.92 -9.54 34.71
N PHE H 391 -27.92 -10.52 33.80
CA PHE H 391 -28.52 -11.82 34.10
C PHE H 391 -27.57 -12.76 34.82
N ILE H 392 -26.53 -12.22 35.43
CA ILE H 392 -25.54 -13.00 36.18
C ILE H 392 -25.39 -12.37 37.55
N ASP H 393 -25.25 -13.20 38.57
CA ASP H 393 -25.07 -12.71 39.92
C ASP H 393 -23.71 -12.06 40.09
N GLU H 394 -23.60 -11.21 41.12
CA GLU H 394 -22.32 -10.56 41.40
C GLU H 394 -21.26 -11.59 41.76
N ASN H 395 -21.63 -12.62 42.52
CA ASN H 395 -20.68 -13.66 42.89
C ASN H 395 -20.16 -14.37 41.64
N GLU H 396 -21.04 -14.66 40.69
CA GLU H 396 -20.61 -15.31 39.46
C GLU H 396 -19.66 -14.41 38.67
N LYS H 397 -19.96 -13.11 38.61
CA LYS H 397 -19.06 -12.17 37.93
C LYS H 397 -17.68 -12.18 38.59
N ARG H 398 -17.65 -12.16 39.92
CA ARG H 398 -16.36 -12.21 40.62
C ARG H 398 -15.63 -13.51 40.32
N GLU H 399 -16.36 -14.63 40.31
CA GLU H 399 -15.74 -15.92 40.11
C GLU H 399 -15.13 -16.04 38.71
N VAL H 400 -15.87 -15.61 37.69
CA VAL H 400 -15.40 -15.78 36.33
C VAL H 400 -14.15 -14.94 36.05
N THR H 401 -13.96 -13.84 36.76
CA THR H 401 -12.80 -12.97 36.56
C THR H 401 -11.66 -13.28 37.50
N GLY H 402 -11.77 -14.32 38.33
CA GLY H 402 -10.69 -14.74 39.20
C GLY H 402 -10.75 -14.20 40.60
N TRP H 403 -11.75 -13.40 40.94
CA TRP H 403 -11.82 -12.83 42.28
C TRP H 403 -12.48 -13.81 43.25
N PRO H 404 -12.11 -13.80 44.52
CA PRO H 404 -12.72 -14.71 45.48
C PRO H 404 -14.14 -14.28 45.83
N LYS H 405 -14.89 -15.24 46.36
CA LYS H 405 -16.28 -14.99 46.77
C LYS H 405 -16.31 -14.13 48.03
N LYS H 406 -17.30 -13.25 48.10
CA LYS H 406 -17.50 -12.41 49.28
C LYS H 406 -18.03 -13.24 50.45
N PRO I 17 -28.59 -61.26 22.33
CA PRO I 17 -27.22 -61.76 22.39
C PRO I 17 -26.69 -62.22 21.03
N SER I 18 -27.51 -63.00 20.32
CA SER I 18 -27.15 -63.49 19.00
C SER I 18 -27.63 -62.58 17.87
N ALA I 19 -28.23 -61.43 18.19
CA ALA I 19 -28.83 -60.60 17.17
C ALA I 19 -27.83 -59.68 16.49
N ASN I 20 -26.76 -59.29 17.18
CA ASN I 20 -25.88 -58.28 16.61
C ASN I 20 -25.21 -58.80 15.33
N PRO I 21 -25.06 -57.96 14.30
CA PRO I 21 -24.41 -58.44 13.07
C PRO I 21 -22.92 -58.72 13.24
N ALA I 22 -22.32 -58.34 14.37
CA ALA I 22 -20.88 -58.50 14.54
C ALA I 22 -20.43 -59.95 14.46
N LYS I 23 -21.34 -60.91 14.63
CA LYS I 23 -20.96 -62.31 14.58
C LYS I 23 -20.44 -62.73 13.21
N ILE I 24 -20.68 -61.91 12.17
CA ILE I 24 -20.24 -62.26 10.83
C ILE I 24 -18.72 -62.40 10.76
N PHE I 25 -18.00 -61.54 11.47
CA PHE I 25 -16.55 -61.45 11.32
C PHE I 25 -15.79 -62.40 12.24
N ILE I 26 -16.20 -62.47 13.51
CA ILE I 26 -15.36 -63.12 14.52
C ILE I 26 -15.31 -64.62 14.33
N ARG I 27 -16.18 -65.18 13.49
CA ARG I 27 -16.01 -66.59 13.10
C ARG I 27 -14.82 -66.73 12.15
N ARG I 28 -14.51 -65.69 11.40
CA ARG I 28 -13.45 -65.71 10.40
C ARG I 28 -12.13 -65.20 10.95
N LEU I 29 -12.14 -63.98 11.49
CA LEU I 29 -10.90 -63.29 11.86
C LEU I 29 -10.39 -63.66 13.24
N PHE I 30 -11.28 -63.89 14.21
CA PHE I 30 -10.88 -64.03 15.62
C PHE I 30 -11.53 -65.30 16.18
N ASN I 31 -10.79 -66.41 16.13
CA ASN I 31 -11.31 -67.67 16.64
C ASN I 31 -11.66 -67.54 18.12
N SER I 32 -12.73 -68.23 18.52
CA SER I 32 -13.17 -68.19 19.91
C SER I 32 -12.13 -68.82 20.83
N GLY I 33 -11.87 -68.14 21.95
CA GLY I 33 -11.03 -68.68 22.99
C GLY I 33 -9.55 -68.38 22.86
N ILE I 34 -9.12 -67.71 21.79
CA ILE I 34 -7.72 -67.37 21.58
C ILE I 34 -7.59 -65.86 21.55
N ALA I 35 -6.65 -65.33 22.35
CA ALA I 35 -6.45 -63.89 22.43
C ALA I 35 -5.71 -63.39 21.20
N LYS I 36 -5.92 -62.11 20.87
CA LYS I 36 -5.25 -61.47 19.75
C LYS I 36 -4.76 -60.09 20.16
N SER I 37 -3.69 -59.64 19.51
CA SER I 37 -3.14 -58.33 19.81
C SER I 37 -4.10 -57.22 19.36
N VAL I 38 -4.16 -56.14 20.15
CA VAL I 38 -5.04 -55.04 19.82
C VAL I 38 -4.53 -54.28 18.60
N VAL I 39 -3.21 -54.09 18.50
CA VAL I 39 -2.61 -53.34 17.40
C VAL I 39 -1.44 -54.14 16.84
N SER I 40 -1.22 -53.99 15.53
CA SER I 40 -0.16 -54.72 14.87
C SER I 40 1.20 -54.17 15.27
N TYR I 41 2.25 -54.98 15.01
CA TYR I 41 3.59 -54.61 15.41
C TYR I 41 4.08 -53.36 14.70
N SER I 42 3.77 -53.23 13.41
CA SER I 42 4.22 -52.06 12.65
C SER I 42 3.70 -50.77 13.24
N ASN I 43 2.45 -50.75 13.70
CA ASN I 43 1.91 -49.55 14.33
C ASN I 43 2.69 -49.22 15.59
N VAL I 44 3.04 -50.23 16.39
CA VAL I 44 3.80 -49.99 17.61
C VAL I 44 5.16 -49.40 17.28
N MET I 45 5.84 -49.93 16.26
CA MET I 45 7.13 -49.37 15.86
C MET I 45 6.97 -47.94 15.36
N ALA I 46 5.93 -47.67 14.58
CA ALA I 46 5.71 -46.31 14.11
C ALA I 46 5.49 -45.35 15.26
N ALA I 47 4.71 -45.76 16.27
CA ALA I 47 4.48 -44.92 17.43
C ALA I 47 5.76 -44.71 18.22
N ALA I 48 6.58 -45.74 18.37
CA ALA I 48 7.79 -45.63 19.16
C ALA I 48 8.75 -44.62 18.56
N ARG I 49 8.91 -44.62 17.24
CA ARG I 49 9.82 -43.69 16.58
C ARG I 49 9.20 -42.30 16.39
N ALA I 50 7.88 -42.18 16.53
CA ALA I 50 7.25 -40.88 16.38
C ALA I 50 7.68 -39.92 17.49
N MET I 51 7.83 -40.43 18.71
CA MET I 51 8.15 -39.57 19.85
C MET I 51 9.56 -39.00 19.77
N GLU I 52 10.39 -39.49 18.87
CA GLU I 52 11.76 -38.98 18.70
C GLU I 52 11.93 -38.20 17.40
N HIS I 53 10.84 -37.75 16.78
CA HIS I 53 10.89 -37.04 15.53
C HIS I 53 10.70 -35.56 15.77
N PRO I 54 11.52 -34.69 15.16
CA PRO I 54 11.43 -33.25 15.49
C PRO I 54 10.12 -32.58 15.08
N VAL I 55 9.22 -33.29 14.40
CA VAL I 55 7.95 -32.73 13.94
C VAL I 55 6.77 -33.43 14.62
N VAL I 56 6.75 -34.76 14.58
CA VAL I 56 5.60 -35.49 15.13
C VAL I 56 5.52 -35.36 16.64
N PHE I 57 6.67 -35.34 17.31
CA PHE I 57 6.68 -35.20 18.77
C PHE I 57 6.03 -33.89 19.19
N ARG I 58 6.32 -32.80 18.45
CA ARG I 58 5.73 -31.52 18.78
C ARG I 58 4.21 -31.56 18.67
N CYS I 59 3.68 -32.18 17.61
CA CYS I 59 2.24 -32.27 17.46
C CYS I 59 1.61 -33.09 18.58
N LEU I 60 2.23 -34.23 18.90
CA LEU I 60 1.69 -35.07 19.97
C LEU I 60 1.70 -34.34 21.30
N ASP I 61 2.80 -33.65 21.61
CA ASP I 61 2.87 -32.89 22.86
C ASP I 61 1.85 -31.77 22.89
N LYS I 62 1.67 -31.07 21.76
CA LYS I 62 0.68 -30.01 21.71
C LYS I 62 -0.72 -30.54 22.01
N LEU I 63 -1.10 -31.63 21.34
CA LEU I 63 -2.42 -32.20 21.59
C LEU I 63 -2.57 -32.65 23.03
N GLY I 64 -1.53 -33.31 23.57
CA GLY I 64 -1.61 -33.79 24.94
C GLY I 64 -1.79 -32.66 25.93
N LEU I 65 -0.98 -31.61 25.81
CA LEU I 65 -1.10 -30.48 26.73
C LEU I 65 -2.45 -29.79 26.60
N THR I 66 -2.91 -29.58 25.36
CA THR I 66 -4.18 -28.88 25.17
C THR I 66 -5.33 -29.66 25.78
N VAL I 67 -5.35 -30.98 25.59
CA VAL I 67 -6.41 -31.79 26.21
C VAL I 67 -6.22 -31.84 27.71
N GLN I 68 -4.98 -31.76 28.19
CA GLN I 68 -4.72 -31.80 29.63
C GLN I 68 -5.27 -30.56 30.33
N SER I 69 -5.19 -29.40 29.68
CA SER I 69 -5.57 -28.17 30.34
C SER I 69 -7.05 -28.12 30.72
N VAL I 70 -7.88 -28.99 30.16
CA VAL I 70 -9.32 -28.95 30.40
C VAL I 70 -9.66 -29.86 31.57
N LYS I 71 -10.60 -29.41 32.41
CA LYS I 71 -11.04 -30.18 33.57
C LYS I 71 -12.35 -30.89 33.26
N TRP I 72 -12.80 -31.72 34.21
CA TRP I 72 -14.15 -32.25 34.18
C TRP I 72 -14.70 -32.34 35.60
N TYR I 73 -15.92 -32.87 35.70
CA TYR I 73 -16.58 -33.09 36.98
C TYR I 73 -17.72 -34.07 36.74
N VAL I 74 -18.29 -34.55 37.85
CA VAL I 74 -19.41 -35.48 37.79
C VAL I 74 -20.70 -34.69 37.95
N GLY I 75 -21.55 -34.72 36.94
CA GLY I 75 -22.79 -33.97 36.93
C GLY I 75 -24.01 -34.85 36.69
N ALA I 76 -25.14 -34.18 36.53
CA ALA I 76 -26.41 -34.86 36.29
C ALA I 76 -26.74 -34.88 34.81
N ASP I 77 -27.45 -35.92 34.39
CA ASP I 77 -27.82 -36.05 32.99
C ASP I 77 -29.06 -35.21 32.67
N PRO I 78 -28.97 -34.24 31.75
CA PRO I 78 -30.17 -33.45 31.41
C PRO I 78 -31.29 -34.25 30.79
N ASP I 79 -30.99 -35.35 30.08
CA ASP I 79 -31.97 -36.05 29.27
C ASP I 79 -32.68 -37.18 30.00
N ILE I 80 -31.95 -38.00 30.75
CA ILE I 80 -32.51 -39.15 31.45
C ILE I 80 -32.34 -38.94 32.95
N SER I 81 -33.41 -39.19 33.70
CA SER I 81 -33.42 -38.91 35.13
C SER I 81 -34.15 -40.03 35.86
N GLY I 82 -33.93 -40.09 37.17
CA GLY I 82 -34.59 -41.02 38.05
C GLY I 82 -33.66 -42.05 38.67
N THR I 83 -32.73 -42.60 37.90
CA THR I 83 -31.80 -43.61 38.39
C THR I 83 -30.45 -43.04 38.77
N GLY I 84 -30.29 -41.73 38.79
CA GLY I 84 -29.00 -41.12 39.02
C GLY I 84 -28.46 -41.40 40.42
N MET I 85 -27.14 -41.32 40.52
CA MET I 85 -26.47 -41.51 41.80
C MET I 85 -26.80 -40.35 42.74
N SER I 86 -26.77 -40.63 44.04
CA SER I 86 -26.99 -39.58 45.02
C SER I 86 -25.83 -38.59 45.02
N ALA I 87 -26.00 -37.50 45.78
CA ALA I 87 -24.93 -36.51 45.87
C ALA I 87 -23.68 -37.11 46.53
N LYS I 88 -23.86 -37.93 47.56
CA LYS I 88 -22.72 -38.53 48.24
C LYS I 88 -21.90 -39.39 47.28
N GLU I 89 -22.57 -40.22 46.49
CA GLU I 89 -21.85 -41.06 45.54
C GLU I 89 -21.16 -40.24 44.46
N ARG I 90 -21.80 -39.17 44.00
CA ARG I 90 -21.18 -38.30 43.01
C ARG I 90 -19.91 -37.67 43.58
N LYS I 91 -19.97 -37.18 44.82
CA LYS I 91 -18.78 -36.62 45.44
C LYS I 91 -17.71 -37.67 45.68
N ALA I 92 -18.09 -38.90 46.00
CA ALA I 92 -17.11 -39.96 46.18
C ALA I 92 -16.39 -40.26 44.88
N LEU I 93 -17.13 -40.34 43.78
CA LEU I 93 -16.49 -40.57 42.48
C LEU I 93 -15.64 -39.37 42.07
N GLN I 94 -16.03 -38.18 42.52
CA GLN I 94 -15.25 -36.98 42.20
C GLN I 94 -13.83 -37.11 42.70
N GLN I 95 -13.65 -37.63 43.92
CA GLN I 95 -12.30 -37.76 44.48
C GLN I 95 -11.44 -38.68 43.63
N VAL I 96 -11.99 -39.83 43.20
CA VAL I 96 -11.24 -40.73 42.35
C VAL I 96 -10.91 -40.06 41.03
N LEU I 97 -11.85 -39.26 40.51
CA LEU I 97 -11.61 -38.57 39.24
C LEU I 97 -10.50 -37.53 39.32
N ASN I 98 -10.10 -37.11 40.52
CA ASN I 98 -9.03 -36.13 40.69
C ASN I 98 -7.68 -36.78 41.00
N ARG I 99 -7.66 -37.83 41.83
CA ARG I 99 -6.45 -38.56 42.16
C ARG I 99 -6.71 -40.04 41.89
N PRO I 100 -6.57 -40.48 40.64
CA PRO I 100 -6.91 -41.86 40.30
C PRO I 100 -6.17 -42.89 41.14
N ASN I 101 -4.90 -42.67 41.44
CA ASN I 101 -4.12 -43.63 42.21
C ASN I 101 -2.98 -42.89 42.89
N SER I 102 -2.02 -43.65 43.44
CA SER I 102 -0.95 -43.07 44.23
C SER I 102 0.17 -42.47 43.39
N ALA I 103 0.14 -42.64 42.07
CA ALA I 103 1.22 -42.18 41.20
C ALA I 103 0.78 -41.25 40.08
N MET I 104 -0.49 -40.85 40.02
CA MET I 104 -0.98 -40.01 38.95
C MET I 104 -2.09 -39.08 39.45
N SER I 105 -2.12 -37.88 38.89
CA SER I 105 -3.26 -36.99 39.04
C SER I 105 -4.09 -37.01 37.76
N GLY I 106 -5.17 -36.23 37.75
CA GLY I 106 -6.05 -36.19 36.60
C GLY I 106 -5.34 -35.74 35.33
N ALA I 107 -4.46 -34.74 35.45
CA ALA I 107 -3.79 -34.20 34.28
C ALA I 107 -2.95 -35.27 33.59
N GLN I 108 -2.20 -36.05 34.37
CA GLN I 108 -1.37 -37.10 33.78
C GLN I 108 -2.21 -38.19 33.13
N LEU I 109 -3.34 -38.55 33.75
CA LEU I 109 -4.24 -39.51 33.12
C LEU I 109 -4.74 -38.99 31.78
N ARG I 110 -5.14 -37.71 31.73
CA ARG I 110 -5.55 -37.12 30.46
C ARG I 110 -4.44 -37.16 29.44
N TYR I 111 -3.21 -36.83 29.85
CA TYR I 111 -2.09 -36.80 28.92
C TYR I 111 -1.84 -38.17 28.32
N ALA I 112 -1.78 -39.20 29.18
CA ALA I 112 -1.56 -40.56 28.69
C ALA I 112 -2.69 -41.01 27.77
N ALA I 113 -3.94 -40.72 28.15
CA ALA I 113 -5.07 -41.11 27.31
C ALA I 113 -5.02 -40.42 25.96
N THR I 114 -4.67 -39.13 25.93
CA THR I 114 -4.58 -38.41 24.67
C THR I 114 -3.49 -38.99 23.79
N LEU I 115 -2.32 -39.30 24.36
CA LEU I 115 -1.26 -39.88 23.56
C LEU I 115 -1.68 -41.24 22.99
N SER I 116 -2.32 -42.07 23.81
CA SER I 116 -2.78 -43.37 23.31
C SER I 116 -3.79 -43.20 22.19
N TRP I 117 -4.75 -42.30 22.37
CA TRP I 117 -5.76 -42.06 21.34
C TRP I 117 -5.14 -41.57 20.05
N ALA I 118 -4.14 -40.68 20.15
CA ALA I 118 -3.53 -40.13 18.95
C ALA I 118 -2.72 -41.20 18.22
N CYS I 119 -1.89 -41.94 18.95
CA CYS I 119 -0.98 -42.87 18.29
C CYS I 119 -1.69 -44.13 17.79
N PHE I 120 -2.59 -44.70 18.58
CA PHE I 120 -3.21 -45.98 18.25
C PHE I 120 -4.68 -45.89 17.91
N GLY I 121 -5.35 -44.80 18.26
CA GLY I 121 -6.77 -44.69 17.99
C GLY I 121 -7.66 -45.45 18.95
N ARG I 122 -7.14 -45.86 20.10
CA ARG I 122 -7.92 -46.57 21.11
C ARG I 122 -7.20 -46.47 22.45
N MET I 123 -7.98 -46.44 23.52
CA MET I 123 -7.44 -46.32 24.87
C MET I 123 -8.21 -47.25 25.80
N ALA I 124 -7.52 -47.73 26.83
CA ALA I 124 -8.11 -48.67 27.78
C ALA I 124 -7.64 -48.33 29.18
N PHE I 125 -8.42 -48.76 30.17
CA PHE I 125 -8.12 -48.52 31.57
C PHE I 125 -8.57 -49.70 32.41
N LYS I 126 -7.99 -49.81 33.59
CA LYS I 126 -8.42 -50.79 34.60
C LYS I 126 -9.05 -50.05 35.77
N VAL I 127 -10.12 -50.62 36.31
CA VAL I 127 -10.89 -50.00 37.38
C VAL I 127 -10.96 -50.97 38.55
N SER I 128 -10.69 -50.47 39.75
CA SER I 128 -10.76 -51.25 40.98
C SER I 128 -12.02 -50.86 41.74
N VAL I 129 -12.78 -51.87 42.16
CA VAL I 129 -14.08 -51.65 42.78
C VAL I 129 -14.12 -52.36 44.12
N MET I 130 -14.82 -51.75 45.08
CA MET I 130 -14.97 -52.34 46.40
C MET I 130 -16.19 -53.25 46.43
N GLY I 131 -16.50 -53.75 47.64
CA GLY I 131 -17.58 -54.70 47.80
C GLY I 131 -18.94 -54.15 47.39
N ASP I 132 -19.22 -52.88 47.67
CA ASP I 132 -20.53 -52.31 47.40
C ASP I 132 -20.63 -51.68 46.01
N GLY I 133 -19.58 -51.76 45.20
CA GLY I 133 -19.64 -51.27 43.83
C GLY I 133 -19.00 -49.92 43.59
N SER I 134 -18.69 -49.16 44.63
CA SER I 134 -18.07 -47.85 44.45
C SER I 134 -16.63 -48.01 44.00
N VAL I 135 -16.19 -47.10 43.13
CA VAL I 135 -14.84 -47.15 42.59
C VAL I 135 -13.86 -46.53 43.58
N ASN I 136 -12.61 -47.00 43.54
CA ASN I 136 -11.56 -46.45 44.39
C ASN I 136 -10.24 -46.20 43.68
N ALA I 137 -10.03 -46.70 42.47
CA ALA I 137 -8.78 -46.45 41.76
C ALA I 137 -8.98 -46.68 40.27
N ILE I 138 -8.09 -46.10 39.48
CA ILE I 138 -8.09 -46.25 38.03
C ILE I 138 -6.63 -46.36 37.57
N TRP I 139 -6.38 -47.26 36.63
CA TRP I 139 -5.04 -47.47 36.10
C TRP I 139 -5.09 -47.48 34.57
N PRO I 140 -4.15 -46.82 33.89
CA PRO I 140 -4.12 -46.92 32.43
C PRO I 140 -3.32 -48.13 31.98
N LEU I 141 -3.75 -48.70 30.86
CA LEU I 141 -3.11 -49.88 30.27
C LEU I 141 -2.37 -49.49 29.00
N GLY I 142 -1.18 -50.08 28.81
CA GLY I 142 -0.43 -49.86 27.60
C GLY I 142 -1.02 -50.63 26.43
N ILE I 143 -1.47 -49.91 25.42
CA ILE I 143 -2.12 -50.52 24.26
C ILE I 143 -1.21 -51.56 23.63
N PRO I 144 0.09 -51.31 23.50
CA PRO I 144 0.95 -52.32 22.85
C PRO I 144 0.94 -53.67 23.54
N PHE I 145 0.75 -53.71 24.87
CA PHE I 145 0.85 -54.94 25.64
C PHE I 145 -0.51 -55.54 25.97
N LEU I 146 -1.57 -55.16 25.27
CA LEU I 146 -2.92 -55.59 25.58
C LEU I 146 -3.43 -56.58 24.54
N LYS I 147 -4.11 -57.62 25.00
CA LYS I 147 -4.75 -58.60 24.15
C LYS I 147 -6.16 -58.86 24.68
N GLN I 148 -7.06 -59.25 23.78
CA GLN I 148 -8.46 -59.41 24.10
C GLN I 148 -9.00 -60.71 23.51
N GLU I 149 -10.04 -61.24 24.14
CA GLU I 149 -10.67 -62.50 23.75
C GLU I 149 -12.16 -62.28 23.52
N PHE I 150 -12.73 -63.11 22.64
CA PHE I 150 -14.14 -62.99 22.26
C PHE I 150 -14.86 -64.32 22.46
N ASN I 151 -16.18 -64.23 22.64
CA ASN I 151 -17.02 -65.41 22.57
C ASN I 151 -17.52 -65.60 21.14
N LYS I 152 -18.47 -66.53 20.97
CA LYS I 152 -18.94 -66.84 19.62
C LYS I 152 -19.96 -65.82 19.10
N TYR I 153 -20.49 -64.96 19.95
CA TYR I 153 -21.36 -63.88 19.51
C TYR I 153 -20.61 -62.57 19.27
N GLY I 154 -19.40 -62.44 19.80
CA GLY I 154 -18.55 -61.30 19.48
C GLY I 154 -18.33 -60.31 20.58
N GLU I 155 -18.90 -60.52 21.77
CA GLU I 155 -18.65 -59.62 22.89
C GLU I 155 -17.34 -59.99 23.57
N VAL I 156 -16.61 -58.96 24.01
CA VAL I 156 -15.32 -59.19 24.65
C VAL I 156 -15.56 -59.78 26.03
N THR I 157 -14.87 -60.88 26.33
CA THR I 157 -15.08 -61.60 27.58
C THR I 157 -13.93 -61.43 28.56
N THR I 158 -12.70 -61.25 28.06
CA THR I 158 -11.53 -61.16 28.93
C THR I 158 -10.47 -60.32 28.25
N PHE I 159 -9.69 -59.59 29.06
CA PHE I 159 -8.55 -58.82 28.59
C PHE I 159 -7.27 -59.46 29.14
N GLN I 160 -6.35 -59.78 28.25
CA GLN I 160 -5.08 -60.40 28.62
C GLN I 160 -3.99 -59.34 28.55
N TYR I 161 -3.50 -58.92 29.72
CA TYR I 161 -2.49 -57.88 29.83
C TYR I 161 -1.19 -58.51 30.30
N GLY I 162 -0.14 -58.39 29.49
CA GLY I 162 1.15 -58.96 29.84
C GLY I 162 1.98 -59.18 28.59
N ASP I 163 3.02 -59.98 28.76
CA ASP I 163 3.96 -60.28 27.69
C ASP I 163 4.55 -61.66 27.95
N GLU I 164 5.64 -61.98 27.24
CA GLU I 164 6.27 -63.29 27.38
C GLU I 164 6.84 -63.54 28.77
N GLY I 165 7.02 -62.51 29.60
CA GLY I 165 7.59 -62.68 30.91
C GLY I 165 6.55 -62.87 32.00
N ASN I 166 5.56 -61.97 32.05
CA ASN I 166 4.51 -62.03 33.05
C ASN I 166 3.17 -61.76 32.38
N ARG I 167 2.13 -62.38 32.92
CA ARG I 167 0.79 -62.26 32.35
C ARG I 167 -0.21 -61.95 33.46
N GLU I 168 -1.30 -61.30 33.08
CA GLU I 168 -2.40 -61.00 33.97
C GLU I 168 -3.70 -60.99 33.17
N SER I 169 -4.76 -61.54 33.76
CA SER I 169 -6.06 -61.61 33.13
C SER I 169 -7.05 -60.73 33.88
N ILE I 170 -7.92 -60.06 33.13
CA ILE I 170 -8.89 -59.13 33.68
C ILE I 170 -10.25 -59.41 33.05
N LYS I 171 -11.29 -59.41 33.87
CA LYS I 171 -12.64 -59.56 33.35
C LYS I 171 -13.13 -58.25 32.74
N SER I 172 -13.82 -58.36 31.62
CA SER I 172 -14.38 -57.20 30.97
C SER I 172 -15.61 -56.70 31.74
N PHE I 173 -16.00 -55.47 31.44
CA PHE I 173 -17.17 -54.89 32.12
C PHE I 173 -18.40 -55.75 31.93
N TYR I 174 -18.52 -56.39 30.76
CA TYR I 174 -19.71 -57.18 30.46
C TYR I 174 -19.73 -58.47 31.29
N SER I 175 -18.60 -59.16 31.37
CA SER I 175 -18.54 -60.48 32.01
C SER I 175 -18.40 -60.41 33.52
N ALA I 176 -18.14 -59.24 34.09
CA ALA I 176 -17.97 -59.14 35.53
C ALA I 176 -19.31 -59.30 36.25
N ALA I 177 -19.26 -59.94 37.42
CA ALA I 177 -20.44 -60.08 38.24
C ALA I 177 -20.95 -58.70 38.69
N LYS I 178 -22.26 -58.57 38.78
CA LYS I 178 -22.89 -57.28 39.06
C LYS I 178 -23.90 -57.43 40.18
N ASN I 179 -24.15 -56.32 40.87
CA ASN I 179 -25.16 -56.27 41.91
C ASN I 179 -26.54 -56.06 41.29
N GLU I 180 -27.52 -55.75 42.14
CA GLU I 180 -28.89 -55.57 41.66
C GLU I 180 -29.03 -54.33 40.80
N LYS I 181 -28.20 -53.32 41.02
CA LYS I 181 -28.27 -52.09 40.23
C LYS I 181 -27.47 -52.17 38.93
N GLY I 182 -26.81 -53.30 38.66
CA GLY I 182 -26.05 -53.45 37.44
C GLY I 182 -24.62 -52.97 37.51
N ARG I 183 -24.17 -52.46 38.66
CA ARG I 183 -22.79 -52.03 38.74
C ARG I 183 -21.87 -53.20 39.07
N PRO I 184 -20.64 -53.23 38.54
CA PRO I 184 -19.74 -54.34 38.87
C PRO I 184 -19.35 -54.34 40.34
N ILE I 185 -19.04 -55.53 40.85
CA ILE I 185 -18.57 -55.70 42.21
C ILE I 185 -17.20 -56.38 42.25
N GLU I 186 -16.42 -56.24 41.18
CA GLU I 186 -15.09 -56.80 41.12
C GLU I 186 -14.27 -56.03 40.08
N ASN I 187 -12.96 -56.20 40.15
CA ASN I 187 -12.07 -55.47 39.26
C ASN I 187 -12.37 -55.84 37.80
N TYR I 188 -12.24 -54.84 36.92
CA TYR I 188 -12.54 -55.04 35.51
C TYR I 188 -11.80 -54.00 34.69
N ALA I 189 -11.87 -54.16 33.36
CA ALA I 189 -11.21 -53.26 32.43
C ALA I 189 -12.15 -52.95 31.27
N PHE I 190 -11.86 -51.86 30.57
CA PHE I 190 -12.66 -51.45 29.42
C PHE I 190 -11.79 -50.69 28.44
N MET I 191 -12.22 -50.66 27.18
CA MET I 191 -11.45 -50.05 26.11
C MET I 191 -12.39 -49.29 25.18
N ILE I 192 -11.87 -48.23 24.56
CA ILE I 192 -12.61 -47.39 23.63
C ILE I 192 -11.92 -47.46 22.28
N VAL I 193 -12.72 -47.55 21.21
CA VAL I 193 -12.20 -47.72 19.86
C VAL I 193 -12.81 -46.65 18.96
N LYS I 194 -12.01 -46.13 18.03
CA LYS I 194 -12.50 -45.18 17.05
C LYS I 194 -13.07 -45.93 15.85
N PRO I 195 -14.30 -45.62 15.42
CA PRO I 195 -14.92 -46.40 14.35
C PRO I 195 -14.10 -46.35 13.06
N SER I 196 -14.45 -47.26 12.15
CA SER I 196 -13.81 -47.34 10.84
C SER I 196 -14.90 -47.51 9.78
N ILE I 197 -14.47 -47.73 8.54
CA ILE I 197 -15.40 -47.79 7.43
C ILE I 197 -16.24 -49.06 7.48
N ASN I 198 -15.64 -50.19 7.84
CA ASN I 198 -16.32 -51.48 7.76
C ASN I 198 -17.44 -51.63 8.79
N GLY I 199 -17.32 -50.99 9.96
CA GLY I 199 -18.36 -51.05 10.96
C GLY I 199 -18.13 -52.06 12.07
N ALA I 200 -17.14 -52.93 11.95
CA ALA I 200 -16.81 -53.88 13.02
C ALA I 200 -15.92 -53.16 14.02
N MET I 201 -16.54 -52.69 15.10
CA MET I 201 -15.88 -51.75 16.01
C MET I 201 -14.77 -52.40 16.83
N ASN I 202 -14.99 -53.62 17.33
CA ASN I 202 -14.05 -54.22 18.27
C ASN I 202 -12.93 -55.00 17.60
N LEU I 203 -12.91 -55.08 16.27
CA LEU I 203 -11.92 -55.88 15.59
C LEU I 203 -10.67 -55.06 15.30
N ASP I 204 -9.62 -55.75 14.82
CA ASP I 204 -8.30 -55.15 14.63
C ASP I 204 -8.25 -54.30 13.35
N VAL I 205 -9.11 -53.29 13.31
CA VAL I 205 -9.06 -52.25 12.29
C VAL I 205 -8.97 -50.91 13.02
N GLN I 206 -8.01 -50.09 12.60
CA GLN I 206 -7.63 -48.90 13.33
C GLN I 206 -7.93 -47.66 12.50
N ASN I 207 -7.93 -46.51 13.18
CA ASN I 207 -8.15 -45.23 12.52
C ASN I 207 -7.31 -44.19 13.27
N THR I 208 -6.10 -43.95 12.80
CA THR I 208 -5.19 -43.01 13.44
C THR I 208 -4.50 -42.18 12.37
N PRO I 209 -4.08 -40.95 12.70
CA PRO I 209 -3.37 -40.13 11.70
C PRO I 209 -2.10 -40.75 11.18
N LEU I 210 -1.41 -41.58 11.98
CA LEU I 210 -0.13 -42.14 11.56
C LEU I 210 -0.27 -43.08 10.37
N GLN I 211 -1.50 -43.50 10.02
CA GLN I 211 -1.70 -44.30 8.83
C GLN I 211 -1.14 -43.61 7.58
N ALA I 212 -1.28 -42.28 7.49
CA ALA I 212 -1.10 -41.58 6.24
C ALA I 212 0.13 -40.68 6.20
N VAL I 213 0.95 -40.65 7.24
CA VAL I 213 2.11 -39.75 7.28
C VAL I 213 3.39 -40.53 7.00
N GLY I 214 3.26 -41.67 6.32
CA GLY I 214 4.43 -42.48 6.04
C GLY I 214 5.39 -41.80 5.07
N MET I 215 4.90 -41.51 3.85
CA MET I 215 5.79 -40.95 2.82
C MET I 215 6.37 -39.61 3.24
N PRO I 216 5.59 -38.67 3.79
CA PRO I 216 6.20 -37.40 4.23
C PRO I 216 7.31 -37.59 5.24
N VAL I 217 7.11 -38.44 6.24
CA VAL I 217 8.14 -38.68 7.24
C VAL I 217 9.37 -39.29 6.60
N ALA I 218 9.17 -40.27 5.71
CA ALA I 218 10.32 -40.91 5.07
C ALA I 218 11.13 -39.90 4.27
N LEU I 219 10.46 -39.05 3.49
CA LEU I 219 11.18 -38.07 2.68
C LEU I 219 11.89 -37.05 3.55
N TYR I 220 11.22 -36.59 4.62
CA TYR I 220 11.84 -35.64 5.54
C TYR I 220 13.11 -36.23 6.15
N ASN I 221 13.04 -37.47 6.62
CA ASN I 221 14.21 -38.12 7.21
C ASN I 221 15.33 -38.27 6.18
N GLY I 222 14.99 -38.68 4.96
CA GLY I 222 16.02 -38.82 3.93
C GLY I 222 16.73 -37.51 3.65
N LEU I 223 15.96 -36.43 3.47
CA LEU I 223 16.56 -35.15 3.18
C LEU I 223 17.45 -34.68 4.33
N MET I 224 16.98 -34.84 5.57
CA MET I 224 17.79 -34.39 6.70
C MET I 224 19.06 -35.21 6.83
N GLU I 225 18.98 -36.52 6.56
CA GLU I 225 20.18 -37.36 6.61
C GLU I 225 21.18 -36.94 5.56
N ARG I 226 20.71 -36.66 4.35
CA ARG I 226 21.61 -36.17 3.31
C ARG I 226 22.27 -34.86 3.73
N ALA I 227 21.49 -33.96 4.32
CA ALA I 227 22.04 -32.68 4.77
C ALA I 227 23.11 -32.89 5.82
N LEU I 228 22.86 -33.78 6.78
CA LEU I 228 23.86 -34.05 7.82
C LEU I 228 25.13 -34.64 7.21
N GLU I 229 25.00 -35.59 6.30
CA GLU I 229 26.17 -36.22 5.69
C GLU I 229 27.00 -35.20 4.92
N GLN I 230 26.35 -34.31 4.17
CA GLN I 230 27.10 -33.42 3.28
C GLN I 230 27.97 -32.44 4.04
N CYS I 231 27.53 -31.95 5.20
CA CYS I 231 28.32 -30.97 5.93
C CYS I 231 29.65 -31.57 6.37
N ASP I 232 29.63 -32.84 6.82
CA ASP I 232 30.85 -33.51 7.24
C ASP I 232 31.69 -33.95 6.06
N GLY I 233 31.07 -34.33 4.94
CA GLY I 233 31.81 -34.89 3.83
C GLY I 233 32.44 -33.91 2.86
N THR I 234 32.16 -32.60 2.99
CA THR I 234 32.58 -31.64 1.99
C THR I 234 33.87 -30.94 2.43
N PRO I 235 34.91 -30.90 1.60
CA PRO I 235 36.14 -30.20 1.99
C PRO I 235 35.87 -28.73 2.29
N ASN I 236 36.56 -28.20 3.29
CA ASN I 236 36.41 -26.82 3.74
C ASN I 236 37.62 -26.00 3.27
N SER I 237 37.55 -25.52 2.04
CA SER I 237 38.58 -24.65 1.49
C SER I 237 37.94 -23.71 0.47
N LYS I 238 38.67 -22.64 0.13
CA LYS I 238 38.14 -21.62 -0.77
C LYS I 238 39.02 -21.34 -1.98
N TRP I 239 40.32 -21.60 -1.91
CA TRP I 239 41.22 -21.39 -3.03
C TRP I 239 41.74 -22.74 -3.53
N PHE I 240 41.96 -22.83 -4.83
CA PHE I 240 42.60 -23.98 -5.47
C PHE I 240 43.69 -23.47 -6.38
N VAL I 241 44.95 -23.71 -5.99
CA VAL I 241 46.11 -23.12 -6.66
C VAL I 241 46.92 -24.24 -7.30
N THR I 242 47.37 -24.00 -8.53
CA THR I 242 48.16 -24.97 -9.28
C THR I 242 49.39 -24.26 -9.85
N ALA I 243 50.49 -25.01 -9.99
CA ALA I 243 51.74 -24.46 -10.46
C ALA I 243 52.38 -25.41 -11.45
N GLY I 244 53.35 -24.90 -12.21
CA GLY I 244 54.03 -25.69 -13.21
C GLY I 244 55.11 -26.58 -12.62
N ARG I 245 55.81 -27.29 -13.51
CA ARG I 245 56.84 -28.23 -13.08
C ARG I 245 58.23 -27.61 -13.05
N ASP I 246 58.39 -26.36 -13.49
CA ASP I 246 59.69 -25.74 -13.61
C ASP I 246 60.07 -24.92 -12.38
N ILE I 247 59.57 -25.29 -11.20
CA ILE I 247 59.89 -24.61 -9.96
C ILE I 247 60.78 -25.52 -9.14
N GLY I 248 61.87 -24.98 -8.63
CA GLY I 248 62.85 -25.77 -7.92
C GLY I 248 62.28 -26.44 -6.68
N GLU I 249 63.18 -27.11 -5.97
CA GLU I 249 62.79 -27.85 -4.77
C GLU I 249 62.60 -26.94 -3.56
N VAL I 250 63.00 -25.67 -3.66
CA VAL I 250 62.95 -24.73 -2.54
C VAL I 250 62.00 -23.58 -2.82
N GLN I 251 62.01 -23.04 -4.05
CA GLN I 251 61.09 -21.95 -4.37
C GLN I 251 59.64 -22.41 -4.27
N SER I 252 59.39 -23.71 -4.44
CA SER I 252 58.03 -24.22 -4.25
C SER I 252 57.56 -24.01 -2.81
N LYS I 253 58.42 -24.32 -1.84
CA LYS I 253 58.09 -24.03 -0.44
C LYS I 253 58.00 -22.52 -0.22
N GLU I 254 58.89 -21.76 -0.85
CA GLU I 254 58.90 -20.32 -0.68
C GLU I 254 57.57 -19.69 -1.10
N ILE I 255 57.00 -20.17 -2.21
CA ILE I 255 55.75 -19.59 -2.70
C ILE I 255 54.64 -19.78 -1.68
N LYS I 256 54.48 -21.02 -1.19
CA LYS I 256 53.40 -21.27 -0.24
C LYS I 256 53.63 -20.56 1.08
N ASP I 257 54.90 -20.41 1.47
CA ASP I 257 55.19 -19.63 2.67
C ASP I 257 54.80 -18.17 2.46
N GLY I 258 55.05 -17.64 1.27
CA GLY I 258 54.62 -16.28 0.97
C GLY I 258 53.11 -16.12 1.01
N ILE I 259 52.38 -17.10 0.47
CA ILE I 259 50.93 -17.04 0.52
C ILE I 259 50.43 -17.17 1.95
N ASP I 260 51.06 -18.06 2.73
CA ASP I 260 50.61 -18.28 4.11
C ASP I 260 50.81 -17.04 4.98
N ASP I 261 51.76 -16.17 4.62
CA ASP I 261 52.00 -14.97 5.42
C ASP I 261 50.87 -13.95 5.31
N THR I 262 49.94 -14.14 4.38
CA THR I 262 48.79 -13.26 4.24
C THR I 262 47.60 -13.73 5.08
N LYS I 263 47.75 -14.80 5.85
CA LYS I 263 46.69 -15.21 6.76
C LYS I 263 46.51 -14.15 7.84
N PRO I 264 45.34 -14.08 8.46
CA PRO I 264 45.16 -13.17 9.60
C PRO I 264 46.19 -13.49 10.68
N GLY I 265 46.78 -12.43 11.24
CA GLY I 265 47.82 -12.60 12.23
C GLY I 265 49.20 -12.86 11.66
N GLY I 266 49.35 -12.91 10.34
CA GLY I 266 50.64 -13.16 9.75
C GLY I 266 51.48 -11.90 9.64
N ASP I 267 52.69 -12.08 9.11
CA ASP I 267 53.63 -10.97 8.96
C ASP I 267 53.29 -10.05 7.81
N SER I 268 52.44 -10.48 6.87
CA SER I 268 52.10 -9.68 5.70
C SER I 268 50.60 -9.72 5.42
N ALA I 269 49.79 -9.76 6.48
CA ALA I 269 48.35 -9.80 6.29
C ALA I 269 47.86 -8.56 5.60
N GLY I 270 46.95 -8.74 4.63
CA GLY I 270 46.34 -7.64 3.92
C GLY I 270 47.13 -7.09 2.75
N GLU I 271 48.30 -7.65 2.46
CA GLU I 271 49.13 -7.17 1.38
C GLU I 271 48.85 -7.93 0.09
N ILE I 272 49.37 -7.40 -1.02
CA ILE I 272 49.22 -8.06 -2.31
C ILE I 272 50.15 -9.27 -2.37
N ILE I 273 49.84 -10.19 -3.27
CA ILE I 273 50.65 -11.37 -3.52
C ILE I 273 51.42 -11.16 -4.81
N PHE I 274 52.74 -11.12 -4.73
CA PHE I 274 53.61 -10.88 -5.88
C PHE I 274 54.40 -12.14 -6.16
N VAL I 275 54.25 -12.67 -7.38
CA VAL I 275 54.96 -13.86 -7.81
C VAL I 275 55.73 -13.51 -9.09
N PHE I 276 57.00 -13.88 -9.12
CA PHE I 276 57.90 -13.50 -10.21
C PHE I 276 58.32 -14.73 -11.00
N GLY I 277 58.25 -14.62 -12.32
CA GLY I 277 58.78 -15.64 -13.20
C GLY I 277 58.10 -16.99 -13.13
N GLU I 278 56.80 -17.03 -12.84
CA GLU I 278 56.06 -18.29 -12.82
C GLU I 278 54.59 -18.00 -13.03
N ASP I 279 53.92 -18.87 -13.77
CA ASP I 279 52.50 -18.72 -14.07
C ASP I 279 51.69 -19.59 -13.13
N VAL I 280 51.39 -19.03 -11.96
CA VAL I 280 50.48 -19.70 -11.02
C VAL I 280 49.04 -19.37 -11.40
N LYS I 281 48.12 -20.25 -11.02
CA LYS I 281 46.71 -20.09 -11.36
C LYS I 281 45.87 -20.21 -10.10
N LEU I 282 44.82 -19.41 -10.04
CA LEU I 282 43.86 -19.44 -8.93
C LEU I 282 42.47 -19.75 -9.45
N GLN I 283 41.75 -20.57 -8.70
CA GLN I 283 40.35 -20.88 -8.96
C GLN I 283 39.55 -20.73 -7.68
N GLU I 284 38.66 -19.75 -7.66
CA GLU I 284 37.80 -19.55 -6.51
C GLU I 284 36.82 -20.71 -6.39
N ILE I 285 36.61 -21.18 -5.17
CA ILE I 285 35.68 -22.27 -4.90
C ILE I 285 34.45 -21.69 -4.21
N LYS I 286 33.29 -21.86 -4.83
CA LYS I 286 32.04 -21.34 -4.30
C LYS I 286 31.28 -22.49 -3.64
N ASN I 287 31.59 -22.71 -2.36
CA ASN I 287 30.94 -23.75 -1.57
C ASN I 287 29.59 -23.20 -1.10
N ASP I 288 28.58 -23.35 -1.96
CA ASP I 288 27.24 -22.83 -1.68
C ASP I 288 26.47 -23.89 -0.91
N LEU I 289 26.38 -23.70 0.41
CA LEU I 289 25.61 -24.58 1.28
C LEU I 289 24.27 -23.98 1.68
N SER I 290 23.83 -22.92 1.00
CA SER I 290 22.58 -22.26 1.35
C SER I 290 21.36 -23.15 1.13
N ASP I 291 21.50 -24.24 0.38
CA ASP I 291 20.40 -25.17 0.14
C ASP I 291 20.82 -26.59 0.52
N ILE I 292 21.58 -26.71 1.62
CA ILE I 292 22.05 -28.02 2.04
C ILE I 292 20.90 -28.92 2.46
N HIS I 293 19.86 -28.34 3.06
CA HIS I 293 18.80 -29.11 3.69
C HIS I 293 17.54 -29.22 2.84
N SER I 294 17.56 -28.75 1.59
CA SER I 294 16.41 -28.85 0.70
C SER I 294 15.19 -28.17 1.32
N LYS I 295 15.29 -26.85 1.45
CA LYS I 295 14.33 -26.08 2.25
C LYS I 295 12.89 -26.34 1.83
N ILE I 296 12.60 -26.25 0.54
CA ILE I 296 11.22 -26.21 0.06
C ILE I 296 10.53 -27.54 0.31
N PRO I 297 11.05 -28.67 -0.19
CA PRO I 297 10.38 -29.95 0.10
C PRO I 297 10.33 -30.27 1.57
N LEU I 298 11.36 -29.89 2.34
CA LEU I 298 11.36 -30.15 3.77
C LEU I 298 10.24 -29.39 4.46
N ASP I 299 9.99 -28.15 4.04
CA ASP I 299 8.88 -27.39 4.60
C ASP I 299 7.54 -27.99 4.18
N ASP I 300 7.45 -28.45 2.93
CA ASP I 300 6.20 -29.04 2.47
C ASP I 300 5.85 -30.31 3.25
N GLN I 301 6.84 -31.16 3.53
CA GLN I 301 6.56 -32.35 4.31
C GLN I 301 6.08 -32.00 5.72
N ALA I 302 6.71 -31.00 6.34
CA ALA I 302 6.25 -30.56 7.65
C ALA I 302 4.82 -30.03 7.60
N ARG I 303 4.49 -29.26 6.57
CA ARG I 303 3.13 -28.76 6.43
C ARG I 303 2.14 -29.92 6.33
N THR I 304 2.47 -30.92 5.50
CA THR I 304 1.57 -32.06 5.35
C THR I 304 1.39 -32.81 6.67
N ILE I 305 2.49 -33.07 7.39
CA ILE I 305 2.40 -33.79 8.64
C ILE I 305 1.56 -33.01 9.65
N ALA I 306 1.78 -31.71 9.74
CA ALA I 306 0.98 -30.89 10.65
C ALA I 306 -0.48 -30.90 10.25
N GLY I 307 -0.76 -30.86 8.94
CA GLY I 307 -2.15 -30.85 8.51
C GLY I 307 -2.89 -32.12 8.84
N ASN I 308 -2.25 -33.28 8.62
CA ASN I 308 -2.93 -34.54 8.88
C ASN I 308 -3.37 -34.67 10.33
N PHE I 309 -2.66 -34.03 11.26
CA PHE I 309 -3.05 -34.06 12.67
C PHE I 309 -4.11 -33.04 13.02
N GLY I 310 -4.44 -32.11 12.12
CA GLY I 310 -5.45 -31.13 12.42
C GLY I 310 -4.98 -29.97 13.28
N ILE I 311 -3.69 -29.68 13.27
CA ILE I 311 -3.10 -28.60 14.04
C ILE I 311 -2.71 -27.49 13.07
N PRO I 312 -3.29 -26.29 13.19
CA PRO I 312 -2.84 -25.17 12.34
C PRO I 312 -1.34 -24.96 12.52
N ILE I 313 -0.64 -24.79 11.40
CA ILE I 313 0.82 -24.72 11.45
C ILE I 313 1.29 -23.47 12.18
N ALA I 314 0.43 -22.45 12.28
CA ALA I 314 0.82 -21.24 13.00
C ALA I 314 1.07 -21.54 14.47
N LEU I 315 0.23 -22.38 15.08
CA LEU I 315 0.39 -22.69 16.50
C LEU I 315 1.63 -23.53 16.77
N LEU I 316 2.08 -24.33 15.80
CA LEU I 316 3.26 -25.16 16.00
C LEU I 316 4.55 -24.36 16.04
N GLY I 317 4.53 -23.12 15.56
CA GLY I 317 5.72 -22.30 15.52
C GLY I 317 6.56 -22.46 14.28
N PHE I 318 6.23 -23.38 13.39
CA PHE I 318 7.00 -23.57 12.17
C PHE I 318 6.62 -22.51 11.13
N ALA I 319 7.43 -22.42 10.09
CA ALA I 319 7.32 -21.34 9.13
C ALA I 319 6.16 -21.53 8.18
N ALA I 320 5.48 -20.42 7.85
CA ALA I 320 4.48 -20.40 6.81
C ALA I 320 4.48 -18.99 6.20
N ALA I 321 4.49 -18.93 4.87
CA ALA I 321 4.73 -17.67 4.17
C ALA I 321 3.47 -16.84 3.95
N ASP I 322 2.28 -17.39 4.19
CA ASP I 322 1.03 -16.70 3.89
C ASP I 322 0.10 -16.67 5.09
N GLY I 323 0.60 -16.28 6.26
CA GLY I 323 -0.20 -16.30 7.47
C GLY I 323 -1.45 -15.44 7.43
N SER I 324 -1.29 -14.16 7.06
CA SER I 324 -2.42 -13.25 7.10
C SER I 324 -3.50 -13.60 6.09
N LYS I 325 -3.15 -14.29 5.01
CA LYS I 325 -4.14 -14.65 4.00
C LYS I 325 -5.20 -15.60 4.56
N PHE I 326 -4.81 -16.59 5.35
CA PHE I 326 -5.76 -17.53 5.93
C PHE I 326 -5.81 -17.38 7.45
N ALA I 327 -4.66 -17.49 8.11
CA ALA I 327 -4.57 -17.29 9.56
C ALA I 327 -4.50 -15.79 9.87
N SER I 328 -5.68 -15.18 9.95
CA SER I 328 -5.77 -13.73 10.13
C SER I 328 -4.96 -13.24 11.33
N ASN I 329 -4.97 -13.98 12.43
CA ASN I 329 -4.18 -13.61 13.60
C ASN I 329 -4.09 -14.80 14.54
N TYR I 330 -3.27 -14.65 15.56
CA TYR I 330 -2.97 -15.77 16.46
C TYR I 330 -4.21 -16.19 17.25
N ASP I 331 -4.98 -15.22 17.75
CA ASP I 331 -6.10 -15.56 18.63
C ASP I 331 -7.18 -16.35 17.89
N GLU I 332 -7.51 -15.96 16.65
CA GLU I 332 -8.50 -16.70 15.89
C GLU I 332 -8.04 -18.13 15.64
N SER I 333 -6.77 -18.32 15.34
CA SER I 333 -6.24 -19.67 15.15
C SER I 333 -6.33 -20.48 16.44
N ARG I 334 -6.01 -19.86 17.57
CA ARG I 334 -6.10 -20.57 18.85
C ARG I 334 -7.54 -21.00 19.13
N LYS I 335 -8.49 -20.12 18.86
CA LYS I 335 -9.90 -20.44 19.08
C LYS I 335 -10.35 -21.56 18.16
N ALA I 336 -10.02 -21.44 16.87
CA ALA I 336 -10.48 -22.42 15.88
C ALA I 336 -9.87 -23.80 16.13
N PHE I 337 -8.57 -23.85 16.45
CA PHE I 337 -7.96 -25.15 16.73
C PHE I 337 -8.73 -25.89 17.80
N PHE I 338 -8.96 -25.25 18.93
CA PHE I 338 -9.75 -25.88 19.99
C PHE I 338 -11.10 -26.30 19.46
N GLU I 339 -11.92 -25.34 19.04
CA GLU I 339 -13.33 -25.64 18.74
C GLU I 339 -13.47 -26.72 17.68
N ASP I 340 -12.55 -26.77 16.71
CA ASP I 340 -12.71 -27.66 15.57
C ASP I 340 -12.02 -29.01 15.72
N THR I 341 -10.99 -29.12 16.57
CA THR I 341 -10.26 -30.37 16.71
C THR I 341 -10.42 -30.97 18.11
N ILE I 342 -10.21 -30.16 19.16
CA ILE I 342 -10.14 -30.74 20.50
C ILE I 342 -11.51 -31.20 20.96
N GLU I 343 -12.54 -30.37 20.75
CA GLU I 343 -13.87 -30.72 21.23
C GLU I 343 -14.42 -31.97 20.56
N PRO I 344 -14.46 -32.08 19.23
CA PRO I 344 -15.03 -33.27 18.61
C PRO I 344 -14.06 -34.42 18.47
N GLY I 345 -12.77 -34.21 18.70
CA GLY I 345 -11.78 -35.23 18.46
C GLY I 345 -11.32 -35.97 19.71
N TYR I 346 -11.13 -35.25 20.81
CA TYR I 346 -10.50 -35.85 21.98
C TYR I 346 -11.38 -35.77 23.22
N LEU I 347 -12.04 -34.64 23.45
CA LEU I 347 -12.87 -34.51 24.65
C LEU I 347 -14.08 -35.45 24.59
N THR I 348 -14.80 -35.43 23.47
CA THR I 348 -16.04 -36.21 23.38
C THR I 348 -15.82 -37.70 23.55
N PRO I 349 -14.83 -38.33 22.91
CA PRO I 349 -14.66 -39.78 23.11
C PRO I 349 -14.40 -40.18 24.54
N MET I 350 -13.44 -39.53 25.22
CA MET I 350 -13.19 -39.87 26.62
C MET I 350 -14.43 -39.60 27.46
N GLU I 351 -15.07 -38.45 27.25
CA GLU I 351 -16.28 -38.13 28.00
C GLU I 351 -17.31 -39.25 27.88
N ASP I 352 -17.62 -39.64 26.64
CA ASP I 352 -18.65 -40.66 26.43
C ASP I 352 -18.24 -42.00 27.00
N GLY I 353 -16.98 -42.40 26.81
CA GLY I 353 -16.54 -43.69 27.29
C GLY I 353 -16.57 -43.80 28.80
N PHE I 354 -16.03 -42.79 29.49
CA PHE I 354 -16.08 -42.78 30.94
C PHE I 354 -17.52 -42.73 31.43
N SER I 355 -18.38 -41.95 30.77
CA SER I 355 -19.78 -41.91 31.19
C SER I 355 -20.44 -43.26 31.03
N MET I 356 -20.14 -43.98 29.95
CA MET I 356 -20.74 -45.28 29.71
C MET I 356 -20.24 -46.33 30.69
N PHE I 357 -18.96 -46.30 31.05
CA PHE I 357 -18.36 -47.40 31.78
C PHE I 357 -18.11 -47.13 33.26
N LEU I 358 -18.33 -45.91 33.76
CA LEU I 358 -18.16 -45.63 35.19
C LEU I 358 -19.46 -45.17 35.84
N CYS I 359 -20.11 -44.15 35.30
CA CYS I 359 -21.30 -43.60 35.95
C CYS I 359 -22.53 -44.44 35.65
N ALA I 360 -23.40 -44.53 36.64
CA ALA I 360 -24.69 -45.19 36.45
C ALA I 360 -25.61 -44.30 35.63
N PRO I 361 -26.66 -44.87 35.04
CA PRO I 361 -27.58 -44.05 34.23
C PRO I 361 -28.16 -42.92 35.06
N GLY I 362 -28.30 -41.76 34.42
CA GLY I 362 -28.75 -40.55 35.08
C GLY I 362 -27.65 -39.58 35.43
N SER I 363 -26.39 -40.02 35.40
CA SER I 363 -25.25 -39.16 35.66
C SER I 363 -24.26 -39.28 34.51
N ARG I 364 -23.31 -38.35 34.46
CA ARG I 364 -22.35 -38.31 33.37
C ARG I 364 -21.11 -37.55 33.81
N VAL I 365 -19.99 -37.86 33.17
CA VAL I 365 -18.76 -37.10 33.33
C VAL I 365 -18.76 -35.98 32.30
N ILE I 366 -18.61 -34.75 32.75
CA ILE I 366 -18.78 -33.57 31.89
C ILE I 366 -17.49 -32.77 31.90
N PHE I 367 -16.99 -32.44 30.71
CA PHE I 367 -15.86 -31.53 30.56
C PHE I 367 -16.35 -30.09 30.67
N ASP I 368 -15.48 -29.22 31.18
CA ASP I 368 -15.81 -27.80 31.33
C ASP I 368 -15.15 -27.04 30.19
N ARG I 369 -15.93 -26.75 29.14
CA ARG I 369 -15.38 -26.12 27.95
C ARG I 369 -15.19 -24.62 28.15
N ASP I 370 -16.23 -23.94 28.64
CA ASP I 370 -16.26 -22.48 28.60
C ASP I 370 -15.21 -21.83 29.48
N SER I 371 -14.69 -22.54 30.48
CA SER I 371 -13.73 -21.95 31.40
C SER I 371 -12.32 -21.91 30.83
N ILE I 372 -12.09 -22.43 29.63
CA ILE I 372 -10.74 -22.43 29.05
C ILE I 372 -10.32 -20.99 28.78
N PRO I 373 -9.04 -20.64 28.99
CA PRO I 373 -8.65 -19.24 28.75
C PRO I 373 -8.88 -18.75 27.33
N ALA I 374 -8.75 -19.63 26.33
CA ALA I 374 -8.78 -19.19 24.94
C ALA I 374 -10.13 -18.62 24.52
N LEU I 375 -11.19 -18.86 25.31
CA LEU I 375 -12.54 -18.43 24.93
C LEU I 375 -13.12 -17.38 25.84
N LYS I 376 -12.31 -16.74 26.69
CA LYS I 376 -12.87 -15.79 27.66
C LYS I 376 -13.39 -14.53 26.98
N LYS I 377 -12.60 -13.94 26.08
CA LYS I 377 -12.99 -12.68 25.45
C LYS I 377 -14.25 -12.87 24.60
N SER I 378 -14.28 -13.92 23.79
CA SER I 378 -15.46 -14.17 22.96
C SER I 378 -16.68 -14.43 23.81
N ARG I 379 -16.52 -15.23 24.87
CA ARG I 379 -17.65 -15.50 25.76
C ARG I 379 -18.19 -14.22 26.36
N ALA I 380 -17.30 -13.35 26.84
CA ALA I 380 -17.74 -12.09 27.43
C ALA I 380 -18.45 -11.22 26.41
N ASP I 381 -17.92 -11.14 25.19
CA ASP I 381 -18.56 -10.30 24.16
C ASP I 381 -19.96 -10.81 23.82
N ILE I 382 -20.09 -12.12 23.57
CA ILE I 382 -21.40 -12.67 23.24
C ILE I 382 -22.36 -12.51 24.41
N ALA I 383 -21.87 -12.67 25.64
CA ALA I 383 -22.74 -12.47 26.79
C ALA I 383 -23.24 -11.04 26.85
N ALA I 384 -22.35 -10.07 26.60
CA ALA I 384 -22.75 -8.67 26.59
C ALA I 384 -23.72 -8.35 25.46
N VAL I 385 -23.64 -9.06 24.34
CA VAL I 385 -24.55 -8.82 23.22
C VAL I 385 -25.97 -9.23 23.55
N TYR I 386 -26.15 -10.40 24.20
CA TYR I 386 -27.49 -10.87 24.52
C TYR I 386 -28.17 -9.99 25.56
N GLU I 387 -27.43 -9.13 26.25
CA GLU I 387 -28.04 -8.30 27.28
C GLU I 387 -29.10 -7.37 26.71
N LYS I 388 -29.04 -7.08 25.42
CA LYS I 388 -29.96 -6.14 24.80
C LYS I 388 -31.23 -6.81 24.29
N VAL I 389 -31.17 -8.08 23.92
CA VAL I 389 -32.35 -8.79 23.43
C VAL I 389 -33.35 -8.96 24.56
N THR I 390 -34.63 -8.79 24.26
CA THR I 390 -35.69 -8.83 25.27
C THR I 390 -36.80 -9.83 24.97
N PHE I 391 -36.86 -10.41 23.77
CA PHE I 391 -37.86 -11.44 23.48
C PHE I 391 -37.39 -12.82 23.89
N ILE I 392 -36.42 -12.92 24.79
CA ILE I 392 -35.88 -14.17 25.28
C ILE I 392 -35.87 -14.14 26.80
N ASP I 393 -36.22 -15.25 27.42
CA ASP I 393 -36.26 -15.32 28.87
C ASP I 393 -34.85 -15.33 29.44
N GLU I 394 -34.75 -14.96 30.73
CA GLU I 394 -33.45 -14.91 31.39
C GLU I 394 -32.81 -16.29 31.45
N ASN I 395 -33.60 -17.33 31.73
CA ASN I 395 -33.05 -18.68 31.79
C ASN I 395 -32.47 -19.09 30.45
N GLU I 396 -33.15 -18.75 29.35
CA GLU I 396 -32.62 -19.07 28.03
C GLU I 396 -31.32 -18.33 27.77
N LYS I 397 -31.23 -17.05 28.18
CA LYS I 397 -29.98 -16.31 28.03
C LYS I 397 -28.86 -17.00 28.78
N ARG I 398 -29.13 -17.44 30.01
CA ARG I 398 -28.11 -18.15 30.78
C ARG I 398 -27.71 -19.45 30.08
N GLU I 399 -28.68 -20.18 29.55
CA GLU I 399 -28.41 -21.47 28.93
C GLU I 399 -27.53 -21.30 27.69
N VAL I 400 -27.80 -20.26 26.90
CA VAL I 400 -27.03 -20.04 25.67
C VAL I 400 -25.56 -19.76 25.94
N THR I 401 -25.23 -19.04 27.01
CA THR I 401 -23.87 -18.62 27.28
C THR I 401 -23.13 -19.55 28.23
N GLY I 402 -23.73 -20.68 28.60
CA GLY I 402 -23.04 -21.70 29.36
C GLY I 402 -23.26 -21.68 30.86
N TRP I 403 -24.20 -20.88 31.35
CA TRP I 403 -24.46 -20.91 32.79
C TRP I 403 -25.65 -21.79 33.11
N PRO I 404 -25.67 -22.42 34.28
CA PRO I 404 -26.81 -23.29 34.63
C PRO I 404 -28.03 -22.50 35.05
N LYS I 405 -29.15 -23.20 35.14
CA LYS I 405 -30.39 -22.59 35.57
C LYS I 405 -30.30 -22.17 37.04
N LYS I 406 -31.01 -21.09 37.38
CA LYS I 406 -31.03 -20.60 38.75
C LYS I 406 -31.78 -21.56 39.66
N PRO J 17 -49.16 -51.25 -5.88
CA PRO J 17 -47.93 -52.06 -5.82
C PRO J 17 -47.34 -52.32 -7.20
N SER J 18 -48.20 -52.44 -8.22
CA SER J 18 -47.75 -52.65 -9.58
C SER J 18 -47.58 -51.36 -10.36
N ALA J 19 -47.90 -50.21 -9.75
CA ALA J 19 -47.79 -48.94 -10.45
C ALA J 19 -46.37 -48.40 -10.47
N ASN J 20 -45.47 -48.98 -9.70
CA ASN J 20 -44.11 -48.45 -9.60
C ASN J 20 -43.40 -48.54 -10.95
N PRO J 21 -42.94 -47.43 -11.52
CA PRO J 21 -42.19 -47.52 -12.78
C PRO J 21 -40.86 -48.25 -12.65
N ALA J 22 -40.35 -48.42 -11.44
CA ALA J 22 -39.03 -49.01 -11.26
C ALA J 22 -38.96 -50.43 -11.80
N LYS J 23 -40.10 -51.09 -12.00
CA LYS J 23 -40.09 -52.46 -12.50
C LYS J 23 -39.51 -52.54 -13.91
N ILE J 24 -39.39 -51.42 -14.62
CA ILE J 24 -38.83 -51.44 -15.97
C ILE J 24 -37.41 -51.98 -15.95
N PHE J 25 -36.66 -51.71 -14.88
CA PHE J 25 -35.25 -52.07 -14.81
C PHE J 25 -35.02 -53.48 -14.29
N ILE J 26 -36.08 -54.21 -13.94
CA ILE J 26 -35.94 -55.59 -13.52
C ILE J 26 -35.79 -56.48 -14.75
N ARG J 27 -34.91 -57.47 -14.65
CA ARG J 27 -34.51 -58.32 -15.76
C ARG J 27 -33.55 -57.58 -16.70
N ARG J 28 -33.30 -56.30 -16.41
CA ARG J 28 -32.27 -55.56 -17.13
C ARG J 28 -31.03 -55.38 -16.26
N LEU J 29 -31.23 -54.94 -15.01
CA LEU J 29 -30.16 -54.71 -14.07
C LEU J 29 -30.14 -55.71 -12.93
N PHE J 30 -31.31 -56.15 -12.46
CA PHE J 30 -31.40 -57.10 -11.35
C PHE J 30 -32.48 -58.13 -11.64
N ASN J 31 -32.19 -59.38 -11.28
CA ASN J 31 -33.12 -60.48 -11.47
C ASN J 31 -33.89 -60.77 -10.17
N SER J 32 -35.02 -61.43 -10.32
CA SER J 32 -35.84 -61.79 -9.18
C SER J 32 -35.21 -62.95 -8.41
N GLY J 33 -35.24 -62.85 -7.09
CA GLY J 33 -34.74 -63.91 -6.23
C GLY J 33 -33.26 -63.82 -5.94
N ILE J 34 -32.45 -63.60 -6.99
CA ILE J 34 -31.00 -63.60 -6.83
C ILE J 34 -30.58 -62.33 -6.09
N ALA J 35 -29.74 -62.50 -5.07
CA ALA J 35 -29.18 -61.37 -4.35
C ALA J 35 -28.02 -60.78 -5.14
N LYS J 36 -27.87 -59.46 -5.07
CA LYS J 36 -26.84 -58.76 -5.82
C LYS J 36 -26.15 -57.74 -4.91
N SER J 37 -24.89 -57.45 -5.23
CA SER J 37 -24.08 -56.59 -4.40
C SER J 37 -24.56 -55.15 -4.45
N VAL J 38 -24.48 -54.47 -3.31
CA VAL J 38 -24.83 -53.06 -3.24
C VAL J 38 -23.82 -52.19 -3.96
N VAL J 39 -22.52 -52.50 -3.85
CA VAL J 39 -21.46 -51.74 -4.48
C VAL J 39 -20.54 -52.69 -5.24
N SER J 40 -19.80 -52.13 -6.19
CA SER J 40 -18.86 -52.89 -7.00
C SER J 40 -17.53 -53.05 -6.27
N TYR J 41 -16.79 -54.10 -6.66
CA TYR J 41 -15.53 -54.39 -5.98
C TYR J 41 -14.52 -53.26 -6.16
N SER J 42 -14.47 -52.67 -7.35
CA SER J 42 -13.57 -51.55 -7.58
C SER J 42 -13.85 -50.39 -6.63
N ASN J 43 -15.13 -50.10 -6.36
CA ASN J 43 -15.46 -49.05 -5.40
C ASN J 43 -14.97 -49.40 -4.01
N VAL J 44 -15.11 -50.65 -3.61
CA VAL J 44 -14.61 -51.07 -2.29
C VAL J 44 -13.10 -50.90 -2.21
N MET J 45 -12.39 -51.29 -3.28
CA MET J 45 -10.94 -51.11 -3.29
C MET J 45 -10.57 -49.64 -3.20
N ALA J 46 -11.28 -48.78 -3.94
CA ALA J 46 -11.01 -47.35 -3.87
C ALA J 46 -11.24 -46.82 -2.47
N ALA J 47 -12.31 -47.26 -1.80
CA ALA J 47 -12.57 -46.82 -0.43
C ALA J 47 -11.49 -47.31 0.52
N ALA J 48 -11.01 -48.55 0.35
CA ALA J 48 -10.02 -49.09 1.26
C ALA J 48 -8.71 -48.33 1.18
N ARG J 49 -8.26 -47.99 -0.03
CA ARG J 49 -6.98 -47.30 -0.19
C ARG J 49 -7.10 -45.83 0.18
N ALA J 50 -8.32 -45.29 0.20
CA ALA J 50 -8.50 -43.87 0.49
C ALA J 50 -8.04 -43.53 1.90
N MET J 51 -8.35 -44.39 2.87
CA MET J 51 -8.03 -44.10 4.27
C MET J 51 -6.53 -44.06 4.54
N GLU J 52 -5.70 -44.55 3.62
CA GLU J 52 -4.26 -44.50 3.78
C GLU J 52 -3.60 -43.39 2.98
N HIS J 53 -4.40 -42.51 2.36
CA HIS J 53 -3.86 -41.45 1.51
C HIS J 53 -3.70 -40.18 2.33
N PRO J 54 -2.57 -39.47 2.22
CA PRO J 54 -2.37 -38.27 3.05
C PRO J 54 -3.38 -37.16 2.82
N VAL J 55 -4.09 -37.16 1.69
CA VAL J 55 -5.04 -36.10 1.36
C VAL J 55 -6.48 -36.55 1.58
N VAL J 56 -6.85 -37.70 1.03
CA VAL J 56 -8.24 -38.13 1.11
C VAL J 56 -8.64 -38.48 2.54
N PHE J 57 -7.72 -39.09 3.31
CA PHE J 57 -8.03 -39.43 4.69
C PHE J 57 -8.33 -38.17 5.49
N ARG J 58 -7.58 -37.09 5.27
CA ARG J 58 -7.83 -35.85 5.99
C ARG J 58 -9.23 -35.32 5.69
N CYS J 59 -9.65 -35.35 4.43
CA CYS J 59 -10.98 -34.86 4.08
C CYS J 59 -12.06 -35.73 4.72
N LEU J 60 -11.90 -37.05 4.65
CA LEU J 60 -12.91 -37.93 5.26
C LEU J 60 -12.99 -37.69 6.77
N ASP J 61 -11.84 -37.56 7.44
CA ASP J 61 -11.83 -37.30 8.86
C ASP J 61 -12.47 -35.96 9.19
N LYS J 62 -12.19 -34.94 8.37
CA LYS J 62 -12.80 -33.62 8.59
C LYS J 62 -14.32 -33.71 8.51
N LEU J 63 -14.83 -34.35 7.47
CA LEU J 63 -16.29 -34.48 7.33
C LEU J 63 -16.87 -35.25 8.50
N GLY J 64 -16.24 -36.37 8.87
CA GLY J 64 -16.76 -37.17 9.96
C GLY J 64 -16.79 -36.41 11.27
N LEU J 65 -15.69 -35.74 11.60
CA LEU J 65 -15.64 -34.99 12.85
C LEU J 65 -16.65 -33.85 12.85
N THR J 66 -16.79 -33.13 11.73
CA THR J 66 -17.74 -32.04 11.68
C THR J 66 -19.16 -32.52 11.88
N VAL J 67 -19.53 -33.64 11.24
CA VAL J 67 -20.87 -34.17 11.40
C VAL J 67 -21.08 -34.69 12.82
N GLN J 68 -20.04 -35.29 13.40
CA GLN J 68 -20.16 -35.91 14.72
C GLN J 68 -20.51 -34.92 15.82
N SER J 69 -20.11 -33.65 15.67
CA SER J 69 -20.29 -32.69 16.75
C SER J 69 -21.74 -32.26 16.89
N VAL J 70 -22.55 -32.46 15.86
CA VAL J 70 -23.94 -32.01 15.89
C VAL J 70 -24.79 -33.05 16.62
N LYS J 71 -25.57 -32.59 17.59
CA LYS J 71 -26.49 -33.45 18.33
C LYS J 71 -27.86 -33.44 17.66
N TRP J 72 -28.67 -34.44 17.98
CA TRP J 72 -30.07 -34.45 17.57
C TRP J 72 -30.95 -34.76 18.78
N TYR J 73 -32.24 -34.88 18.50
CA TYR J 73 -33.23 -35.22 19.51
C TYR J 73 -34.53 -35.60 18.80
N VAL J 74 -35.48 -36.11 19.56
CA VAL J 74 -36.78 -36.52 19.05
C VAL J 74 -37.79 -35.44 19.38
N GLY J 75 -38.53 -34.99 18.35
CA GLY J 75 -39.51 -33.95 18.53
C GLY J 75 -40.76 -34.21 17.72
N ALA J 76 -41.72 -33.31 17.86
CA ALA J 76 -42.98 -33.44 17.14
C ALA J 76 -42.85 -32.91 15.71
N ASP J 77 -43.67 -33.45 14.82
CA ASP J 77 -43.63 -33.01 13.43
C ASP J 77 -44.37 -31.69 13.28
N PRO J 78 -43.71 -30.64 12.78
CA PRO J 78 -44.41 -29.34 12.65
C PRO J 78 -45.57 -29.34 11.69
N ASP J 79 -45.56 -30.20 10.66
CA ASP J 79 -46.54 -30.16 9.59
C ASP J 79 -47.71 -31.14 9.80
N ILE J 80 -47.41 -32.39 10.14
CA ILE J 80 -48.42 -33.42 10.31
C ILE J 80 -48.61 -33.67 11.80
N SER J 81 -49.85 -33.99 12.20
CA SER J 81 -50.17 -34.15 13.60
C SER J 81 -51.29 -35.18 13.75
N GLY J 82 -51.40 -35.71 14.96
CA GLY J 82 -52.47 -36.61 15.32
C GLY J 82 -52.01 -38.02 15.65
N THR J 83 -51.08 -38.55 14.87
CA THR J 83 -50.59 -39.91 15.06
C THR J 83 -49.24 -39.95 15.78
N GLY J 84 -48.77 -38.84 16.31
CA GLY J 84 -47.45 -38.79 16.90
C GLY J 84 -47.34 -39.62 18.17
N MET J 85 -46.09 -39.92 18.53
CA MET J 85 -45.82 -40.67 19.74
C MET J 85 -46.18 -39.86 20.98
N SER J 86 -46.51 -40.55 22.06
CA SER J 86 -46.67 -39.89 23.34
C SER J 86 -45.29 -39.53 23.91
N ALA J 87 -45.30 -38.65 24.91
CA ALA J 87 -44.04 -38.18 25.48
C ALA J 87 -43.21 -39.34 26.01
N LYS J 88 -43.86 -40.34 26.62
CA LYS J 88 -43.13 -41.47 27.17
C LYS J 88 -42.37 -42.20 26.08
N GLU J 89 -43.00 -42.44 24.94
CA GLU J 89 -42.35 -43.18 23.86
C GLU J 89 -41.24 -42.36 23.23
N ARG J 90 -41.42 -41.04 23.11
CA ARG J 90 -40.34 -40.19 22.62
C ARG J 90 -39.13 -40.25 23.55
N LYS J 91 -39.37 -40.18 24.86
CA LYS J 91 -38.25 -40.30 25.80
C LYS J 91 -37.60 -41.68 25.72
N ALA J 92 -38.39 -42.73 25.51
CA ALA J 92 -37.83 -44.07 25.38
C ALA J 92 -36.94 -44.17 24.15
N LEU J 93 -37.38 -43.60 23.03
CA LEU J 93 -36.54 -43.62 21.83
C LEU J 93 -35.30 -42.75 21.98
N GLN J 94 -35.40 -41.69 22.79
CA GLN J 94 -34.23 -40.86 23.06
C GLN J 94 -33.10 -41.68 23.65
N GLN J 95 -33.44 -42.59 24.58
CA GLN J 95 -32.42 -43.42 25.20
C GLN J 95 -31.66 -44.24 24.15
N VAL J 96 -32.38 -44.94 23.27
CA VAL J 96 -31.72 -45.72 22.24
C VAL J 96 -30.90 -44.82 21.33
N LEU J 97 -31.41 -43.62 21.03
CA LEU J 97 -30.69 -42.69 20.18
C LEU J 97 -29.36 -42.26 20.79
N ASN J 98 -29.32 -41.98 22.09
CA ASN J 98 -28.09 -41.56 22.74
C ASN J 98 -27.09 -42.71 22.87
N ARG J 99 -27.57 -43.91 23.18
CA ARG J 99 -26.71 -45.08 23.38
C ARG J 99 -27.25 -46.22 22.53
N PRO J 100 -26.91 -46.24 21.23
CA PRO J 100 -27.52 -47.21 20.33
C PRO J 100 -27.37 -48.65 20.75
N ASN J 101 -26.22 -49.04 21.28
CA ASN J 101 -26.00 -50.43 21.69
C ASN J 101 -24.90 -50.45 22.74
N SER J 102 -24.41 -51.66 23.05
CA SER J 102 -23.49 -51.84 24.16
C SER J 102 -22.05 -51.44 23.83
N ALA J 103 -21.73 -51.20 22.56
CA ALA J 103 -20.35 -50.92 22.17
C ALA J 103 -20.21 -49.63 21.36
N MET J 104 -21.22 -48.76 21.37
CA MET J 104 -21.16 -47.52 20.61
C MET J 104 -22.03 -46.47 21.25
N SER J 105 -21.75 -45.21 20.93
CA SER J 105 -22.56 -44.07 21.31
C SER J 105 -23.03 -43.33 20.07
N GLY J 106 -23.85 -42.31 20.28
CA GLY J 106 -24.38 -41.56 19.14
C GLY J 106 -23.29 -40.97 18.27
N ALA J 107 -22.23 -40.44 18.90
CA ALA J 107 -21.15 -39.83 18.13
C ALA J 107 -20.51 -40.82 17.18
N GLN J 108 -20.23 -42.03 17.67
CA GLN J 108 -19.59 -43.04 16.83
C GLN J 108 -20.52 -43.52 15.73
N LEU J 109 -21.82 -43.64 16.01
CA LEU J 109 -22.77 -43.98 14.97
C LEU J 109 -22.79 -42.93 13.87
N ARG J 110 -22.81 -41.65 14.26
CA ARG J 110 -22.73 -40.58 13.26
C ARG J 110 -21.43 -40.65 12.47
N TYR J 111 -20.31 -40.92 13.14
CA TYR J 111 -19.04 -41.00 12.44
C TYR J 111 -19.07 -42.10 11.38
N ALA J 112 -19.52 -43.30 11.76
CA ALA J 112 -19.57 -44.42 10.83
C ALA J 112 -20.51 -44.12 9.67
N ALA J 113 -21.69 -43.56 9.98
CA ALA J 113 -22.65 -43.24 8.92
C ALA J 113 -22.07 -42.21 7.95
N THR J 114 -21.38 -41.20 8.48
CA THR J 114 -20.78 -40.18 7.63
C THR J 114 -19.72 -40.78 6.72
N LEU J 115 -18.87 -41.66 7.28
CA LEU J 115 -17.85 -42.28 6.44
C LEU J 115 -18.47 -43.13 5.35
N SER J 116 -19.51 -43.90 5.68
CA SER J 116 -20.17 -44.73 4.68
C SER J 116 -20.78 -43.85 3.59
N TRP J 117 -21.46 -42.77 3.99
CA TRP J 117 -22.07 -41.87 3.02
C TRP J 117 -21.04 -41.25 2.10
N ALA J 118 -19.91 -40.82 2.65
CA ALA J 118 -18.88 -40.18 1.84
C ALA J 118 -18.25 -41.19 0.87
N CYS J 119 -17.92 -42.38 1.34
CA CYS J 119 -17.19 -43.32 0.51
C CYS J 119 -18.07 -43.97 -0.55
N PHE J 120 -19.28 -44.38 -0.17
CA PHE J 120 -20.12 -45.19 -1.06
C PHE J 120 -21.42 -44.52 -1.48
N GLY J 121 -21.87 -43.48 -0.77
CA GLY J 121 -23.12 -42.83 -1.13
C GLY J 121 -24.35 -43.52 -0.62
N ARG J 122 -24.23 -44.38 0.38
CA ARG J 122 -25.38 -45.06 0.97
C ARG J 122 -24.99 -45.58 2.35
N MET J 123 -25.99 -45.75 3.20
CA MET J 123 -25.77 -46.25 4.56
C MET J 123 -26.91 -47.19 4.93
N ALA J 124 -26.57 -48.19 5.74
CA ALA J 124 -27.55 -49.19 6.17
C ALA J 124 -27.41 -49.42 7.66
N PHE J 125 -28.50 -49.83 8.28
CA PHE J 125 -28.54 -50.10 9.72
C PHE J 125 -29.47 -51.27 10.00
N LYS J 126 -29.21 -51.96 11.11
CA LYS J 126 -30.11 -52.97 11.63
C LYS J 126 -30.80 -52.45 12.88
N VAL J 127 -32.07 -52.79 13.05
CA VAL J 127 -32.89 -52.30 14.14
C VAL J 127 -33.46 -53.48 14.90
N SER J 128 -33.37 -53.46 16.22
CA SER J 128 -33.90 -54.50 17.08
C SER J 128 -35.15 -53.99 17.76
N VAL J 129 -36.22 -54.78 17.71
CA VAL J 129 -37.53 -54.36 18.19
C VAL J 129 -38.06 -55.39 19.17
N MET J 130 -38.76 -54.90 20.19
CA MET J 130 -39.37 -55.76 21.18
C MET J 130 -40.76 -56.20 20.72
N GLY J 131 -41.47 -56.91 21.61
CA GLY J 131 -42.78 -57.44 21.27
C GLY J 131 -43.80 -56.38 20.92
N ASP J 132 -43.80 -55.25 21.63
CA ASP J 132 -44.80 -54.21 21.42
C ASP J 132 -44.39 -53.18 20.37
N GLY J 133 -43.23 -53.35 19.73
CA GLY J 133 -42.82 -52.47 18.66
C GLY J 133 -41.77 -51.44 19.03
N SER J 134 -41.53 -51.22 20.32
CA SER J 134 -40.53 -50.24 20.72
C SER J 134 -39.13 -50.73 20.39
N VAL J 135 -38.25 -49.80 20.03
CA VAL J 135 -36.88 -50.12 19.66
C VAL J 135 -36.04 -50.24 20.92
N ASN J 136 -35.00 -51.07 20.87
CA ASN J 136 -34.08 -51.23 21.98
C ASN J 136 -32.60 -51.20 21.60
N ALA J 137 -32.27 -51.33 20.32
CA ALA J 137 -30.87 -51.28 19.90
C ALA J 137 -30.80 -50.96 18.42
N ILE J 138 -29.63 -50.50 18.00
CA ILE J 138 -29.34 -50.20 16.60
C ILE J 138 -27.92 -50.68 16.30
N TRP J 139 -27.73 -51.28 15.12
CA TRP J 139 -26.43 -51.77 14.70
C TRP J 139 -26.10 -51.24 13.31
N PRO J 140 -24.86 -50.79 13.08
CA PRO J 140 -24.47 -50.38 11.73
C PRO J 140 -24.00 -51.56 10.91
N LEU J 141 -24.29 -51.50 9.60
CA LEU J 141 -23.91 -52.55 8.68
C LEU J 141 -22.83 -52.04 7.74
N GLY J 142 -21.93 -52.94 7.34
CA GLY J 142 -20.89 -52.60 6.39
C GLY J 142 -21.36 -52.72 4.96
N ILE J 143 -21.34 -51.61 4.23
CA ILE J 143 -21.83 -51.57 2.85
C ILE J 143 -21.11 -52.62 2.00
N PRO J 144 -19.80 -52.80 2.15
CA PRO J 144 -19.11 -53.80 1.31
C PRO J 144 -19.68 -55.20 1.43
N PHE J 145 -20.19 -55.58 2.61
CA PHE J 145 -20.62 -56.95 2.87
C PHE J 145 -22.13 -57.13 2.74
N LEU J 146 -22.84 -56.16 2.17
CA LEU J 146 -24.29 -56.16 2.14
C LEU J 146 -24.80 -56.53 0.76
N LYS J 147 -25.80 -57.42 0.71
CA LYS J 147 -26.47 -57.80 -0.52
C LYS J 147 -27.98 -57.77 -0.28
N GLN J 148 -28.73 -57.49 -1.34
CA GLN J 148 -30.17 -57.29 -1.23
C GLN J 148 -30.89 -58.03 -2.36
N GLU J 149 -32.16 -58.34 -2.12
CA GLU J 149 -32.99 -59.07 -3.05
C GLU J 149 -34.25 -58.28 -3.37
N PHE J 150 -34.83 -58.54 -4.54
CA PHE J 150 -35.98 -57.80 -5.03
C PHE J 150 -37.10 -58.76 -5.42
N ASN J 151 -38.33 -58.29 -5.33
CA ASN J 151 -39.45 -58.98 -5.95
C ASN J 151 -39.60 -58.52 -7.39
N LYS J 152 -40.69 -58.95 -8.04
CA LYS J 152 -40.87 -58.61 -9.44
C LYS J 152 -41.33 -57.17 -9.65
N TYR J 153 -41.75 -56.49 -8.58
CA TYR J 153 -42.19 -55.10 -8.68
C TYR J 153 -41.10 -54.10 -8.34
N GLY J 154 -39.89 -54.55 -8.01
CA GLY J 154 -38.77 -53.67 -7.78
C GLY J 154 -38.50 -53.33 -6.33
N GLU J 155 -39.42 -53.60 -5.43
CA GLU J 155 -39.21 -53.33 -4.01
C GLU J 155 -38.23 -54.34 -3.42
N VAL J 156 -37.56 -53.94 -2.35
CA VAL J 156 -36.58 -54.78 -1.68
C VAL J 156 -37.31 -55.61 -0.63
N THR J 157 -37.02 -56.91 -0.60
CA THR J 157 -37.70 -57.83 0.32
C THR J 157 -36.80 -58.39 1.39
N THR J 158 -35.50 -58.49 1.16
CA THR J 158 -34.59 -59.11 2.12
C THR J 158 -33.19 -58.52 1.96
N PHE J 159 -32.49 -58.40 3.09
CA PHE J 159 -31.10 -57.97 3.11
C PHE J 159 -30.23 -59.14 3.57
N GLN J 160 -29.23 -59.48 2.77
CA GLN J 160 -28.29 -60.55 3.08
C GLN J 160 -26.97 -59.94 3.51
N TYR J 161 -26.53 -60.26 4.74
CA TYR J 161 -25.33 -59.69 5.33
C TYR J 161 -24.33 -60.81 5.59
N GLY J 162 -23.09 -60.59 5.16
CA GLY J 162 -22.03 -61.56 5.37
C GLY J 162 -21.72 -62.36 4.11
N ASP J 163 -20.66 -63.15 4.21
CA ASP J 163 -20.20 -63.96 3.10
C ASP J 163 -20.98 -65.27 3.01
N GLU J 164 -20.54 -66.15 2.11
CA GLU J 164 -21.23 -67.41 1.89
C GLU J 164 -21.15 -68.35 3.09
N GLY J 165 -20.00 -68.39 3.77
CA GLY J 165 -19.82 -69.29 4.89
C GLY J 165 -20.36 -68.81 6.21
N ASN J 166 -20.73 -67.53 6.31
CA ASN J 166 -21.32 -66.99 7.53
C ASN J 166 -22.55 -66.13 7.22
N ARG J 167 -23.43 -66.60 6.34
CA ARG J 167 -24.50 -65.76 5.83
C ARG J 167 -25.49 -65.42 6.93
N GLU J 168 -26.03 -64.21 6.87
CA GLU J 168 -27.09 -63.76 7.77
C GLU J 168 -28.19 -63.10 6.95
N SER J 169 -29.43 -63.48 7.24
CA SER J 169 -30.59 -62.95 6.54
C SER J 169 -31.36 -62.02 7.45
N ILE J 170 -31.69 -60.84 6.93
CA ILE J 170 -32.45 -59.83 7.67
C ILE J 170 -33.63 -59.39 6.82
N LYS J 171 -34.80 -59.33 7.44
CA LYS J 171 -35.99 -58.87 6.73
C LYS J 171 -35.95 -57.36 6.56
N SER J 172 -36.50 -56.89 5.43
CA SER J 172 -36.57 -55.46 5.19
C SER J 172 -37.76 -54.86 5.92
N PHE J 173 -37.74 -53.53 6.05
CA PHE J 173 -38.82 -52.84 6.75
C PHE J 173 -40.17 -53.10 6.10
N TYR J 174 -40.20 -53.18 4.76
CA TYR J 174 -41.47 -53.36 4.07
C TYR J 174 -42.04 -54.75 4.29
N SER J 175 -41.20 -55.77 4.27
CA SER J 175 -41.64 -57.15 4.37
C SER J 175 -41.81 -57.62 5.81
N ALA J 176 -41.40 -56.83 6.79
CA ALA J 176 -41.53 -57.24 8.19
C ALA J 176 -42.98 -57.16 8.65
N ALA J 177 -43.39 -58.13 9.46
CA ALA J 177 -44.73 -58.12 10.02
C ALA J 177 -44.91 -56.92 10.93
N LYS J 178 -46.10 -56.30 10.86
CA LYS J 178 -46.38 -55.07 11.57
C LYS J 178 -47.64 -55.23 12.41
N ASN J 179 -47.69 -54.48 13.51
CA ASN J 179 -48.87 -54.47 14.36
C ASN J 179 -49.97 -53.63 13.72
N GLU J 180 -51.06 -53.43 14.46
CA GLU J 180 -52.20 -52.71 13.91
C GLU J 180 -51.89 -51.25 13.64
N LYS J 181 -50.84 -50.70 14.24
CA LYS J 181 -50.45 -49.31 14.02
C LYS J 181 -49.41 -49.15 12.93
N GLY J 182 -48.99 -50.24 12.29
CA GLY J 182 -48.04 -50.16 11.19
C GLY J 182 -46.59 -50.18 11.58
N ARG J 183 -46.28 -50.33 12.87
CA ARG J 183 -44.88 -50.41 13.26
C ARG J 183 -44.41 -51.87 13.26
N PRO J 184 -43.15 -52.14 12.92
CA PRO J 184 -42.70 -53.54 12.90
C PRO J 184 -42.67 -54.15 14.30
N ILE J 185 -42.83 -55.47 14.35
CA ILE J 185 -42.75 -56.23 15.59
C ILE J 185 -41.63 -57.28 15.55
N GLU J 186 -40.67 -57.11 14.65
CA GLU J 186 -39.54 -58.02 14.56
C GLU J 186 -38.35 -57.28 13.97
N ASN J 187 -37.17 -57.89 14.11
CA ASN J 187 -35.94 -57.25 13.65
C ASN J 187 -36.01 -56.99 12.16
N TYR J 188 -35.42 -55.86 11.74
CA TYR J 188 -35.43 -55.46 10.34
C TYR J 188 -34.25 -54.55 10.08
N ALA J 189 -34.02 -54.27 8.80
CA ALA J 189 -32.93 -53.40 8.37
C ALA J 189 -33.46 -52.44 7.29
N PHE J 190 -32.72 -51.36 7.08
CA PHE J 190 -33.08 -50.37 6.08
C PHE J 190 -31.82 -49.71 5.55
N MET J 191 -31.93 -49.13 4.35
CA MET J 191 -30.80 -48.52 3.67
C MET J 191 -31.24 -47.19 3.07
N ILE J 192 -30.30 -46.25 3.00
CA ILE J 192 -30.53 -44.93 2.41
C ILE J 192 -29.64 -44.80 1.19
N VAL J 193 -30.17 -44.19 0.13
CA VAL J 193 -29.51 -44.12 -1.17
C VAL J 193 -29.53 -42.67 -1.66
N LYS J 194 -28.43 -42.26 -2.31
CA LYS J 194 -28.34 -40.94 -2.94
C LYS J 194 -28.79 -41.03 -4.39
N PRO J 195 -29.72 -40.20 -4.83
CA PRO J 195 -30.25 -40.33 -6.20
C PRO J 195 -29.17 -40.17 -7.25
N SER J 196 -29.53 -40.51 -8.49
CA SER J 196 -28.65 -40.37 -9.63
C SER J 196 -29.46 -39.85 -10.82
N ILE J 197 -28.83 -39.83 -11.99
CA ILE J 197 -29.45 -39.24 -13.17
C ILE J 197 -30.46 -40.19 -13.82
N ASN J 198 -30.37 -41.49 -13.55
CA ASN J 198 -31.19 -42.47 -14.25
C ASN J 198 -32.56 -42.67 -13.60
N GLY J 199 -32.87 -41.96 -12.52
CA GLY J 199 -34.19 -42.07 -11.92
C GLY J 199 -34.30 -43.13 -10.85
N ALA J 200 -34.20 -44.40 -11.25
CA ALA J 200 -34.33 -45.48 -10.28
C ALA J 200 -33.31 -45.34 -9.17
N MET J 201 -33.75 -45.56 -7.94
CA MET J 201 -32.91 -45.33 -6.78
C MET J 201 -32.20 -46.58 -6.28
N ASN J 202 -32.89 -47.72 -6.23
CA ASN J 202 -32.29 -48.96 -5.76
C ASN J 202 -31.61 -49.65 -6.94
N LEU J 203 -30.34 -49.30 -7.15
CA LEU J 203 -29.55 -49.83 -8.24
C LEU J 203 -28.08 -49.81 -7.86
N ASP J 204 -27.29 -50.59 -8.59
CA ASP J 204 -25.85 -50.61 -8.39
C ASP J 204 -25.20 -49.46 -9.14
N VAL J 205 -25.70 -48.24 -8.91
CA VAL J 205 -25.15 -47.04 -9.52
C VAL J 205 -25.03 -45.98 -8.44
N GLN J 206 -23.83 -45.83 -7.88
CA GLN J 206 -23.64 -44.95 -6.74
C GLN J 206 -23.42 -43.51 -7.21
N ASN J 207 -23.43 -42.59 -6.24
CA ASN J 207 -23.17 -41.18 -6.49
C ASN J 207 -22.28 -40.69 -5.35
N THR J 208 -20.97 -40.77 -5.53
CA THR J 208 -20.01 -40.41 -4.50
C THR J 208 -18.90 -39.58 -5.13
N PRO J 209 -18.24 -38.72 -4.35
CA PRO J 209 -17.13 -37.95 -4.92
C PRO J 209 -15.98 -38.79 -5.44
N LEU J 210 -15.80 -40.01 -4.93
CA LEU J 210 -14.69 -40.85 -5.35
C LEU J 210 -14.78 -41.26 -6.81
N GLN J 211 -15.93 -41.07 -7.46
CA GLN J 211 -16.04 -41.36 -8.88
C GLN J 211 -15.07 -40.53 -9.70
N ALA J 212 -14.90 -39.26 -9.36
CA ALA J 212 -14.28 -38.28 -10.25
C ALA J 212 -12.84 -37.92 -9.88
N VAL J 213 -12.33 -38.39 -8.75
CA VAL J 213 -11.01 -37.97 -8.29
C VAL J 213 -9.96 -39.03 -8.61
N GLY J 214 -10.25 -39.89 -9.59
CA GLY J 214 -9.30 -40.94 -9.93
C GLY J 214 -7.99 -40.40 -10.49
N MET J 215 -8.08 -39.53 -11.51
CA MET J 215 -6.86 -39.03 -12.15
C MET J 215 -6.02 -38.19 -11.19
N PRO J 216 -6.58 -37.25 -10.42
CA PRO J 216 -5.73 -36.51 -9.47
C PRO J 216 -4.96 -37.40 -8.52
N VAL J 217 -5.62 -38.41 -7.93
CA VAL J 217 -4.95 -39.30 -7.00
C VAL J 217 -3.88 -40.10 -7.73
N ALA J 218 -4.19 -40.60 -8.94
CA ALA J 218 -3.22 -41.37 -9.69
C ALA J 218 -1.97 -40.57 -9.99
N LEU J 219 -2.13 -39.28 -10.32
CA LEU J 219 -0.96 -38.45 -10.62
C LEU J 219 -0.20 -38.07 -9.35
N TYR J 220 -0.93 -37.80 -8.27
CA TYR J 220 -0.29 -37.46 -6.99
C TYR J 220 0.59 -38.60 -6.52
N ASN J 221 0.06 -39.83 -6.56
CA ASN J 221 0.85 -40.97 -6.10
C ASN J 221 2.09 -41.16 -6.96
N GLY J 222 1.96 -41.00 -8.27
CA GLY J 222 3.11 -41.15 -9.14
C GLY J 222 4.20 -40.13 -8.85
N LEU J 223 3.80 -38.86 -8.69
CA LEU J 223 4.79 -37.83 -8.41
C LEU J 223 5.49 -38.08 -7.07
N MET J 224 4.74 -38.46 -6.03
CA MET J 224 5.38 -38.73 -4.75
C MET J 224 6.31 -39.94 -4.84
N GLU J 225 5.90 -40.97 -5.58
CA GLU J 225 6.76 -42.13 -5.76
C GLU J 225 8.05 -41.76 -6.46
N ARG J 226 7.98 -40.92 -7.49
CA ARG J 226 9.19 -40.46 -8.15
C ARG J 226 10.08 -39.68 -7.19
N ALA J 227 9.49 -38.82 -6.37
CA ALA J 227 10.29 -38.07 -5.40
C ALA J 227 11.03 -39.01 -4.46
N LEU J 228 10.31 -40.01 -3.92
CA LEU J 228 10.96 -40.97 -3.03
C LEU J 228 12.07 -41.72 -3.75
N GLU J 229 11.80 -42.21 -4.96
CA GLU J 229 12.81 -42.96 -5.69
C GLU J 229 14.06 -42.11 -5.95
N GLN J 230 13.88 -40.81 -6.19
CA GLN J 230 15.03 -39.94 -6.39
C GLN J 230 15.78 -39.67 -5.10
N CYS J 231 15.08 -39.61 -3.97
CA CYS J 231 15.74 -39.27 -2.72
C CYS J 231 16.85 -40.25 -2.37
N ASP J 232 16.62 -41.54 -2.62
CA ASP J 232 17.53 -42.60 -2.18
C ASP J 232 18.50 -43.06 -3.27
N GLY J 233 18.46 -42.47 -4.47
CA GLY J 233 19.26 -42.96 -5.56
C GLY J 233 20.31 -42.00 -6.08
N THR J 234 20.09 -40.71 -5.89
CA THR J 234 20.99 -39.70 -6.43
C THR J 234 22.28 -39.66 -5.61
N PRO J 235 23.46 -39.78 -6.24
CA PRO J 235 24.70 -39.72 -5.46
C PRO J 235 24.81 -38.42 -4.69
N ASN J 236 25.40 -38.50 -3.50
CA ASN J 236 25.54 -37.37 -2.58
C ASN J 236 26.99 -36.92 -2.59
N SER J 237 27.32 -36.01 -3.51
CA SER J 237 28.67 -35.49 -3.63
C SER J 237 28.62 -34.08 -4.18
N LYS J 238 29.71 -33.33 -3.99
CA LYS J 238 29.78 -31.95 -4.43
C LYS J 238 30.95 -31.65 -5.36
N TRP J 239 32.04 -32.41 -5.30
CA TRP J 239 33.21 -32.17 -6.14
C TRP J 239 33.43 -33.36 -7.05
N PHE J 240 33.87 -33.08 -8.27
CA PHE J 240 34.27 -34.11 -9.22
C PHE J 240 35.67 -33.75 -9.74
N VAL J 241 36.67 -34.52 -9.33
CA VAL J 241 38.07 -34.20 -9.59
C VAL J 241 38.64 -35.25 -10.53
N THR J 242 39.35 -34.79 -11.56
CA THR J 242 39.99 -35.66 -12.53
C THR J 242 41.46 -35.29 -12.64
N ALA J 243 42.29 -36.29 -12.96
CA ALA J 243 43.73 -36.09 -13.04
C ALA J 243 44.28 -36.85 -14.24
N GLY J 244 45.48 -36.48 -14.66
CA GLY J 244 46.12 -37.14 -15.78
C GLY J 244 46.75 -38.47 -15.40
N ARG J 245 47.30 -39.14 -16.41
CA ARG J 245 47.91 -40.44 -16.19
C ARG J 245 49.34 -40.35 -15.68
N ASP J 246 50.03 -39.24 -15.92
CA ASP J 246 51.44 -39.12 -15.57
C ASP J 246 51.68 -38.77 -14.11
N ILE J 247 51.11 -39.55 -13.19
CA ILE J 247 51.33 -39.39 -11.76
C ILE J 247 51.70 -40.76 -11.19
N GLY J 248 52.77 -40.80 -10.40
CA GLY J 248 53.24 -42.06 -9.85
C GLY J 248 52.18 -42.77 -9.04
N GLU J 249 52.55 -43.97 -8.59
CA GLU J 249 51.64 -44.79 -7.79
C GLU J 249 51.50 -44.28 -6.37
N VAL J 250 52.29 -43.29 -5.97
CA VAL J 250 52.28 -42.77 -4.60
C VAL J 250 51.80 -41.32 -4.55
N GLN J 251 52.28 -40.47 -5.45
CA GLN J 251 51.87 -39.07 -5.43
C GLN J 251 50.36 -38.94 -5.58
N SER J 252 49.72 -39.90 -6.24
CA SER J 252 48.26 -39.87 -6.34
C SER J 252 47.61 -39.97 -4.98
N LYS J 253 48.14 -40.82 -4.09
CA LYS J 253 47.62 -40.90 -2.73
C LYS J 253 47.89 -39.62 -1.95
N GLU J 254 49.07 -39.01 -2.16
CA GLU J 254 49.37 -37.76 -1.48
C GLU J 254 48.40 -36.66 -1.89
N ILE J 255 48.01 -36.62 -3.16
CA ILE J 255 47.07 -35.59 -3.61
C ILE J 255 45.76 -35.72 -2.85
N LYS J 256 45.20 -36.93 -2.78
CA LYS J 256 43.91 -37.12 -2.13
C LYS J 256 44.02 -36.91 -0.62
N ASP J 257 45.15 -37.27 -0.03
CA ASP J 257 45.37 -36.97 1.38
C ASP J 257 45.38 -35.47 1.62
N GLY J 258 46.02 -34.72 0.73
CA GLY J 258 46.02 -33.27 0.86
C GLY J 258 44.62 -32.69 0.74
N ILE J 259 43.83 -33.19 -0.22
CA ILE J 259 42.45 -32.74 -0.34
C ILE J 259 41.63 -33.17 0.87
N ASP J 260 41.92 -34.37 1.38
CA ASP J 260 41.12 -34.90 2.49
C ASP J 260 41.37 -34.16 3.79
N ASP J 261 42.58 -33.62 3.98
CA ASP J 261 42.92 -32.95 5.23
C ASP J 261 42.19 -31.62 5.39
N THR J 262 41.53 -31.12 4.36
CA THR J 262 40.75 -29.90 4.46
C THR J 262 39.31 -30.16 4.89
N LYS J 263 38.96 -31.39 5.21
CA LYS J 263 37.64 -31.68 5.77
C LYS J 263 37.51 -31.02 7.14
N PRO J 264 36.29 -30.77 7.58
CA PRO J 264 36.10 -30.26 8.95
C PRO J 264 36.71 -31.22 9.95
N GLY J 265 37.42 -30.67 10.94
CA GLY J 265 38.10 -31.47 11.93
C GLY J 265 39.41 -32.06 11.49
N GLY J 266 39.87 -31.77 10.27
CA GLY J 266 41.12 -32.31 9.80
C GLY J 266 42.32 -31.52 10.30
N ASP J 267 43.50 -31.96 9.85
CA ASP J 267 44.74 -31.32 10.26
C ASP J 267 44.97 -29.99 9.54
N SER J 268 44.29 -29.74 8.43
CA SER J 268 44.49 -28.53 7.65
C SER J 268 43.17 -27.93 7.19
N ALA J 269 42.15 -27.95 8.04
CA ALA J 269 40.84 -27.44 7.66
C ALA J 269 40.89 -25.93 7.46
N GLY J 270 40.26 -25.47 6.37
CA GLY J 270 40.13 -24.05 6.11
C GLY J 270 41.23 -23.48 5.25
N GLU J 271 42.32 -24.22 5.09
CA GLU J 271 43.45 -23.72 4.31
C GLU J 271 43.24 -23.97 2.82
N ILE J 272 44.12 -23.37 2.02
CA ILE J 272 44.02 -23.53 0.57
C ILE J 272 44.63 -24.88 0.16
N ILE J 273 44.36 -25.27 -1.08
CA ILE J 273 44.91 -26.48 -1.68
C ILE J 273 45.94 -26.06 -2.71
N PHE J 274 47.18 -26.52 -2.53
CA PHE J 274 48.29 -26.17 -3.40
C PHE J 274 48.84 -27.45 -4.03
N VAL J 275 48.50 -27.68 -5.30
CA VAL J 275 48.93 -28.86 -6.03
C VAL J 275 50.01 -28.42 -7.03
N PHE J 276 51.18 -29.05 -6.94
CA PHE J 276 52.33 -28.67 -7.75
C PHE J 276 52.66 -29.78 -8.73
N GLY J 277 52.68 -29.46 -10.02
CA GLY J 277 53.21 -30.34 -11.04
C GLY J 277 52.20 -31.18 -11.78
N GLU J 278 50.90 -30.97 -11.55
CA GLU J 278 49.86 -31.74 -12.23
C GLU J 278 48.73 -30.83 -12.67
N ASP J 279 48.03 -31.24 -13.73
CA ASP J 279 46.88 -30.51 -14.25
C ASP J 279 45.58 -31.12 -13.74
N VAL J 280 45.37 -31.00 -12.43
CA VAL J 280 44.15 -31.50 -11.82
C VAL J 280 43.00 -30.58 -12.14
N LYS J 281 41.86 -31.16 -12.51
CA LYS J 281 40.66 -30.41 -12.86
C LYS J 281 39.60 -30.63 -11.79
N LEU J 282 38.85 -29.56 -11.52
CA LEU J 282 37.84 -29.56 -10.47
C LEU J 282 36.51 -29.10 -11.04
N GLN J 283 35.46 -29.88 -10.83
CA GLN J 283 34.12 -29.56 -11.29
C GLN J 283 33.18 -29.44 -10.10
N GLU J 284 32.37 -28.39 -10.08
CA GLU J 284 31.34 -28.25 -9.07
C GLU J 284 30.10 -29.02 -9.49
N ILE J 285 29.49 -29.71 -8.53
CA ILE J 285 28.25 -30.46 -8.74
C ILE J 285 27.16 -29.77 -7.95
N LYS J 286 26.08 -29.41 -8.64
CA LYS J 286 24.92 -28.77 -8.01
C LYS J 286 23.75 -29.74 -8.06
N ASN J 287 23.55 -30.47 -6.97
CA ASN J 287 22.39 -31.36 -6.83
C ASN J 287 21.22 -30.50 -6.38
N ASP J 288 20.41 -30.07 -7.34
CA ASP J 288 19.29 -29.17 -7.07
C ASP J 288 18.05 -30.02 -6.79
N LEU J 289 17.75 -30.23 -5.52
CA LEU J 289 16.57 -30.98 -5.10
C LEU J 289 15.45 -30.06 -4.64
N SER J 290 15.48 -28.79 -4.99
CA SER J 290 14.44 -27.85 -4.59
C SER J 290 13.12 -28.08 -5.30
N ASP J 291 13.10 -28.88 -6.36
CA ASP J 291 11.87 -29.25 -7.06
C ASP J 291 11.78 -30.76 -7.19
N ILE J 292 12.24 -31.47 -6.16
CA ILE J 292 12.24 -32.93 -6.20
C ILE J 292 10.83 -33.48 -6.27
N HIS J 293 9.87 -32.81 -5.63
CA HIS J 293 8.52 -33.33 -5.48
C HIS J 293 7.52 -32.69 -6.44
N SER J 294 7.96 -31.86 -7.38
CA SER J 294 7.07 -31.25 -8.37
C SER J 294 5.96 -30.45 -7.67
N LYS J 295 6.38 -29.37 -7.02
CA LYS J 295 5.50 -28.62 -6.12
C LYS J 295 4.18 -28.23 -6.81
N ILE J 296 4.28 -27.61 -7.98
CA ILE J 296 3.09 -26.99 -8.58
C ILE J 296 2.05 -28.02 -8.97
N PRO J 297 2.35 -29.04 -9.78
CA PRO J 297 1.31 -30.04 -10.10
C PRO J 297 0.79 -30.76 -8.88
N LEU J 298 1.64 -31.05 -7.90
CA LEU J 298 1.18 -31.72 -6.70
C LEU J 298 0.16 -30.86 -5.94
N ASP J 299 0.46 -29.57 -5.80
CA ASP J 299 -0.49 -28.66 -5.15
C ASP J 299 -1.78 -28.57 -5.94
N ASP J 300 -1.70 -28.52 -7.28
CA ASP J 300 -2.91 -28.47 -8.07
C ASP J 300 -3.76 -29.72 -7.88
N GLN J 301 -3.14 -30.91 -7.88
CA GLN J 301 -3.90 -32.13 -7.64
C GLN J 301 -4.53 -32.13 -6.25
N ALA J 302 -3.79 -31.66 -5.24
CA ALA J 302 -4.35 -31.59 -3.90
C ALA J 302 -5.57 -30.67 -3.87
N ARG J 303 -5.48 -29.51 -4.52
CA ARG J 303 -6.62 -28.60 -4.57
C ARG J 303 -7.81 -29.25 -5.27
N THR J 304 -7.56 -29.94 -6.39
CA THR J 304 -8.64 -30.58 -7.11
C THR J 304 -9.31 -31.66 -6.27
N ILE J 305 -8.52 -32.46 -5.56
CA ILE J 305 -9.09 -33.50 -4.70
C ILE J 305 -9.92 -32.86 -3.59
N ALA J 306 -9.41 -31.79 -2.98
CA ALA J 306 -10.13 -31.15 -1.89
C ALA J 306 -11.43 -30.52 -2.38
N GLY J 307 -11.43 -29.98 -3.59
CA GLY J 307 -12.61 -29.28 -4.09
C GLY J 307 -13.80 -30.21 -4.26
N ASN J 308 -13.58 -31.40 -4.82
CA ASN J 308 -14.69 -32.29 -5.14
C ASN J 308 -15.48 -32.68 -3.90
N PHE J 309 -14.81 -32.75 -2.73
CA PHE J 309 -15.52 -33.08 -1.50
C PHE J 309 -16.27 -31.90 -0.92
N GLY J 310 -16.02 -30.69 -1.40
CA GLY J 310 -16.73 -29.53 -0.91
C GLY J 310 -16.14 -28.93 0.35
N ILE J 311 -14.83 -29.03 0.52
CA ILE J 311 -14.13 -28.53 1.69
C ILE J 311 -13.25 -27.37 1.24
N PRO J 312 -13.47 -26.15 1.72
CA PRO J 312 -12.53 -25.07 1.40
C PRO J 312 -11.12 -25.43 1.86
N ILE J 313 -10.16 -25.29 0.96
CA ILE J 313 -8.80 -25.75 1.23
C ILE J 313 -8.20 -25.02 2.43
N ALA J 314 -8.72 -23.85 2.78
CA ALA J 314 -8.21 -23.14 3.96
C ALA J 314 -8.40 -23.96 5.22
N LEU J 315 -9.56 -24.59 5.37
CA LEU J 315 -9.84 -25.39 6.56
C LEU J 315 -9.05 -26.68 6.59
N LEU J 316 -8.73 -27.26 5.44
CA LEU J 316 -8.06 -28.55 5.41
C LEU J 316 -6.68 -28.48 6.05
N GLY J 317 -6.08 -27.29 6.10
CA GLY J 317 -4.75 -27.11 6.64
C GLY J 317 -3.66 -26.97 5.61
N PHE J 318 -3.94 -27.23 4.34
CA PHE J 318 -2.97 -27.06 3.27
C PHE J 318 -3.00 -25.63 2.76
N ALA J 319 -1.86 -25.19 2.24
CA ALA J 319 -1.68 -23.79 1.90
C ALA J 319 -2.27 -23.47 0.53
N ALA J 320 -2.48 -22.17 0.29
CA ALA J 320 -2.92 -21.66 -0.99
C ALA J 320 -2.50 -20.21 -1.10
N ALA J 321 -2.57 -19.68 -2.32
CA ALA J 321 -1.94 -18.39 -2.60
C ALA J 321 -2.87 -17.19 -2.40
N ASP J 322 -4.19 -17.38 -2.50
CA ASP J 322 -5.12 -16.25 -2.56
C ASP J 322 -6.13 -16.27 -1.42
N GLY J 323 -5.69 -16.49 -0.18
CA GLY J 323 -6.64 -16.57 0.92
C GLY J 323 -7.38 -15.27 1.18
N SER J 324 -6.65 -14.16 1.21
CA SER J 324 -7.25 -12.87 1.55
C SER J 324 -8.05 -12.26 0.40
N LYS J 325 -7.84 -12.73 -0.83
CA LYS J 325 -8.53 -12.12 -1.97
C LYS J 325 -10.02 -12.47 -2.01
N PHE J 326 -10.41 -13.59 -1.41
CA PHE J 326 -11.82 -13.98 -1.38
C PHE J 326 -12.37 -13.94 0.04
N ALA J 327 -11.74 -14.67 0.96
CA ALA J 327 -12.25 -14.80 2.31
C ALA J 327 -11.58 -13.77 3.22
N SER J 328 -12.39 -12.89 3.80
CA SER J 328 -11.84 -11.88 4.69
C SER J 328 -11.20 -12.49 5.94
N ASN J 329 -11.83 -13.52 6.50
CA ASN J 329 -11.39 -14.09 7.77
C ASN J 329 -11.45 -15.61 7.67
N TYR J 330 -11.27 -16.28 8.81
CA TYR J 330 -11.34 -17.73 8.94
C TYR J 330 -12.73 -18.18 9.38
N ASP J 331 -13.37 -17.39 10.24
CA ASP J 331 -14.69 -17.73 10.72
C ASP J 331 -15.71 -17.78 9.59
N GLU J 332 -15.60 -16.86 8.62
CA GLU J 332 -16.48 -16.92 7.47
C GLU J 332 -16.29 -18.21 6.69
N SER J 333 -15.05 -18.66 6.52
CA SER J 333 -14.81 -19.93 5.84
C SER J 333 -15.44 -21.09 6.61
N ARG J 334 -15.28 -21.12 7.92
CA ARG J 334 -15.89 -22.19 8.71
C ARG J 334 -17.41 -22.18 8.58
N LYS J 335 -18.01 -20.99 8.71
CA LYS J 335 -19.46 -20.87 8.65
C LYS J 335 -19.99 -21.29 7.28
N ALA J 336 -19.31 -20.85 6.21
CA ALA J 336 -19.73 -21.22 4.87
C ALA J 336 -19.60 -22.72 4.65
N PHE J 337 -18.46 -23.31 5.06
CA PHE J 337 -18.30 -24.75 4.93
C PHE J 337 -19.47 -25.47 5.60
N PHE J 338 -19.75 -25.14 6.85
CA PHE J 338 -20.87 -25.80 7.53
C PHE J 338 -22.15 -25.62 6.74
N GLU J 339 -22.62 -24.37 6.61
CA GLU J 339 -23.95 -24.11 6.07
C GLU J 339 -24.12 -24.65 4.66
N ASP J 340 -23.03 -24.74 3.88
CA ASP J 340 -23.16 -25.07 2.47
C ASP J 340 -22.86 -26.52 2.14
N THR J 341 -22.11 -27.24 2.97
CA THR J 341 -21.81 -28.63 2.72
C THR J 341 -22.46 -29.55 3.75
N ILE J 342 -22.28 -29.27 5.04
CA ILE J 342 -22.70 -30.22 6.07
C ILE J 342 -24.22 -30.26 6.15
N GLU J 343 -24.86 -29.09 6.15
CA GLU J 343 -26.31 -29.03 6.34
C GLU J 343 -27.07 -29.72 5.22
N PRO J 344 -26.82 -29.42 3.94
CA PRO J 344 -27.64 -30.04 2.89
C PRO J 344 -27.11 -31.39 2.43
N GLY J 345 -25.87 -31.69 2.76
CA GLY J 345 -25.22 -32.88 2.24
C GLY J 345 -25.27 -34.09 3.15
N TYR J 346 -25.12 -33.88 4.45
CA TYR J 346 -24.93 -34.99 5.37
C TYR J 346 -25.97 -35.06 6.48
N LEU J 347 -26.39 -33.91 7.03
CA LEU J 347 -27.39 -33.92 8.09
C LEU J 347 -28.75 -34.33 7.54
N THR J 348 -29.17 -33.72 6.43
CA THR J 348 -30.52 -33.95 5.92
C THR J 348 -30.76 -35.40 5.54
N PRO J 349 -29.88 -36.09 4.82
CA PRO J 349 -30.15 -37.50 4.50
C PRO J 349 -30.35 -38.38 5.72
N MET J 350 -29.44 -38.30 6.70
CA MET J 350 -29.58 -39.11 7.90
C MET J 350 -30.86 -38.76 8.64
N GLU J 351 -31.14 -37.47 8.78
CA GLU J 351 -32.34 -37.02 9.46
C GLU J 351 -33.59 -37.61 8.81
N ASP J 352 -33.71 -37.45 7.49
CA ASP J 352 -34.90 -37.93 6.79
C ASP J 352 -35.01 -39.45 6.87
N GLY J 353 -33.89 -40.16 6.70
CA GLY J 353 -33.92 -41.60 6.75
C GLY J 353 -34.38 -42.13 8.09
N PHE J 354 -33.80 -41.60 9.18
CA PHE J 354 -34.22 -42.03 10.49
C PHE J 354 -35.67 -41.66 10.77
N SER J 355 -36.10 -40.46 10.36
CA SER J 355 -37.49 -40.08 10.57
C SER J 355 -38.43 -41.02 9.82
N MET J 356 -38.05 -41.43 8.61
CA MET J 356 -38.92 -42.31 7.82
C MET J 356 -38.97 -43.71 8.41
N PHE J 357 -37.84 -44.25 8.84
CA PHE J 357 -37.75 -45.67 9.17
C PHE J 357 -37.75 -46.00 10.65
N LEU J 358 -37.80 -45.00 11.54
CA LEU J 358 -37.87 -45.26 12.97
C LEU J 358 -39.10 -44.65 13.63
N CYS J 359 -39.38 -43.38 13.36
CA CYS J 359 -40.47 -42.69 14.05
C CYS J 359 -41.77 -42.81 13.27
N ALA J 360 -42.87 -42.94 14.00
CA ALA J 360 -44.19 -42.98 13.41
C ALA J 360 -44.59 -41.59 12.92
N PRO J 361 -45.58 -41.50 12.02
CA PRO J 361 -46.00 -40.19 11.53
C PRO J 361 -46.41 -39.28 12.67
N GLY J 362 -46.10 -37.99 12.53
CA GLY J 362 -46.34 -37.02 13.58
C GLY J 362 -45.13 -36.74 14.45
N SER J 363 -44.09 -37.56 14.37
CA SER J 363 -42.85 -37.33 15.10
C SER J 363 -41.70 -37.33 14.12
N ARG J 364 -40.54 -36.86 14.58
CA ARG J 364 -39.39 -36.72 13.71
C ARG J 364 -38.11 -36.74 14.55
N VAL J 365 -37.00 -36.94 13.86
CA VAL J 365 -35.66 -36.78 14.43
C VAL J 365 -35.10 -35.47 13.90
N ILE J 366 -34.65 -34.61 14.81
CA ILE J 366 -34.23 -33.25 14.46
C ILE J 366 -32.84 -32.99 14.99
N PHE J 367 -31.99 -32.41 14.14
CA PHE J 367 -30.67 -31.97 14.55
C PHE J 367 -30.75 -30.58 15.17
N ASP J 368 -29.83 -30.30 16.10
CA ASP J 368 -29.74 -28.99 16.74
C ASP J 368 -28.69 -28.15 16.01
N ARG J 369 -29.16 -27.48 14.96
CA ARG J 369 -28.25 -26.77 14.05
C ARG J 369 -27.69 -25.51 14.70
N ASP J 370 -28.55 -24.73 15.36
CA ASP J 370 -28.16 -23.40 15.81
C ASP J 370 -27.22 -23.43 17.01
N SER J 371 -27.04 -24.57 17.67
CA SER J 371 -26.17 -24.64 18.84
C SER J 371 -24.71 -24.89 18.48
N ILE J 372 -24.38 -25.00 17.21
CA ILE J 372 -22.98 -25.27 16.84
C ILE J 372 -22.11 -24.08 17.23
N PRO J 373 -20.88 -24.29 17.71
CA PRO J 373 -20.06 -23.13 18.11
C PRO J 373 -19.81 -22.11 17.02
N ALA J 374 -19.69 -22.57 15.76
CA ALA J 374 -19.31 -21.67 14.68
C ALA J 374 -20.35 -20.60 14.41
N LEU J 375 -21.59 -20.80 14.85
CA LEU J 375 -22.68 -19.88 14.52
C LEU J 375 -23.15 -19.04 15.69
N LYS J 376 -22.45 -19.07 16.83
CA LYS J 376 -22.91 -18.34 18.00
C LYS J 376 -22.86 -16.83 17.77
N LYS J 377 -21.72 -16.33 17.30
CA LYS J 377 -21.54 -14.89 17.16
C LYS J 377 -22.54 -14.32 16.15
N SER J 378 -22.68 -14.97 15.00
CA SER J 378 -23.60 -14.47 13.98
C SER J 378 -25.04 -14.51 14.49
N ARG J 379 -25.43 -15.57 15.19
CA ARG J 379 -26.78 -15.64 15.71
C ARG J 379 -27.04 -14.53 16.72
N ALA J 380 -26.09 -14.27 17.61
CA ALA J 380 -26.26 -13.19 18.58
C ALA J 380 -26.38 -11.84 17.87
N ASP J 381 -25.52 -11.60 16.87
CA ASP J 381 -25.57 -10.33 16.16
C ASP J 381 -26.90 -10.15 15.46
N ILE J 382 -27.41 -11.21 14.82
CA ILE J 382 -28.68 -11.10 14.11
C ILE J 382 -29.83 -10.91 15.10
N ALA J 383 -29.78 -11.62 16.24
CA ALA J 383 -30.84 -11.46 17.23
C ALA J 383 -30.87 -10.03 17.76
N ALA J 384 -29.71 -9.43 17.99
CA ALA J 384 -29.66 -8.06 18.46
C ALA J 384 -30.28 -7.07 17.47
N VAL J 385 -30.44 -7.46 16.21
CA VAL J 385 -30.99 -6.55 15.21
C VAL J 385 -32.51 -6.59 15.18
N TYR J 386 -33.11 -7.79 15.27
CA TYR J 386 -34.57 -7.88 15.27
C TYR J 386 -35.17 -7.24 16.52
N GLU J 387 -34.36 -6.96 17.54
CA GLU J 387 -34.86 -6.30 18.73
C GLU J 387 -35.46 -4.93 18.43
N LYS J 388 -35.09 -4.32 17.31
CA LYS J 388 -35.57 -2.99 16.96
C LYS J 388 -36.82 -3.01 16.11
N VAL J 389 -37.00 -4.05 15.28
CA VAL J 389 -38.18 -4.15 14.43
C VAL J 389 -39.43 -4.29 15.30
N THR J 390 -40.47 -3.52 14.97
CA THR J 390 -41.70 -3.51 15.74
C THR J 390 -42.93 -3.97 14.97
N PHE J 391 -42.83 -4.15 13.65
CA PHE J 391 -43.95 -4.66 12.87
C PHE J 391 -43.98 -6.18 12.82
N ILE J 392 -43.33 -6.85 13.77
CA ILE J 392 -43.28 -8.30 13.84
C ILE J 392 -43.59 -8.72 15.27
N ASP J 393 -44.32 -9.81 15.41
CA ASP J 393 -44.69 -10.30 16.74
C ASP J 393 -43.48 -10.92 17.43
N GLU J 394 -43.58 -11.05 18.75
CA GLU J 394 -42.52 -11.68 19.53
C GLU J 394 -42.34 -13.14 19.11
N ASN J 395 -43.45 -13.84 18.88
CA ASN J 395 -43.37 -15.23 18.47
C ASN J 395 -42.64 -15.35 17.13
N GLU J 396 -42.94 -14.47 16.18
CA GLU J 396 -42.26 -14.52 14.89
C GLU J 396 -40.77 -14.23 15.04
N LYS J 397 -40.41 -13.28 15.91
CA LYS J 397 -39.01 -13.01 16.18
C LYS J 397 -38.32 -14.26 16.73
N ARG J 398 -38.98 -14.97 17.63
CA ARG J 398 -38.40 -16.20 18.15
C ARG J 398 -38.24 -17.25 17.06
N GLU J 399 -39.25 -17.39 16.20
CA GLU J 399 -39.19 -18.41 15.16
C GLU J 399 -38.06 -18.13 14.17
N VAL J 400 -37.91 -16.87 13.76
CA VAL J 400 -36.92 -16.57 12.73
C VAL J 400 -35.49 -16.73 13.24
N THR J 401 -35.28 -16.63 14.55
CA THR J 401 -33.96 -16.79 15.13
C THR J 401 -33.70 -18.21 15.64
N GLY J 402 -34.64 -19.12 15.44
CA GLY J 402 -34.45 -20.51 15.82
C GLY J 402 -34.97 -20.88 17.19
N TRP J 403 -35.76 -20.03 17.84
CA TRP J 403 -36.24 -20.33 19.18
C TRP J 403 -37.65 -20.92 19.13
N PRO J 404 -37.98 -21.81 20.06
CA PRO J 404 -39.31 -22.41 20.06
C PRO J 404 -40.39 -21.43 20.49
N LYS J 405 -41.61 -21.73 20.08
CA LYS J 405 -42.75 -20.90 20.44
C LYS J 405 -43.07 -21.05 21.92
N LYS J 406 -43.58 -19.96 22.50
CA LYS J 406 -43.97 -19.96 23.90
C LYS J 406 -45.32 -20.66 24.08
N PRO K 17 -59.13 -26.60 -30.59
CA PRO K 17 -57.90 -27.41 -30.54
C PRO K 17 -57.09 -27.38 -31.83
N SER K 18 -57.75 -27.00 -32.92
CA SER K 18 -57.07 -26.89 -34.22
C SER K 18 -56.34 -25.57 -34.40
N ALA K 19 -56.50 -24.63 -33.48
CA ALA K 19 -55.85 -23.32 -33.62
C ALA K 19 -54.37 -23.35 -33.24
N ASN K 20 -53.90 -24.46 -32.66
CA ASN K 20 -52.52 -24.51 -32.17
C ASN K 20 -51.55 -24.38 -33.35
N PRO K 21 -50.66 -23.39 -33.35
CA PRO K 21 -49.66 -23.32 -34.43
C PRO K 21 -48.66 -24.47 -34.42
N ALA K 22 -48.64 -25.30 -33.39
CA ALA K 22 -47.71 -26.42 -33.36
C ALA K 22 -47.93 -27.38 -34.51
N LYS K 23 -49.12 -27.37 -35.12
CA LYS K 23 -49.43 -28.34 -36.17
C LYS K 23 -48.51 -28.20 -37.38
N ILE K 24 -47.90 -27.04 -37.60
CA ILE K 24 -47.01 -26.88 -38.73
C ILE K 24 -45.78 -27.77 -38.61
N PHE K 25 -45.44 -28.20 -37.39
CA PHE K 25 -44.23 -28.99 -37.19
C PHE K 25 -44.50 -30.49 -37.18
N ILE K 26 -45.52 -30.94 -36.44
CA ILE K 26 -45.72 -32.37 -36.21
C ILE K 26 -46.26 -33.10 -37.45
N ARG K 27 -46.65 -32.37 -38.50
CA ARG K 27 -46.85 -33.01 -39.78
C ARG K 27 -45.53 -33.50 -40.36
N ARG K 28 -44.45 -32.75 -40.11
CA ARG K 28 -43.16 -32.99 -40.72
C ARG K 28 -42.27 -33.86 -39.82
N LEU K 29 -41.97 -33.37 -38.63
CA LEU K 29 -40.97 -34.00 -37.77
C LEU K 29 -41.45 -35.25 -37.06
N PHE K 30 -42.74 -35.33 -36.69
CA PHE K 30 -43.24 -36.38 -35.80
C PHE K 30 -44.54 -36.94 -36.38
N ASN K 31 -44.43 -38.06 -37.08
CA ASN K 31 -45.60 -38.72 -37.64
C ASN K 31 -46.56 -39.15 -36.55
N SER K 32 -47.85 -39.01 -36.82
CA SER K 32 -48.87 -39.38 -35.84
C SER K 32 -48.82 -40.88 -35.56
N GLY K 33 -48.94 -41.23 -34.28
CA GLY K 33 -49.02 -42.62 -33.87
C GLY K 33 -47.69 -43.31 -33.68
N ILE K 34 -46.57 -42.62 -33.86
CA ILE K 34 -45.24 -43.20 -33.70
C ILE K 34 -44.55 -42.47 -32.55
N ALA K 35 -44.12 -43.22 -31.54
CA ALA K 35 -43.41 -42.65 -30.41
C ALA K 35 -41.95 -42.41 -30.77
N LYS K 36 -41.42 -41.27 -30.35
CA LYS K 36 -40.05 -40.89 -30.64
C LYS K 36 -39.33 -40.46 -29.37
N SER K 37 -38.01 -40.66 -29.36
CA SER K 37 -37.22 -40.39 -28.16
C SER K 37 -37.26 -38.92 -27.79
N VAL K 38 -37.28 -38.65 -26.49
CA VAL K 38 -37.28 -37.27 -26.01
C VAL K 38 -35.93 -36.61 -26.25
N VAL K 39 -34.82 -37.35 -26.11
CA VAL K 39 -33.49 -36.80 -26.28
C VAL K 39 -32.69 -37.71 -27.20
N SER K 40 -31.69 -37.14 -27.86
CA SER K 40 -30.82 -37.89 -28.73
C SER K 40 -29.83 -38.74 -27.93
N TYR K 41 -29.32 -39.78 -28.57
CA TYR K 41 -28.40 -40.69 -27.89
C TYR K 41 -27.11 -39.98 -27.49
N SER K 42 -26.60 -39.09 -28.34
CA SER K 42 -25.38 -38.37 -28.01
C SER K 42 -25.54 -37.55 -26.73
N ASN K 43 -26.71 -36.93 -26.53
CA ASN K 43 -26.95 -36.20 -25.29
C ASN K 43 -26.89 -37.12 -24.08
N VAL K 44 -27.47 -38.32 -24.20
CA VAL K 44 -27.43 -39.27 -23.10
C VAL K 44 -26.00 -39.66 -22.78
N MET K 45 -25.19 -39.93 -23.81
CA MET K 45 -23.79 -40.27 -23.57
C MET K 45 -23.04 -39.10 -22.93
N ALA K 46 -23.29 -37.87 -23.39
CA ALA K 46 -22.64 -36.72 -22.79
C ALA K 46 -23.01 -36.60 -21.31
N ALA K 47 -24.28 -36.82 -20.98
CA ALA K 47 -24.69 -36.77 -19.59
C ALA K 47 -24.05 -37.87 -18.77
N ALA K 48 -23.93 -39.08 -19.33
CA ALA K 48 -23.39 -40.21 -18.57
C ALA K 48 -21.94 -39.97 -18.17
N ARG K 49 -21.13 -39.44 -19.09
CA ARG K 49 -19.71 -39.22 -18.79
C ARG K 49 -19.49 -37.99 -17.94
N ALA K 50 -20.48 -37.10 -17.84
CA ALA K 50 -20.33 -35.90 -17.02
C ALA K 50 -20.15 -36.25 -15.55
N MET K 51 -20.91 -37.23 -15.05
CA MET K 51 -20.86 -37.58 -13.64
C MET K 51 -19.50 -38.12 -13.20
N GLU K 52 -18.65 -38.53 -14.14
CA GLU K 52 -17.33 -39.07 -13.82
C GLU K 52 -16.21 -38.08 -14.12
N HIS K 53 -16.55 -36.79 -14.29
CA HIS K 53 -15.58 -35.78 -14.64
C HIS K 53 -15.21 -34.98 -13.39
N PRO K 54 -13.93 -34.65 -13.19
CA PRO K 54 -13.55 -33.94 -11.96
C PRO K 54 -14.03 -32.51 -11.88
N VAL K 55 -14.67 -31.98 -12.93
CA VAL K 55 -15.14 -30.60 -12.96
C VAL K 55 -16.66 -30.52 -13.08
N VAL K 56 -17.23 -31.22 -14.06
CA VAL K 56 -18.67 -31.11 -14.30
C VAL K 56 -19.46 -31.74 -13.15
N PHE K 57 -18.94 -32.82 -12.57
CA PHE K 57 -19.63 -33.47 -11.46
C PHE K 57 -19.77 -32.51 -10.29
N ARG K 58 -18.73 -31.74 -10.01
CA ARG K 58 -18.80 -30.79 -8.91
C ARG K 58 -19.88 -29.74 -9.14
N CYS K 59 -19.97 -29.21 -10.36
CA CYS K 59 -21.00 -28.23 -10.67
C CYS K 59 -22.40 -28.82 -10.51
N LEU K 60 -22.61 -30.03 -11.04
CA LEU K 60 -23.91 -30.66 -10.94
C LEU K 60 -24.28 -30.93 -9.48
N ASP K 61 -23.32 -31.40 -8.69
CA ASP K 61 -23.57 -31.65 -7.27
C ASP K 61 -23.90 -30.36 -6.53
N LYS K 62 -23.16 -29.28 -6.83
CA LYS K 62 -23.45 -28.00 -6.21
C LYS K 62 -24.86 -27.54 -6.51
N LEU K 63 -25.26 -27.60 -7.79
CA LEU K 63 -26.61 -27.18 -8.15
C LEU K 63 -27.64 -28.04 -7.45
N GLY K 64 -27.44 -29.35 -7.44
CA GLY K 64 -28.42 -30.24 -6.80
C GLY K 64 -28.58 -29.95 -5.32
N LEU K 65 -27.46 -29.83 -4.61
CA LEU K 65 -27.52 -29.56 -3.18
C LEU K 65 -28.18 -28.22 -2.90
N THR K 66 -27.79 -27.17 -3.63
CA THR K 66 -28.35 -25.86 -3.39
C THR K 66 -29.85 -25.85 -3.65
N VAL K 67 -30.30 -26.54 -4.70
CA VAL K 67 -31.73 -26.56 -5.00
C VAL K 67 -32.48 -27.37 -3.95
N GLN K 68 -31.92 -28.49 -3.50
CA GLN K 68 -32.63 -29.32 -2.53
C GLN K 68 -32.68 -28.65 -1.16
N SER K 69 -31.76 -27.72 -0.90
CA SER K 69 -31.75 -27.06 0.41
C SER K 69 -33.00 -26.24 0.67
N VAL K 70 -33.79 -25.93 -0.36
CA VAL K 70 -34.94 -25.05 -0.21
C VAL K 70 -36.20 -25.88 -0.08
N LYS K 71 -37.02 -25.56 0.92
CA LYS K 71 -38.29 -26.23 1.13
C LYS K 71 -39.38 -25.58 0.30
N TRP K 72 -40.55 -26.20 0.29
CA TRP K 72 -41.76 -25.59 -0.27
C TRP K 72 -42.95 -25.92 0.62
N TYR K 73 -44.14 -25.55 0.14
CA TYR K 73 -45.38 -25.87 0.81
C TYR K 73 -46.54 -25.53 -0.14
N VAL K 74 -47.72 -26.02 0.21
CA VAL K 74 -48.93 -25.73 -0.57
C VAL K 74 -49.63 -24.53 0.04
N GLY K 75 -49.94 -23.53 -0.80
CA GLY K 75 -50.57 -22.32 -0.33
C GLY K 75 -51.62 -21.83 -1.32
N ALA K 76 -52.23 -20.71 -0.96
CA ALA K 76 -53.29 -20.13 -1.79
C ALA K 76 -52.70 -19.23 -2.86
N ASP K 77 -53.39 -19.16 -3.99
CA ASP K 77 -52.96 -18.30 -5.09
C ASP K 77 -53.27 -16.85 -4.76
N PRO K 78 -52.29 -15.92 -4.87
CA PRO K 78 -52.56 -14.53 -4.49
C PRO K 78 -53.33 -13.73 -5.53
N ASP K 79 -53.33 -14.15 -6.80
CA ASP K 79 -53.95 -13.38 -7.87
C ASP K 79 -55.30 -13.92 -8.30
N ILE K 80 -55.47 -15.23 -8.38
CA ILE K 80 -56.73 -15.85 -8.80
C ILE K 80 -57.30 -16.62 -7.62
N SER K 81 -58.60 -16.48 -7.39
CA SER K 81 -59.22 -17.04 -6.20
C SER K 81 -60.60 -17.59 -6.56
N GLY K 82 -61.11 -18.45 -5.68
CA GLY K 82 -62.46 -18.95 -5.80
C GLY K 82 -62.56 -20.46 -5.96
N THR K 83 -61.69 -21.04 -6.78
CA THR K 83 -61.75 -22.47 -7.08
C THR K 83 -60.69 -23.27 -6.35
N GLY K 84 -59.98 -22.68 -5.39
CA GLY K 84 -58.92 -23.39 -4.71
C GLY K 84 -59.45 -24.52 -3.84
N MET K 85 -58.55 -25.43 -3.51
CA MET K 85 -58.90 -26.57 -2.66
C MET K 85 -59.12 -26.11 -1.23
N SER K 86 -59.88 -26.91 -0.47
CA SER K 86 -60.10 -26.60 0.93
C SER K 86 -58.82 -26.83 1.73
N ALA K 87 -58.90 -26.50 3.02
CA ALA K 87 -57.74 -26.70 3.90
C ALA K 87 -57.38 -28.17 4.02
N LYS K 88 -58.38 -29.04 4.14
CA LYS K 88 -58.12 -30.46 4.30
C LYS K 88 -57.39 -31.02 3.09
N GLU K 89 -57.83 -30.65 1.88
CA GLU K 89 -57.18 -31.14 0.67
C GLU K 89 -55.75 -30.63 0.57
N ARG K 90 -55.52 -29.36 0.93
CA ARG K 90 -54.17 -28.83 0.89
C ARG K 90 -53.26 -29.57 1.86
N LYS K 91 -53.76 -29.82 3.08
CA LYS K 91 -52.97 -30.58 4.04
C LYS K 91 -52.71 -32.01 3.58
N ALA K 92 -53.69 -32.63 2.90
CA ALA K 92 -53.48 -33.97 2.36
C ALA K 92 -52.39 -33.97 1.29
N LEU K 93 -52.41 -32.98 0.40
CA LEU K 93 -51.38 -32.90 -0.63
C LEU K 93 -50.02 -32.60 -0.02
N GLN K 94 -50.00 -31.88 1.11
CA GLN K 94 -48.74 -31.62 1.79
C GLN K 94 -48.04 -32.92 2.18
N GLN K 95 -48.81 -33.90 2.67
CA GLN K 95 -48.22 -35.17 3.05
C GLN K 95 -47.55 -35.85 1.87
N VAL K 96 -48.23 -35.91 0.73
CA VAL K 96 -47.62 -36.51 -0.45
C VAL K 96 -46.38 -35.74 -0.87
N LEU K 97 -46.42 -34.41 -0.78
CA LEU K 97 -45.26 -33.62 -1.16
C LEU K 97 -44.06 -33.89 -0.26
N ASN K 98 -44.26 -34.02 1.05
CA ASN K 98 -43.13 -34.27 1.95
C ASN K 98 -42.54 -35.66 1.74
N ARG K 99 -43.38 -36.67 1.51
CA ARG K 99 -42.93 -38.05 1.32
C ARG K 99 -43.55 -38.57 0.04
N PRO K 100 -42.93 -38.27 -1.12
CA PRO K 100 -43.58 -38.62 -2.40
C PRO K 100 -43.94 -40.09 -2.54
N ASN K 101 -43.08 -41.00 -2.07
CA ASN K 101 -43.34 -42.42 -2.20
C ASN K 101 -42.59 -43.15 -1.10
N SER K 102 -42.50 -44.48 -1.22
CA SER K 102 -41.96 -45.29 -0.14
C SER K 102 -40.43 -45.29 -0.11
N ALA K 103 -39.77 -44.80 -1.15
CA ALA K 103 -38.32 -44.87 -1.25
C ALA K 103 -37.63 -43.52 -1.28
N MET K 104 -38.34 -42.45 -1.62
CA MET K 104 -37.75 -41.12 -1.79
C MET K 104 -38.45 -40.10 -0.91
N SER K 105 -37.68 -39.20 -0.32
CA SER K 105 -38.23 -38.05 0.37
C SER K 105 -38.19 -36.83 -0.55
N GLY K 106 -38.73 -35.72 -0.06
CA GLY K 106 -38.81 -34.52 -0.89
C GLY K 106 -37.45 -34.05 -1.36
N ALA K 107 -36.46 -34.08 -0.49
CA ALA K 107 -35.12 -33.61 -0.86
C ALA K 107 -34.54 -34.43 -2.01
N GLN K 108 -34.70 -35.75 -1.96
CA GLN K 108 -34.17 -36.59 -3.02
C GLN K 108 -34.91 -36.34 -4.34
N LEU K 109 -36.23 -36.11 -4.27
CA LEU K 109 -36.97 -35.77 -5.47
C LEU K 109 -36.46 -34.46 -6.08
N ARG K 110 -36.23 -33.45 -5.25
CA ARG K 110 -35.64 -32.21 -5.74
C ARG K 110 -34.27 -32.44 -6.35
N TYR K 111 -33.45 -33.28 -5.72
CA TYR K 111 -32.11 -33.55 -6.25
C TYR K 111 -32.19 -34.19 -7.63
N ALA K 112 -33.03 -35.22 -7.78
CA ALA K 112 -33.15 -35.88 -9.07
C ALA K 112 -33.69 -34.94 -10.13
N ALA K 113 -34.71 -34.15 -9.79
CA ALA K 113 -35.26 -33.21 -10.75
C ALA K 113 -34.22 -32.17 -11.17
N THR K 114 -33.42 -31.69 -10.21
CA THR K 114 -32.39 -30.72 -10.54
C THR K 114 -31.36 -31.31 -11.49
N LEU K 115 -30.93 -32.55 -11.22
CA LEU K 115 -29.98 -33.18 -12.14
C LEU K 115 -30.57 -33.33 -13.53
N SER K 116 -31.83 -33.77 -13.62
CA SER K 116 -32.46 -33.93 -14.93
C SER K 116 -32.53 -32.60 -15.66
N TRP K 117 -32.94 -31.54 -14.96
CA TRP K 117 -33.04 -30.22 -15.57
C TRP K 117 -31.68 -29.73 -16.05
N ALA K 118 -30.64 -29.91 -15.23
CA ALA K 118 -29.32 -29.42 -15.59
C ALA K 118 -28.75 -30.18 -16.78
N CYS K 119 -28.97 -31.49 -16.85
CA CYS K 119 -28.35 -32.28 -17.90
C CYS K 119 -29.14 -32.24 -19.21
N PHE K 120 -30.43 -32.59 -19.16
CA PHE K 120 -31.21 -32.74 -20.38
C PHE K 120 -32.14 -31.58 -20.67
N GLY K 121 -32.34 -30.67 -19.72
CA GLY K 121 -33.20 -29.54 -19.97
C GLY K 121 -34.69 -29.84 -19.87
N ARG K 122 -35.05 -30.97 -19.29
CA ARG K 122 -36.45 -31.32 -19.10
C ARG K 122 -36.55 -32.36 -17.99
N MET K 123 -37.72 -32.41 -17.35
CA MET K 123 -37.96 -33.35 -16.27
C MET K 123 -39.40 -33.85 -16.37
N ALA K 124 -39.61 -35.08 -15.92
CA ALA K 124 -40.93 -35.70 -16.01
C ALA K 124 -41.19 -36.50 -14.74
N PHE K 125 -42.47 -36.68 -14.42
CA PHE K 125 -42.89 -37.43 -13.25
C PHE K 125 -44.16 -38.19 -13.56
N LYS K 126 -44.39 -39.27 -12.80
CA LYS K 126 -45.65 -40.02 -12.85
C LYS K 126 -46.39 -39.78 -11.54
N VAL K 127 -47.69 -39.55 -11.64
CA VAL K 127 -48.53 -39.21 -10.49
C VAL K 127 -49.62 -40.26 -10.38
N SER K 128 -49.82 -40.77 -9.15
CA SER K 128 -50.85 -41.76 -8.87
C SER K 128 -51.99 -41.10 -8.12
N VAL K 129 -53.22 -41.36 -8.57
CA VAL K 129 -54.41 -40.73 -8.01
C VAL K 129 -55.40 -41.81 -7.63
N MET K 130 -56.27 -41.49 -6.67
CA MET K 130 -57.33 -42.38 -6.24
C MET K 130 -58.63 -42.05 -6.97
N GLY K 131 -59.70 -42.75 -6.60
CA GLY K 131 -60.96 -42.61 -7.29
C GLY K 131 -61.54 -41.21 -7.25
N ASP K 132 -61.36 -40.49 -6.14
CA ASP K 132 -61.91 -39.15 -6.01
C ASP K 132 -60.99 -38.06 -6.54
N GLY K 133 -59.81 -38.43 -7.06
CA GLY K 133 -58.91 -37.48 -7.68
C GLY K 133 -57.74 -37.04 -6.83
N SER K 134 -57.79 -37.25 -5.52
CA SER K 134 -56.69 -36.84 -4.66
C SER K 134 -55.46 -37.69 -4.94
N VAL K 135 -54.28 -37.07 -4.83
CA VAL K 135 -53.03 -37.74 -5.14
C VAL K 135 -52.57 -38.54 -3.93
N ASN K 136 -51.81 -39.61 -4.17
CA ASN K 136 -51.27 -40.44 -3.10
C ASN K 136 -49.79 -40.76 -3.24
N ALA K 137 -49.21 -40.63 -4.43
CA ALA K 137 -47.79 -40.90 -4.61
C ALA K 137 -47.30 -40.23 -5.89
N ILE K 138 -45.98 -40.06 -5.96
CA ILE K 138 -45.32 -39.47 -7.12
C ILE K 138 -44.02 -40.22 -7.36
N TRP K 139 -43.68 -40.44 -8.64
CA TRP K 139 -42.45 -41.11 -9.00
C TRP K 139 -41.71 -40.31 -10.07
N PRO K 140 -40.38 -40.31 -10.05
CA PRO K 140 -39.62 -39.68 -11.14
C PRO K 140 -39.35 -40.67 -12.27
N LEU K 141 -39.26 -40.11 -13.48
CA LEU K 141 -38.97 -40.90 -14.67
C LEU K 141 -37.64 -40.47 -15.26
N GLY K 142 -36.86 -41.45 -15.72
CA GLY K 142 -35.59 -41.17 -16.36
C GLY K 142 -35.78 -40.69 -17.79
N ILE K 143 -35.27 -39.51 -18.10
CA ILE K 143 -35.42 -38.90 -19.42
C ILE K 143 -34.89 -39.84 -20.49
N PRO K 144 -33.75 -40.51 -20.29
CA PRO K 144 -33.22 -41.37 -21.36
C PRO K 144 -34.18 -42.45 -21.84
N PHE K 145 -35.03 -42.97 -20.96
CA PHE K 145 -35.91 -44.09 -21.29
C PHE K 145 -37.33 -43.66 -21.60
N LEU K 146 -37.55 -42.39 -21.91
CA LEU K 146 -38.90 -41.85 -22.09
C LEU K 146 -39.16 -41.59 -23.57
N LYS K 147 -40.36 -41.94 -24.02
CA LYS K 147 -40.82 -41.67 -25.37
C LYS K 147 -42.26 -41.17 -25.32
N GLN K 148 -42.64 -40.37 -26.31
CA GLN K 148 -43.94 -39.70 -26.31
C GLN K 148 -44.54 -39.73 -27.70
N GLU K 149 -45.87 -39.62 -27.74
CA GLU K 149 -46.63 -39.62 -28.99
C GLU K 149 -47.47 -38.35 -29.08
N PHE K 150 -47.81 -37.96 -30.31
CA PHE K 150 -48.59 -36.77 -30.58
C PHE K 150 -49.76 -37.11 -31.49
N ASN K 151 -50.85 -36.37 -31.35
CA ASN K 151 -51.94 -36.42 -32.30
C ASN K 151 -51.66 -35.45 -33.45
N LYS K 152 -52.56 -35.42 -34.43
CA LYS K 152 -52.33 -34.58 -35.60
C LYS K 152 -52.37 -33.09 -35.25
N TYR K 153 -53.00 -32.71 -34.15
CA TYR K 153 -53.05 -31.31 -33.74
C TYR K 153 -51.83 -30.89 -32.94
N GLY K 154 -51.03 -31.84 -32.44
CA GLY K 154 -49.75 -31.53 -31.84
C GLY K 154 -49.68 -31.67 -30.33
N GLU K 155 -50.75 -32.10 -29.66
CA GLU K 155 -50.74 -32.29 -28.22
C GLU K 155 -50.28 -33.70 -27.89
N VAL K 156 -49.51 -33.82 -26.80
CA VAL K 156 -49.03 -35.14 -26.38
C VAL K 156 -50.20 -35.94 -25.86
N THR K 157 -50.31 -37.19 -26.31
CA THR K 157 -51.42 -38.05 -25.93
C THR K 157 -50.99 -39.19 -25.01
N THR K 158 -49.77 -39.70 -25.17
CA THR K 158 -49.32 -40.83 -24.39
C THR K 158 -47.81 -40.74 -24.17
N PHE K 159 -47.38 -41.13 -22.97
CA PHE K 159 -45.97 -41.26 -22.63
C PHE K 159 -45.62 -42.74 -22.55
N GLN K 160 -44.58 -43.14 -23.28
CA GLN K 160 -44.14 -44.52 -23.31
C GLN K 160 -42.80 -44.63 -22.60
N TYR K 161 -42.71 -45.57 -21.66
CA TYR K 161 -41.58 -45.70 -20.77
C TYR K 161 -41.02 -47.11 -20.85
N GLY K 162 -39.70 -47.22 -20.97
CA GLY K 162 -39.03 -48.51 -21.02
C GLY K 162 -38.66 -48.93 -22.43
N ASP K 163 -37.90 -50.02 -22.50
CA ASP K 163 -37.41 -50.53 -23.76
C ASP K 163 -38.54 -51.25 -24.53
N GLU K 164 -38.16 -51.84 -25.66
CA GLU K 164 -39.15 -52.47 -26.54
C GLU K 164 -39.85 -53.64 -25.88
N GLY K 165 -39.11 -54.49 -25.17
CA GLY K 165 -39.68 -55.72 -24.64
C GLY K 165 -40.30 -55.59 -23.26
N ASN K 166 -39.94 -54.53 -22.52
CA ASN K 166 -40.47 -54.30 -21.18
C ASN K 166 -41.20 -52.96 -21.10
N ARG K 167 -42.00 -52.63 -22.10
CA ARG K 167 -42.58 -51.30 -22.20
C ARG K 167 -43.73 -51.12 -21.22
N GLU K 168 -43.92 -49.87 -20.80
CA GLU K 168 -45.10 -49.45 -20.04
C GLU K 168 -45.65 -48.17 -20.66
N SER K 169 -46.97 -48.05 -20.67
CA SER K 169 -47.65 -46.92 -21.27
C SER K 169 -48.39 -46.13 -20.21
N ILE K 170 -48.31 -44.80 -20.29
CA ILE K 170 -48.95 -43.90 -19.35
C ILE K 170 -49.69 -42.83 -20.14
N LYS K 171 -50.90 -42.51 -19.71
CA LYS K 171 -51.67 -41.47 -20.37
C LYS K 171 -51.29 -40.10 -19.85
N SER K 172 -51.21 -39.13 -20.76
CA SER K 172 -50.83 -37.78 -20.40
C SER K 172 -51.96 -37.08 -19.66
N PHE K 173 -51.61 -35.98 -18.98
CA PHE K 173 -52.61 -35.22 -18.23
C PHE K 173 -53.75 -34.77 -19.12
N TYR K 174 -53.49 -34.51 -20.40
CA TYR K 174 -54.53 -34.04 -21.30
C TYR K 174 -55.52 -35.15 -21.64
N SER K 175 -55.02 -36.34 -21.94
CA SER K 175 -55.86 -37.44 -22.39
C SER K 175 -56.53 -38.20 -21.25
N ALA K 176 -56.09 -38.00 -20.02
CA ALA K 176 -56.67 -38.73 -18.90
C ALA K 176 -58.09 -38.26 -18.62
N ALA K 177 -58.98 -39.21 -18.37
CA ALA K 177 -60.35 -38.88 -18.00
C ALA K 177 -60.38 -38.11 -16.68
N LYS K 178 -61.30 -37.17 -16.58
CA LYS K 178 -61.35 -36.25 -15.45
C LYS K 178 -62.77 -36.18 -14.91
N ASN K 179 -62.87 -35.83 -13.63
CA ASN K 179 -64.16 -35.63 -12.99
C ASN K 179 -64.75 -34.29 -13.42
N GLU K 180 -65.88 -33.92 -12.80
CA GLU K 180 -66.54 -32.67 -13.16
C GLU K 180 -65.72 -31.45 -12.76
N LYS K 181 -64.80 -31.58 -11.80
CA LYS K 181 -63.94 -30.48 -11.41
C LYS K 181 -62.71 -30.34 -12.30
N GLY K 182 -62.51 -31.24 -13.25
CA GLY K 182 -61.37 -31.16 -14.14
C GLY K 182 -60.09 -31.77 -13.60
N ARG K 183 -60.19 -32.55 -12.53
CA ARG K 183 -59.00 -33.22 -12.00
C ARG K 183 -58.96 -34.67 -12.48
N PRO K 184 -57.78 -35.21 -12.80
CA PRO K 184 -57.73 -36.60 -13.29
C PRO K 184 -58.19 -37.58 -12.21
N ILE K 185 -58.76 -38.70 -12.67
CA ILE K 185 -59.18 -39.78 -11.80
C ILE K 185 -58.49 -41.09 -12.17
N GLU K 186 -57.29 -41.00 -12.77
CA GLU K 186 -56.53 -42.18 -13.14
C GLU K 186 -55.06 -41.80 -13.25
N ASN K 187 -54.20 -42.80 -13.21
CA ASN K 187 -52.76 -42.56 -13.28
C ASN K 187 -52.40 -41.82 -14.56
N TYR K 188 -51.47 -40.88 -14.44
CA TYR K 188 -51.04 -40.07 -15.57
C TYR K 188 -49.61 -39.60 -15.34
N ALA K 189 -49.05 -38.97 -16.37
CA ALA K 189 -47.69 -38.45 -16.32
C ALA K 189 -47.65 -37.09 -17.00
N PHE K 190 -46.59 -36.34 -16.70
CA PHE K 190 -46.41 -35.01 -17.28
C PHE K 190 -44.92 -34.70 -17.36
N MET K 191 -44.58 -33.75 -18.23
CA MET K 191 -43.20 -33.35 -18.47
C MET K 191 -43.12 -31.84 -18.58
N ILE K 192 -41.97 -31.30 -18.18
CA ILE K 192 -41.69 -29.87 -18.28
C ILE K 192 -40.53 -29.67 -19.25
N VAL K 193 -40.58 -28.60 -20.02
CA VAL K 193 -39.59 -28.33 -21.06
C VAL K 193 -39.09 -26.91 -20.94
N LYS K 194 -37.85 -26.69 -21.40
CA LYS K 194 -37.24 -25.36 -21.44
C LYS K 194 -37.33 -24.80 -22.85
N PRO K 195 -37.91 -23.61 -23.05
CA PRO K 195 -38.12 -23.10 -24.42
C PRO K 195 -36.82 -22.95 -25.17
N SER K 196 -36.96 -22.86 -26.50
CA SER K 196 -35.83 -22.63 -27.40
C SER K 196 -36.23 -21.55 -28.39
N ILE K 197 -35.32 -21.30 -29.34
CA ILE K 197 -35.52 -20.21 -30.29
C ILE K 197 -36.65 -20.50 -31.28
N ASN K 198 -36.78 -21.74 -31.75
CA ASN K 198 -37.72 -22.06 -32.82
C ASN K 198 -39.17 -21.87 -32.42
N GLY K 199 -39.48 -21.89 -31.12
CA GLY K 199 -40.85 -21.69 -30.67
C GLY K 199 -41.59 -22.97 -30.38
N ALA K 200 -41.40 -23.99 -31.20
CA ALA K 200 -42.03 -25.29 -30.97
C ALA K 200 -41.51 -25.85 -29.66
N MET K 201 -42.43 -26.10 -28.72
CA MET K 201 -42.04 -26.35 -27.33
C MET K 201 -41.84 -27.83 -27.01
N ASN K 202 -42.72 -28.72 -27.50
CA ASN K 202 -42.65 -30.12 -27.11
C ASN K 202 -41.79 -30.96 -28.04
N LEU K 203 -41.11 -30.35 -29.01
CA LEU K 203 -40.31 -31.12 -29.96
C LEU K 203 -38.95 -31.46 -29.36
N ASP K 204 -38.12 -32.14 -30.15
CA ASP K 204 -36.84 -32.67 -29.69
C ASP K 204 -35.78 -31.58 -29.49
N VAL K 205 -36.06 -30.34 -29.87
CA VAL K 205 -35.10 -29.27 -29.62
C VAL K 205 -34.88 -29.14 -28.12
N GLN K 206 -33.62 -28.97 -27.72
CA GLN K 206 -33.24 -28.95 -26.32
C GLN K 206 -32.50 -27.66 -26.00
N ASN K 207 -32.32 -27.42 -24.71
CA ASN K 207 -31.61 -26.23 -24.23
C ASN K 207 -30.96 -26.58 -22.91
N THR K 208 -29.68 -26.95 -22.95
CA THR K 208 -28.95 -27.33 -21.75
C THR K 208 -27.53 -26.77 -21.84
N PRO K 209 -26.90 -26.48 -20.70
CA PRO K 209 -25.51 -25.98 -20.75
C PRO K 209 -24.55 -26.94 -21.41
N LEU K 210 -24.76 -28.25 -21.27
CA LEU K 210 -23.86 -29.22 -21.89
C LEU K 210 -23.81 -29.09 -23.40
N GLN K 211 -24.79 -28.43 -24.00
CA GLN K 211 -24.80 -28.24 -25.44
C GLN K 211 -23.56 -27.48 -25.92
N ALA K 212 -22.94 -26.67 -25.05
CA ALA K 212 -21.93 -25.72 -25.47
C ALA K 212 -20.57 -25.87 -24.78
N VAL K 213 -20.34 -26.96 -24.05
CA VAL K 213 -19.08 -27.12 -23.31
C VAL K 213 -18.26 -28.27 -23.87
N GLY K 214 -18.41 -28.56 -25.17
CA GLY K 214 -17.69 -29.66 -25.77
C GLY K 214 -16.20 -29.47 -25.85
N MET K 215 -15.76 -28.40 -26.53
CA MET K 215 -14.33 -28.19 -26.73
C MET K 215 -13.58 -28.04 -25.42
N PRO K 216 -14.06 -27.27 -24.44
CA PRO K 216 -13.34 -27.21 -23.15
C PRO K 216 -13.12 -28.57 -22.52
N VAL K 217 -14.15 -29.41 -22.46
CA VAL K 217 -14.02 -30.72 -21.84
C VAL K 217 -13.03 -31.58 -22.63
N ALA K 218 -13.13 -31.56 -23.96
CA ALA K 218 -12.22 -32.36 -24.77
C ALA K 218 -10.77 -31.94 -24.54
N LEU K 219 -10.50 -30.64 -24.54
CA LEU K 219 -9.13 -30.17 -24.35
C LEU K 219 -8.62 -30.50 -22.96
N TYR K 220 -9.49 -30.35 -21.95
CA TYR K 220 -9.11 -30.70 -20.58
C TYR K 220 -8.71 -32.17 -20.48
N ASN K 221 -9.53 -33.04 -21.05
CA ASN K 221 -9.23 -34.47 -21.01
C ASN K 221 -7.94 -34.78 -21.75
N GLY K 222 -7.73 -34.16 -22.91
CA GLY K 222 -6.50 -34.39 -23.64
C GLY K 222 -5.27 -33.99 -22.86
N LEU K 223 -5.31 -32.80 -22.25
CA LEU K 223 -4.17 -32.33 -21.48
C LEU K 223 -3.89 -33.23 -20.29
N MET K 224 -4.92 -33.67 -19.57
CA MET K 224 -4.68 -34.55 -18.43
C MET K 224 -4.15 -35.91 -18.87
N GLU K 225 -4.63 -36.43 -20.00
CA GLU K 225 -4.10 -37.69 -20.51
C GLU K 225 -2.62 -37.54 -20.84
N ARG K 226 -2.24 -36.43 -21.49
CA ARG K 226 -0.83 -36.20 -21.77
C ARG K 226 -0.02 -36.11 -20.48
N ALA K 227 -0.55 -35.45 -19.46
CA ALA K 227 0.16 -35.35 -18.19
C ALA K 227 0.43 -36.73 -17.60
N LEU K 228 -0.60 -37.58 -17.56
CA LEU K 228 -0.42 -38.93 -17.01
C LEU K 228 0.58 -39.73 -17.83
N GLU K 229 0.48 -39.67 -19.16
CA GLU K 229 1.40 -40.41 -20.00
C GLU K 229 2.84 -39.97 -19.78
N GLN K 230 3.07 -38.67 -19.65
CA GLN K 230 4.41 -38.18 -19.36
C GLN K 230 4.88 -38.63 -17.99
N CYS K 231 3.98 -38.62 -17.00
CA CYS K 231 4.38 -39.03 -15.66
C CYS K 231 4.83 -40.49 -15.64
N ASP K 232 4.14 -41.34 -16.39
CA ASP K 232 4.39 -42.78 -16.32
C ASP K 232 5.47 -43.27 -17.28
N GLY K 233 6.16 -42.38 -18.00
CA GLY K 233 7.10 -42.84 -19.01
C GLY K 233 8.40 -42.06 -19.14
N THR K 234 8.62 -41.06 -18.29
CA THR K 234 9.83 -40.25 -18.37
C THR K 234 10.91 -40.86 -17.49
N PRO K 235 12.11 -41.14 -18.00
CA PRO K 235 13.15 -41.73 -17.16
C PRO K 235 13.42 -40.91 -15.90
N ASN K 236 13.56 -41.62 -14.78
CA ASN K 236 13.81 -40.97 -13.50
C ASN K 236 15.30 -41.05 -13.16
N SER K 237 16.08 -40.21 -13.82
CA SER K 237 17.51 -40.15 -13.60
C SER K 237 17.95 -38.70 -13.59
N LYS K 238 19.11 -38.43 -12.97
CA LYS K 238 19.61 -37.07 -12.84
C LYS K 238 21.02 -36.87 -13.36
N TRP K 239 21.84 -37.91 -13.45
CA TRP K 239 23.18 -37.80 -14.01
C TRP K 239 23.32 -38.71 -15.22
N PHE K 240 24.05 -38.24 -16.22
CA PHE K 240 24.40 -39.01 -17.41
C PHE K 240 25.91 -38.97 -17.57
N VAL K 241 26.55 -40.13 -17.42
CA VAL K 241 28.01 -40.24 -17.39
C VAL K 241 28.46 -41.04 -18.59
N THR K 242 29.55 -40.60 -19.21
CA THR K 242 30.13 -41.25 -20.38
C THR K 242 31.62 -41.46 -20.16
N ALA K 243 32.16 -42.53 -20.75
CA ALA K 243 33.55 -42.89 -20.58
C ALA K 243 34.15 -43.30 -21.92
N GLY K 244 35.48 -43.39 -21.95
CA GLY K 244 36.19 -43.77 -23.16
C GLY K 244 36.32 -45.28 -23.31
N ARG K 245 36.96 -45.67 -24.41
CA ARG K 245 37.14 -47.09 -24.71
C ARG K 245 38.43 -47.66 -24.14
N ASP K 246 39.29 -46.83 -23.56
CA ASP K 246 40.59 -47.28 -23.09
C ASP K 246 40.59 -47.68 -21.61
N ILE K 247 39.46 -48.16 -21.11
CA ILE K 247 39.33 -48.61 -19.73
C ILE K 247 39.13 -50.11 -19.74
N GLY K 248 39.79 -50.80 -18.80
CA GLY K 248 39.87 -52.25 -18.84
C GLY K 248 38.57 -52.94 -18.50
N GLU K 249 38.62 -54.27 -18.57
CA GLU K 249 37.44 -55.09 -18.31
C GLU K 249 37.00 -55.00 -16.86
N VAL K 250 37.94 -54.92 -15.93
CA VAL K 250 37.65 -54.86 -14.51
C VAL K 250 37.84 -53.45 -13.95
N GLN K 251 38.77 -52.68 -14.52
CA GLN K 251 38.97 -51.31 -14.08
C GLN K 251 37.73 -50.46 -14.26
N SER K 252 36.82 -50.84 -15.17
CA SER K 252 35.63 -50.06 -15.41
C SER K 252 34.61 -50.22 -14.30
N LYS K 253 34.56 -51.40 -13.66
CA LYS K 253 33.61 -51.61 -12.58
C LYS K 253 33.96 -50.78 -11.36
N GLU K 254 35.26 -50.54 -11.13
CA GLU K 254 35.69 -49.75 -9.99
C GLU K 254 35.11 -48.34 -10.03
N ILE K 255 35.00 -47.76 -11.23
CA ILE K 255 34.47 -46.40 -11.34
C ILE K 255 33.04 -46.33 -10.83
N LYS K 256 32.18 -47.24 -11.31
CA LYS K 256 30.78 -47.20 -10.89
C LYS K 256 30.63 -47.60 -9.44
N ASP K 257 31.47 -48.51 -8.95
CA ASP K 257 31.43 -48.86 -7.53
C ASP K 257 31.80 -47.66 -6.66
N GLY K 258 32.80 -46.88 -7.10
CA GLY K 258 33.16 -45.69 -6.36
C GLY K 258 32.08 -44.63 -6.38
N ILE K 259 31.46 -44.44 -7.55
CA ILE K 259 30.36 -43.47 -7.64
C ILE K 259 29.16 -43.95 -6.83
N ASP K 260 28.89 -45.25 -6.88
CA ASP K 260 27.74 -45.80 -6.15
C ASP K 260 27.95 -45.69 -4.64
N ASP K 261 29.20 -45.76 -4.18
CA ASP K 261 29.46 -45.69 -2.74
C ASP K 261 29.15 -44.33 -2.15
N THR K 262 28.92 -43.31 -2.98
CA THR K 262 28.57 -41.98 -2.50
C THR K 262 27.07 -41.80 -2.35
N LYS K 263 26.28 -42.86 -2.57
CA LYS K 263 24.86 -42.79 -2.33
C LYS K 263 24.59 -42.60 -0.83
N PRO K 264 23.41 -42.10 -0.47
CA PRO K 264 23.07 -42.04 0.96
C PRO K 264 23.14 -43.41 1.59
N GLY K 265 23.72 -43.47 2.78
CA GLY K 265 23.91 -44.73 3.48
C GLY K 265 25.07 -45.56 2.98
N GLY K 266 25.86 -45.07 2.05
CA GLY K 266 26.99 -45.82 1.53
C GLY K 266 28.22 -45.68 2.42
N ASP K 267 29.30 -46.35 1.99
CA ASP K 267 30.54 -46.31 2.73
C ASP K 267 31.30 -45.00 2.53
N SER K 268 31.00 -44.26 1.47
CA SER K 268 31.69 -43.01 1.17
C SER K 268 30.70 -41.88 0.91
N ALA K 269 29.56 -41.91 1.58
CA ALA K 269 28.54 -40.90 1.35
C ALA K 269 29.05 -39.51 1.72
N GLY K 270 28.80 -38.54 0.83
CA GLY K 270 29.13 -37.16 1.10
C GLY K 270 30.53 -36.74 0.72
N GLU K 271 31.37 -37.66 0.26
CA GLU K 271 32.75 -37.35 -0.09
C GLU K 271 32.86 -36.94 -1.55
N ILE K 272 34.07 -36.52 -1.93
CA ILE K 272 34.31 -36.14 -3.32
C ILE K 272 34.57 -37.39 -4.15
N ILE K 273 34.51 -37.21 -5.47
CA ILE K 273 34.81 -38.28 -6.42
C ILE K 273 36.13 -37.95 -7.10
N PHE K 274 37.13 -38.81 -6.91
CA PHE K 274 38.46 -38.61 -7.47
C PHE K 274 38.75 -39.73 -8.44
N VAL K 275 38.78 -39.40 -9.73
CA VAL K 275 39.03 -40.37 -10.80
C VAL K 275 40.40 -40.08 -11.39
N PHE K 276 41.23 -41.11 -11.49
CA PHE K 276 42.62 -40.97 -11.89
C PHE K 276 42.80 -41.53 -13.30
N GLY K 277 43.34 -40.70 -14.20
CA GLY K 277 43.76 -41.17 -15.50
C GLY K 277 42.66 -41.75 -16.36
N GLU K 278 41.45 -41.21 -16.27
CA GLU K 278 40.33 -41.64 -17.10
C GLU K 278 39.60 -40.42 -17.64
N ASP K 279 38.86 -40.63 -18.74
CA ASP K 279 38.23 -39.54 -19.48
C ASP K 279 36.73 -39.43 -19.22
N VAL K 280 36.30 -39.62 -17.98
CA VAL K 280 34.88 -39.58 -17.66
C VAL K 280 34.35 -38.17 -17.90
N LYS K 281 33.09 -38.09 -18.33
CA LYS K 281 32.39 -36.83 -18.50
C LYS K 281 31.09 -36.86 -17.71
N LEU K 282 30.65 -35.71 -17.26
CA LEU K 282 29.46 -35.59 -16.43
C LEU K 282 28.50 -34.58 -17.03
N GLN K 283 27.21 -34.94 -17.04
CA GLN K 283 26.15 -34.07 -17.51
C GLN K 283 24.98 -34.17 -16.55
N GLU K 284 24.31 -33.03 -16.33
CA GLU K 284 23.14 -33.01 -15.45
C GLU K 284 21.87 -33.14 -16.26
N ILE K 285 20.93 -33.94 -15.75
CA ILE K 285 19.65 -34.16 -16.40
C ILE K 285 18.61 -33.35 -15.63
N LYS K 286 18.23 -32.20 -16.18
CA LYS K 286 17.25 -31.33 -15.55
C LYS K 286 15.85 -31.74 -16.01
N ASN K 287 15.26 -32.68 -15.26
CA ASN K 287 13.90 -33.13 -15.54
C ASN K 287 12.90 -32.15 -14.92
N ASP K 288 12.46 -31.17 -15.71
CA ASP K 288 11.54 -30.14 -15.22
C ASP K 288 10.11 -30.57 -15.52
N LEU K 289 9.39 -31.00 -14.48
CA LEU K 289 8.01 -31.39 -14.59
C LEU K 289 7.06 -30.38 -13.98
N SER K 290 7.52 -29.16 -13.73
CA SER K 290 6.68 -28.13 -13.11
C SER K 290 5.50 -27.72 -13.98
N ASP K 291 5.56 -27.98 -15.29
CA ASP K 291 4.47 -27.67 -16.21
C ASP K 291 4.01 -28.93 -16.93
N ILE K 292 3.94 -30.04 -16.20
CA ILE K 292 3.54 -31.30 -16.79
C ILE K 292 2.09 -31.25 -17.25
N HIS K 293 1.24 -30.54 -16.51
CA HIS K 293 -0.21 -30.57 -16.71
C HIS K 293 -0.73 -29.36 -17.48
N SER K 294 0.13 -28.48 -17.97
CA SER K 294 -0.29 -27.32 -18.75
C SER K 294 -1.27 -26.45 -17.94
N LYS K 295 -0.71 -25.86 -16.88
CA LYS K 295 -1.52 -25.18 -15.86
C LYS K 295 -2.47 -24.16 -16.48
N ILE K 296 -1.95 -23.26 -17.33
CA ILE K 296 -2.74 -22.11 -17.76
C ILE K 296 -3.92 -22.54 -18.62
N PRO K 297 -3.75 -23.26 -19.73
CA PRO K 297 -4.93 -23.68 -20.50
C PRO K 297 -5.89 -24.55 -19.72
N LEU K 298 -5.37 -25.41 -18.84
CA LEU K 298 -6.26 -26.25 -18.04
C LEU K 298 -7.14 -25.40 -17.12
N ASP K 299 -6.54 -24.40 -16.46
CA ASP K 299 -7.32 -23.51 -15.62
C ASP K 299 -8.33 -22.73 -16.44
N ASP K 300 -7.94 -22.30 -17.65
CA ASP K 300 -8.88 -21.57 -18.49
C ASP K 300 -10.07 -22.43 -18.88
N GLN K 301 -9.84 -23.70 -19.24
CA GLN K 301 -10.94 -24.58 -19.59
C GLN K 301 -11.84 -24.82 -18.38
N ALA K 302 -11.24 -25.02 -17.19
CA ALA K 302 -12.05 -25.19 -16.00
C ALA K 302 -12.92 -23.96 -15.75
N ARG K 303 -12.34 -22.77 -15.90
CA ARG K 303 -13.09 -21.53 -15.68
C ARG K 303 -14.25 -21.42 -16.67
N THR K 304 -13.99 -21.75 -17.94
CA THR K 304 -15.07 -21.69 -18.93
C THR K 304 -16.19 -22.68 -18.62
N ILE K 305 -15.84 -23.91 -18.24
CA ILE K 305 -16.85 -24.90 -17.92
C ILE K 305 -17.68 -24.45 -16.73
N ALA K 306 -17.02 -23.90 -15.70
CA ALA K 306 -17.75 -23.38 -14.56
C ALA K 306 -18.66 -22.23 -14.96
N GLY K 307 -18.17 -21.34 -15.84
CA GLY K 307 -18.95 -20.18 -16.22
C GLY K 307 -20.21 -20.54 -16.97
N ASN K 308 -20.11 -21.46 -17.93
CA ASN K 308 -21.28 -21.82 -18.71
C ASN K 308 -22.42 -22.32 -17.85
N PHE K 309 -22.12 -22.92 -16.69
CA PHE K 309 -23.15 -23.39 -15.79
C PHE K 309 -23.69 -22.29 -14.89
N GLY K 310 -23.14 -21.09 -14.95
CA GLY K 310 -23.61 -20.00 -14.11
C GLY K 310 -23.30 -20.19 -12.64
N ILE K 311 -22.10 -20.64 -12.32
CA ILE K 311 -21.65 -20.81 -10.93
C ILE K 311 -20.38 -19.98 -10.75
N PRO K 312 -20.37 -19.00 -9.86
CA PRO K 312 -19.11 -18.27 -9.59
C PRO K 312 -18.01 -19.23 -9.19
N ILE K 313 -16.84 -19.06 -9.80
CA ILE K 313 -15.76 -20.02 -9.61
C ILE K 313 -15.28 -20.02 -8.17
N ALA K 314 -15.49 -18.93 -7.44
CA ALA K 314 -15.06 -18.88 -6.05
C ALA K 314 -15.76 -19.94 -5.21
N LEU K 315 -17.05 -20.15 -5.45
CA LEU K 315 -17.80 -21.16 -4.69
C LEU K 315 -17.33 -22.57 -4.98
N LEU K 316 -16.99 -22.86 -6.24
CA LEU K 316 -16.56 -24.21 -6.59
C LEU K 316 -15.25 -24.58 -5.90
N GLY K 317 -14.47 -23.59 -5.49
CA GLY K 317 -13.20 -23.84 -4.84
C GLY K 317 -12.00 -23.88 -5.76
N PHE K 318 -12.20 -23.72 -7.07
CA PHE K 318 -11.08 -23.71 -7.99
C PHE K 318 -10.36 -22.37 -7.95
N ALA K 319 -9.18 -22.34 -8.57
CA ALA K 319 -8.29 -21.20 -8.46
C ALA K 319 -8.79 -20.00 -9.25
N ALA K 320 -8.52 -18.81 -8.72
CA ALA K 320 -8.78 -17.56 -9.41
C ALA K 320 -7.89 -16.49 -8.81
N ALA K 321 -7.08 -15.85 -9.66
CA ALA K 321 -6.03 -14.97 -9.17
C ALA K 321 -6.48 -13.54 -8.89
N ASP K 322 -7.71 -13.18 -9.27
CA ASP K 322 -8.19 -11.80 -9.15
C ASP K 322 -9.46 -11.72 -8.32
N GLY K 323 -9.51 -12.41 -7.18
CA GLY K 323 -10.74 -12.43 -6.39
C GLY K 323 -11.15 -11.07 -5.88
N SER K 324 -10.19 -10.28 -5.39
CA SER K 324 -10.51 -9.00 -4.78
C SER K 324 -10.89 -7.93 -5.81
N LYS K 325 -10.57 -8.13 -7.08
CA LYS K 325 -10.85 -7.11 -8.09
C LYS K 325 -12.32 -7.04 -8.47
N PHE K 326 -13.11 -8.10 -8.22
CA PHE K 326 -14.52 -8.08 -8.55
C PHE K 326 -15.38 -8.35 -7.33
N ALA K 327 -14.98 -9.30 -6.49
CA ALA K 327 -15.75 -9.72 -5.34
C ALA K 327 -15.10 -9.19 -4.07
N SER K 328 -15.84 -8.35 -3.34
CA SER K 328 -15.32 -7.80 -2.09
C SER K 328 -15.23 -8.85 -0.99
N ASN K 329 -16.18 -9.78 -0.95
CA ASN K 329 -16.25 -10.77 0.13
C ASN K 329 -16.70 -12.10 -0.45
N TYR K 330 -16.94 -13.07 0.44
CA TYR K 330 -17.41 -14.40 0.07
C TYR K 330 -18.92 -14.52 0.23
N ASP K 331 -19.48 -13.91 1.28
CA ASP K 331 -20.93 -13.96 1.49
C ASP K 331 -21.67 -13.28 0.34
N GLU K 332 -21.08 -12.23 -0.24
CA GLU K 332 -21.72 -11.59 -1.38
C GLU K 332 -21.85 -12.56 -2.54
N SER K 333 -20.80 -13.33 -2.82
CA SER K 333 -20.87 -14.33 -3.88
C SER K 333 -21.89 -15.42 -3.54
N ARG K 334 -21.93 -15.86 -2.28
CA ARG K 334 -22.89 -16.88 -1.90
C ARG K 334 -24.32 -16.40 -2.12
N LYS K 335 -24.61 -15.15 -1.75
CA LYS K 335 -25.93 -14.59 -1.94
C LYS K 335 -26.25 -14.43 -3.43
N ALA K 336 -25.28 -13.94 -4.20
CA ALA K 336 -25.52 -13.66 -5.61
C ALA K 336 -25.76 -14.93 -6.40
N PHE K 337 -24.99 -15.99 -6.12
CA PHE K 337 -25.22 -17.25 -6.83
C PHE K 337 -26.69 -17.67 -6.72
N PHE K 338 -27.20 -17.74 -5.49
CA PHE K 338 -28.60 -18.07 -5.30
C PHE K 338 -29.48 -17.10 -6.08
N GLU K 339 -29.43 -15.81 -5.73
CA GLU K 339 -30.41 -14.87 -6.25
C GLU K 339 -30.42 -14.82 -7.78
N ASP K 340 -29.27 -15.04 -8.42
CA ASP K 340 -29.17 -14.85 -9.86
C ASP K 340 -29.30 -16.13 -10.67
N THR K 341 -29.07 -17.31 -10.07
CA THR K 341 -29.14 -18.56 -10.81
C THR K 341 -30.22 -19.49 -10.28
N ILE K 342 -30.30 -19.70 -8.97
CA ILE K 342 -31.17 -20.73 -8.44
C ILE K 342 -32.63 -20.35 -8.60
N GLU K 343 -32.96 -19.09 -8.34
CA GLU K 343 -34.35 -18.65 -8.44
C GLU K 343 -34.86 -18.66 -9.88
N PRO K 344 -34.32 -17.87 -10.81
CA PRO K 344 -34.88 -17.84 -12.16
C PRO K 344 -34.57 -19.10 -12.95
N GLY K 345 -33.58 -19.87 -12.48
CA GLY K 345 -33.11 -20.99 -13.26
C GLY K 345 -33.77 -22.32 -12.95
N TYR K 346 -33.92 -22.65 -11.66
CA TYR K 346 -34.32 -24.00 -11.28
C TYR K 346 -35.58 -24.01 -10.43
N LEU K 347 -35.73 -23.05 -9.51
CA LEU K 347 -36.89 -23.05 -8.63
C LEU K 347 -38.16 -22.70 -9.39
N THR K 348 -38.11 -21.65 -10.21
CA THR K 348 -39.31 -21.20 -10.91
C THR K 348 -39.88 -22.25 -11.85
N PRO K 349 -39.09 -22.92 -12.69
CA PRO K 349 -39.68 -23.94 -13.56
C PRO K 349 -40.39 -25.05 -12.80
N MET K 350 -39.73 -25.62 -11.79
CA MET K 350 -40.36 -26.68 -11.01
C MET K 350 -41.63 -26.17 -10.32
N GLU K 351 -41.55 -24.99 -9.73
CA GLU K 351 -42.70 -24.41 -9.05
C GLU K 351 -43.88 -24.30 -10.01
N ASP K 352 -43.65 -23.69 -11.17
CA ASP K 352 -44.73 -23.48 -12.13
C ASP K 352 -45.30 -24.80 -12.63
N GLY K 353 -44.41 -25.76 -12.93
CA GLY K 353 -44.88 -27.03 -13.45
C GLY K 353 -45.75 -27.78 -12.46
N PHE K 354 -45.28 -27.85 -11.20
CA PHE K 354 -46.07 -28.53 -10.19
C PHE K 354 -47.39 -27.81 -9.94
N SER K 355 -47.36 -26.48 -9.89
CA SER K 355 -48.61 -25.73 -9.70
C SER K 355 -49.58 -25.96 -10.85
N MET K 356 -49.05 -26.15 -12.06
CA MET K 356 -49.89 -26.38 -13.23
C MET K 356 -50.48 -27.78 -13.27
N PHE K 357 -49.72 -28.79 -12.86
CA PHE K 357 -50.13 -30.18 -13.07
C PHE K 357 -50.53 -30.93 -11.81
N LEU K 358 -50.51 -30.30 -10.63
CA LEU K 358 -50.94 -30.99 -9.41
C LEU K 358 -52.06 -30.25 -8.68
N CYS K 359 -52.00 -28.93 -8.60
CA CYS K 359 -52.97 -28.16 -7.81
C CYS K 359 -54.07 -27.62 -8.71
N ALA K 360 -55.29 -27.62 -8.16
CA ALA K 360 -56.41 -27.02 -8.87
C ALA K 360 -56.26 -25.50 -8.90
N PRO K 361 -56.92 -24.81 -9.82
CA PRO K 361 -56.80 -23.36 -9.89
C PRO K 361 -57.19 -22.72 -8.56
N GLY K 362 -56.49 -21.64 -8.20
CA GLY K 362 -56.67 -20.99 -6.92
C GLY K 362 -55.63 -21.33 -5.89
N SER K 363 -54.79 -22.33 -6.14
CA SER K 363 -53.72 -22.71 -5.24
C SER K 363 -52.43 -22.85 -6.03
N ARG K 364 -51.31 -22.91 -5.30
CA ARG K 364 -50.00 -22.99 -5.91
C ARG K 364 -49.05 -23.73 -4.99
N VAL K 365 -47.98 -24.26 -5.58
CA VAL K 365 -46.85 -24.77 -4.81
C VAL K 365 -45.83 -23.65 -4.71
N ILE K 366 -45.39 -23.32 -3.50
CA ILE K 366 -44.58 -22.14 -3.25
C ILE K 366 -43.29 -22.57 -2.56
N PHE K 367 -42.15 -22.17 -3.14
CA PHE K 367 -40.87 -22.32 -2.48
C PHE K 367 -40.70 -21.24 -1.42
N ASP K 368 -39.99 -21.58 -0.34
CA ASP K 368 -39.75 -20.64 0.75
C ASP K 368 -38.37 -20.01 0.53
N ARG K 369 -38.34 -18.95 -0.28
CA ARG K 369 -37.05 -18.32 -0.61
C ARG K 369 -36.42 -17.65 0.60
N ASP K 370 -37.23 -17.01 1.45
CA ASP K 370 -36.69 -16.08 2.44
C ASP K 370 -35.96 -16.79 3.57
N SER K 371 -36.39 -18.01 3.92
CA SER K 371 -35.83 -18.71 5.07
C SER K 371 -34.48 -19.36 4.78
N ILE K 372 -33.87 -19.08 3.65
CA ILE K 372 -32.58 -19.69 3.32
C ILE K 372 -31.49 -19.10 4.22
N PRO K 373 -30.52 -19.88 4.69
CA PRO K 373 -29.49 -19.31 5.57
C PRO K 373 -28.71 -18.16 4.94
N ALA K 374 -28.48 -18.21 3.64
CA ALA K 374 -27.59 -17.24 3.00
C ALA K 374 -28.11 -15.80 3.08
N LEU K 375 -29.40 -15.62 3.34
CA LEU K 375 -30.01 -14.29 3.31
C LEU K 375 -30.52 -13.82 4.66
N LYS K 376 -30.17 -14.49 5.76
CA LYS K 376 -30.67 -14.08 7.07
C LYS K 376 -30.14 -12.69 7.45
N LYS K 377 -28.84 -12.48 7.33
CA LYS K 377 -28.26 -11.18 7.68
C LYS K 377 -28.84 -10.08 6.81
N SER K 378 -28.95 -10.32 5.52
CA SER K 378 -29.53 -9.32 4.62
C SER K 378 -30.96 -9.00 5.01
N ARG K 379 -31.76 -10.04 5.28
CA ARG K 379 -33.15 -9.80 5.66
C ARG K 379 -33.22 -8.94 6.92
N ALA K 380 -32.42 -9.28 7.94
CA ALA K 380 -32.46 -8.51 9.18
C ALA K 380 -32.04 -7.07 8.93
N ASP K 381 -30.96 -6.86 8.17
CA ASP K 381 -30.46 -5.51 7.94
C ASP K 381 -31.49 -4.66 7.19
N ILE K 382 -32.11 -5.22 6.15
CA ILE K 382 -33.09 -4.45 5.40
C ILE K 382 -34.34 -4.21 6.23
N ALA K 383 -34.74 -5.19 7.04
CA ALA K 383 -35.93 -5.00 7.89
C ALA K 383 -35.70 -3.90 8.90
N ALA K 384 -34.49 -3.82 9.47
CA ALA K 384 -34.20 -2.79 10.46
C ALA K 384 -34.26 -1.38 9.88
N VAL K 385 -34.26 -1.23 8.56
CA VAL K 385 -34.29 0.09 7.94
C VAL K 385 -35.72 0.58 7.75
N TYR K 386 -36.61 -0.30 7.28
CA TYR K 386 -38.01 0.08 7.12
C TYR K 386 -38.67 0.42 8.45
N GLU K 387 -38.06 0.02 9.57
CA GLU K 387 -38.64 0.35 10.86
C GLU K 387 -38.72 1.85 11.08
N LYS K 388 -37.84 2.62 10.43
CA LYS K 388 -37.82 4.07 10.60
C LYS K 388 -38.77 4.79 9.64
N VAL K 389 -39.02 4.21 8.46
CA VAL K 389 -39.93 4.83 7.50
C VAL K 389 -41.35 4.82 8.07
N THR K 390 -42.07 5.93 7.88
CA THR K 390 -43.40 6.09 8.44
C THR K 390 -44.49 6.39 7.41
N PHE K 391 -44.14 6.71 6.17
CA PHE K 391 -45.18 6.95 5.15
C PHE K 391 -45.65 5.66 4.51
N ILE K 392 -45.37 4.51 5.13
CA ILE K 392 -45.78 3.21 4.64
C ILE K 392 -46.53 2.49 5.75
N ASP K 393 -47.59 1.78 5.38
CA ASP K 393 -48.38 1.05 6.37
C ASP K 393 -47.60 -0.14 6.90
N GLU K 394 -48.03 -0.64 8.06
CA GLU K 394 -47.39 -1.81 8.64
C GLU K 394 -47.55 -3.03 7.75
N ASN K 395 -48.73 -3.18 7.13
CA ASN K 395 -48.95 -4.30 6.23
C ASN K 395 -48.00 -4.25 5.04
N GLU K 396 -47.79 -3.06 4.48
CA GLU K 396 -46.87 -2.93 3.36
C GLU K 396 -45.44 -3.26 3.78
N LYS K 397 -45.04 -2.82 4.98
CA LYS K 397 -43.71 -3.16 5.47
C LYS K 397 -43.55 -4.67 5.61
N ARG K 398 -44.58 -5.34 6.16
CA ARG K 398 -44.52 -6.79 6.27
C ARG K 398 -44.43 -7.44 4.90
N GLU K 399 -45.22 -6.95 3.94
CA GLU K 399 -45.26 -7.56 2.62
C GLU K 399 -43.92 -7.43 1.90
N VAL K 400 -43.30 -6.25 1.98
CA VAL K 400 -42.07 -6.03 1.23
C VAL K 400 -40.92 -6.88 1.77
N THR K 401 -40.95 -7.23 3.05
CA THR K 401 -39.88 -8.03 3.65
C THR K 401 -40.18 -9.52 3.63
N GLY K 402 -41.29 -9.94 3.03
CA GLY K 402 -41.60 -11.35 2.89
C GLY K 402 -42.52 -11.92 3.93
N TRP K 403 -43.02 -11.11 4.88
CA TRP K 403 -43.88 -11.65 5.90
C TRP K 403 -45.34 -11.65 5.45
N PRO K 404 -46.14 -12.60 5.92
CA PRO K 404 -47.56 -12.63 5.54
C PRO K 404 -48.35 -11.52 6.21
N LYS K 405 -49.51 -11.23 5.61
CA LYS K 405 -50.39 -10.20 6.15
C LYS K 405 -51.02 -10.66 7.45
N LYS K 406 -51.25 -9.70 8.35
CA LYS K 406 -51.90 -9.99 9.62
C LYS K 406 -53.38 -10.29 9.41
N PRO L 17 -55.01 6.78 -44.66
CA PRO L 17 -54.56 5.52 -45.26
C PRO L 17 -53.45 5.73 -46.30
N SER L 18 -53.65 6.67 -47.21
CA SER L 18 -52.67 6.97 -48.24
C SER L 18 -51.61 7.97 -47.77
N ALA L 19 -51.77 8.56 -46.58
CA ALA L 19 -50.81 9.54 -46.10
C ALA L 19 -49.54 8.90 -45.56
N ASN L 20 -49.51 7.59 -45.41
CA ASN L 20 -48.35 6.91 -44.83
C ASN L 20 -47.14 7.08 -45.74
N PRO L 21 -46.03 7.65 -45.27
CA PRO L 21 -44.84 7.76 -46.12
C PRO L 21 -44.24 6.42 -46.51
N ALA L 22 -44.60 5.33 -45.81
CA ALA L 22 -43.97 4.05 -46.05
C ALA L 22 -44.24 3.52 -47.46
N LYS L 23 -45.23 4.08 -48.16
CA LYS L 23 -45.55 3.58 -49.50
C LYS L 23 -44.39 3.77 -50.48
N ILE L 24 -43.41 4.61 -50.14
CA ILE L 24 -42.28 4.84 -51.03
C ILE L 24 -41.50 3.55 -51.27
N PHE L 25 -41.49 2.65 -50.29
CA PHE L 25 -40.64 1.46 -50.35
C PHE L 25 -41.35 0.24 -50.94
N ILE L 26 -42.64 0.32 -51.22
CA ILE L 26 -43.38 -0.88 -51.62
C ILE L 26 -42.91 -1.38 -52.97
N ARG L 27 -42.83 -0.51 -53.97
CA ARG L 27 -42.41 -0.95 -55.28
C ARG L 27 -40.91 -1.26 -55.34
N ARG L 28 -40.15 -0.83 -54.35
CA ARG L 28 -38.71 -1.02 -54.36
C ARG L 28 -38.26 -2.26 -53.62
N LEU L 29 -38.93 -2.64 -52.54
CA LEU L 29 -38.49 -3.74 -51.70
C LEU L 29 -39.49 -4.89 -51.66
N PHE L 30 -40.77 -4.57 -51.43
CA PHE L 30 -41.79 -5.57 -51.13
C PHE L 30 -42.98 -5.37 -52.07
N ASN L 31 -43.08 -6.23 -53.08
CA ASN L 31 -44.18 -6.14 -54.03
C ASN L 31 -45.50 -6.47 -53.36
N SER L 32 -46.58 -5.92 -53.89
CA SER L 32 -47.91 -6.16 -53.33
C SER L 32 -48.39 -7.55 -53.69
N GLY L 33 -49.08 -8.20 -52.74
CA GLY L 33 -49.68 -9.49 -52.99
C GLY L 33 -48.72 -10.66 -53.01
N ILE L 34 -47.54 -10.51 -52.43
CA ILE L 34 -46.56 -11.60 -52.34
C ILE L 34 -46.01 -11.62 -50.92
N ALA L 35 -45.87 -12.83 -50.37
CA ALA L 35 -45.35 -13.01 -49.02
C ALA L 35 -43.83 -13.07 -49.07
N LYS L 36 -43.17 -12.37 -48.14
CA LYS L 36 -41.72 -12.32 -48.07
C LYS L 36 -41.26 -12.70 -46.67
N SER L 37 -40.08 -13.28 -46.59
CA SER L 37 -39.53 -13.74 -45.31
C SER L 37 -39.23 -12.56 -44.40
N VAL L 38 -39.45 -12.75 -43.10
CA VAL L 38 -39.18 -11.71 -42.13
C VAL L 38 -37.67 -11.49 -41.98
N VAL L 39 -36.90 -12.57 -41.94
CA VAL L 39 -35.45 -12.49 -41.73
C VAL L 39 -34.75 -13.34 -42.77
N SER L 40 -33.56 -12.89 -43.18
CA SER L 40 -32.79 -13.58 -44.19
C SER L 40 -32.23 -14.89 -43.65
N TYR L 41 -31.84 -15.77 -44.59
CA TYR L 41 -31.34 -17.09 -44.22
C TYR L 41 -30.05 -17.01 -43.42
N SER L 42 -29.15 -16.10 -43.81
CA SER L 42 -27.87 -15.99 -43.10
C SER L 42 -28.10 -15.64 -41.64
N ASN L 43 -29.06 -14.76 -41.34
CA ASN L 43 -29.37 -14.43 -39.95
C ASN L 43 -29.87 -15.65 -39.20
N VAL L 44 -30.71 -16.47 -39.84
CA VAL L 44 -31.21 -17.68 -39.19
C VAL L 44 -30.06 -18.64 -38.88
N MET L 45 -29.16 -18.82 -39.84
CA MET L 45 -28.01 -19.69 -39.60
C MET L 45 -27.14 -19.15 -38.47
N ALA L 46 -26.92 -17.83 -38.45
CA ALA L 46 -26.13 -17.23 -37.37
C ALA L 46 -26.78 -17.47 -36.02
N ALA L 47 -28.11 -17.33 -35.95
CA ALA L 47 -28.81 -17.60 -34.69
C ALA L 47 -28.70 -19.07 -34.29
N ALA L 48 -28.78 -19.98 -35.26
CA ALA L 48 -28.77 -21.40 -34.94
C ALA L 48 -27.43 -21.82 -34.32
N ARG L 49 -26.32 -21.34 -34.86
CA ARG L 49 -25.01 -21.70 -34.34
C ARG L 49 -24.66 -20.93 -33.08
N ALA L 50 -25.37 -19.84 -32.78
CA ALA L 50 -25.07 -19.07 -31.58
C ALA L 50 -25.35 -19.89 -30.32
N MET L 51 -26.43 -20.66 -30.31
CA MET L 51 -26.82 -21.41 -29.13
C MET L 51 -25.85 -22.52 -28.77
N GLU L 52 -24.92 -22.85 -29.66
CA GLU L 52 -23.92 -23.88 -29.40
C GLU L 52 -22.53 -23.30 -29.20
N HIS L 53 -22.42 -22.01 -28.90
CA HIS L 53 -21.15 -21.34 -28.73
C HIS L 53 -20.89 -21.09 -27.25
N PRO L 54 -19.69 -21.34 -26.75
CA PRO L 54 -19.46 -21.25 -25.29
C PRO L 54 -19.61 -19.85 -24.73
N VAL L 55 -19.82 -18.82 -25.54
CA VAL L 55 -19.94 -17.44 -25.09
C VAL L 55 -21.30 -16.85 -25.44
N VAL L 56 -21.71 -16.97 -26.71
CA VAL L 56 -22.97 -16.38 -27.12
C VAL L 56 -24.14 -17.08 -26.43
N PHE L 57 -24.05 -18.41 -26.26
CA PHE L 57 -25.10 -19.11 -25.54
C PHE L 57 -25.20 -18.60 -24.10
N ARG L 58 -24.06 -18.38 -23.45
CA ARG L 58 -24.09 -17.87 -22.08
C ARG L 58 -24.73 -16.49 -22.03
N CYS L 59 -24.37 -15.61 -22.97
CA CYS L 59 -24.97 -14.29 -22.99
C CYS L 59 -26.49 -14.35 -23.19
N LEU L 60 -26.93 -15.16 -24.16
CA LEU L 60 -28.35 -15.26 -24.43
C LEU L 60 -29.10 -15.84 -23.22
N ASP L 61 -28.54 -16.86 -22.58
CA ASP L 61 -29.18 -17.45 -21.42
C ASP L 61 -29.25 -16.45 -20.27
N LYS L 62 -28.19 -15.68 -20.07
CA LYS L 62 -28.20 -14.66 -19.02
C LYS L 62 -29.32 -13.66 -19.26
N LEU L 63 -29.41 -13.13 -20.48
CA LEU L 63 -30.46 -12.16 -20.77
C LEU L 63 -31.84 -12.79 -20.59
N GLY L 64 -32.01 -14.01 -21.09
CA GLY L 64 -33.31 -14.66 -20.98
C GLY L 64 -33.74 -14.86 -19.55
N LEU L 65 -32.85 -15.38 -18.71
CA LEU L 65 -33.19 -15.59 -17.31
C LEU L 65 -33.48 -14.26 -16.61
N THR L 66 -32.66 -13.24 -16.86
CA THR L 66 -32.87 -11.96 -16.19
C THR L 66 -34.22 -11.37 -16.56
N VAL L 67 -34.61 -11.43 -17.83
CA VAL L 67 -35.93 -10.93 -18.22
C VAL L 67 -37.02 -11.83 -17.68
N GLN L 68 -36.74 -13.14 -17.54
CA GLN L 68 -37.70 -14.08 -17.00
C GLN L 68 -38.06 -13.78 -15.55
N SER L 69 -37.09 -13.32 -14.76
CA SER L 69 -37.31 -13.18 -13.33
C SER L 69 -38.33 -12.10 -12.98
N VAL L 70 -38.74 -11.27 -13.93
CA VAL L 70 -39.55 -10.09 -13.64
C VAL L 70 -41.01 -10.41 -13.91
N LYS L 71 -41.89 -10.05 -12.97
CA LYS L 71 -43.32 -10.20 -13.11
C LYS L 71 -43.94 -8.98 -13.78
N TRP L 72 -45.11 -9.17 -14.39
CA TRP L 72 -45.95 -8.05 -14.81
C TRP L 72 -47.37 -8.26 -14.28
N TYR L 73 -48.25 -7.35 -14.68
CA TYR L 73 -49.66 -7.43 -14.33
C TYR L 73 -50.43 -6.44 -15.21
N VAL L 74 -51.75 -6.50 -15.10
CA VAL L 74 -52.63 -5.61 -15.86
C VAL L 74 -53.08 -4.49 -14.93
N GLY L 75 -52.78 -3.25 -15.31
CA GLY L 75 -53.13 -2.09 -14.52
C GLY L 75 -53.85 -1.02 -15.34
N ALA L 76 -54.12 0.09 -14.66
CA ALA L 76 -54.78 1.22 -15.29
C ALA L 76 -53.76 2.16 -15.93
N ASP L 77 -54.19 2.85 -16.98
CA ASP L 77 -53.30 3.77 -17.67
C ASP L 77 -53.15 5.06 -16.87
N PRO L 78 -51.94 5.42 -16.44
CA PRO L 78 -51.79 6.67 -15.66
C PRO L 78 -52.21 7.92 -16.40
N ASP L 79 -52.10 7.98 -17.72
CA ASP L 79 -52.28 9.21 -18.48
C ASP L 79 -53.68 9.36 -19.05
N ILE L 80 -54.18 8.34 -19.75
CA ILE L 80 -55.46 8.42 -20.44
C ILE L 80 -56.47 7.56 -19.70
N SER L 81 -57.73 7.96 -19.76
CA SER L 81 -58.79 7.30 -19.01
C SER L 81 -60.11 7.44 -19.73
N GLY L 82 -61.07 6.61 -19.34
CA GLY L 82 -62.43 6.69 -19.84
C GLY L 82 -62.88 5.44 -20.57
N THR L 83 -62.02 4.87 -21.39
CA THR L 83 -62.35 3.68 -22.18
C THR L 83 -61.74 2.40 -21.61
N GLY L 84 -61.22 2.44 -20.39
CA GLY L 84 -60.51 1.30 -19.85
C GLY L 84 -61.42 0.13 -19.54
N MET L 85 -60.79 -1.03 -19.37
CA MET L 85 -61.51 -2.25 -19.04
C MET L 85 -62.08 -2.16 -17.63
N SER L 86 -63.19 -2.86 -17.40
CA SER L 86 -63.70 -3.02 -16.05
C SER L 86 -62.80 -3.96 -15.26
N ALA L 87 -62.96 -3.94 -13.94
CA ALA L 87 -62.13 -4.79 -13.08
C ALA L 87 -62.26 -6.26 -13.47
N LYS L 88 -63.48 -6.70 -13.81
CA LYS L 88 -63.68 -8.10 -14.19
C LYS L 88 -62.86 -8.45 -15.42
N GLU L 89 -62.87 -7.58 -16.43
CA GLU L 89 -62.12 -7.87 -17.66
C GLU L 89 -60.62 -7.86 -17.40
N ARG L 90 -60.14 -6.94 -16.56
CA ARG L 90 -58.73 -6.92 -16.20
C ARG L 90 -58.33 -8.22 -15.51
N LYS L 91 -59.14 -8.67 -14.55
CA LYS L 91 -58.85 -9.93 -13.88
C LYS L 91 -58.91 -11.11 -14.84
N ALA L 92 -59.82 -11.09 -15.81
CA ALA L 92 -59.89 -12.16 -16.79
C ALA L 92 -58.64 -12.20 -17.65
N LEU L 93 -58.18 -11.05 -18.14
CA LEU L 93 -56.96 -11.02 -18.93
C LEU L 93 -55.74 -11.41 -18.09
N GLN L 94 -55.79 -11.13 -16.78
CA GLN L 94 -54.70 -11.55 -15.91
C GLN L 94 -54.46 -13.05 -15.98
N GLN L 95 -55.53 -13.84 -16.00
CA GLN L 95 -55.37 -15.29 -16.04
C GLN L 95 -54.66 -15.73 -17.32
N VAL L 96 -55.05 -15.17 -18.47
CA VAL L 96 -54.38 -15.50 -19.72
C VAL L 96 -52.92 -15.08 -19.65
N LEU L 97 -52.65 -13.94 -19.02
CA LEU L 97 -51.27 -13.47 -18.91
C LEU L 97 -50.39 -14.35 -18.03
N ASN L 98 -50.97 -15.25 -17.24
CA ASN L 98 -50.20 -16.16 -16.39
C ASN L 98 -50.16 -17.58 -16.91
N ARG L 99 -51.18 -18.02 -17.64
CA ARG L 99 -51.21 -19.35 -18.26
C ARG L 99 -51.60 -19.16 -19.72
N PRO L 100 -50.66 -18.73 -20.56
CA PRO L 100 -51.01 -18.43 -21.96
C PRO L 100 -51.67 -19.60 -22.69
N ASN L 101 -51.22 -20.82 -22.45
CA ASN L 101 -51.79 -21.98 -23.12
C ASN L 101 -51.52 -23.21 -22.25
N SER L 102 -51.76 -24.39 -22.82
CA SER L 102 -51.65 -25.63 -22.05
C SER L 102 -50.22 -26.11 -21.91
N ALA L 103 -49.27 -25.47 -22.58
CA ALA L 103 -47.88 -25.93 -22.58
C ALA L 103 -46.92 -24.98 -21.88
N MET L 104 -47.16 -23.67 -21.95
CA MET L 104 -46.24 -22.67 -21.44
C MET L 104 -46.88 -21.87 -20.31
N SER L 105 -46.08 -21.54 -19.30
CA SER L 105 -46.45 -20.52 -18.33
C SER L 105 -45.91 -19.16 -18.79
N GLY L 106 -46.19 -18.13 -18.00
CA GLY L 106 -45.74 -16.79 -18.37
C GLY L 106 -44.23 -16.68 -18.47
N ALA L 107 -43.51 -17.32 -17.55
CA ALA L 107 -42.06 -17.20 -17.53
C ALA L 107 -41.44 -17.77 -18.81
N GLN L 108 -41.96 -18.91 -19.29
CA GLN L 108 -41.44 -19.48 -20.53
C GLN L 108 -41.76 -18.60 -21.72
N LEU L 109 -42.93 -17.96 -21.73
CA LEU L 109 -43.26 -17.02 -22.79
C LEU L 109 -42.26 -15.86 -22.79
N ARG L 110 -41.95 -15.33 -21.61
CA ARG L 110 -40.95 -14.26 -21.52
C ARG L 110 -39.59 -14.74 -22.03
N TYR L 111 -39.20 -15.96 -21.65
CA TYR L 111 -37.89 -16.49 -22.08
C TYR L 111 -37.82 -16.59 -23.60
N ALA L 112 -38.84 -17.17 -24.22
CA ALA L 112 -38.85 -17.31 -25.67
C ALA L 112 -38.86 -15.94 -26.35
N ALA L 113 -39.67 -15.01 -25.84
CA ALA L 113 -39.71 -13.68 -26.44
C ALA L 113 -38.35 -12.99 -26.33
N THR L 114 -37.68 -13.12 -25.19
CA THR L 114 -36.37 -12.50 -25.03
C THR L 114 -35.36 -13.10 -26.00
N LEU L 115 -35.37 -14.43 -26.15
CA LEU L 115 -34.44 -15.04 -27.10
C LEU L 115 -34.72 -14.57 -28.53
N SER L 116 -35.99 -14.51 -28.92
CA SER L 116 -36.32 -14.04 -30.26
C SER L 116 -35.87 -12.60 -30.46
N TRP L 117 -36.13 -11.74 -29.47
CA TRP L 117 -35.72 -10.34 -29.57
C TRP L 117 -34.21 -10.21 -29.70
N ALA L 118 -33.46 -10.99 -28.92
CA ALA L 118 -32.01 -10.89 -28.96
C ALA L 118 -31.45 -11.39 -30.29
N CYS L 119 -31.93 -12.54 -30.77
CA CYS L 119 -31.35 -13.14 -31.96
C CYS L 119 -31.76 -12.41 -33.24
N PHE L 120 -33.04 -12.06 -33.37
CA PHE L 120 -33.57 -11.52 -34.62
C PHE L 120 -33.99 -10.06 -34.53
N GLY L 121 -34.16 -9.52 -33.33
CA GLY L 121 -34.60 -8.14 -33.21
C GLY L 121 -36.07 -7.93 -33.47
N ARG L 122 -36.88 -8.98 -33.37
CA ARG L 122 -38.32 -8.86 -33.56
C ARG L 122 -38.99 -10.12 -33.03
N MET L 123 -40.20 -9.95 -32.50
CA MET L 123 -40.94 -11.06 -31.93
C MET L 123 -42.40 -10.95 -32.36
N ALA L 124 -43.05 -12.11 -32.48
CA ALA L 124 -44.43 -12.19 -32.92
C ALA L 124 -45.18 -13.21 -32.09
N PHE L 125 -46.50 -13.06 -32.03
CA PHE L 125 -47.35 -13.95 -31.28
C PHE L 125 -48.69 -14.11 -31.99
N LYS L 126 -49.37 -15.22 -31.69
CA LYS L 126 -50.74 -15.45 -32.15
C LYS L 126 -51.68 -15.37 -30.95
N VAL L 127 -52.86 -14.81 -31.18
CA VAL L 127 -53.84 -14.58 -30.11
C VAL L 127 -55.16 -15.20 -30.53
N SER L 128 -55.76 -15.94 -29.61
CA SER L 128 -57.08 -16.54 -29.82
C SER L 128 -58.13 -15.74 -29.05
N VAL L 129 -59.23 -15.41 -29.71
CA VAL L 129 -60.23 -14.52 -29.16
C VAL L 129 -61.58 -15.21 -29.17
N MET L 130 -62.32 -15.05 -28.07
CA MET L 130 -63.67 -15.57 -27.98
C MET L 130 -64.60 -14.77 -28.88
N GLY L 131 -65.87 -15.19 -28.90
CA GLY L 131 -66.86 -14.50 -29.72
C GLY L 131 -67.11 -13.07 -29.30
N ASP L 132 -67.04 -12.77 -28.01
CA ASP L 132 -67.31 -11.43 -27.51
C ASP L 132 -66.06 -10.56 -27.43
N GLY L 133 -64.91 -11.06 -27.86
CA GLY L 133 -63.69 -10.27 -27.90
C GLY L 133 -62.69 -10.54 -26.81
N SER L 134 -63.07 -11.27 -25.76
CA SER L 134 -62.13 -11.57 -24.70
C SER L 134 -61.09 -12.58 -25.16
N VAL L 135 -59.87 -12.41 -24.69
CA VAL L 135 -58.77 -13.30 -25.06
C VAL L 135 -58.82 -14.55 -24.19
N ASN L 136 -58.36 -15.67 -24.75
CA ASN L 136 -58.32 -16.93 -24.03
C ASN L 136 -57.02 -17.71 -24.19
N ALA L 137 -56.15 -17.34 -25.13
CA ALA L 137 -54.90 -18.06 -25.30
C ALA L 137 -53.92 -17.18 -26.07
N ILE L 138 -52.64 -17.53 -25.97
CA ILE L 138 -51.56 -16.85 -26.67
C ILE L 138 -50.54 -17.90 -27.08
N TRP L 139 -50.00 -17.76 -28.29
CA TRP L 139 -49.00 -18.70 -28.80
C TRP L 139 -47.84 -17.91 -29.39
N PRO L 140 -46.60 -18.35 -29.16
CA PRO L 140 -45.46 -17.68 -29.81
C PRO L 140 -45.16 -18.28 -31.17
N LEU L 141 -44.76 -17.42 -32.11
CA LEU L 141 -44.43 -17.84 -33.46
C LEU L 141 -42.92 -17.81 -33.66
N GLY L 142 -42.41 -18.81 -34.37
CA GLY L 142 -41.00 -18.85 -34.71
C GLY L 142 -40.68 -17.88 -35.83
N ILE L 143 -39.83 -16.91 -35.55
CA ILE L 143 -39.48 -15.87 -36.51
C ILE L 143 -38.96 -16.50 -37.80
N PRO L 144 -38.11 -17.54 -37.73
CA PRO L 144 -37.59 -18.11 -38.99
C PRO L 144 -38.67 -18.62 -39.92
N PHE L 145 -39.81 -19.06 -39.39
CA PHE L 145 -40.87 -19.68 -40.19
C PHE L 145 -42.03 -18.74 -40.47
N LEU L 146 -41.80 -17.44 -40.47
CA LEU L 146 -42.88 -16.46 -40.59
C LEU L 146 -42.69 -15.65 -41.87
N LYS L 147 -43.80 -15.39 -42.57
CA LYS L 147 -43.84 -14.54 -43.75
C LYS L 147 -45.04 -13.62 -43.65
N GLN L 148 -44.93 -12.45 -44.27
CA GLN L 148 -45.95 -11.42 -44.15
C GLN L 148 -46.22 -10.81 -45.52
N GLU L 149 -47.42 -10.27 -45.69
CA GLU L 149 -47.87 -9.66 -46.94
C GLU L 149 -48.34 -8.24 -46.68
N PHE L 150 -48.21 -7.39 -47.70
CA PHE L 150 -48.56 -5.98 -47.61
C PHE L 150 -49.57 -5.62 -48.68
N ASN L 151 -50.36 -4.59 -48.40
CA ASN L 151 -51.15 -3.93 -49.44
C ASN L 151 -50.31 -2.86 -50.12
N LYS L 152 -50.96 -2.03 -50.94
CA LYS L 152 -50.24 -1.02 -51.69
C LYS L 152 -49.87 0.19 -50.85
N TYR L 153 -50.40 0.33 -49.64
CA TYR L 153 -50.06 1.42 -48.74
C TYR L 153 -48.99 1.04 -47.73
N GLY L 154 -48.65 -0.24 -47.61
CA GLY L 154 -47.59 -0.66 -46.73
C GLY L 154 -48.01 -1.24 -45.41
N GLU L 155 -49.31 -1.36 -45.14
CA GLU L 155 -49.80 -1.96 -43.92
C GLU L 155 -49.89 -3.48 -44.09
N VAL L 156 -49.46 -4.21 -43.07
CA VAL L 156 -49.47 -5.66 -43.12
C VAL L 156 -50.92 -6.14 -43.09
N THR L 157 -51.28 -7.02 -44.02
CA THR L 157 -52.65 -7.51 -44.16
C THR L 157 -52.80 -8.97 -43.77
N THR L 158 -51.73 -9.77 -43.85
CA THR L 158 -51.82 -11.19 -43.54
C THR L 158 -50.45 -11.70 -43.12
N PHE L 159 -50.44 -12.62 -42.17
CA PHE L 159 -49.23 -13.33 -41.76
C PHE L 159 -49.29 -14.77 -42.22
N GLN L 160 -48.26 -15.19 -42.95
CA GLN L 160 -48.16 -16.56 -43.46
C GLN L 160 -47.15 -17.31 -42.60
N TYR L 161 -47.62 -18.35 -41.92
CA TYR L 161 -46.81 -19.14 -41.01
C TYR L 161 -46.67 -20.56 -41.55
N GLY L 162 -45.42 -21.00 -41.72
CA GLY L 162 -45.15 -22.35 -42.17
C GLY L 162 -44.28 -22.40 -43.41
N ASP L 163 -44.49 -23.43 -44.23
CA ASP L 163 -43.67 -23.65 -45.42
C ASP L 163 -44.59 -23.75 -46.63
N GLU L 164 -44.02 -24.13 -47.78
CA GLU L 164 -44.75 -24.14 -49.04
C GLU L 164 -45.87 -25.19 -49.08
N GLY L 165 -45.71 -26.30 -48.37
CA GLY L 165 -46.69 -27.36 -48.43
C GLY L 165 -47.61 -27.39 -47.22
N ASN L 166 -47.07 -27.14 -46.04
CA ASN L 166 -47.84 -27.02 -44.81
C ASN L 166 -47.86 -25.55 -44.41
N ARG L 167 -49.06 -24.97 -44.32
CA ARG L 167 -49.19 -23.53 -44.22
C ARG L 167 -50.39 -23.19 -43.34
N GLU L 168 -50.31 -22.03 -42.71
CA GLU L 168 -51.42 -21.45 -41.96
C GLU L 168 -51.43 -19.95 -42.18
N SER L 169 -52.59 -19.42 -42.55
CA SER L 169 -52.77 -18.00 -42.80
C SER L 169 -53.47 -17.37 -41.61
N ILE L 170 -53.01 -16.17 -41.22
CA ILE L 170 -53.53 -15.47 -40.07
C ILE L 170 -53.79 -14.02 -40.47
N LYS L 171 -54.91 -13.48 -40.01
CA LYS L 171 -55.19 -12.07 -40.24
C LYS L 171 -54.46 -11.20 -39.23
N SER L 172 -53.90 -10.10 -39.71
CA SER L 172 -53.23 -9.16 -38.84
C SER L 172 -54.26 -8.42 -37.98
N PHE L 173 -53.79 -7.81 -36.89
CA PHE L 173 -54.67 -7.06 -36.01
C PHE L 173 -55.43 -5.99 -36.78
N TYR L 174 -54.83 -5.44 -37.84
CA TYR L 174 -55.47 -4.35 -38.58
C TYR L 174 -56.61 -4.87 -39.43
N SER L 175 -56.41 -6.01 -40.11
CA SER L 175 -57.37 -6.52 -41.08
C SER L 175 -58.46 -7.39 -40.45
N ALA L 176 -58.34 -7.72 -39.17
CA ALA L 176 -59.35 -8.57 -38.54
C ALA L 176 -60.63 -7.79 -38.28
N ALA L 177 -61.76 -8.47 -38.44
CA ALA L 177 -63.05 -7.86 -38.14
C ALA L 177 -63.13 -7.49 -36.67
N LYS L 178 -63.76 -6.35 -36.40
CA LYS L 178 -63.78 -5.78 -35.06
C LYS L 178 -65.20 -5.46 -34.64
N ASN L 179 -65.43 -5.48 -33.33
CA ASN L 179 -66.74 -5.14 -32.77
C ASN L 179 -66.86 -3.61 -32.68
N GLU L 180 -67.89 -3.16 -31.97
CA GLU L 180 -68.15 -1.72 -31.88
C GLU L 180 -67.09 -0.99 -31.08
N LYS L 181 -66.37 -1.68 -30.19
CA LYS L 181 -65.32 -1.07 -29.39
C LYS L 181 -63.95 -1.18 -30.03
N GLY L 182 -63.85 -1.74 -31.24
CA GLY L 182 -62.58 -1.85 -31.91
C GLY L 182 -61.76 -3.07 -31.58
N ARG L 183 -62.25 -3.94 -30.69
CA ARG L 183 -61.49 -5.14 -30.35
C ARG L 183 -61.76 -6.23 -31.39
N PRO L 184 -60.75 -7.04 -31.73
CA PRO L 184 -60.98 -8.12 -32.69
C PRO L 184 -61.94 -9.16 -32.14
N ILE L 185 -62.64 -9.84 -33.05
CA ILE L 185 -63.57 -10.91 -32.70
C ILE L 185 -63.19 -12.17 -33.46
N GLU L 186 -61.92 -12.31 -33.80
CA GLU L 186 -61.43 -13.51 -34.47
C GLU L 186 -59.92 -13.61 -34.25
N ASN L 187 -59.39 -14.80 -34.52
CA ASN L 187 -57.97 -15.04 -34.29
C ASN L 187 -57.13 -14.12 -35.15
N TYR L 188 -55.99 -13.69 -34.61
CA TYR L 188 -55.10 -12.77 -35.30
C TYR L 188 -53.71 -12.92 -34.73
N ALA L 189 -52.76 -12.21 -35.36
CA ALA L 189 -51.36 -12.23 -34.94
C ALA L 189 -50.79 -10.81 -35.05
N PHE L 190 -49.68 -10.60 -34.34
CA PHE L 190 -49.02 -9.31 -34.34
C PHE L 190 -47.53 -9.52 -34.13
N MET L 191 -46.74 -8.54 -34.56
CA MET L 191 -45.29 -8.62 -34.50
C MET L 191 -44.71 -7.27 -34.10
N ILE L 192 -43.57 -7.30 -33.43
CA ILE L 192 -42.87 -6.10 -32.96
C ILE L 192 -41.50 -6.05 -33.63
N VAL L 193 -41.09 -4.86 -34.03
CA VAL L 193 -39.85 -4.66 -34.77
C VAL L 193 -39.02 -3.57 -34.09
N LYS L 194 -37.71 -3.77 -34.05
CA LYS L 194 -36.81 -2.75 -33.52
C LYS L 194 -36.43 -1.77 -34.63
N PRO L 195 -36.58 -0.46 -34.42
CA PRO L 195 -36.32 0.49 -35.50
C PRO L 195 -34.90 0.39 -36.04
N SER L 196 -34.68 1.05 -37.17
CA SER L 196 -33.39 1.10 -37.82
C SER L 196 -33.13 2.53 -38.30
N ILE L 197 -32.10 2.69 -39.12
CA ILE L 197 -31.68 4.02 -39.54
C ILE L 197 -32.44 4.51 -40.77
N ASN L 198 -33.07 3.60 -41.52
CA ASN L 198 -33.69 3.96 -42.79
C ASN L 198 -35.13 4.44 -42.65
N GLY L 199 -35.68 4.50 -41.45
CA GLY L 199 -37.05 4.94 -41.28
C GLY L 199 -38.05 3.81 -41.24
N ALA L 200 -38.65 3.50 -42.39
CA ALA L 200 -39.67 2.46 -42.49
C ALA L 200 -39.30 1.26 -41.63
N MET L 201 -40.26 0.81 -40.82
CA MET L 201 -39.99 -0.20 -39.80
C MET L 201 -40.29 -1.62 -40.28
N ASN L 202 -41.35 -1.82 -41.07
CA ASN L 202 -41.72 -3.15 -41.54
C ASN L 202 -40.95 -3.50 -42.82
N LEU L 203 -39.66 -3.74 -42.63
CA LEU L 203 -38.75 -4.07 -43.72
C LEU L 203 -37.76 -5.13 -43.25
N ASP L 204 -37.14 -5.80 -44.20
CA ASP L 204 -36.16 -6.86 -43.92
C ASP L 204 -34.78 -6.24 -43.62
N VAL L 205 -34.77 -5.34 -42.64
CA VAL L 205 -33.55 -4.73 -42.12
C VAL L 205 -33.56 -4.92 -40.61
N GLN L 206 -32.98 -6.00 -40.14
CA GLN L 206 -33.01 -6.32 -38.72
C GLN L 206 -32.06 -5.41 -37.95
N ASN L 207 -32.20 -5.42 -36.63
CA ASN L 207 -31.34 -4.65 -35.73
C ASN L 207 -31.07 -5.53 -34.52
N THR L 208 -29.97 -6.28 -34.58
CA THR L 208 -29.62 -7.22 -33.54
C THR L 208 -28.11 -7.17 -33.31
N PRO L 209 -27.64 -7.51 -32.10
CA PRO L 209 -26.19 -7.52 -31.87
C PRO L 209 -25.43 -8.45 -32.80
N LEU L 210 -26.03 -9.56 -33.23
CA LEU L 210 -25.33 -10.52 -34.07
C LEU L 210 -24.88 -9.93 -35.39
N GLN L 211 -25.32 -8.73 -35.74
CA GLN L 211 -24.82 -8.06 -36.94
C GLN L 211 -23.32 -7.83 -36.89
N ALA L 212 -22.75 -7.60 -35.70
CA ALA L 212 -21.41 -7.06 -35.57
C ALA L 212 -20.41 -7.98 -34.89
N VAL L 213 -20.82 -9.15 -34.39
CA VAL L 213 -19.92 -10.01 -33.65
C VAL L 213 -19.38 -11.11 -34.57
N GLY L 214 -19.55 -10.95 -35.88
CA GLY L 214 -19.09 -11.98 -36.80
C GLY L 214 -17.60 -12.21 -36.75
N MET L 215 -16.82 -11.13 -36.83
CA MET L 215 -15.36 -11.27 -36.86
C MET L 215 -14.80 -11.81 -35.56
N PRO L 216 -15.20 -11.31 -34.38
CA PRO L 216 -14.72 -11.93 -33.13
C PRO L 216 -15.00 -13.41 -33.03
N VAL L 217 -16.22 -13.84 -33.39
CA VAL L 217 -16.56 -15.25 -33.33
C VAL L 217 -15.70 -16.05 -34.32
N ALA L 218 -15.51 -15.50 -35.52
CA ALA L 218 -14.71 -16.20 -36.53
C ALA L 218 -13.29 -16.40 -36.04
N LEU L 219 -12.71 -15.40 -35.38
CA LEU L 219 -11.34 -15.55 -34.89
C LEU L 219 -11.27 -16.49 -33.70
N TYR L 220 -12.25 -16.41 -32.79
CA TYR L 220 -12.26 -17.25 -31.60
C TYR L 220 -12.35 -18.73 -31.99
N ASN L 221 -13.25 -19.06 -32.92
CA ASN L 221 -13.40 -20.44 -33.35
C ASN L 221 -12.12 -20.95 -33.98
N GLY L 222 -11.48 -20.15 -34.83
CA GLY L 222 -10.24 -20.57 -35.44
C GLY L 222 -9.14 -20.84 -34.43
N LEU L 223 -9.00 -19.95 -33.45
CA LEU L 223 -7.97 -20.16 -32.42
C LEU L 223 -8.23 -21.43 -31.63
N MET L 224 -9.49 -21.66 -31.24
CA MET L 224 -9.78 -22.88 -30.47
C MET L 224 -9.55 -24.14 -31.31
N GLU L 225 -9.91 -24.09 -32.59
CA GLU L 225 -9.68 -25.24 -33.46
C GLU L 225 -8.20 -25.54 -33.60
N ARG L 226 -7.39 -24.48 -33.77
CA ARG L 226 -5.94 -24.68 -33.81
C ARG L 226 -5.44 -25.30 -32.51
N ALA L 227 -5.95 -24.83 -31.38
CA ALA L 227 -5.54 -25.40 -30.09
C ALA L 227 -5.83 -26.89 -30.03
N LEU L 228 -7.04 -27.28 -30.42
CA LEU L 228 -7.40 -28.71 -30.38
C LEU L 228 -6.54 -29.53 -31.32
N GLU L 229 -6.33 -29.04 -32.54
CA GLU L 229 -5.51 -29.76 -33.51
C GLU L 229 -4.09 -29.95 -32.97
N GLN L 230 -3.50 -28.90 -32.42
CA GLN L 230 -2.15 -29.01 -31.89
C GLN L 230 -2.09 -29.93 -30.68
N CYS L 231 -3.14 -29.94 -29.86
CA CYS L 231 -3.18 -30.88 -28.73
C CYS L 231 -3.17 -32.31 -29.24
N ASP L 232 -3.94 -32.60 -30.29
CA ASP L 232 -4.05 -33.97 -30.77
C ASP L 232 -2.87 -34.38 -31.66
N GLY L 233 -2.09 -33.43 -32.16
CA GLY L 233 -1.08 -33.75 -33.15
C GLY L 233 0.37 -33.73 -32.70
N THR L 234 0.65 -33.21 -31.51
CA THR L 234 2.03 -33.00 -31.10
C THR L 234 2.59 -34.26 -30.44
N PRO L 235 3.79 -34.70 -30.80
CA PRO L 235 4.39 -35.85 -30.12
C PRO L 235 4.58 -35.58 -28.64
N ASN L 236 4.54 -36.66 -27.85
CA ASN L 236 4.62 -36.60 -26.39
C ASN L 236 5.88 -37.32 -25.93
N SER L 237 6.98 -36.58 -25.86
CA SER L 237 8.24 -37.12 -25.35
C SER L 237 9.10 -35.97 -24.87
N LYS L 238 10.15 -36.30 -24.11
CA LYS L 238 11.03 -35.29 -23.53
C LYS L 238 12.51 -35.47 -23.84
N TRP L 239 12.95 -36.68 -24.19
CA TRP L 239 14.35 -36.93 -24.54
C TRP L 239 14.44 -37.30 -26.01
N PHE L 240 15.51 -36.88 -26.66
CA PHE L 240 15.84 -37.26 -28.03
C PHE L 240 17.28 -37.72 -28.05
N VAL L 241 17.50 -39.03 -28.14
CA VAL L 241 18.81 -39.64 -27.96
C VAL L 241 19.29 -40.16 -29.32
N THR L 242 20.55 -39.90 -29.63
CA THR L 242 21.17 -40.35 -30.87
C THR L 242 22.50 -41.04 -30.55
N ALA L 243 22.85 -42.03 -31.37
CA ALA L 243 24.06 -42.80 -31.17
C ALA L 243 24.79 -42.98 -32.50
N GLY L 244 26.06 -43.33 -32.42
CA GLY L 244 26.86 -43.55 -33.61
C GLY L 244 26.57 -44.88 -34.27
N ARG L 245 27.28 -45.13 -35.36
CA ARG L 245 27.08 -46.33 -36.14
C ARG L 245 27.90 -47.52 -35.66
N ASP L 246 28.86 -47.30 -34.76
CA ASP L 246 29.79 -48.36 -34.38
C ASP L 246 29.34 -49.07 -33.10
N ILE L 247 28.12 -49.60 -33.09
CA ILE L 247 27.63 -50.45 -32.02
C ILE L 247 26.97 -51.67 -32.64
N GLY L 248 27.31 -52.85 -32.13
CA GLY L 248 26.85 -54.09 -32.71
C GLY L 248 25.34 -54.22 -32.71
N GLU L 249 24.88 -55.31 -33.32
CA GLU L 249 23.44 -55.58 -33.42
C GLU L 249 22.81 -55.88 -32.07
N VAL L 250 23.62 -56.21 -31.06
CA VAL L 250 23.11 -56.57 -29.74
C VAL L 250 23.46 -55.53 -28.68
N GLN L 251 24.67 -54.96 -28.75
CA GLN L 251 25.06 -53.97 -27.76
C GLN L 251 24.14 -52.77 -27.75
N SER L 252 23.52 -52.46 -28.90
CA SER L 252 22.59 -51.33 -28.96
C SER L 252 21.37 -51.56 -28.07
N LYS L 253 20.84 -52.78 -28.06
CA LYS L 253 19.67 -53.07 -27.25
C LYS L 253 19.97 -52.88 -25.76
N GLU L 254 21.18 -53.22 -25.33
CA GLU L 254 21.56 -53.06 -23.94
C GLU L 254 21.43 -51.61 -23.48
N ILE L 255 21.79 -50.66 -24.35
CA ILE L 255 21.71 -49.26 -23.98
C ILE L 255 20.28 -48.85 -23.68
N LYS L 256 19.35 -49.18 -24.57
CA LYS L 256 17.96 -48.78 -24.37
C LYS L 256 17.34 -49.53 -23.21
N ASP L 257 17.78 -50.78 -22.98
CA ASP L 257 17.30 -51.51 -21.81
C ASP L 257 17.80 -50.87 -20.51
N GLY L 258 19.04 -50.39 -20.51
CA GLY L 258 19.55 -49.70 -19.33
C GLY L 258 18.83 -48.39 -19.09
N ILE L 259 18.55 -47.64 -20.14
CA ILE L 259 17.79 -46.40 -19.99
C ILE L 259 16.38 -46.71 -19.52
N ASP L 260 15.77 -47.75 -20.07
CA ASP L 260 14.40 -48.10 -19.70
C ASP L 260 14.31 -48.56 -18.25
N ASP L 261 15.39 -49.11 -17.70
CA ASP L 261 15.37 -49.56 -16.31
C ASP L 261 15.29 -48.40 -15.33
N THR L 262 15.48 -47.17 -15.78
CA THR L 262 15.35 -46.00 -14.92
C THR L 262 13.93 -45.44 -14.92
N LYS L 263 13.01 -46.05 -15.64
CA LYS L 263 11.62 -45.64 -15.57
C LYS L 263 11.08 -45.91 -14.18
N PRO L 264 10.05 -45.17 -13.74
CA PRO L 264 9.44 -45.47 -12.44
C PRO L 264 8.97 -46.91 -12.38
N GLY L 265 9.24 -47.56 -11.25
CA GLY L 265 8.92 -48.97 -11.10
C GLY L 265 9.94 -49.92 -11.69
N GLY L 266 11.02 -49.41 -12.28
CA GLY L 266 12.03 -50.27 -12.86
C GLY L 266 13.03 -50.78 -11.84
N ASP L 267 13.94 -51.63 -12.33
CA ASP L 267 14.93 -52.23 -11.45
C ASP L 267 15.98 -51.23 -10.98
N SER L 268 16.19 -50.14 -11.72
CA SER L 268 17.22 -49.15 -11.40
C SER L 268 16.68 -47.73 -11.38
N ALA L 269 15.42 -47.55 -10.97
CA ALA L 269 14.83 -46.22 -10.92
C ALA L 269 15.62 -45.31 -9.99
N GLY L 270 15.90 -44.09 -10.45
CA GLY L 270 16.57 -43.11 -9.65
C GLY L 270 18.08 -43.13 -9.72
N GLU L 271 18.67 -44.10 -10.42
CA GLU L 271 20.11 -44.22 -10.47
C GLU L 271 20.67 -43.44 -11.66
N ILE L 272 22.00 -43.28 -11.66
CA ILE L 272 22.65 -42.61 -12.77
C ILE L 272 22.71 -43.53 -13.99
N ILE L 273 22.92 -42.92 -15.15
CA ILE L 273 23.07 -43.66 -16.40
C ILE L 273 24.53 -43.66 -16.78
N PHE L 274 25.13 -44.86 -16.82
CA PHE L 274 26.55 -45.02 -17.12
C PHE L 274 26.69 -45.73 -18.46
N VAL L 275 27.30 -45.07 -19.43
CA VAL L 275 27.54 -45.62 -20.76
C VAL L 275 29.04 -45.65 -21.00
N PHE L 276 29.56 -46.81 -21.39
CA PHE L 276 30.99 -47.03 -21.55
C PHE L 276 31.37 -47.06 -23.02
N GLY L 277 32.36 -46.24 -23.38
CA GLY L 277 32.93 -46.31 -24.71
C GLY L 277 32.00 -46.00 -25.86
N GLU L 278 31.15 -44.98 -25.72
CA GLU L 278 30.29 -44.57 -26.83
C GLU L 278 29.92 -43.10 -26.65
N ASP L 279 29.72 -42.45 -27.79
CA ASP L 279 29.35 -41.03 -27.82
C ASP L 279 27.84 -40.87 -28.03
N VAL L 280 27.08 -41.19 -26.99
CA VAL L 280 25.64 -40.94 -27.01
C VAL L 280 25.39 -39.48 -26.69
N LYS L 281 24.31 -38.94 -27.24
CA LYS L 281 23.95 -37.53 -27.07
C LYS L 281 22.52 -37.41 -26.60
N LEU L 282 22.26 -36.42 -25.76
CA LEU L 282 20.93 -36.12 -25.25
C LEU L 282 20.53 -34.71 -25.65
N GLN L 283 19.30 -34.55 -26.12
CA GLN L 283 18.72 -33.25 -26.40
C GLN L 283 17.41 -33.11 -25.64
N GLU L 284 17.39 -32.23 -24.64
CA GLU L 284 16.18 -31.99 -23.89
C GLU L 284 15.13 -31.35 -24.79
N ILE L 285 13.89 -31.78 -24.65
CA ILE L 285 12.77 -31.29 -25.45
C ILE L 285 11.76 -30.63 -24.52
N LYS L 286 11.43 -29.38 -24.80
CA LYS L 286 10.40 -28.64 -24.07
C LYS L 286 9.18 -28.48 -24.97
N ASN L 287 8.08 -29.13 -24.60
CA ASN L 287 6.81 -28.94 -25.29
C ASN L 287 6.03 -27.89 -24.53
N ASP L 288 6.36 -26.63 -24.81
CA ASP L 288 5.74 -25.51 -24.10
C ASP L 288 4.33 -25.28 -24.61
N LEU L 289 3.36 -25.96 -24.01
CA LEU L 289 1.96 -25.80 -24.36
C LEU L 289 1.24 -24.78 -23.49
N SER L 290 1.98 -23.94 -22.76
CA SER L 290 1.37 -22.94 -21.89
C SER L 290 0.60 -21.88 -22.67
N ASP L 291 0.82 -21.78 -23.98
CA ASP L 291 0.10 -20.84 -24.83
C ASP L 291 -0.51 -21.56 -26.03
N ILE L 292 -1.02 -22.77 -25.79
CA ILE L 292 -1.62 -23.54 -26.87
C ILE L 292 -2.87 -22.84 -27.41
N HIS L 293 -3.63 -22.20 -26.53
CA HIS L 293 -4.94 -21.66 -26.90
C HIS L 293 -4.93 -20.16 -27.15
N SER L 294 -3.76 -19.53 -27.22
CA SER L 294 -3.66 -18.10 -27.56
C SER L 294 -4.47 -17.25 -26.59
N LYS L 295 -4.01 -17.24 -25.34
CA LYS L 295 -4.80 -16.67 -24.24
C LYS L 295 -5.25 -15.24 -24.52
N ILE L 296 -4.31 -14.36 -24.87
CA ILE L 296 -4.63 -12.93 -24.95
C ILE L 296 -5.64 -12.62 -26.05
N PRO L 297 -5.39 -12.98 -27.32
CA PRO L 297 -6.41 -12.71 -28.34
C PRO L 297 -7.72 -13.42 -28.07
N LEU L 298 -7.68 -14.61 -27.48
CA LEU L 298 -8.92 -15.34 -27.18
C LEU L 298 -9.75 -14.58 -26.15
N ASP L 299 -9.09 -14.03 -25.13
CA ASP L 299 -9.80 -13.24 -24.13
C ASP L 299 -10.33 -11.93 -24.73
N ASP L 300 -9.57 -11.33 -25.64
CA ASP L 300 -10.04 -10.08 -26.24
C ASP L 300 -11.33 -10.28 -27.03
N GLN L 301 -11.44 -11.38 -27.78
CA GLN L 301 -12.67 -11.65 -28.51
C GLN L 301 -13.83 -11.88 -27.56
N ALA L 302 -13.59 -12.57 -26.44
CA ALA L 302 -14.65 -12.77 -25.47
C ALA L 302 -15.13 -11.44 -24.90
N ARG L 303 -14.19 -10.55 -24.58
CA ARG L 303 -14.59 -9.23 -24.09
C ARG L 303 -15.38 -8.47 -25.14
N THR L 304 -14.95 -8.52 -26.40
CA THR L 304 -15.67 -7.81 -27.46
C THR L 304 -17.08 -8.35 -27.64
N ILE L 305 -17.25 -9.67 -27.62
CA ILE L 305 -18.57 -10.26 -27.77
C ILE L 305 -19.45 -9.88 -26.58
N ALA L 306 -18.89 -9.94 -25.37
CA ALA L 306 -19.68 -9.61 -24.18
C ALA L 306 -20.12 -8.15 -24.22
N GLY L 307 -19.25 -7.25 -24.66
CA GLY L 307 -19.59 -5.84 -24.67
C GLY L 307 -20.76 -5.52 -25.59
N ASN L 308 -20.79 -6.14 -26.78
CA ASN L 308 -21.83 -5.81 -27.74
C ASN L 308 -23.23 -6.13 -27.21
N PHE L 309 -23.39 -7.27 -26.54
CA PHE L 309 -24.68 -7.63 -25.98
C PHE L 309 -25.07 -6.76 -24.78
N GLY L 310 -24.11 -6.05 -24.19
CA GLY L 310 -24.42 -5.15 -23.10
C GLY L 310 -24.38 -5.76 -21.72
N ILE L 311 -23.72 -6.90 -21.56
CA ILE L 311 -23.57 -7.57 -20.27
C ILE L 311 -22.18 -7.25 -19.74
N PRO L 312 -22.04 -6.65 -18.56
CA PRO L 312 -20.70 -6.52 -17.97
C PRO L 312 -20.04 -7.88 -17.84
N ILE L 313 -18.76 -7.94 -18.20
CA ILE L 313 -18.07 -9.22 -18.27
C ILE L 313 -17.96 -9.86 -16.89
N ALA L 314 -17.99 -9.05 -15.82
CA ALA L 314 -17.91 -9.61 -14.47
C ALA L 314 -19.06 -10.55 -14.20
N LEU L 315 -20.25 -10.23 -14.72
CA LEU L 315 -21.44 -11.05 -14.47
C LEU L 315 -21.47 -12.34 -15.29
N LEU L 316 -20.71 -12.41 -16.39
CA LEU L 316 -20.77 -13.59 -17.23
C LEU L 316 -20.04 -14.77 -16.60
N GLY L 317 -19.22 -14.53 -15.58
CA GLY L 317 -18.41 -15.55 -14.98
C GLY L 317 -17.01 -15.66 -15.51
N PHE L 318 -16.69 -14.95 -16.60
CA PHE L 318 -15.33 -14.89 -17.11
C PHE L 318 -14.53 -13.90 -16.26
N ALA L 319 -13.34 -13.55 -16.70
CA ALA L 319 -12.42 -12.76 -15.89
C ALA L 319 -11.85 -11.61 -16.70
N ALA L 320 -11.47 -10.56 -15.98
CA ALA L 320 -10.78 -9.41 -16.57
C ALA L 320 -9.69 -8.98 -15.62
N ALA L 321 -8.62 -8.40 -16.19
CA ALA L 321 -7.44 -8.09 -15.40
C ALA L 321 -7.52 -6.74 -14.67
N ASP L 322 -8.53 -5.93 -14.98
CA ASP L 322 -8.66 -4.60 -14.39
C ASP L 322 -10.01 -4.38 -13.71
N GLY L 323 -10.45 -5.36 -12.90
CA GLY L 323 -11.72 -5.20 -12.22
C GLY L 323 -11.74 -4.03 -11.26
N SER L 324 -10.62 -3.81 -10.56
CA SER L 324 -10.56 -2.73 -9.57
C SER L 324 -10.54 -1.35 -10.20
N LYS L 325 -10.11 -1.23 -11.45
CA LYS L 325 -10.06 0.05 -12.14
C LYS L 325 -11.40 0.43 -12.77
N PHE L 326 -12.41 -0.42 -12.62
CA PHE L 326 -13.75 -0.18 -13.18
C PHE L 326 -14.77 -0.65 -12.15
N ALA L 327 -16.02 -0.91 -12.58
CA ALA L 327 -17.13 -1.08 -11.65
C ALA L 327 -16.67 -1.76 -10.37
N SER L 328 -16.90 -1.08 -9.24
CA SER L 328 -16.16 -1.38 -8.01
C SER L 328 -16.40 -2.80 -7.52
N ASN L 329 -17.66 -3.23 -7.38
CA ASN L 329 -17.95 -4.52 -6.78
C ASN L 329 -19.10 -5.16 -7.54
N TYR L 330 -19.43 -6.39 -7.13
CA TYR L 330 -20.32 -7.23 -7.91
C TYR L 330 -21.76 -6.71 -7.85
N ASP L 331 -22.17 -6.22 -6.69
CA ASP L 331 -23.55 -5.74 -6.52
C ASP L 331 -23.82 -4.51 -7.37
N GLU L 332 -22.88 -3.56 -7.41
CA GLU L 332 -23.07 -2.39 -8.27
C GLU L 332 -23.18 -2.80 -9.73
N SER L 333 -22.39 -3.80 -10.14
CA SER L 333 -22.52 -4.31 -11.50
C SER L 333 -23.89 -4.92 -11.74
N ARG L 334 -24.41 -5.68 -10.76
CA ARG L 334 -25.75 -6.25 -10.92
C ARG L 334 -26.79 -5.15 -11.07
N LYS L 335 -26.68 -4.09 -10.27
CA LYS L 335 -27.64 -3.00 -10.36
C LYS L 335 -27.55 -2.28 -11.70
N ALA L 336 -26.33 -1.95 -12.12
CA ALA L 336 -26.15 -1.21 -13.36
C ALA L 336 -26.59 -2.01 -14.58
N PHE L 337 -26.24 -3.31 -14.62
CA PHE L 337 -26.66 -4.13 -15.75
C PHE L 337 -28.17 -4.07 -15.93
N PHE L 338 -28.91 -4.34 -14.86
CA PHE L 338 -30.37 -4.24 -14.95
C PHE L 338 -30.78 -2.87 -15.44
N GLU L 339 -30.48 -1.82 -14.66
CA GLU L 339 -31.04 -0.51 -14.92
C GLU L 339 -30.70 -0.01 -16.32
N ASP L 340 -29.52 -0.36 -16.84
CA ASP L 340 -29.04 0.22 -18.09
C ASP L 340 -29.35 -0.64 -19.32
N THR L 341 -29.54 -1.95 -19.17
CA THR L 341 -29.78 -2.82 -20.32
C THR L 341 -31.18 -3.41 -20.30
N ILE L 342 -31.58 -4.01 -19.18
CA ILE L 342 -32.83 -4.79 -19.18
C ILE L 342 -34.03 -3.87 -19.29
N GLU L 343 -34.04 -2.78 -18.52
CA GLU L 343 -35.20 -1.89 -18.50
C GLU L 343 -35.44 -1.24 -19.86
N PRO L 344 -34.47 -0.57 -20.48
CA PRO L 344 -34.75 0.11 -21.75
C PRO L 344 -34.61 -0.79 -22.97
N GLY L 345 -34.05 -1.98 -22.78
CA GLY L 345 -33.76 -2.85 -23.90
C GLY L 345 -34.82 -3.90 -24.17
N TYR L 346 -35.29 -4.57 -23.12
CA TYR L 346 -36.16 -5.73 -23.27
C TYR L 346 -37.52 -5.54 -22.64
N LEU L 347 -37.59 -5.01 -21.42
CA LEU L 347 -38.89 -4.84 -20.77
C LEU L 347 -39.76 -3.83 -21.53
N THR L 348 -39.20 -2.68 -21.87
CA THR L 348 -40.01 -1.60 -22.45
C THR L 348 -40.62 -1.99 -23.79
N PRO L 349 -39.88 -2.54 -24.75
CA PRO L 349 -40.51 -2.83 -26.05
C PRO L 349 -41.65 -3.82 -25.94
N MET L 350 -41.45 -4.94 -25.25
CA MET L 350 -42.50 -5.96 -25.13
C MET L 350 -43.67 -5.42 -24.33
N GLU L 351 -43.40 -4.67 -23.27
CA GLU L 351 -44.46 -4.00 -22.52
C GLU L 351 -45.33 -3.15 -23.45
N ASP L 352 -44.68 -2.28 -24.25
CA ASP L 352 -45.42 -1.39 -25.12
C ASP L 352 -46.20 -2.17 -26.17
N GLY L 353 -45.60 -3.20 -26.74
CA GLY L 353 -46.27 -4.00 -27.75
C GLY L 353 -47.51 -4.70 -27.23
N PHE L 354 -47.39 -5.34 -26.07
CA PHE L 354 -48.55 -5.99 -25.48
C PHE L 354 -49.63 -4.97 -25.11
N SER L 355 -49.23 -3.82 -24.55
CA SER L 355 -50.21 -2.79 -24.26
C SER L 355 -50.93 -2.29 -25.50
N MET L 356 -50.21 -2.19 -26.63
CA MET L 356 -50.81 -1.74 -27.87
C MET L 356 -51.75 -2.77 -28.49
N PHE L 357 -51.39 -4.06 -28.43
CA PHE L 357 -52.10 -5.07 -29.20
C PHE L 357 -53.01 -5.98 -28.39
N LEU L 358 -53.06 -5.85 -27.06
CA LEU L 358 -53.99 -6.64 -26.26
C LEU L 358 -54.97 -5.76 -25.49
N CYS L 359 -54.49 -4.79 -24.73
CA CYS L 359 -55.38 -4.01 -23.88
C CYS L 359 -56.03 -2.87 -24.66
N ALA L 360 -57.28 -2.59 -24.32
CA ALA L 360 -57.97 -1.46 -24.91
C ALA L 360 -57.44 -0.16 -24.30
N PRO L 361 -57.68 0.97 -24.95
CA PRO L 361 -57.19 2.25 -24.41
C PRO L 361 -57.71 2.48 -23.00
N GLY L 362 -56.85 3.02 -22.14
CA GLY L 362 -57.15 3.22 -20.74
C GLY L 362 -56.55 2.17 -19.82
N SER L 363 -56.10 1.05 -20.36
CA SER L 363 -55.43 0.01 -19.59
C SER L 363 -54.07 -0.27 -20.20
N ARG L 364 -53.22 -0.96 -19.43
CA ARG L 364 -51.86 -1.22 -19.88
C ARG L 364 -51.33 -2.47 -19.18
N VAL L 365 -50.32 -3.06 -19.80
CA VAL L 365 -49.54 -4.12 -19.16
C VAL L 365 -48.30 -3.50 -18.54
N ILE L 366 -48.11 -3.71 -17.25
CA ILE L 366 -47.08 -3.01 -16.48
C ILE L 366 -46.16 -4.03 -15.83
N PHE L 367 -44.85 -3.82 -15.99
CA PHE L 367 -43.85 -4.59 -15.29
C PHE L 367 -43.63 -4.04 -13.89
N ASP L 368 -43.35 -4.93 -12.94
CA ASP L 368 -43.07 -4.56 -11.56
C ASP L 368 -41.56 -4.54 -11.38
N ARG L 369 -40.96 -3.40 -11.69
CA ARG L 369 -39.50 -3.30 -11.63
C ARG L 369 -39.00 -3.36 -10.18
N ASP L 370 -39.63 -2.61 -9.29
CA ASP L 370 -39.06 -2.36 -7.98
C ASP L 370 -38.97 -3.62 -7.12
N SER L 371 -39.80 -4.63 -7.38
CA SER L 371 -39.79 -5.84 -6.55
C SER L 371 -38.62 -6.75 -6.85
N ILE L 372 -37.79 -6.45 -7.83
CA ILE L 372 -36.67 -7.33 -8.19
C ILE L 372 -35.70 -7.41 -7.02
N PRO L 373 -35.11 -8.57 -6.72
CA PRO L 373 -34.19 -8.64 -5.57
C PRO L 373 -33.01 -7.70 -5.65
N ALA L 374 -32.49 -7.43 -6.86
CA ALA L 374 -31.25 -6.70 -6.99
C ALA L 374 -31.34 -5.26 -6.51
N LEU L 375 -32.54 -4.74 -6.30
CA LEU L 375 -32.73 -3.34 -5.94
C LEU L 375 -33.34 -3.14 -4.56
N LYS L 376 -33.35 -4.16 -3.70
CA LYS L 376 -34.02 -4.03 -2.41
C LYS L 376 -33.25 -3.09 -1.47
N LYS L 377 -31.94 -3.28 -1.36
CA LYS L 377 -31.16 -2.49 -0.41
C LYS L 377 -31.17 -1.01 -0.79
N SER L 378 -30.94 -0.72 -2.08
CA SER L 378 -30.95 0.67 -2.53
C SER L 378 -32.32 1.30 -2.33
N ARG L 379 -33.38 0.56 -2.66
CA ARG L 379 -34.73 1.09 -2.48
C ARG L 379 -34.97 1.42 -1.01
N ALA L 380 -34.58 0.51 -0.11
CA ALA L 380 -34.79 0.76 1.31
C ALA L 380 -34.01 1.98 1.78
N ASP L 381 -32.75 2.11 1.33
CA ASP L 381 -31.94 3.25 1.75
C ASP L 381 -32.55 4.56 1.29
N ILE L 382 -32.93 4.65 0.01
CA ILE L 382 -33.52 5.88 -0.50
C ILE L 382 -34.84 6.18 0.19
N ALA L 383 -35.64 5.14 0.47
CA ALA L 383 -36.88 5.34 1.19
C ALA L 383 -36.62 5.93 2.58
N ALA L 384 -35.61 5.40 3.27
CA ALA L 384 -35.26 5.92 4.58
C ALA L 384 -34.73 7.34 4.53
N VAL L 385 -34.09 7.73 3.42
CA VAL L 385 -33.56 9.08 3.29
C VAL L 385 -34.68 10.11 3.17
N TYR L 386 -35.71 9.83 2.38
CA TYR L 386 -36.80 10.78 2.20
C TYR L 386 -37.61 10.98 3.47
N GLU L 387 -37.45 10.11 4.46
CA GLU L 387 -38.22 10.24 5.69
C GLU L 387 -37.94 11.55 6.40
N LYS L 388 -36.77 12.15 6.15
CA LYS L 388 -36.39 13.38 6.84
C LYS L 388 -36.91 14.63 6.14
N VAL L 389 -37.00 14.62 4.82
CA VAL L 389 -37.49 15.77 4.08
C VAL L 389 -38.94 16.05 4.47
N THR L 390 -39.26 17.34 4.63
CA THR L 390 -40.58 17.75 5.09
C THR L 390 -41.29 18.74 4.18
N PHE L 391 -40.61 19.30 3.17
CA PHE L 391 -41.27 20.18 2.22
C PHE L 391 -41.90 19.42 1.06
N ILE L 392 -42.20 18.14 1.26
CA ILE L 392 -42.81 17.30 0.24
C ILE L 392 -43.98 16.55 0.86
N ASP L 393 -45.05 16.39 0.10
CA ASP L 393 -46.24 15.72 0.60
C ASP L 393 -45.99 14.21 0.71
N GLU L 394 -46.81 13.56 1.54
CA GLU L 394 -46.67 12.12 1.73
C GLU L 394 -46.93 11.36 0.42
N ASN L 395 -47.94 11.79 -0.35
CA ASN L 395 -48.22 11.13 -1.61
C ASN L 395 -47.05 11.24 -2.57
N GLU L 396 -46.41 12.41 -2.62
CA GLU L 396 -45.23 12.55 -3.46
C GLU L 396 -44.10 11.63 -3.02
N LYS L 397 -43.89 11.51 -1.70
CA LYS L 397 -42.89 10.59 -1.19
C LYS L 397 -43.17 9.17 -1.63
N ARG L 398 -44.44 8.75 -1.54
CA ARG L 398 -44.81 7.41 -1.97
C ARG L 398 -44.56 7.24 -3.47
N GLU L 399 -44.93 8.24 -4.26
CA GLU L 399 -44.82 8.12 -5.71
C GLU L 399 -43.36 8.04 -6.15
N VAL L 400 -42.49 8.84 -5.55
CA VAL L 400 -41.10 8.87 -5.99
C VAL L 400 -40.40 7.55 -5.64
N THR L 401 -40.81 6.89 -4.56
CA THR L 401 -40.17 5.67 -4.12
C THR L 401 -40.83 4.41 -4.68
N GLY L 402 -41.90 4.53 -5.44
CA GLY L 402 -42.48 3.42 -6.14
C GLY L 402 -43.76 2.83 -5.56
N TRP L 403 -44.35 3.46 -4.55
CA TRP L 403 -45.61 2.95 -4.01
C TRP L 403 -46.79 3.72 -4.59
N PRO L 404 -47.95 3.09 -4.68
CA PRO L 404 -49.13 3.78 -5.24
C PRO L 404 -49.75 4.74 -4.25
N LYS L 405 -50.64 5.58 -4.78
CA LYS L 405 -51.35 6.54 -3.95
C LYS L 405 -52.30 5.82 -3.00
N LYS L 406 -52.51 6.41 -1.82
CA LYS L 406 -53.42 5.83 -0.84
C LYS L 406 -54.87 5.97 -1.28
#